data_8BU6
#
_entry.id   8BU6
#
_cell.length_a   249.272
_cell.length_b   249.272
_cell.length_c   220.107
_cell.angle_alpha   90.000
_cell.angle_beta   90.000
_cell.angle_gamma   120.000
#
_symmetry.space_group_name_H-M   'P 31 2 1'
#
loop_
_entity.id
_entity.type
_entity.pdbx_description
1 polymer 'DNA damage-binding protein 1'
2 polymer 'Cyclin-dependent kinase 12'
3 polymer Cyclin-K
4 non-polymer 'SULFATE ION'
5 non-polymer ~{N}-(1~{H}-benzimidazol-2-ylmethyl)-9-(1-methylpyrazol-4-yl)-2-morpholin-4-yl-purin-6-amine
#
loop_
_entity_poly.entity_id
_entity_poly.type
_entity_poly.pdbx_seq_one_letter_code
_entity_poly.pdbx_strand_id
1 'polypeptide(L)'
;GGGRMSYNYVVTAQKPTAVNGCVTGHFTSAEDLNLLIAKNTRLEIYVVTAEGLRPVKEVGMYGKIAVMELFRPKGESKDL
LFILTAKYNACILEYKQSGESIDIITRAHGNVQDRIGRPSETGIIGIIDPECRMIGLRLYDGLFKVIPLDRDNKELKAFN
IRLEELHVIDVKFLYGCQAPTICFVYQDPQGRHVKTYEVSLREKEFNKGPWKQENVEAEASMVIAVPEPFGGAIIIGQES
ITYHNGDKYLAIAPPIIKQSTIVCHNRVDPNGSRYLLGDMEGRLFMLLLEKEEQMDGTVTLKDLRVELLGETSIAECLTY
LDNGVVFVGSRLGDSQLVKLNVDSNEQGSYVVAMETFTNLGPIVDMCVVDLERQGQGQLVTCSGAFKEGSLRIIRNGIGG
NGNSGEIQKLHIRTVPLYESPRKICYQEVSQCFGVLSSRIEVQDTSGGTTALRPSASTQALSSSVSSSKLFSSSTAPHET
SFGEEVEVHNLLIIDQHTFEVLHAHQFLQNEYALSLVSCKLGKDPNTYFIVGTAMVYPEEAEPKQGRIVVFQYSDGKLQT
VAEKEVKGAVYSMVEFNGKLLASINSTVRLYEWTTEKELRTECNHYNNIMALYLKTKGDFILVGDLMRSVLLLAYKPMEG
NFEEIARDFNPNWMSAVEILDDDNFLGAENAFNLFVCQKDSAATTDEERQHLQEVGLFHLGEFVNVFCHGSLVMQNLGET
STPTQGSVLFGTVNGMIGLVTSLSESWYNLLLDMQNRLNKVIKSVGKIEHSFWRSFHTERKTEPATGFIDGDLIESFLDI
SRPKMQEVVANLQYDDGSGMKREATADDLIKVVEELTRIH
;
G,D,A
2 'polypeptide(L)'
;GGGRRQTESDWGKRCVDKFDIIGIIGEGTYGQVYKAKDKDTGELVALKKVRLDNEKEGFPITAIREIKILRQLIHRSVVN
MKEIVTDKQDALDFKKDKGAFYLVFEYMDHDLMGLLESGLVHFSEDHIKSFMKQLMEGLEYCHKKNFLHRDIKCSNILLN
NSGQIKLADFGLARLYNSEESRPY(TPO)NKVITLWYRPPELLLGEERYTPAIDVWSCGCILGELFTKKPIFQANLELAQ
LELISRLCGSPCPAVWPDVIRLPYFNTMKPKKQYRRRLREEFSFIPSAALDLLDHMLTLDPSKRCTAEQTLQSDFLKDVE
LSKMAPPDLPHWQDCHELWSKKRRRQRQ
;
H,E,B
3 'polypeptide(L)'
;GGGRMKENKENSSPSVTSANLDHTKPCWYWDKKDLAHTPSQLEGLDPATEARYRREGARFIFDVGTRLGLHYDTLATGII
YFHRFYMFHSFKQFPRYVTGACCLFLAGKVEETPKKCKDIIKTARSLLNDVQFGQFGDDPKEEVMVLERILLQTIKFDLQ
VEHPYQFLLKYAKQLKGDKNKIQKLVQMAWTFVNDSLCTTLSLQWEPEIIAVAVMYLAGRLCKFEIQEWTSKPMYRRWWE
QFVQDVPVDVLEDICHQILDLYSQGKQQMPH
;
I,F,C
#
loop_
_chem_comp.id
_chem_comp.type
_chem_comp.name
_chem_comp.formula
RQE non-polymer ~{N}-(1~{H}-benzimidazol-2-ylmethyl)-9-(1-methylpyrazol-4-yl)-2-morpholin-4-yl-purin-6-amine 'C21 H22 N10 O'
SO4 non-polymer 'SULFATE ION' 'O4 S -2'
#
# COMPACT_ATOMS: atom_id res chain seq x y z
N MET A 5 -33.31 -48.09 18.40
CA MET A 5 -33.34 -47.75 19.85
C MET A 5 -31.99 -48.14 20.47
N SER A 6 -31.68 -47.59 21.64
CA SER A 6 -30.46 -47.90 22.36
C SER A 6 -30.76 -48.37 23.78
N TYR A 7 -29.85 -49.16 24.32
CA TYR A 7 -29.99 -49.79 25.63
C TYR A 7 -28.72 -49.54 26.42
N ASN A 8 -28.87 -49.03 27.65
CA ASN A 8 -27.73 -48.68 28.49
C ASN A 8 -28.08 -48.90 29.96
N TYR A 9 -27.05 -48.88 30.79
CA TYR A 9 -27.15 -49.28 32.19
C TYR A 9 -26.36 -48.31 33.06
N VAL A 10 -26.99 -47.84 34.14
CA VAL A 10 -26.40 -46.85 35.04
C VAL A 10 -26.28 -47.44 36.44
N VAL A 11 -25.11 -47.31 37.03
CA VAL A 11 -24.82 -47.80 38.38
C VAL A 11 -24.10 -46.69 39.14
N THR A 12 -24.44 -46.55 40.43
CA THR A 12 -23.74 -45.62 41.32
C THR A 12 -22.58 -46.39 41.96
N ALA A 13 -21.35 -45.98 41.63
CA ALA A 13 -20.18 -46.62 42.23
C ALA A 13 -19.85 -46.03 43.59
N GLN A 14 -19.94 -44.71 43.73
CA GLN A 14 -19.74 -44.03 44.99
C GLN A 14 -20.91 -43.08 45.22
N LYS A 15 -21.53 -43.18 46.38
CA LYS A 15 -22.72 -42.39 46.68
C LYS A 15 -22.36 -40.93 46.89
N PRO A 16 -23.36 -40.04 46.76
CA PRO A 16 -23.11 -38.61 47.04
C PRO A 16 -22.55 -38.40 48.43
N THR A 17 -21.47 -37.61 48.50
CA THR A 17 -20.77 -37.36 49.75
C THR A 17 -20.98 -35.96 50.32
N ALA A 18 -21.38 -34.99 49.51
CA ALA A 18 -21.52 -33.63 49.99
C ALA A 18 -22.73 -33.54 50.91
N VAL A 19 -22.59 -32.77 51.99
CA VAL A 19 -23.67 -32.60 52.96
C VAL A 19 -24.54 -31.46 52.49
N ASN A 20 -25.79 -31.77 52.16
CA ASN A 20 -26.76 -30.78 51.70
C ASN A 20 -27.62 -30.22 52.82
N GLY A 21 -27.68 -30.88 53.96
CA GLY A 21 -28.34 -30.32 55.13
C GLY A 21 -28.15 -31.23 56.31
N CYS A 22 -28.48 -30.72 57.49
CA CYS A 22 -28.37 -31.52 58.70
C CYS A 22 -29.18 -30.90 59.83
N VAL A 23 -29.89 -31.76 60.57
CA VAL A 23 -30.74 -31.34 61.68
C VAL A 23 -30.46 -32.26 62.86
N THR A 24 -30.89 -31.82 64.05
CA THR A 24 -30.81 -32.60 65.27
C THR A 24 -32.20 -32.70 65.89
N GLY A 25 -32.38 -33.68 66.76
CA GLY A 25 -33.66 -33.87 67.41
C GLY A 25 -33.75 -35.26 68.04
N HIS A 26 -34.99 -35.71 68.21
CA HIS A 26 -35.30 -36.95 68.94
C HIS A 26 -36.18 -37.81 68.03
N PHE A 27 -35.57 -38.36 66.98
CA PHE A 27 -36.30 -39.03 65.91
C PHE A 27 -36.39 -40.54 66.10
N THR A 28 -35.29 -41.19 66.48
CA THR A 28 -35.33 -42.66 66.61
C THR A 28 -36.00 -43.09 67.90
N SER A 29 -35.87 -42.29 68.96
CA SER A 29 -36.50 -42.53 70.24
C SER A 29 -36.69 -41.17 70.91
N ALA A 30 -37.70 -41.06 71.78
CA ALA A 30 -37.88 -39.82 72.51
C ALA A 30 -36.72 -39.54 73.45
N GLU A 31 -35.81 -40.50 73.61
CA GLU A 31 -34.71 -40.43 74.57
C GLU A 31 -33.36 -40.12 73.95
N ASP A 32 -33.02 -40.70 72.81
CA ASP A 32 -31.74 -40.45 72.15
C ASP A 32 -31.67 -39.06 71.52
N LEU A 33 -30.43 -38.55 71.40
CA LEU A 33 -30.15 -37.37 70.59
C LEU A 33 -29.65 -37.81 69.22
N ASN A 34 -30.38 -37.42 68.18
CA ASN A 34 -30.10 -37.84 66.82
C ASN A 34 -29.42 -36.73 66.02
N LEU A 35 -28.69 -37.15 64.98
CA LEU A 35 -28.18 -36.27 63.95
C LEU A 35 -28.59 -36.85 62.61
N LEU A 36 -29.46 -36.17 61.89
CA LEU A 36 -29.86 -36.57 60.55
C LEU A 36 -29.08 -35.73 59.55
N ILE A 37 -28.29 -36.40 58.70
CA ILE A 37 -27.46 -35.76 57.70
C ILE A 37 -28.05 -36.08 56.33
N ALA A 38 -28.27 -35.05 55.52
CA ALA A 38 -28.85 -35.21 54.19
C ALA A 38 -27.76 -35.01 53.13
N LYS A 39 -27.53 -36.05 52.34
CA LYS A 39 -26.78 -35.97 51.09
C LYS A 39 -27.76 -36.20 49.95
N ASN A 40 -27.39 -35.76 48.76
CA ASN A 40 -28.35 -35.78 47.67
C ASN A 40 -28.95 -37.18 47.54
N THR A 41 -30.26 -37.28 47.72
CA THR A 41 -31.05 -38.49 47.62
C THR A 41 -30.80 -39.49 48.76
N ARG A 42 -29.90 -39.19 49.70
CA ARG A 42 -29.55 -40.10 50.79
C ARG A 42 -29.81 -39.46 52.15
N LEU A 43 -30.43 -40.22 53.06
CA LEU A 43 -30.64 -39.80 54.45
C LEU A 43 -29.85 -40.72 55.40
N GLU A 44 -28.98 -40.12 56.20
CA GLU A 44 -28.16 -40.85 57.18
C GLU A 44 -28.64 -40.51 58.59
N ILE A 45 -28.91 -41.52 59.41
CA ILE A 45 -29.38 -41.32 60.78
C ILE A 45 -28.30 -41.78 61.73
N TYR A 46 -27.90 -40.91 62.65
CA TYR A 46 -26.88 -41.19 63.65
C TYR A 46 -27.47 -40.97 65.04
N VAL A 47 -26.78 -41.49 66.05
CA VAL A 47 -27.09 -41.22 67.46
C VAL A 47 -25.85 -40.63 68.11
N VAL A 48 -26.04 -39.54 68.85
CA VAL A 48 -24.93 -38.78 69.42
C VAL A 48 -24.44 -39.46 70.69
N THR A 49 -23.14 -39.68 70.78
CA THR A 49 -22.47 -40.29 71.93
C THR A 49 -21.49 -39.28 72.54
N ALA A 50 -20.77 -39.72 73.58
CA ALA A 50 -19.74 -38.88 74.16
C ALA A 50 -18.43 -38.89 73.38
N GLU A 51 -18.25 -39.81 72.43
CA GLU A 51 -17.04 -39.82 71.60
C GLU A 51 -17.29 -39.31 70.19
N GLY A 52 -18.51 -39.49 69.67
CA GLY A 52 -18.81 -39.16 68.30
C GLY A 52 -20.21 -39.60 67.93
N LEU A 53 -20.36 -40.13 66.72
CA LEU A 53 -21.67 -40.52 66.20
C LEU A 53 -21.74 -42.02 66.01
N ARG A 54 -22.87 -42.61 66.42
CA ARG A 54 -23.11 -44.01 66.18
C ARG A 54 -24.10 -44.12 65.03
N PRO A 55 -23.70 -44.64 63.86
CA PRO A 55 -24.69 -44.82 62.78
C PRO A 55 -25.71 -45.87 63.18
N VAL A 56 -26.95 -45.66 62.74
CA VAL A 56 -28.02 -46.59 63.07
C VAL A 56 -28.78 -47.01 61.82
N LYS A 57 -28.95 -46.10 60.86
CA LYS A 57 -29.78 -46.40 59.70
C LYS A 57 -29.48 -45.45 58.56
N GLU A 58 -29.53 -45.96 57.33
CA GLU A 58 -29.45 -45.15 56.13
C GLU A 58 -30.50 -45.62 55.12
N VAL A 59 -31.26 -44.68 54.56
CA VAL A 59 -32.26 -44.99 53.54
C VAL A 59 -31.99 -44.14 52.31
N GLY A 60 -32.39 -44.66 51.15
CA GLY A 60 -32.46 -43.87 49.94
C GLY A 60 -33.89 -43.46 49.65
N MET A 61 -34.04 -42.30 49.02
CA MET A 61 -35.33 -41.78 48.60
C MET A 61 -35.27 -41.51 47.11
N TYR A 62 -36.42 -41.66 46.45
CA TYR A 62 -36.49 -41.45 45.00
C TYR A 62 -36.75 -39.97 44.70
N GLY A 63 -35.74 -39.16 45.06
CA GLY A 63 -35.84 -37.73 44.93
C GLY A 63 -34.69 -36.99 45.60
N LYS A 64 -34.41 -35.77 45.14
CA LYS A 64 -33.44 -34.91 45.81
C LYS A 64 -34.08 -34.27 47.03
N ILE A 65 -33.43 -34.40 48.19
CA ILE A 65 -33.98 -33.90 49.44
C ILE A 65 -33.81 -32.38 49.46
N ALA A 66 -34.92 -31.66 49.36
CA ALA A 66 -34.91 -30.20 49.37
C ALA A 66 -35.18 -29.62 50.75
N VAL A 67 -36.18 -30.15 51.46
CA VAL A 67 -36.50 -29.72 52.82
C VAL A 67 -36.35 -30.91 53.75
N MET A 68 -35.71 -30.69 54.91
CA MET A 68 -35.58 -31.72 55.95
C MET A 68 -35.67 -31.04 57.31
N GLU A 69 -36.68 -31.41 58.09
CA GLU A 69 -36.93 -30.79 59.39
C GLU A 69 -37.55 -31.81 60.34
N LEU A 70 -37.23 -31.68 61.63
CA LEU A 70 -37.82 -32.51 62.67
C LEU A 70 -38.78 -31.69 63.53
N PHE A 71 -39.93 -32.31 63.86
CA PHE A 71 -40.96 -31.67 64.66
C PHE A 71 -41.67 -32.73 65.50
N ARG A 72 -42.35 -32.28 66.56
CA ARG A 72 -43.06 -33.19 67.45
C ARG A 72 -44.44 -32.64 67.80
N PRO A 73 -45.48 -33.08 67.08
CA PRO A 73 -46.83 -32.58 67.39
C PRO A 73 -47.34 -33.15 68.71
N LYS A 74 -48.20 -32.37 69.38
CA LYS A 74 -48.81 -32.83 70.61
C LYS A 74 -49.47 -34.18 70.41
N GLY A 75 -49.16 -35.12 71.30
CA GLY A 75 -49.65 -36.48 71.24
C GLY A 75 -48.64 -37.50 70.75
N GLU A 76 -47.55 -37.04 70.12
CA GLU A 76 -46.49 -37.93 69.71
C GLU A 76 -45.46 -38.03 70.84
N SER A 77 -44.87 -39.23 70.99
CA SER A 77 -43.81 -39.39 71.97
C SER A 77 -42.47 -38.85 71.46
N LYS A 78 -42.27 -38.85 70.15
CA LYS A 78 -40.96 -38.55 69.60
C LYS A 78 -41.13 -37.78 68.29
N ASP A 79 -40.03 -37.25 67.80
CA ASP A 79 -40.06 -36.37 66.65
C ASP A 79 -40.44 -37.14 65.38
N LEU A 80 -41.17 -36.45 64.51
CA LEU A 80 -41.46 -36.92 63.17
C LEU A 80 -40.61 -36.14 62.17
N LEU A 81 -40.41 -36.71 61.00
CA LEU A 81 -39.54 -36.13 59.99
C LEU A 81 -40.35 -35.70 58.78
N PHE A 82 -40.18 -34.45 58.38
CA PHE A 82 -40.76 -33.94 57.15
C PHE A 82 -39.67 -33.83 56.10
N ILE A 83 -39.95 -34.31 54.89
CA ILE A 83 -39.04 -34.17 53.76
C ILE A 83 -39.85 -33.78 52.54
N LEU A 84 -39.31 -32.85 51.76
CA LEU A 84 -39.88 -32.44 50.49
C LEU A 84 -38.78 -32.61 49.43
N THR A 85 -39.12 -33.24 48.32
CA THR A 85 -38.12 -33.43 47.28
C THR A 85 -38.19 -32.27 46.30
N ALA A 86 -37.13 -32.14 45.48
CA ALA A 86 -37.06 -31.04 44.53
C ALA A 86 -38.12 -31.14 43.44
N LYS A 87 -38.69 -32.32 43.23
CA LYS A 87 -39.82 -32.49 42.32
C LYS A 87 -41.15 -32.33 43.06
N TYR A 88 -41.11 -31.85 44.29
CA TYR A 88 -42.27 -31.50 45.10
C TYR A 88 -43.00 -32.72 45.66
N ASN A 89 -42.26 -33.80 45.94
CA ASN A 89 -42.81 -34.93 46.66
C ASN A 89 -42.65 -34.69 48.16
N ALA A 90 -43.77 -34.60 48.87
CA ALA A 90 -43.79 -34.37 50.31
C ALA A 90 -44.18 -35.65 51.06
N CYS A 91 -43.68 -35.78 52.29
CA CYS A 91 -44.01 -36.92 53.12
C CYS A 91 -43.66 -36.63 54.57
N ILE A 92 -44.34 -37.32 55.48
CA ILE A 92 -43.99 -37.32 56.89
C ILE A 92 -43.57 -38.74 57.27
N LEU A 93 -42.41 -38.86 57.90
CA LEU A 93 -41.79 -40.15 58.16
C LEU A 93 -41.66 -40.41 59.65
N GLU A 94 -41.72 -41.69 60.02
CA GLU A 94 -41.53 -42.11 61.39
C GLU A 94 -40.57 -43.28 61.47
N TYR A 95 -39.66 -43.20 62.44
CA TYR A 95 -38.73 -44.28 62.77
C TYR A 95 -39.44 -45.29 63.66
N LYS A 96 -39.37 -46.56 63.30
CA LYS A 96 -39.95 -47.64 64.09
C LYS A 96 -38.95 -48.79 64.12
N GLN A 97 -38.71 -49.33 65.31
CA GLN A 97 -37.73 -50.39 65.51
C GLN A 97 -38.41 -51.50 66.29
N SER A 98 -38.28 -52.73 65.78
CA SER A 98 -38.83 -53.92 66.41
C SER A 98 -37.62 -54.81 66.66
N GLY A 99 -36.95 -54.60 67.80
CA GLY A 99 -35.74 -55.37 68.04
C GLY A 99 -34.67 -55.00 67.04
N GLU A 100 -34.23 -56.00 66.28
CA GLU A 100 -33.18 -55.86 65.29
C GLU A 100 -33.69 -55.30 63.97
N SER A 101 -35.01 -55.24 63.77
CA SER A 101 -35.61 -54.81 62.52
C SER A 101 -35.88 -53.30 62.55
N ILE A 102 -35.17 -52.56 61.72
CA ILE A 102 -35.35 -51.11 61.62
C ILE A 102 -36.03 -50.79 60.29
N ASP A 103 -37.12 -50.04 60.34
CA ASP A 103 -37.84 -49.62 59.14
C ASP A 103 -38.32 -48.18 59.30
N ILE A 104 -38.61 -47.54 58.17
CA ILE A 104 -39.09 -46.15 58.14
C ILE A 104 -40.53 -46.11 57.65
N ILE A 105 -41.40 -45.49 58.46
CA ILE A 105 -42.83 -45.47 58.21
C ILE A 105 -43.17 -44.21 57.43
N THR A 106 -43.97 -44.35 56.37
CA THR A 106 -44.51 -43.20 55.65
C THR A 106 -45.87 -42.89 56.27
N ARG A 107 -45.93 -41.82 57.07
CA ARG A 107 -47.18 -41.49 57.76
C ARG A 107 -48.13 -40.70 56.87
N ALA A 108 -47.60 -39.81 56.04
CA ALA A 108 -48.39 -38.99 55.14
C ALA A 108 -47.52 -38.70 53.91
N HIS A 109 -48.16 -38.52 52.76
CA HIS A 109 -47.39 -38.24 51.55
C HIS A 109 -48.26 -37.65 50.45
N GLY A 110 -47.62 -36.92 49.56
CA GLY A 110 -48.28 -36.33 48.41
C GLY A 110 -47.33 -35.41 47.66
N ASN A 111 -47.77 -34.99 46.48
CA ASN A 111 -47.02 -34.07 45.63
C ASN A 111 -47.71 -32.71 45.62
N VAL A 112 -46.96 -31.67 45.99
CA VAL A 112 -47.53 -30.35 46.25
C VAL A 112 -47.29 -29.37 45.10
N GLN A 113 -46.91 -29.86 43.92
CA GLN A 113 -46.63 -28.98 42.80
C GLN A 113 -47.90 -28.31 42.29
N ASP A 114 -47.86 -26.98 42.18
CA ASP A 114 -48.97 -26.23 41.61
C ASP A 114 -48.91 -26.26 40.10
N ARG A 115 -50.08 -26.42 39.47
CA ARG A 115 -50.14 -26.44 38.01
C ARG A 115 -49.56 -25.17 37.41
N ILE A 116 -49.77 -24.03 38.07
CA ILE A 116 -49.27 -22.74 37.61
C ILE A 116 -48.43 -22.14 38.73
N GLY A 117 -47.20 -21.75 38.41
CA GLY A 117 -46.33 -21.09 39.38
C GLY A 117 -44.98 -20.70 38.77
N ARG A 118 -44.35 -19.71 39.40
CA ARG A 118 -43.02 -19.26 39.01
C ARG A 118 -42.01 -19.67 40.08
N PRO A 119 -41.10 -20.60 39.81
CA PRO A 119 -40.11 -21.00 40.83
C PRO A 119 -39.26 -19.82 41.31
N SER A 120 -39.06 -19.76 42.64
CA SER A 120 -38.38 -18.64 43.27
C SER A 120 -36.86 -18.72 43.11
N GLU A 121 -36.22 -17.55 43.18
CA GLU A 121 -34.77 -17.47 42.99
C GLU A 121 -34.01 -18.10 44.14
N THR A 122 -34.44 -17.84 45.38
CA THR A 122 -33.76 -18.38 46.56
C THR A 122 -34.19 -19.82 46.86
N GLY A 123 -34.89 -20.46 45.93
CA GLY A 123 -35.14 -21.88 46.03
C GLY A 123 -36.27 -22.23 46.98
N ILE A 124 -36.55 -23.53 47.06
CA ILE A 124 -37.57 -24.01 47.96
C ILE A 124 -37.17 -23.71 49.39
N ILE A 125 -38.10 -23.15 50.16
CA ILE A 125 -37.93 -22.96 51.59
C ILE A 125 -39.05 -23.71 52.31
N GLY A 126 -38.69 -24.43 53.36
CA GLY A 126 -39.66 -25.10 54.20
C GLY A 126 -39.42 -24.83 55.67
N ILE A 127 -40.48 -24.47 56.40
CA ILE A 127 -40.40 -24.16 57.82
C ILE A 127 -41.63 -24.76 58.50
N ILE A 128 -41.51 -24.99 59.80
CA ILE A 128 -42.62 -25.55 60.57
C ILE A 128 -42.87 -24.70 61.81
N ASP A 129 -44.16 -24.52 62.11
CA ASP A 129 -44.62 -23.72 63.22
C ASP A 129 -44.09 -24.25 64.55
N PRO A 130 -43.74 -23.36 65.49
CA PRO A 130 -43.30 -23.85 66.81
C PRO A 130 -44.34 -24.68 67.54
N GLU A 131 -45.62 -24.43 67.31
CA GLU A 131 -46.67 -25.29 67.86
C GLU A 131 -47.03 -26.42 66.90
N CYS A 132 -46.22 -26.64 65.87
CA CYS A 132 -46.43 -27.72 64.91
C CYS A 132 -47.87 -27.74 64.44
N ARG A 133 -48.42 -26.55 64.17
CA ARG A 133 -49.76 -26.47 63.63
C ARG A 133 -49.78 -26.57 62.11
N MET A 134 -48.69 -26.21 61.45
CA MET A 134 -48.65 -26.20 60.00
C MET A 134 -47.22 -26.26 59.50
N ILE A 135 -47.09 -26.63 58.23
CA ILE A 135 -45.83 -26.58 57.49
C ILE A 135 -45.95 -25.46 56.47
N GLY A 136 -45.00 -24.53 56.48
CA GLY A 136 -44.95 -23.48 55.48
C GLY A 136 -44.00 -23.84 54.36
N LEU A 137 -44.44 -23.60 53.12
CA LEU A 137 -43.61 -23.84 51.95
C LEU A 137 -43.58 -22.61 51.06
N ARG A 138 -42.39 -22.17 50.68
CA ARG A 138 -42.19 -21.12 49.69
C ARG A 138 -41.62 -21.80 48.44
N LEU A 139 -42.52 -22.15 47.52
CA LEU A 139 -42.14 -22.79 46.27
C LEU A 139 -42.12 -21.82 45.09
N TYR A 140 -43.05 -20.87 45.06
CA TYR A 140 -43.21 -19.99 43.92
C TYR A 140 -43.28 -18.53 44.36
N ASP A 141 -42.80 -17.66 43.48
CA ASP A 141 -42.92 -16.22 43.71
C ASP A 141 -44.39 -15.82 43.86
N GLY A 142 -44.65 -14.98 44.86
CA GLY A 142 -45.98 -14.44 45.06
C GLY A 142 -46.95 -15.36 45.74
N LEU A 143 -46.52 -16.54 46.18
CA LEU A 143 -47.42 -17.50 46.82
C LEU A 143 -46.77 -18.13 48.06
N PHE A 144 -47.58 -18.34 49.10
CA PHE A 144 -47.17 -19.06 50.30
C PHE A 144 -48.08 -20.28 50.45
N LYS A 145 -47.49 -21.47 50.49
CA LYS A 145 -48.27 -22.70 50.60
C LYS A 145 -48.26 -23.22 52.03
N VAL A 146 -49.44 -23.56 52.53
CA VAL A 146 -49.64 -24.01 53.90
C VAL A 146 -50.16 -25.45 53.87
N ILE A 147 -49.44 -26.36 54.50
CA ILE A 147 -49.95 -27.69 54.81
C ILE A 147 -50.33 -27.72 56.27
N PRO A 148 -51.61 -27.72 56.63
CA PRO A 148 -52.00 -27.79 58.04
C PRO A 148 -51.75 -29.19 58.60
N LEU A 149 -51.18 -29.25 59.80
CA LEU A 149 -50.82 -30.52 60.42
C LEU A 149 -51.94 -31.05 61.31
N ASP A 150 -53.08 -31.35 60.70
CA ASP A 150 -54.16 -32.03 61.37
C ASP A 150 -54.00 -33.54 61.20
N ARG A 151 -54.58 -34.30 62.14
CA ARG A 151 -54.46 -35.75 62.11
C ARG A 151 -55.03 -36.36 60.85
N ASP A 152 -56.00 -35.71 60.22
CA ASP A 152 -56.70 -36.30 59.09
C ASP A 152 -55.99 -36.08 57.76
N ASN A 153 -55.01 -35.19 57.70
CA ASN A 153 -54.38 -34.80 56.45
C ASN A 153 -53.28 -35.80 56.07
N LYS A 154 -53.71 -37.03 55.80
CA LYS A 154 -52.74 -38.06 55.43
C LYS A 154 -52.24 -37.90 53.99
N GLU A 155 -52.92 -37.09 53.19
CA GLU A 155 -52.52 -36.82 51.82
C GLU A 155 -51.78 -35.49 51.69
N LEU A 156 -51.55 -34.79 52.80
CA LEU A 156 -50.86 -33.50 52.82
C LEU A 156 -51.48 -32.53 51.82
N LYS A 157 -52.81 -32.42 51.85
CA LYS A 157 -53.50 -31.41 51.04
C LYS A 157 -53.18 -30.02 51.55
N ALA A 158 -53.12 -29.05 50.64
CA ALA A 158 -52.67 -27.72 51.01
C ALA A 158 -53.34 -26.64 50.17
N PHE A 159 -53.24 -25.41 50.67
CA PHE A 159 -53.79 -24.23 50.02
C PHE A 159 -52.72 -23.14 49.94
N ASN A 160 -52.92 -22.22 49.00
CA ASN A 160 -52.02 -21.09 48.79
C ASN A 160 -52.66 -19.80 49.28
N ILE A 161 -51.84 -18.95 49.90
CA ILE A 161 -52.24 -17.60 50.29
C ILE A 161 -51.49 -16.62 49.39
N ARG A 162 -52.24 -15.71 48.74
CA ARG A 162 -51.59 -14.72 47.90
C ARG A 162 -50.62 -13.88 48.73
N LEU A 163 -49.42 -13.68 48.19
CA LEU A 163 -48.39 -12.91 48.86
C LEU A 163 -48.03 -11.73 47.96
N GLU A 164 -48.23 -10.52 48.49
CA GLU A 164 -47.96 -9.32 47.72
C GLU A 164 -46.47 -9.19 47.38
N GLU A 165 -45.62 -9.53 48.34
CA GLU A 165 -44.18 -9.42 48.18
C GLU A 165 -43.70 -10.58 47.31
N LEU A 166 -43.30 -10.27 46.07
CA LEU A 166 -43.01 -11.31 45.09
C LEU A 166 -41.64 -11.94 45.30
N HIS A 167 -40.65 -11.15 45.69
CA HIS A 167 -39.26 -11.62 45.81
C HIS A 167 -38.86 -11.74 47.28
N VAL A 168 -39.01 -12.95 47.83
CA VAL A 168 -38.69 -13.23 49.22
C VAL A 168 -37.30 -13.84 49.30
N ILE A 169 -36.51 -13.35 50.25
CA ILE A 169 -35.15 -13.84 50.47
C ILE A 169 -35.14 -15.04 51.41
N ASP A 170 -35.75 -14.89 52.59
CA ASP A 170 -35.82 -15.98 53.56
C ASP A 170 -37.01 -15.73 54.47
N VAL A 171 -37.51 -16.82 55.07
CA VAL A 171 -38.65 -16.74 55.97
C VAL A 171 -38.50 -17.77 57.08
N LYS A 172 -39.03 -17.45 58.25
CA LYS A 172 -39.08 -18.35 59.39
C LYS A 172 -40.38 -18.09 60.16
N PHE A 173 -40.85 -19.12 60.86
CA PHE A 173 -41.91 -18.92 61.85
C PHE A 173 -41.28 -18.33 63.11
N LEU A 174 -41.99 -17.43 63.77
CA LEU A 174 -41.49 -16.77 64.97
C LEU A 174 -41.95 -17.50 66.23
N TYR A 175 -41.18 -17.33 67.31
CA TYR A 175 -41.55 -17.82 68.61
C TYR A 175 -42.27 -16.73 69.39
N GLY A 176 -43.15 -17.15 70.30
CA GLY A 176 -43.76 -16.20 71.22
C GLY A 176 -44.90 -15.38 70.67
N CYS A 177 -45.67 -15.92 69.73
CA CYS A 177 -46.74 -15.18 69.09
C CYS A 177 -48.10 -15.78 69.38
N GLN A 178 -49.09 -14.88 69.47
CA GLN A 178 -50.45 -15.30 69.82
C GLN A 178 -51.04 -16.18 68.73
N ALA A 179 -50.66 -15.97 67.48
CA ALA A 179 -51.05 -16.77 66.33
C ALA A 179 -49.80 -17.18 65.56
N PRO A 180 -49.91 -18.20 64.70
CA PRO A 180 -48.77 -18.53 63.83
C PRO A 180 -48.34 -17.31 63.03
N THR A 181 -47.07 -16.92 63.15
CA THR A 181 -46.56 -15.70 62.54
C THR A 181 -45.30 -16.00 61.76
N ILE A 182 -45.18 -15.41 60.58
CA ILE A 182 -43.99 -15.53 59.75
C ILE A 182 -43.25 -14.20 59.73
N CYS A 183 -41.93 -14.28 59.77
CA CYS A 183 -41.03 -13.13 59.64
C CYS A 183 -40.14 -13.39 58.44
N PHE A 184 -40.06 -12.43 57.52
CA PHE A 184 -39.32 -12.67 56.31
C PHE A 184 -38.67 -11.38 55.81
N VAL A 185 -37.57 -11.55 55.08
CA VAL A 185 -36.91 -10.46 54.37
C VAL A 185 -37.29 -10.56 52.90
N TYR A 186 -37.65 -9.42 52.31
CA TYR A 186 -38.07 -9.40 50.91
C TYR A 186 -37.37 -8.23 50.21
N GLN A 187 -37.35 -8.30 48.90
CA GLN A 187 -36.71 -7.28 48.08
C GLN A 187 -37.70 -6.70 47.08
N ASP A 188 -37.73 -5.37 47.00
CA ASP A 188 -38.50 -4.63 46.00
C ASP A 188 -37.57 -3.51 45.51
N PRO A 189 -38.01 -2.65 44.59
CA PRO A 189 -37.08 -1.66 44.02
C PRO A 189 -36.50 -0.69 45.04
N GLN A 190 -37.09 -0.56 46.23
CA GLN A 190 -36.61 0.38 47.23
C GLN A 190 -35.59 -0.24 48.17
N GLY A 191 -35.10 -1.42 47.85
CA GLY A 191 -34.18 -2.14 48.70
C GLY A 191 -34.81 -3.38 49.30
N ARG A 192 -34.18 -3.87 50.35
CA ARG A 192 -34.71 -5.02 51.08
C ARG A 192 -35.34 -4.57 52.38
N HIS A 193 -36.43 -5.25 52.75
CA HIS A 193 -37.22 -4.87 53.91
C HIS A 193 -37.59 -6.15 54.65
N VAL A 194 -37.83 -6.01 55.95
CA VAL A 194 -38.31 -7.11 56.79
C VAL A 194 -39.76 -6.83 57.10
N LYS A 195 -40.55 -7.89 57.24
CA LYS A 195 -41.99 -7.75 57.40
C LYS A 195 -42.55 -9.01 58.06
N THR A 196 -43.70 -8.87 58.72
CA THR A 196 -44.36 -9.98 59.39
C THR A 196 -45.81 -10.12 58.94
N TYR A 197 -46.31 -11.36 58.99
CA TYR A 197 -47.72 -11.67 58.82
C TYR A 197 -48.13 -12.71 59.85
N GLU A 198 -49.43 -12.79 60.12
CA GLU A 198 -50.03 -13.86 60.89
C GLU A 198 -50.78 -14.79 59.93
N VAL A 199 -50.72 -16.10 60.20
CA VAL A 199 -51.32 -17.11 59.33
C VAL A 199 -52.57 -17.64 60.03
N SER A 200 -53.72 -17.52 59.38
CA SER A 200 -55.00 -18.00 59.91
C SER A 200 -55.43 -19.23 59.14
N LEU A 201 -55.37 -20.39 59.80
CA LEU A 201 -55.87 -21.61 59.17
C LEU A 201 -57.38 -21.55 58.98
N ARG A 202 -58.08 -20.83 59.86
CA ARG A 202 -59.54 -20.75 59.76
C ARG A 202 -59.96 -19.91 58.56
N GLU A 203 -59.37 -18.73 58.39
CA GLU A 203 -59.69 -17.86 57.27
C GLU A 203 -58.92 -18.20 55.99
N LYS A 204 -57.81 -18.92 56.09
CA LYS A 204 -57.00 -19.26 54.93
C LYS A 204 -56.50 -18.00 54.22
N GLU A 205 -55.91 -17.09 55.01
CA GLU A 205 -55.30 -15.89 54.50
C GLU A 205 -54.37 -15.31 55.56
N PHE A 206 -53.62 -14.28 55.18
CA PHE A 206 -52.79 -13.54 56.11
C PHE A 206 -53.61 -12.45 56.81
N ASN A 207 -53.23 -12.15 58.06
CA ASN A 207 -53.72 -11.00 58.79
C ASN A 207 -52.52 -10.12 59.15
N LYS A 208 -52.80 -8.86 59.50
CA LYS A 208 -51.71 -7.95 59.85
C LYS A 208 -50.81 -8.56 60.91
N GLY A 209 -49.51 -8.41 60.70
CA GLY A 209 -48.49 -9.03 61.54
C GLY A 209 -48.20 -8.23 62.79
N PRO A 210 -47.49 -8.88 63.72
CA PRO A 210 -47.26 -8.25 65.03
C PRO A 210 -46.40 -6.99 64.99
N TRP A 211 -45.40 -6.88 64.12
CA TRP A 211 -44.61 -5.66 64.13
C TRP A 211 -44.26 -5.16 62.74
N LYS A 212 -43.93 -3.87 62.69
CA LYS A 212 -43.81 -3.14 61.45
C LYS A 212 -42.60 -3.58 60.63
N GLN A 213 -42.60 -3.11 59.39
CA GLN A 213 -41.51 -3.31 58.44
C GLN A 213 -40.45 -2.22 58.60
N GLU A 214 -39.19 -2.62 58.43
CA GLU A 214 -38.06 -1.70 58.50
C GLU A 214 -37.14 -1.94 57.33
N ASN A 215 -36.51 -0.87 56.83
CA ASN A 215 -35.48 -1.06 55.81
C ASN A 215 -34.28 -1.75 56.44
N VAL A 216 -33.76 -2.77 55.77
CA VAL A 216 -32.68 -3.59 56.28
C VAL A 216 -31.57 -3.61 55.25
N GLU A 217 -30.41 -4.12 55.66
CA GLU A 217 -29.24 -4.18 54.80
C GLU A 217 -29.61 -4.66 53.41
N ALA A 218 -28.98 -4.05 52.40
CA ALA A 218 -29.27 -4.41 51.03
C ALA A 218 -29.01 -5.88 50.74
N GLU A 219 -28.02 -6.48 51.42
CA GLU A 219 -27.68 -7.89 51.23
C GLU A 219 -28.07 -8.75 52.42
N ALA A 220 -29.14 -8.38 53.12
CA ALA A 220 -29.69 -9.23 54.18
C ALA A 220 -29.99 -10.61 53.63
N SER A 221 -29.37 -11.64 54.22
CA SER A 221 -29.41 -12.99 53.69
C SER A 221 -30.22 -13.98 54.52
N MET A 222 -30.12 -13.98 55.84
CA MET A 222 -30.72 -15.03 56.65
C MET A 222 -31.58 -14.49 57.78
N VAL A 223 -32.63 -15.24 58.10
CA VAL A 223 -33.57 -14.92 59.16
C VAL A 223 -33.45 -15.99 60.24
N ILE A 224 -33.29 -15.55 61.48
CA ILE A 224 -33.20 -16.43 62.65
C ILE A 224 -34.39 -16.12 63.55
N ALA A 225 -35.15 -17.15 63.91
CA ALA A 225 -36.27 -17.00 64.84
C ALA A 225 -35.72 -17.20 66.26
N VAL A 226 -35.63 -16.12 67.02
CA VAL A 226 -35.07 -16.21 68.38
C VAL A 226 -36.08 -16.86 69.31
N PRO A 227 -35.64 -17.69 70.27
CA PRO A 227 -36.60 -18.42 71.12
C PRO A 227 -37.36 -17.55 72.12
N GLU A 228 -38.22 -18.21 72.91
CA GLU A 228 -39.16 -17.49 73.76
C GLU A 228 -38.50 -16.50 74.71
N PRO A 229 -37.36 -16.77 75.34
CA PRO A 229 -36.83 -15.80 76.31
C PRO A 229 -36.63 -14.40 75.76
N PHE A 230 -36.13 -14.28 74.53
CA PHE A 230 -35.99 -12.99 73.88
C PHE A 230 -37.15 -12.69 72.93
N GLY A 231 -37.49 -13.66 72.09
CA GLY A 231 -38.49 -13.46 71.06
C GLY A 231 -37.90 -12.71 69.89
N GLY A 232 -38.74 -12.45 68.90
CA GLY A 232 -38.31 -11.67 67.75
C GLY A 232 -37.43 -12.45 66.78
N ALA A 233 -36.63 -11.71 66.02
CA ALA A 233 -35.81 -12.30 64.98
C ALA A 233 -34.49 -11.56 64.85
N ILE A 234 -33.47 -12.28 64.34
CA ILE A 234 -32.18 -11.71 63.98
C ILE A 234 -32.03 -11.81 62.46
N ILE A 235 -31.46 -10.77 61.85
CA ILE A 235 -31.28 -10.69 60.41
C ILE A 235 -29.78 -10.60 60.13
N ILE A 236 -29.24 -11.57 59.41
CA ILE A 236 -27.82 -11.63 59.11
C ILE A 236 -27.59 -11.04 57.72
N GLY A 237 -26.61 -10.15 57.61
CA GLY A 237 -26.24 -9.60 56.31
C GLY A 237 -24.79 -9.81 55.94
N GLN A 238 -24.25 -8.96 55.07
CA GLN A 238 -22.83 -8.98 54.72
C GLN A 238 -22.01 -8.13 55.66
N GLU A 239 -22.55 -7.00 56.12
CA GLU A 239 -21.83 -6.12 57.03
C GLU A 239 -22.43 -6.05 58.42
N SER A 240 -23.73 -6.35 58.59
CA SER A 240 -24.37 -6.10 59.87
C SER A 240 -25.29 -7.24 60.26
N ILE A 241 -25.47 -7.37 61.57
CA ILE A 241 -26.42 -8.28 62.20
C ILE A 241 -27.37 -7.41 63.01
N THR A 242 -28.67 -7.63 62.84
CA THR A 242 -29.67 -6.80 63.50
C THR A 242 -30.71 -7.67 64.19
N TYR A 243 -31.23 -7.15 65.30
CA TYR A 243 -32.30 -7.79 66.06
C TYR A 243 -33.53 -6.91 65.96
N HIS A 244 -34.68 -7.53 65.69
CA HIS A 244 -35.94 -6.82 65.52
C HIS A 244 -36.99 -7.48 66.38
N ASN A 245 -37.78 -6.67 67.09
CA ASN A 245 -38.93 -7.18 67.81
C ASN A 245 -39.85 -6.04 68.25
N GLY A 246 -40.84 -5.72 67.42
CA GLY A 246 -41.74 -4.63 67.74
C GLY A 246 -40.99 -3.32 67.84
N ASP A 247 -40.90 -2.79 69.06
CA ASP A 247 -40.22 -1.53 69.30
C ASP A 247 -38.72 -1.68 69.48
N LYS A 248 -38.23 -2.88 69.78
CA LYS A 248 -36.81 -3.09 70.04
C LYS A 248 -36.05 -3.21 68.73
N TYR A 249 -34.89 -2.57 68.66
CA TYR A 249 -34.04 -2.65 67.48
C TYR A 249 -32.59 -2.55 67.93
N LEU A 250 -31.78 -3.52 67.53
CA LEU A 250 -30.35 -3.50 67.77
C LEU A 250 -29.61 -3.70 66.45
N ALA A 251 -28.37 -3.23 66.41
CA ALA A 251 -27.52 -3.46 65.24
C ALA A 251 -26.07 -3.46 65.68
N ILE A 252 -25.36 -4.54 65.34
CA ILE A 252 -23.93 -4.65 65.51
C ILE A 252 -23.34 -4.86 64.12
N ALA A 253 -22.26 -4.15 63.82
CA ALA A 253 -21.61 -4.20 62.52
C ALA A 253 -20.11 -4.35 62.74
N PRO A 254 -19.67 -5.50 63.24
CA PRO A 254 -18.24 -5.69 63.52
C PRO A 254 -17.48 -5.88 62.23
N PRO A 255 -16.32 -5.24 62.09
CA PRO A 255 -15.60 -5.32 60.80
C PRO A 255 -15.17 -6.71 60.41
N ILE A 256 -15.17 -7.67 61.33
CA ILE A 256 -14.57 -8.98 61.02
C ILE A 256 -15.46 -9.73 60.03
N ILE A 257 -16.77 -9.57 60.13
CA ILE A 257 -17.66 -10.31 59.25
C ILE A 257 -17.73 -9.73 57.83
N LYS A 258 -17.42 -8.44 57.66
CA LYS A 258 -17.42 -7.85 56.32
C LYS A 258 -16.48 -8.57 55.37
N GLN A 259 -15.46 -9.23 55.90
CA GLN A 259 -14.45 -9.88 55.07
C GLN A 259 -14.99 -11.09 54.30
N SER A 260 -15.90 -11.86 54.90
CA SER A 260 -16.40 -13.06 54.24
C SER A 260 -17.87 -13.26 54.52
N THR A 261 -18.61 -13.61 53.46
CA THR A 261 -20.05 -13.76 53.55
C THR A 261 -20.42 -14.93 54.47
N ILE A 262 -21.39 -14.69 55.35
CA ILE A 262 -21.87 -15.71 56.29
C ILE A 262 -22.99 -16.50 55.63
N VAL A 263 -22.90 -17.83 55.68
CA VAL A 263 -23.83 -18.68 54.95
C VAL A 263 -24.63 -19.64 55.83
N CYS A 264 -24.23 -19.91 57.07
CA CYS A 264 -24.95 -20.88 57.88
C CYS A 264 -25.11 -20.41 59.32
N HIS A 265 -26.19 -20.89 59.97
CA HIS A 265 -26.48 -20.54 61.35
C HIS A 265 -27.10 -21.74 62.07
N ASN A 266 -26.86 -21.79 63.37
CA ASN A 266 -27.43 -22.81 64.26
C ASN A 266 -27.51 -22.20 65.65
N ARG A 267 -28.38 -22.75 66.50
CA ARG A 267 -28.55 -22.27 67.86
C ARG A 267 -27.78 -23.18 68.83
N VAL A 268 -26.97 -22.56 69.70
CA VAL A 268 -26.21 -23.34 70.67
C VAL A 268 -27.01 -23.56 71.95
N ASP A 269 -27.53 -22.49 72.55
CA ASP A 269 -28.26 -22.55 73.80
C ASP A 269 -29.75 -22.49 73.51
N PRO A 270 -30.53 -23.51 73.88
CA PRO A 270 -31.95 -23.52 73.50
C PRO A 270 -32.70 -22.22 73.80
N ASN A 271 -32.27 -21.47 74.80
CA ASN A 271 -32.91 -20.21 75.16
C ASN A 271 -32.55 -19.05 74.25
N GLY A 272 -31.67 -19.26 73.27
CA GLY A 272 -31.31 -18.25 72.31
C GLY A 272 -30.13 -17.38 72.69
N SER A 273 -29.45 -17.70 73.79
CA SER A 273 -28.35 -16.86 74.25
C SER A 273 -27.18 -16.90 73.27
N ARG A 274 -26.90 -18.06 72.67
CA ARG A 274 -25.73 -18.23 71.82
C ARG A 274 -26.07 -18.93 70.52
N TYR A 275 -25.52 -18.42 69.43
CA TYR A 275 -25.66 -18.98 68.09
C TYR A 275 -24.28 -19.16 67.44
N LEU A 276 -24.20 -20.06 66.47
CA LEU A 276 -23.02 -20.26 65.66
C LEU A 276 -23.23 -19.69 64.27
N LEU A 277 -22.19 -19.01 63.74
CA LEU A 277 -22.22 -18.42 62.41
C LEU A 277 -20.97 -18.85 61.65
N GLY A 278 -21.15 -19.21 60.39
CA GLY A 278 -20.03 -19.58 59.54
C GLY A 278 -19.97 -18.75 58.26
N ASP A 279 -18.81 -18.64 57.62
CA ASP A 279 -18.64 -17.82 56.44
C ASP A 279 -17.89 -18.59 55.37
N MET A 280 -17.92 -18.05 54.16
CA MET A 280 -17.41 -18.76 52.99
C MET A 280 -15.90 -18.98 53.03
N GLU A 281 -15.17 -18.31 53.91
CA GLU A 281 -13.74 -18.53 54.06
C GLU A 281 -13.43 -19.59 55.11
N GLY A 282 -14.44 -20.22 55.67
CA GLY A 282 -14.27 -21.27 56.66
C GLY A 282 -14.21 -20.84 58.10
N ARG A 283 -14.41 -19.56 58.41
CA ARG A 283 -14.32 -19.10 59.79
C ARG A 283 -15.61 -19.42 60.54
N LEU A 284 -15.45 -19.77 61.81
CA LEU A 284 -16.58 -20.09 62.70
C LEU A 284 -16.66 -19.04 63.79
N PHE A 285 -17.84 -18.43 63.93
CA PHE A 285 -18.08 -17.38 64.91
C PHE A 285 -19.11 -17.82 65.95
N MET A 286 -19.10 -17.13 67.10
CA MET A 286 -20.14 -17.24 68.11
C MET A 286 -20.89 -15.91 68.21
N LEU A 287 -22.21 -15.96 68.04
CA LEU A 287 -23.06 -14.79 68.22
C LEU A 287 -23.70 -14.87 69.61
N LEU A 288 -23.50 -13.85 70.42
CA LEU A 288 -23.92 -13.83 71.82
C LEU A 288 -25.05 -12.85 72.02
N LEU A 289 -26.10 -13.27 72.72
CA LEU A 289 -27.20 -12.39 73.08
C LEU A 289 -27.04 -12.04 74.55
N GLU A 290 -26.64 -10.80 74.82
CA GLU A 290 -26.39 -10.32 76.17
C GLU A 290 -27.72 -9.91 76.80
N LYS A 291 -28.10 -10.59 77.87
CA LYS A 291 -29.39 -10.38 78.51
C LYS A 291 -29.33 -9.27 79.54
N GLU A 292 -30.48 -8.60 79.71
CA GLU A 292 -30.66 -7.62 80.78
C GLU A 292 -32.04 -7.83 81.39
N GLU A 293 -32.10 -8.19 82.66
CA GLU A 293 -33.38 -8.41 83.34
C GLU A 293 -33.78 -7.14 84.10
N GLN A 294 -35.01 -6.68 83.84
CA GLN A 294 -35.56 -5.53 84.55
C GLN A 294 -36.18 -5.97 85.87
N MET A 295 -36.36 -4.99 86.76
CA MET A 295 -37.01 -5.29 88.04
C MET A 295 -38.43 -5.77 87.83
N ASP A 296 -39.00 -5.52 86.64
CA ASP A 296 -40.30 -6.04 86.27
C ASP A 296 -40.35 -7.56 86.29
N GLY A 297 -39.19 -8.22 86.25
CA GLY A 297 -39.15 -9.65 86.03
C GLY A 297 -39.09 -10.06 84.59
N THR A 298 -39.10 -9.11 83.67
CA THR A 298 -39.04 -9.39 82.25
C THR A 298 -37.57 -9.43 81.82
N VAL A 299 -37.32 -10.10 80.71
CA VAL A 299 -35.97 -10.30 80.20
C VAL A 299 -35.95 -9.64 78.82
N THR A 300 -34.99 -8.77 78.60
CA THR A 300 -34.84 -8.07 77.34
C THR A 300 -33.46 -8.34 76.76
N LEU A 301 -33.31 -8.01 75.48
CA LEU A 301 -32.03 -8.17 74.80
C LEU A 301 -31.27 -6.85 74.94
N LYS A 302 -30.12 -6.92 75.61
CA LYS A 302 -29.33 -5.71 75.87
C LYS A 302 -28.44 -5.37 74.69
N ASP A 303 -27.71 -6.35 74.16
CA ASP A 303 -26.74 -6.08 73.11
C ASP A 303 -26.42 -7.39 72.41
N LEU A 304 -25.72 -7.28 71.27
CA LEU A 304 -25.21 -8.41 70.53
C LEU A 304 -23.70 -8.29 70.45
N ARG A 305 -23.01 -9.43 70.49
CA ARG A 305 -21.56 -9.50 70.41
C ARG A 305 -21.19 -10.65 69.48
N VAL A 306 -20.11 -10.47 68.72
CA VAL A 306 -19.62 -11.51 67.81
C VAL A 306 -18.17 -11.81 68.18
N GLU A 307 -17.86 -13.09 68.36
CA GLU A 307 -16.53 -13.54 68.76
C GLU A 307 -16.08 -14.64 67.80
N LEU A 308 -14.85 -14.50 67.29
CA LEU A 308 -14.30 -15.47 66.37
C LEU A 308 -13.75 -16.68 67.13
N LEU A 309 -14.21 -17.88 66.74
CA LEU A 309 -13.81 -19.11 67.40
C LEU A 309 -12.64 -19.80 66.72
N GLY A 310 -12.65 -19.87 65.40
CA GLY A 310 -11.57 -20.55 64.68
C GLY A 310 -11.99 -20.81 63.25
N GLU A 311 -11.40 -21.85 62.67
CA GLU A 311 -11.63 -22.18 61.28
C GLU A 311 -12.18 -23.58 61.18
N THR A 312 -13.23 -23.74 60.38
CA THR A 312 -13.80 -25.03 60.02
C THR A 312 -13.73 -25.13 58.50
N SER A 313 -14.13 -26.29 57.97
CA SER A 313 -14.31 -26.38 56.54
C SER A 313 -15.49 -25.50 56.12
N ILE A 314 -15.44 -24.99 54.89
CA ILE A 314 -16.55 -24.20 54.40
C ILE A 314 -17.80 -25.07 54.51
N ALA A 315 -18.79 -24.60 55.25
CA ALA A 315 -19.88 -25.46 55.71
C ALA A 315 -21.22 -25.01 55.14
N GLU A 316 -21.94 -25.96 54.55
CA GLU A 316 -23.32 -25.71 54.13
C GLU A 316 -24.25 -25.66 55.34
N CYS A 317 -24.09 -26.59 56.27
CA CYS A 317 -24.92 -26.64 57.47
C CYS A 317 -24.01 -26.77 58.67
N LEU A 318 -24.38 -26.12 59.77
CA LEU A 318 -23.77 -26.34 61.07
C LEU A 318 -24.85 -26.90 61.98
N THR A 319 -24.47 -27.80 62.88
CA THR A 319 -25.40 -28.23 63.92
C THR A 319 -24.58 -28.55 65.16
N TYR A 320 -24.89 -27.85 66.25
CA TYR A 320 -24.29 -28.12 67.54
C TYR A 320 -24.94 -29.37 68.11
N LEU A 321 -24.13 -30.28 68.63
CA LEU A 321 -24.67 -31.51 69.17
C LEU A 321 -24.76 -31.44 70.69
N ASP A 322 -23.64 -31.59 71.39
CA ASP A 322 -23.67 -31.55 72.83
C ASP A 322 -22.28 -31.32 73.37
N ASN A 323 -22.21 -30.81 74.60
CA ASN A 323 -20.93 -30.59 75.26
C ASN A 323 -20.24 -29.54 74.39
N GLY A 324 -19.03 -29.78 73.91
CA GLY A 324 -18.37 -28.89 72.99
C GLY A 324 -18.38 -29.32 71.55
N VAL A 325 -19.16 -30.33 71.18
CA VAL A 325 -19.06 -30.94 69.85
C VAL A 325 -20.04 -30.33 68.88
N VAL A 326 -19.53 -29.98 67.70
CA VAL A 326 -20.29 -29.40 66.60
C VAL A 326 -20.06 -30.27 65.38
N PHE A 327 -21.12 -30.56 64.63
CA PHE A 327 -20.97 -31.20 63.34
C PHE A 327 -20.96 -30.13 62.24
N VAL A 328 -19.94 -30.19 61.39
CA VAL A 328 -19.77 -29.25 60.28
C VAL A 328 -20.08 -29.99 59.00
N GLY A 329 -21.19 -29.66 58.35
CA GLY A 329 -21.57 -30.28 57.11
C GLY A 329 -21.10 -29.47 55.93
N SER A 330 -20.24 -30.06 55.12
CA SER A 330 -19.57 -29.35 54.03
C SER A 330 -19.95 -29.95 52.68
N ARG A 331 -20.25 -29.07 51.75
CA ARG A 331 -20.53 -29.40 50.35
C ARG A 331 -19.35 -29.19 49.44
N LEU A 332 -18.49 -28.22 49.77
CA LEU A 332 -17.32 -27.89 48.97
C LEU A 332 -16.05 -28.56 49.48
N GLY A 333 -16.08 -29.12 50.70
CA GLY A 333 -14.94 -29.80 51.28
C GLY A 333 -15.34 -30.92 52.22
N ASP A 334 -14.37 -31.50 52.92
CA ASP A 334 -14.65 -32.59 53.85
C ASP A 334 -15.44 -32.08 55.05
N SER A 335 -16.44 -32.85 55.47
CA SER A 335 -17.24 -32.51 56.63
C SER A 335 -16.47 -32.88 57.91
N GLN A 336 -16.95 -32.40 59.05
CA GLN A 336 -16.18 -32.59 60.27
C GLN A 336 -17.02 -32.69 61.53
N LEU A 337 -16.41 -33.29 62.55
CA LEU A 337 -16.74 -33.06 63.95
C LEU A 337 -15.61 -32.22 64.55
N VAL A 338 -15.97 -31.13 65.23
CA VAL A 338 -14.98 -30.29 65.90
C VAL A 338 -15.46 -30.04 67.32
N LYS A 339 -14.50 -29.85 68.22
CA LYS A 339 -14.82 -29.54 69.61
C LYS A 339 -14.48 -28.07 69.91
N LEU A 340 -15.43 -27.38 70.51
CA LEU A 340 -15.24 -25.99 70.94
C LEU A 340 -14.77 -26.01 72.38
N ASN A 341 -13.62 -25.40 72.64
CA ASN A 341 -13.03 -25.38 73.97
C ASN A 341 -13.28 -24.02 74.61
N VAL A 342 -13.38 -24.01 75.94
CA VAL A 342 -13.54 -22.75 76.65
C VAL A 342 -12.24 -21.95 76.62
N ASP A 343 -11.11 -22.64 76.74
CA ASP A 343 -9.80 -22.01 76.68
C ASP A 343 -9.25 -22.17 75.27
N SER A 344 -8.65 -21.10 74.77
CA SER A 344 -8.00 -21.10 73.47
C SER A 344 -6.68 -21.86 73.54
N ASN A 345 -6.25 -22.35 72.38
CA ASN A 345 -4.94 -22.99 72.30
C ASN A 345 -3.89 -21.90 72.10
N GLU A 346 -2.63 -22.31 71.95
CA GLU A 346 -1.54 -21.33 71.89
C GLU A 346 -1.56 -20.49 70.63
N GLN A 347 -2.34 -20.87 69.62
CA GLN A 347 -2.46 -20.06 68.41
C GLN A 347 -3.63 -19.09 68.49
N GLY A 348 -4.42 -19.15 69.55
CA GLY A 348 -5.60 -18.34 69.70
C GLY A 348 -6.90 -18.97 69.27
N SER A 349 -6.89 -20.25 68.90
CA SER A 349 -8.09 -20.92 68.43
C SER A 349 -8.78 -21.69 69.54
N TYR A 350 -10.12 -21.65 69.53
CA TYR A 350 -10.94 -22.44 70.44
C TYR A 350 -11.50 -23.68 69.77
N VAL A 351 -11.15 -23.93 68.51
CA VAL A 351 -11.71 -25.01 67.71
C VAL A 351 -10.60 -26.00 67.45
N VAL A 352 -10.85 -27.28 67.73
CA VAL A 352 -9.89 -28.34 67.47
C VAL A 352 -10.63 -29.48 66.80
N ALA A 353 -10.12 -29.93 65.66
CA ALA A 353 -10.77 -30.97 64.89
C ALA A 353 -10.71 -32.31 65.59
N MET A 354 -11.84 -33.02 65.56
CA MET A 354 -11.91 -34.39 66.07
C MET A 354 -11.82 -35.43 64.95
N GLU A 355 -12.79 -35.42 64.04
CA GLU A 355 -12.85 -36.39 62.97
C GLU A 355 -13.06 -35.68 61.64
N THR A 356 -12.67 -36.36 60.57
CA THR A 356 -12.82 -35.83 59.21
C THR A 356 -13.53 -36.89 58.37
N PHE A 357 -14.64 -36.48 57.76
CA PHE A 357 -15.48 -37.35 56.94
C PHE A 357 -15.23 -37.01 55.47
N THR A 358 -14.81 -38.00 54.68
CA THR A 358 -14.43 -37.74 53.31
C THR A 358 -15.60 -37.23 52.48
N ASN A 359 -15.37 -36.10 51.80
CA ASN A 359 -16.28 -35.55 50.81
C ASN A 359 -15.50 -35.37 49.52
N LEU A 360 -15.88 -36.10 48.48
CA LEU A 360 -15.22 -35.88 47.19
C LEU A 360 -15.48 -34.48 46.63
N GLY A 361 -16.31 -33.69 47.28
CA GLY A 361 -16.52 -32.31 46.92
C GLY A 361 -17.03 -32.22 45.51
N PRO A 362 -17.06 -31.01 44.96
CA PRO A 362 -17.33 -30.88 43.51
C PRO A 362 -16.22 -31.57 42.73
N ILE A 363 -16.58 -32.46 41.84
CA ILE A 363 -15.61 -33.13 40.98
C ILE A 363 -15.60 -32.34 39.68
N VAL A 364 -14.71 -31.35 39.59
CA VAL A 364 -14.68 -30.50 38.40
C VAL A 364 -14.19 -31.29 37.18
N ASP A 365 -13.17 -32.12 37.36
CA ASP A 365 -12.63 -32.94 36.29
C ASP A 365 -11.97 -34.16 36.90
N MET A 366 -11.76 -35.18 36.08
CA MET A 366 -11.09 -36.39 36.54
C MET A 366 -10.57 -37.17 35.34
N CYS A 367 -9.51 -37.94 35.57
CA CYS A 367 -8.92 -38.79 34.55
C CYS A 367 -8.60 -40.14 35.18
N VAL A 368 -8.54 -41.19 34.34
CA VAL A 368 -8.19 -42.52 34.79
C VAL A 368 -6.79 -42.86 34.30
N VAL A 369 -5.95 -43.33 35.21
CA VAL A 369 -4.54 -43.61 34.94
C VAL A 369 -4.15 -44.84 35.75
N ASP A 370 -3.41 -45.76 35.12
CA ASP A 370 -2.89 -46.95 35.79
C ASP A 370 -1.50 -46.62 36.30
N LEU A 371 -1.43 -46.07 37.51
CA LEU A 371 -0.16 -45.62 38.05
C LEU A 371 0.79 -46.78 38.32
N GLU A 372 0.30 -47.86 38.92
CA GLU A 372 1.12 -48.99 39.35
C GLU A 372 1.28 -50.10 38.30
N ARG A 373 0.88 -49.87 37.05
CA ARG A 373 0.97 -50.85 35.96
C ARG A 373 0.20 -52.14 36.27
N GLN A 374 -0.89 -52.02 37.02
CA GLN A 374 -1.70 -53.16 37.43
C GLN A 374 -2.78 -53.62 36.45
N GLY A 375 -3.06 -52.88 35.39
CA GLY A 375 -4.17 -53.25 34.54
C GLY A 375 -5.51 -52.81 35.09
N GLN A 376 -5.52 -52.23 36.29
CA GLN A 376 -6.73 -51.79 36.96
C GLN A 376 -7.23 -50.44 36.47
N GLY A 377 -6.53 -49.39 36.89
CA GLY A 377 -6.92 -48.02 36.65
C GLY A 377 -7.34 -47.40 37.97
N GLN A 378 -6.77 -46.25 38.31
CA GLN A 378 -7.11 -45.46 39.47
C GLN A 378 -7.63 -44.11 38.99
N LEU A 379 -8.51 -43.51 39.77
CA LEU A 379 -9.17 -42.26 39.41
C LEU A 379 -8.57 -41.12 40.21
N VAL A 380 -8.01 -40.13 39.51
CA VAL A 380 -7.50 -38.91 40.12
C VAL A 380 -8.49 -37.81 39.79
N THR A 381 -9.13 -37.24 40.81
CA THR A 381 -10.20 -36.27 40.62
C THR A 381 -9.77 -34.90 41.09
N CYS A 382 -10.22 -33.87 40.36
CA CYS A 382 -10.15 -32.49 40.83
C CYS A 382 -11.36 -32.25 41.71
N SER A 383 -11.13 -32.14 43.01
CA SER A 383 -12.19 -32.11 43.99
C SER A 383 -12.03 -30.93 44.94
N GLY A 384 -13.16 -30.41 45.40
CA GLY A 384 -13.18 -29.32 46.34
C GLY A 384 -13.07 -27.96 45.66
N ALA A 385 -13.23 -26.92 46.48
CA ALA A 385 -13.08 -25.55 46.03
C ALA A 385 -12.40 -24.71 47.10
N PHE A 386 -11.67 -23.70 46.64
CA PHE A 386 -11.01 -22.72 47.50
C PHE A 386 -10.09 -23.48 48.47
N LYS A 387 -10.19 -23.23 49.78
CA LYS A 387 -9.34 -23.85 50.77
C LYS A 387 -9.45 -25.36 50.75
N GLU A 388 -10.61 -25.88 50.36
CA GLU A 388 -10.86 -27.31 50.38
C GLU A 388 -10.39 -27.99 49.11
N GLY A 389 -9.77 -27.26 48.19
CA GLY A 389 -9.39 -27.87 46.94
C GLY A 389 -8.38 -29.00 47.15
N SER A 390 -8.60 -30.08 46.40
CA SER A 390 -7.81 -31.28 46.59
C SER A 390 -7.76 -32.09 45.30
N LEU A 391 -6.75 -32.94 45.22
CA LEU A 391 -6.68 -34.05 44.27
C LEU A 391 -6.92 -35.33 45.05
N ARG A 392 -7.81 -36.17 44.54
CA ARG A 392 -8.20 -37.40 45.24
C ARG A 392 -7.90 -38.58 44.33
N ILE A 393 -7.07 -39.50 44.81
CA ILE A 393 -6.68 -40.69 44.07
C ILE A 393 -7.48 -41.87 44.61
N ILE A 394 -8.28 -42.49 43.75
CA ILE A 394 -9.29 -43.47 44.15
C ILE A 394 -9.00 -44.79 43.46
N ARG A 395 -8.97 -45.87 44.25
CA ARG A 395 -8.73 -47.22 43.74
C ARG A 395 -9.69 -48.18 44.43
N ASN A 396 -10.04 -49.26 43.76
CA ASN A 396 -10.88 -50.31 44.34
C ASN A 396 -10.05 -51.33 45.12
N GLY A 397 -10.56 -51.71 46.30
CA GLY A 397 -9.90 -52.68 47.15
C GLY A 397 -10.72 -53.08 48.36
N GLN A 408 -14.63 -54.85 50.98
CA GLN A 408 -15.20 -54.17 49.82
C GLN A 408 -15.46 -52.70 50.12
N LYS A 409 -14.49 -51.85 49.80
CA LYS A 409 -14.61 -50.41 49.96
C LYS A 409 -13.64 -49.78 48.98
N LEU A 410 -13.82 -48.48 48.74
CA LEU A 410 -12.93 -47.74 47.86
C LEU A 410 -11.86 -47.06 48.70
N HIS A 411 -10.61 -47.17 48.27
CA HIS A 411 -9.50 -46.51 48.95
C HIS A 411 -9.24 -45.14 48.32
N ILE A 412 -9.26 -44.09 49.14
CA ILE A 412 -9.16 -42.71 48.67
C ILE A 412 -8.00 -42.03 49.38
N ARG A 413 -7.10 -41.44 48.60
CA ARG A 413 -6.01 -40.62 49.07
C ARG A 413 -6.29 -39.15 48.75
N THR A 414 -5.92 -38.25 49.66
CA THR A 414 -6.20 -36.83 49.50
C THR A 414 -4.91 -36.03 49.40
N VAL A 415 -4.82 -35.18 48.38
CA VAL A 415 -3.69 -34.28 48.18
C VAL A 415 -4.19 -32.84 48.37
N PRO A 416 -3.86 -32.18 49.48
CA PRO A 416 -4.38 -30.82 49.71
C PRO A 416 -3.73 -29.80 48.79
N LEU A 417 -4.57 -28.94 48.19
CA LEU A 417 -4.11 -27.86 47.33
C LEU A 417 -4.42 -26.47 47.89
N TYR A 418 -5.47 -26.34 48.69
CA TYR A 418 -5.87 -25.09 49.31
C TYR A 418 -6.21 -24.01 48.29
N GLU A 419 -6.35 -24.41 47.03
CA GLU A 419 -6.80 -23.52 45.96
C GLU A 419 -7.71 -24.35 45.07
N SER A 420 -8.51 -23.67 44.28
CA SER A 420 -9.55 -24.34 43.52
C SER A 420 -8.93 -25.11 42.36
N PRO A 421 -9.18 -26.42 42.24
CA PRO A 421 -8.72 -27.17 41.08
C PRO A 421 -9.70 -27.08 39.92
N ARG A 422 -9.17 -26.98 38.71
CA ARG A 422 -10.01 -26.76 37.53
C ARG A 422 -9.99 -27.93 36.56
N LYS A 423 -8.84 -28.28 35.98
CA LYS A 423 -8.74 -29.38 35.03
C LYS A 423 -7.51 -30.21 35.34
N ILE A 424 -7.55 -31.48 34.94
CA ILE A 424 -6.46 -32.41 35.19
C ILE A 424 -6.21 -33.27 33.96
N CYS A 425 -4.94 -33.64 33.76
CA CYS A 425 -4.54 -34.50 32.65
C CYS A 425 -3.21 -35.18 32.99
N TYR A 426 -3.05 -36.43 32.54
CA TYR A 426 -1.86 -37.22 32.84
C TYR A 426 -0.89 -37.24 31.66
N GLN A 427 0.39 -37.01 31.95
CA GLN A 427 1.49 -37.02 30.98
C GLN A 427 2.46 -38.11 31.42
N GLU A 428 2.34 -39.30 30.83
CA GLU A 428 3.15 -40.41 31.31
C GLU A 428 4.64 -40.15 31.09
N VAL A 429 5.00 -39.60 29.94
CA VAL A 429 6.41 -39.40 29.60
C VAL A 429 7.12 -38.66 30.73
N SER A 430 6.40 -37.81 31.46
CA SER A 430 6.98 -36.99 32.52
C SER A 430 6.69 -37.54 33.91
N GLN A 431 6.09 -38.72 34.01
CA GLN A 431 5.72 -39.31 35.30
C GLN A 431 5.05 -38.28 36.21
N CYS A 432 4.17 -37.46 35.63
CA CYS A 432 3.53 -36.40 36.40
C CYS A 432 2.19 -36.03 35.78
N PHE A 433 1.42 -35.27 36.56
CA PHE A 433 0.15 -34.70 36.13
C PHE A 433 0.28 -33.20 35.87
N GLY A 434 -0.53 -32.70 34.95
CA GLY A 434 -0.77 -31.26 34.83
C GLY A 434 -2.15 -30.94 35.41
N VAL A 435 -2.19 -29.92 36.27
CA VAL A 435 -3.44 -29.51 36.92
C VAL A 435 -3.60 -28.01 36.78
N LEU A 436 -4.77 -27.57 36.32
CA LEU A 436 -5.12 -26.15 36.29
C LEU A 436 -5.78 -25.78 37.61
N SER A 437 -5.38 -24.65 38.16
CA SER A 437 -5.83 -24.24 39.49
C SER A 437 -6.10 -22.74 39.49
N SER A 438 -6.96 -22.31 40.41
CA SER A 438 -7.25 -20.90 40.61
C SER A 438 -7.24 -20.60 42.10
N ARG A 439 -6.60 -19.49 42.47
CA ARG A 439 -6.52 -19.04 43.85
C ARG A 439 -7.06 -17.62 43.95
N ILE A 440 -7.63 -17.29 45.09
CA ILE A 440 -8.28 -16.01 45.31
C ILE A 440 -7.29 -15.08 46.01
N GLU A 441 -6.99 -13.95 45.38
CA GLU A 441 -6.26 -12.85 46.02
C GLU A 441 -7.19 -11.64 46.09
N VAL A 442 -6.83 -10.66 46.92
CA VAL A 442 -7.66 -9.49 47.16
C VAL A 442 -6.84 -8.24 46.90
N GLN A 443 -7.44 -7.25 46.24
CA GLN A 443 -6.73 -6.01 45.93
C GLN A 443 -6.25 -5.37 47.23
N ASP A 444 -4.94 -5.14 47.35
CA ASP A 444 -4.38 -4.62 48.59
C ASP A 444 -3.86 -3.21 48.37
N THR A 445 -3.33 -2.62 49.45
CA THR A 445 -2.93 -1.22 49.42
C THR A 445 -1.70 -0.96 48.54
N SER A 446 -0.95 -2.01 48.18
CA SER A 446 0.19 -1.82 47.29
C SER A 446 -0.22 -1.57 45.85
N GLY A 447 -1.50 -1.68 45.53
CA GLY A 447 -1.98 -1.67 44.17
C GLY A 447 -2.02 -3.04 43.52
N GLY A 448 -1.24 -3.97 44.03
CA GLY A 448 -1.31 -5.36 43.64
C GLY A 448 -2.31 -6.10 44.49
N THR A 449 -2.13 -7.42 44.56
CA THR A 449 -3.03 -8.27 45.33
C THR A 449 -2.25 -9.13 46.30
N THR A 450 -2.97 -9.62 47.32
CA THR A 450 -2.40 -10.46 48.37
C THR A 450 -3.31 -11.66 48.57
N ALA A 451 -2.70 -12.85 48.63
CA ALA A 451 -3.45 -14.09 48.83
C ALA A 451 -3.83 -14.29 50.28
N LEU A 452 -5.03 -14.84 50.49
CA LEU A 452 -5.56 -15.04 51.83
C LEU A 452 -4.82 -16.13 52.60
N ARG A 453 -4.15 -17.06 51.90
CA ARG A 453 -3.46 -18.18 52.51
C ARG A 453 -2.51 -18.77 51.48
N PRO A 454 -1.42 -19.43 51.91
CA PRO A 454 -0.56 -20.11 50.94
C PRO A 454 -1.23 -21.35 50.39
N SER A 455 -0.91 -21.68 49.14
CA SER A 455 -1.55 -22.80 48.46
C SER A 455 -0.61 -23.39 47.41
N ALA A 456 -1.12 -24.39 46.69
CA ALA A 456 -0.27 -25.20 45.82
C ALA A 456 0.53 -24.36 44.84
N SER A 457 -0.10 -23.35 44.22
CA SER A 457 0.59 -22.58 43.20
C SER A 457 1.68 -21.69 43.78
N THR A 458 1.63 -21.39 45.08
CA THR A 458 2.66 -20.61 45.75
C THR A 458 3.72 -21.46 46.45
N GLN A 459 3.42 -22.74 46.70
CA GLN A 459 4.33 -23.64 47.40
C GLN A 459 5.05 -24.59 46.45
N ALA A 460 5.07 -24.26 45.16
CA ALA A 460 5.76 -25.08 44.18
C ALA A 460 7.27 -25.01 44.39
N LEU A 461 7.97 -26.08 44.00
CA LEU A 461 9.41 -26.08 44.11
C LEU A 461 10.04 -24.99 43.24
N SER A 462 9.77 -25.04 41.94
CA SER A 462 10.17 -24.02 40.98
C SER A 462 8.93 -23.36 40.40
N SER A 463 9.08 -22.11 39.94
CA SER A 463 7.93 -21.35 39.46
C SER A 463 8.28 -20.49 38.26
N SER A 464 7.25 -20.12 37.51
CA SER A 464 7.37 -19.26 36.34
C SER A 464 6.08 -18.47 36.17
N VAL A 465 6.20 -17.32 35.51
CA VAL A 465 5.07 -16.44 35.23
C VAL A 465 5.11 -16.08 33.75
N SER A 466 3.95 -16.17 33.08
CA SER A 466 3.92 -15.90 31.65
C SER A 466 4.30 -14.45 31.39
N SER A 467 5.12 -14.23 30.36
CA SER A 467 5.57 -12.90 30.00
C SER A 467 5.03 -12.45 28.64
N SER A 468 3.97 -13.09 28.16
CA SER A 468 3.45 -12.79 26.84
C SER A 468 3.04 -11.32 26.77
N LYS A 469 3.37 -10.68 25.66
CA LYS A 469 3.00 -9.30 25.42
C LYS A 469 1.89 -9.21 24.38
N LEU A 470 1.23 -10.35 24.08
CA LEU A 470 0.27 -10.38 22.99
C LEU A 470 -0.87 -9.40 23.21
N PHE A 471 -1.44 -9.40 24.42
CA PHE A 471 -2.49 -8.47 24.80
C PHE A 471 -1.93 -7.20 25.41
N SER A 472 -0.64 -7.15 25.69
CA SER A 472 -0.03 -5.99 26.34
C SER A 472 -0.26 -4.64 25.69
N SER A 473 -0.88 -4.59 24.52
CA SER A 473 -1.11 -3.27 23.93
C SER A 473 -2.23 -2.57 24.69
N SER A 474 -3.10 -3.36 25.32
CA SER A 474 -4.17 -2.87 26.17
C SER A 474 -4.80 -1.57 25.71
N THR A 475 -4.63 -0.48 26.47
CA THR A 475 -5.34 0.79 26.26
C THR A 475 -6.81 0.65 26.65
N ALA A 476 -7.16 -0.48 27.26
CA ALA A 476 -8.50 -0.76 27.78
C ALA A 476 -8.46 -0.65 29.30
N PRO A 477 -9.16 0.31 29.91
CA PRO A 477 -9.02 0.53 31.36
C PRO A 477 -9.87 -0.43 32.19
N HIS A 478 -9.28 -1.00 33.25
CA HIS A 478 -10.00 -1.84 34.20
C HIS A 478 -9.62 -1.36 35.60
N GLU A 479 -10.49 -0.55 36.22
CA GLU A 479 -10.21 0.02 37.54
C GLU A 479 -10.37 -0.98 38.67
N THR A 480 -9.53 -0.80 39.68
CA THR A 480 -9.43 -1.69 40.84
C THR A 480 -9.73 -0.96 42.14
N SER A 481 -10.61 -1.53 42.95
CA SER A 481 -10.94 -1.01 44.28
C SER A 481 -10.36 -1.95 45.33
N PHE A 482 -9.85 -1.38 46.41
CA PHE A 482 -9.26 -2.19 47.47
C PHE A 482 -10.29 -3.13 48.05
N GLY A 483 -9.89 -4.39 48.23
CA GLY A 483 -10.74 -5.41 48.80
C GLY A 483 -11.46 -6.31 47.82
N GLU A 484 -11.51 -5.96 46.54
CA GLU A 484 -12.18 -6.81 45.57
C GLU A 484 -11.38 -8.09 45.33
N GLU A 485 -12.09 -9.19 45.07
CA GLU A 485 -11.45 -10.47 44.81
C GLU A 485 -11.07 -10.58 43.34
N VAL A 486 -9.97 -11.29 43.08
CA VAL A 486 -9.52 -11.59 41.73
C VAL A 486 -9.05 -13.04 41.69
N GLU A 487 -9.13 -13.65 40.51
CA GLU A 487 -8.73 -15.04 40.35
C GLU A 487 -7.35 -15.12 39.71
N VAL A 488 -6.50 -15.96 40.28
CA VAL A 488 -5.16 -16.23 39.74
C VAL A 488 -5.12 -17.68 39.29
N HIS A 489 -4.88 -17.90 38.01
CA HIS A 489 -4.87 -19.24 37.44
C HIS A 489 -3.44 -19.69 37.19
N ASN A 490 -3.16 -20.95 37.49
CA ASN A 490 -1.81 -21.48 37.40
C ASN A 490 -1.87 -22.90 36.87
N LEU A 491 -0.85 -23.28 36.11
CA LEU A 491 -0.65 -24.67 35.69
C LEU A 491 0.31 -25.32 36.67
N LEU A 492 -0.14 -26.38 37.33
CA LEU A 492 0.67 -27.09 38.31
C LEU A 492 1.21 -28.36 37.68
N ILE A 493 2.50 -28.62 37.91
CA ILE A 493 3.14 -29.87 37.54
C ILE A 493 3.33 -30.65 38.83
N ILE A 494 2.69 -31.82 38.91
CA ILE A 494 2.58 -32.60 40.14
C ILE A 494 3.07 -34.02 39.90
N ASP A 495 3.98 -34.48 40.75
CA ASP A 495 4.58 -35.80 40.60
C ASP A 495 3.56 -36.90 40.86
N GLN A 496 3.63 -37.98 40.07
CA GLN A 496 2.64 -39.04 40.12
C GLN A 496 2.80 -39.97 41.32
N HIS A 497 3.98 -40.00 41.95
CA HIS A 497 4.19 -40.87 43.11
C HIS A 497 4.10 -40.11 44.42
N THR A 498 4.82 -39.00 44.54
CA THR A 498 4.78 -38.20 45.76
C THR A 498 3.60 -37.23 45.78
N PHE A 499 3.08 -36.86 44.61
CA PHE A 499 2.03 -35.85 44.49
C PHE A 499 2.51 -34.53 45.10
N GLU A 500 3.76 -34.20 44.81
CA GLU A 500 4.39 -32.96 45.24
C GLU A 500 4.33 -31.98 44.08
N VAL A 501 4.03 -30.72 44.38
CA VAL A 501 3.96 -29.70 43.34
C VAL A 501 5.39 -29.38 42.92
N LEU A 502 5.75 -29.83 41.71
CA LEU A 502 7.09 -29.64 41.21
C LEU A 502 7.27 -28.27 40.59
N HIS A 503 6.23 -27.80 39.91
CA HIS A 503 6.31 -26.53 39.22
C HIS A 503 4.92 -25.92 39.13
N ALA A 504 4.88 -24.60 39.23
CA ALA A 504 3.65 -23.83 39.06
C ALA A 504 3.93 -22.73 38.05
N HIS A 505 3.09 -22.63 37.03
CA HIS A 505 3.17 -21.55 36.06
C HIS A 505 1.95 -20.66 36.28
N GLN A 506 2.18 -19.38 36.56
CA GLN A 506 1.10 -18.44 36.81
C GLN A 506 0.80 -17.71 35.50
N PHE A 507 -0.47 -17.64 35.14
CA PHE A 507 -0.84 -17.03 33.88
C PHE A 507 -0.99 -15.52 34.04
N LEU A 508 -1.21 -14.85 32.92
CA LEU A 508 -1.22 -13.39 32.88
C LEU A 508 -2.34 -12.86 33.78
N GLN A 509 -2.19 -11.59 34.17
CA GLN A 509 -3.21 -10.97 35.02
C GLN A 509 -4.55 -10.99 34.32
N ASN A 510 -5.58 -11.44 35.03
CA ASN A 510 -6.94 -11.55 34.51
C ASN A 510 -7.06 -12.58 33.39
N GLU A 511 -6.24 -13.61 33.41
CA GLU A 511 -6.28 -14.69 32.44
C GLU A 511 -6.80 -15.93 33.15
N TYR A 512 -7.86 -16.52 32.59
CA TYR A 512 -8.46 -17.72 33.15
C TYR A 512 -8.09 -18.93 32.28
N ALA A 513 -7.65 -20.01 32.92
CA ALA A 513 -7.35 -21.25 32.21
C ALA A 513 -8.63 -22.07 32.15
N LEU A 514 -8.97 -22.52 30.94
CA LEU A 514 -10.22 -23.26 30.72
C LEU A 514 -10.01 -24.67 30.19
N SER A 515 -8.87 -24.97 29.57
CA SER A 515 -8.65 -26.26 28.94
C SER A 515 -7.20 -26.69 29.07
N LEU A 516 -7.00 -28.01 29.07
CA LEU A 516 -5.66 -28.59 29.24
C LEU A 516 -5.59 -29.95 28.57
N VAL A 517 -4.54 -30.16 27.76
CA VAL A 517 -4.27 -31.46 27.17
C VAL A 517 -2.78 -31.77 27.28
N SER A 518 -2.47 -33.06 27.24
CA SER A 518 -1.09 -33.57 27.16
C SER A 518 -1.01 -34.48 25.94
N CYS A 519 -0.14 -34.13 24.99
CA CYS A 519 -0.08 -34.88 23.74
C CYS A 519 1.15 -34.52 22.94
N LYS A 520 1.46 -35.37 21.94
CA LYS A 520 2.39 -35.06 20.87
C LYS A 520 1.61 -34.57 19.66
N LEU A 521 2.23 -33.70 18.85
CA LEU A 521 1.59 -33.20 17.64
C LEU A 521 2.48 -33.37 16.42
N GLY A 522 1.84 -33.62 15.28
CA GLY A 522 2.56 -33.67 14.01
C GLY A 522 3.69 -34.67 14.02
N LYS A 523 4.84 -34.22 13.51
CA LYS A 523 6.07 -34.99 13.51
C LYS A 523 6.97 -34.60 14.68
N ASP A 524 6.43 -33.86 15.64
CA ASP A 524 7.22 -33.40 16.78
C ASP A 524 7.27 -34.49 17.84
N PRO A 525 8.45 -35.03 18.15
CA PRO A 525 8.51 -36.13 19.12
C PRO A 525 8.25 -35.70 20.55
N ASN A 526 8.34 -34.40 20.85
CA ASN A 526 8.19 -33.93 22.22
C ASN A 526 6.74 -34.03 22.69
N THR A 527 6.57 -34.37 23.96
CA THR A 527 5.25 -34.43 24.58
C THR A 527 5.02 -33.11 25.32
N TYR A 528 3.92 -32.42 24.98
CA TYR A 528 3.69 -31.07 25.49
C TYR A 528 2.46 -30.99 26.38
N PHE A 529 2.49 -30.04 27.32
CA PHE A 529 1.29 -29.55 27.99
C PHE A 529 0.78 -28.36 27.20
N ILE A 530 -0.49 -28.38 26.82
CA ILE A 530 -1.11 -27.29 26.06
C ILE A 530 -2.32 -26.79 26.85
N VAL A 531 -2.35 -25.50 27.13
CA VAL A 531 -3.41 -24.88 27.93
C VAL A 531 -4.11 -23.84 27.07
N GLY A 532 -5.44 -23.85 27.10
CA GLY A 532 -6.25 -22.84 26.45
C GLY A 532 -6.83 -21.88 27.48
N THR A 533 -6.60 -20.60 27.27
CA THR A 533 -6.95 -19.56 28.22
C THR A 533 -7.87 -18.53 27.58
N ALA A 534 -8.49 -17.70 28.43
CA ALA A 534 -9.34 -16.61 27.97
C ALA A 534 -9.13 -15.40 28.87
N MET A 535 -9.03 -14.22 28.25
CA MET A 535 -8.88 -12.98 28.99
C MET A 535 -10.28 -12.56 29.46
N VAL A 536 -10.48 -12.55 30.78
CA VAL A 536 -11.79 -12.29 31.38
C VAL A 536 -11.75 -10.91 32.01
N TYR A 537 -12.62 -10.02 31.55
CA TYR A 537 -12.77 -8.69 32.14
C TYR A 537 -14.24 -8.50 32.52
N PRO A 538 -14.52 -8.03 33.75
CA PRO A 538 -15.91 -7.96 34.20
C PRO A 538 -16.86 -7.26 33.24
N GLU A 539 -16.34 -6.38 32.40
CA GLU A 539 -17.17 -5.64 31.47
C GLU A 539 -17.76 -6.54 30.39
N GLU A 540 -17.03 -7.55 29.97
CA GLU A 540 -17.41 -8.41 28.85
C GLU A 540 -18.42 -9.46 29.27
N ALA A 541 -19.58 -9.46 28.62
CA ALA A 541 -20.50 -10.56 28.81
C ALA A 541 -19.87 -11.87 28.34
N GLU A 542 -19.11 -11.81 27.23
CA GLU A 542 -18.36 -12.93 26.71
C GLU A 542 -16.95 -12.47 26.35
N PRO A 543 -15.91 -13.21 26.73
CA PRO A 543 -14.54 -12.77 26.42
C PRO A 543 -14.28 -12.75 24.92
N LYS A 544 -13.52 -11.73 24.49
CA LYS A 544 -13.12 -11.61 23.10
C LYS A 544 -11.62 -11.75 22.87
N GLN A 545 -10.87 -12.17 23.87
CA GLN A 545 -9.45 -12.37 23.73
C GLN A 545 -9.07 -13.66 24.43
N GLY A 546 -8.14 -14.40 23.85
CA GLY A 546 -7.66 -15.62 24.45
C GLY A 546 -6.34 -16.03 23.85
N ARG A 547 -5.68 -16.96 24.54
CA ARG A 547 -4.40 -17.48 24.13
C ARG A 547 -4.43 -19.00 24.19
N ILE A 548 -3.71 -19.64 23.26
CA ILE A 548 -3.37 -21.05 23.34
C ILE A 548 -1.87 -21.13 23.55
N VAL A 549 -1.46 -21.77 24.63
CA VAL A 549 -0.05 -21.84 25.03
C VAL A 549 0.40 -23.29 25.03
N VAL A 550 1.55 -23.54 24.41
CA VAL A 550 2.17 -24.86 24.36
C VAL A 550 3.36 -24.83 25.31
N PHE A 551 3.35 -25.72 26.30
CA PHE A 551 4.42 -25.83 27.27
C PHE A 551 5.14 -27.16 27.08
N GLN A 552 6.41 -27.19 27.46
CA GLN A 552 7.14 -28.45 27.60
C GLN A 552 7.65 -28.53 29.03
N TYR A 553 7.33 -29.63 29.72
CA TYR A 553 7.89 -29.89 31.03
C TYR A 553 9.14 -30.75 30.82
N SER A 554 10.30 -30.18 31.13
CA SER A 554 11.58 -30.86 30.92
C SER A 554 12.54 -30.46 32.02
N ASP A 555 13.15 -31.46 32.67
CA ASP A 555 14.18 -31.23 33.69
C ASP A 555 13.72 -30.22 34.74
N GLY A 556 12.53 -30.46 35.28
CA GLY A 556 12.06 -29.69 36.41
C GLY A 556 11.57 -28.30 36.08
N LYS A 557 11.65 -27.89 34.82
CA LYS A 557 11.23 -26.56 34.42
C LYS A 557 10.21 -26.68 33.31
N LEU A 558 9.27 -25.73 33.29
CA LEU A 558 8.25 -25.66 32.27
C LEU A 558 8.66 -24.56 31.30
N GLN A 559 8.80 -24.92 30.02
CA GLN A 559 9.27 -24.00 29.00
C GLN A 559 8.07 -23.63 28.14
N THR A 560 7.93 -22.34 27.86
CA THR A 560 6.90 -21.91 26.92
C THR A 560 7.42 -22.16 25.51
N VAL A 561 6.72 -23.00 24.76
CA VAL A 561 7.19 -23.42 23.44
C VAL A 561 6.60 -22.56 22.33
N ALA A 562 5.32 -22.22 22.42
CA ALA A 562 4.68 -21.41 21.39
C ALA A 562 3.33 -20.93 21.92
N GLU A 563 2.86 -19.82 21.35
CA GLU A 563 1.57 -19.26 21.73
C GLU A 563 0.86 -18.77 20.48
N LYS A 564 -0.46 -18.93 20.48
CA LYS A 564 -1.33 -18.53 19.38
C LYS A 564 -2.44 -17.68 19.98
N GLU A 565 -2.60 -16.46 19.47
CA GLU A 565 -3.68 -15.60 19.95
C GLU A 565 -4.99 -16.00 19.27
N VAL A 566 -6.07 -16.02 20.06
CA VAL A 566 -7.39 -16.29 19.54
C VAL A 566 -8.30 -15.15 19.95
N LYS A 567 -9.41 -15.02 19.23
CA LYS A 567 -10.36 -13.93 19.45
C LYS A 567 -11.55 -14.40 20.30
N GLY A 568 -11.27 -15.09 21.39
CA GLY A 568 -12.33 -15.59 22.24
C GLY A 568 -11.79 -16.44 23.37
N ALA A 569 -12.66 -17.31 23.88
CA ALA A 569 -12.36 -18.17 25.03
C ALA A 569 -12.11 -19.60 24.57
N VAL A 570 -10.96 -20.17 24.97
CA VAL A 570 -10.63 -21.54 24.62
C VAL A 570 -11.27 -22.44 25.68
N TYR A 571 -12.54 -22.80 25.45
CA TYR A 571 -13.28 -23.54 26.47
C TYR A 571 -12.82 -25.00 26.54
N SER A 572 -12.55 -25.62 25.39
CA SER A 572 -12.18 -27.04 25.37
C SER A 572 -11.23 -27.35 24.22
N MET A 573 -10.37 -28.35 24.45
CA MET A 573 -9.41 -28.82 23.47
C MET A 573 -9.31 -30.35 23.51
N VAL A 574 -8.87 -30.95 22.40
CA VAL A 574 -8.72 -32.41 22.32
C VAL A 574 -7.82 -32.74 21.14
N GLU A 575 -6.89 -33.69 21.35
CA GLU A 575 -5.98 -34.10 20.30
C GLU A 575 -6.72 -34.89 19.21
N PHE A 576 -6.42 -34.58 17.95
CA PHE A 576 -7.12 -35.17 16.81
C PHE A 576 -6.09 -35.63 15.77
N ASN A 577 -5.68 -36.89 15.87
CA ASN A 577 -4.81 -37.53 14.88
C ASN A 577 -3.62 -36.63 14.53
N GLY A 578 -2.87 -36.27 15.56
CA GLY A 578 -1.70 -35.41 15.40
C GLY A 578 -1.99 -33.94 15.24
N LYS A 579 -3.26 -33.54 15.26
CA LYS A 579 -3.68 -32.16 15.12
C LYS A 579 -4.40 -31.74 16.39
N LEU A 580 -4.49 -30.43 16.61
CA LEU A 580 -5.09 -29.89 17.82
C LEU A 580 -6.46 -29.32 17.51
N LEU A 581 -7.50 -29.93 18.10
CA LEU A 581 -8.88 -29.51 17.93
C LEU A 581 -9.31 -28.66 19.11
N ALA A 582 -9.74 -27.43 18.84
CA ALA A 582 -10.04 -26.47 19.89
C ALA A 582 -11.35 -25.75 19.63
N SER A 583 -12.02 -25.36 20.72
CA SER A 583 -13.30 -24.67 20.65
C SER A 583 -13.12 -23.26 21.22
N ILE A 584 -13.30 -22.26 20.39
CA ILE A 584 -13.13 -20.86 20.76
C ILE A 584 -14.47 -20.16 20.51
N ASN A 585 -15.21 -19.88 21.59
CA ASN A 585 -16.49 -19.19 21.49
C ASN A 585 -17.46 -19.95 20.60
N SER A 586 -17.83 -19.37 19.46
CA SER A 586 -18.80 -19.98 18.55
C SER A 586 -18.15 -20.82 17.46
N THR A 587 -16.84 -21.08 17.54
CA THR A 587 -16.13 -21.78 16.48
C THR A 587 -15.42 -23.01 17.03
N VAL A 588 -15.34 -24.03 16.18
CA VAL A 588 -14.54 -25.23 16.42
C VAL A 588 -13.44 -25.23 15.36
N ARG A 589 -12.18 -25.33 15.80
CA ARG A 589 -11.05 -25.19 14.90
C ARG A 589 -10.10 -26.38 15.01
N LEU A 590 -9.48 -26.71 13.88
CA LEU A 590 -8.42 -27.72 13.82
C LEU A 590 -7.14 -27.00 13.42
N TYR A 591 -6.09 -27.17 14.22
CA TYR A 591 -4.78 -26.60 13.97
C TYR A 591 -3.81 -27.71 13.56
N GLU A 592 -2.84 -27.38 12.71
CA GLU A 592 -1.71 -28.26 12.47
C GLU A 592 -0.46 -27.70 13.14
N TRP A 593 0.41 -28.62 13.57
CA TRP A 593 1.67 -28.29 14.24
C TRP A 593 2.76 -28.35 13.19
N THR A 594 3.33 -27.20 12.86
CA THR A 594 4.28 -27.14 11.76
C THR A 594 5.67 -27.59 12.22
N THR A 595 6.55 -27.81 11.24
CA THR A 595 7.95 -28.08 11.55
C THR A 595 8.64 -26.89 12.20
N GLU A 596 8.04 -25.70 12.15
CA GLU A 596 8.54 -24.54 12.87
C GLU A 596 7.96 -24.42 14.27
N LYS A 597 7.32 -25.47 14.78
CA LYS A 597 6.80 -25.48 16.14
C LYS A 597 5.88 -24.28 16.38
N GLU A 598 4.91 -24.12 15.49
CA GLU A 598 3.85 -23.12 15.64
C GLU A 598 2.52 -23.72 15.20
N LEU A 599 1.44 -23.22 15.77
CA LEU A 599 0.10 -23.66 15.42
C LEU A 599 -0.41 -22.89 14.22
N ARG A 600 -1.10 -23.60 13.33
CA ARG A 600 -1.65 -23.02 12.11
C ARG A 600 -3.09 -23.44 11.92
N THR A 601 -3.95 -22.48 11.59
CA THR A 601 -5.35 -22.81 11.33
C THR A 601 -5.44 -23.64 10.06
N GLU A 602 -6.10 -24.79 10.15
CA GLU A 602 -6.39 -25.60 8.96
C GLU A 602 -7.83 -25.41 8.47
N CYS A 603 -8.81 -25.62 9.36
CA CYS A 603 -10.21 -25.53 8.97
C CYS A 603 -11.07 -25.15 10.17
N ASN A 604 -12.30 -24.72 9.89
CA ASN A 604 -13.21 -24.23 10.93
C ASN A 604 -14.64 -24.72 10.72
N HIS A 605 -15.40 -24.71 11.81
CA HIS A 605 -16.85 -24.91 11.81
C HIS A 605 -17.44 -23.83 12.71
N TYR A 606 -18.55 -23.20 12.27
CA TYR A 606 -18.99 -21.98 12.92
C TYR A 606 -20.41 -21.96 13.49
N ASN A 607 -21.26 -22.96 13.23
CA ASN A 607 -22.67 -22.82 13.61
C ASN A 607 -22.96 -23.41 15.00
N ASN A 608 -22.37 -22.75 16.00
CA ASN A 608 -22.58 -23.07 17.41
C ASN A 608 -22.81 -21.77 18.16
N ILE A 609 -23.62 -21.84 19.22
CA ILE A 609 -23.77 -20.68 20.10
C ILE A 609 -22.56 -20.55 21.01
N MET A 610 -22.21 -21.61 21.73
CA MET A 610 -20.98 -21.63 22.49
C MET A 610 -20.46 -23.06 22.48
N ALA A 611 -19.29 -23.28 21.89
CA ALA A 611 -18.71 -24.62 21.79
C ALA A 611 -18.00 -24.92 23.11
N LEU A 612 -18.75 -25.50 24.04
CA LEU A 612 -18.28 -25.67 25.41
C LEU A 612 -17.55 -27.00 25.65
N TYR A 613 -17.98 -28.08 25.01
CA TYR A 613 -17.42 -29.40 25.23
C TYR A 613 -17.14 -30.08 23.90
N LEU A 614 -16.09 -30.89 23.86
CA LEU A 614 -15.67 -31.61 22.65
C LEU A 614 -15.19 -33.01 23.00
N LYS A 615 -15.42 -33.94 22.05
CA LYS A 615 -15.03 -35.35 22.20
C LYS A 615 -14.80 -35.93 20.81
N THR A 616 -13.81 -36.83 20.68
CA THR A 616 -13.40 -37.37 19.39
C THR A 616 -13.36 -38.90 19.39
N LYS A 617 -13.76 -39.51 18.27
CA LYS A 617 -13.53 -40.94 18.02
C LYS A 617 -13.23 -41.10 16.54
N GLY A 618 -11.99 -41.45 16.21
CA GLY A 618 -11.61 -41.54 14.81
C GLY A 618 -11.58 -40.16 14.20
N ASP A 619 -12.16 -40.02 13.00
CA ASP A 619 -12.30 -38.73 12.35
C ASP A 619 -13.63 -38.06 12.65
N PHE A 620 -14.35 -38.53 13.67
CA PHE A 620 -15.62 -37.95 14.09
C PHE A 620 -15.44 -37.08 15.34
N ILE A 621 -16.22 -36.00 15.43
CA ILE A 621 -16.16 -35.07 16.56
C ILE A 621 -17.56 -34.70 17.03
N LEU A 622 -17.79 -34.79 18.34
CA LEU A 622 -19.04 -34.39 18.98
C LEU A 622 -18.89 -33.04 19.67
N VAL A 623 -19.80 -32.12 19.36
CA VAL A 623 -19.74 -30.74 19.84
C VAL A 623 -20.90 -30.48 20.79
N GLY A 624 -20.59 -29.96 21.99
CA GLY A 624 -21.62 -29.68 22.96
C GLY A 624 -21.86 -28.19 23.17
N ASP A 625 -23.08 -27.74 22.88
CA ASP A 625 -23.44 -26.34 22.92
C ASP A 625 -24.35 -26.01 24.09
N LEU A 626 -24.35 -24.72 24.46
CA LEU A 626 -25.10 -24.24 25.61
C LEU A 626 -26.60 -24.43 25.43
N MET A 627 -27.11 -24.27 24.20
CA MET A 627 -28.53 -24.45 23.95
C MET A 627 -28.85 -25.34 22.76
N ARG A 628 -27.88 -25.68 21.93
CA ARG A 628 -28.09 -26.48 20.73
C ARG A 628 -27.76 -27.96 20.94
N SER A 629 -27.63 -28.38 22.21
CA SER A 629 -27.45 -29.79 22.58
C SER A 629 -26.18 -30.30 21.93
N VAL A 630 -26.23 -31.37 21.13
CA VAL A 630 -25.05 -32.02 20.57
C VAL A 630 -25.15 -32.05 19.05
N LEU A 631 -24.03 -31.71 18.40
CA LEU A 631 -23.92 -31.69 16.95
C LEU A 631 -22.77 -32.63 16.56
N LEU A 632 -23.04 -33.57 15.66
CA LEU A 632 -22.05 -34.56 15.24
C LEU A 632 -21.27 -34.05 14.03
N LEU A 633 -19.98 -33.85 14.21
CA LEU A 633 -19.09 -33.46 13.12
C LEU A 633 -18.23 -34.62 12.61
N ALA A 634 -17.70 -34.44 11.40
CA ALA A 634 -16.70 -35.33 10.84
C ALA A 634 -15.64 -34.51 10.11
N TYR A 635 -14.38 -34.89 10.28
CA TYR A 635 -13.26 -34.33 9.54
C TYR A 635 -13.14 -35.11 8.23
N LYS A 636 -13.11 -34.40 7.11
CA LYS A 636 -12.99 -35.09 5.83
C LYS A 636 -11.60 -34.91 5.25
N PRO A 637 -10.70 -35.89 5.42
CA PRO A 637 -9.29 -35.66 5.09
C PRO A 637 -9.04 -35.41 3.62
N MET A 638 -9.83 -36.02 2.73
CA MET A 638 -9.63 -35.79 1.30
C MET A 638 -9.78 -34.31 0.96
N GLU A 639 -10.59 -33.58 1.71
CA GLU A 639 -10.90 -32.17 1.43
C GLU A 639 -10.18 -31.18 2.34
N GLY A 640 -9.82 -31.58 3.56
CA GLY A 640 -9.24 -30.68 4.53
C GLY A 640 -10.23 -29.72 5.19
N ASN A 641 -11.36 -30.24 5.68
CA ASN A 641 -12.39 -29.41 6.29
C ASN A 641 -13.35 -30.28 7.09
N PHE A 642 -14.29 -29.63 7.78
CA PHE A 642 -15.33 -30.30 8.56
C PHE A 642 -16.62 -30.43 7.75
N GLU A 643 -17.45 -31.40 8.14
CA GLU A 643 -18.79 -31.56 7.59
C GLU A 643 -19.76 -31.78 8.75
N GLU A 644 -20.90 -31.07 8.73
CA GLU A 644 -21.95 -31.35 9.70
C GLU A 644 -22.58 -32.70 9.35
N ILE A 645 -22.59 -33.62 10.29
CA ILE A 645 -23.26 -34.90 10.07
C ILE A 645 -24.70 -34.87 10.57
N ALA A 646 -24.90 -34.45 11.82
CA ALA A 646 -26.24 -34.52 12.42
C ALA A 646 -26.31 -33.67 13.67
N ARG A 647 -27.52 -33.18 13.97
CA ARG A 647 -27.79 -32.33 15.12
C ARG A 647 -29.00 -32.82 15.89
N ASP A 648 -28.96 -32.68 17.22
CA ASP A 648 -30.12 -32.99 18.04
C ASP A 648 -31.05 -31.79 18.08
N PHE A 649 -32.26 -31.94 17.56
CA PHE A 649 -33.20 -30.81 17.42
C PHE A 649 -33.98 -30.49 18.69
N ASN A 650 -34.03 -31.39 19.68
CA ASN A 650 -34.57 -31.04 21.00
C ASN A 650 -33.58 -30.13 21.72
N PRO A 651 -33.98 -28.94 22.19
CA PRO A 651 -32.97 -28.01 22.75
C PRO A 651 -32.63 -28.36 24.19
N ASN A 652 -31.32 -28.38 24.49
CA ASN A 652 -30.82 -28.70 25.81
C ASN A 652 -29.63 -27.83 26.19
N TRP A 653 -29.45 -27.70 27.50
CA TRP A 653 -28.33 -27.02 28.14
C TRP A 653 -27.33 -28.07 28.64
N MET A 654 -26.17 -28.15 28.00
CA MET A 654 -25.22 -29.23 28.22
C MET A 654 -24.25 -28.94 29.36
N SER A 655 -23.95 -29.97 30.13
CA SER A 655 -22.90 -29.91 31.16
C SER A 655 -21.66 -30.72 30.81
N ALA A 656 -21.81 -31.85 30.11
CA ALA A 656 -20.70 -32.64 29.61
C ALA A 656 -21.30 -33.71 28.70
N VAL A 657 -20.52 -34.11 27.71
CA VAL A 657 -20.95 -35.08 26.72
C VAL A 657 -19.88 -36.17 26.65
N GLU A 658 -20.26 -37.31 26.07
CA GLU A 658 -19.32 -38.39 25.86
C GLU A 658 -19.79 -39.24 24.70
N ILE A 659 -18.83 -39.85 24.00
CA ILE A 659 -19.11 -40.74 22.88
C ILE A 659 -19.11 -42.17 23.42
N LEU A 660 -20.20 -42.90 23.20
CA LEU A 660 -20.28 -44.28 23.64
C LEU A 660 -19.75 -45.25 22.58
N ASP A 661 -20.18 -45.08 21.33
CA ASP A 661 -19.68 -45.87 20.22
C ASP A 661 -19.94 -45.07 18.94
N ASP A 662 -19.63 -45.67 17.79
CA ASP A 662 -19.67 -44.89 16.55
C ASP A 662 -21.06 -44.35 16.25
N ASP A 663 -22.10 -44.88 16.89
CA ASP A 663 -23.46 -44.44 16.64
C ASP A 663 -24.18 -43.80 17.82
N ASN A 664 -23.79 -44.12 19.05
CA ASN A 664 -24.48 -43.64 20.24
C ASN A 664 -23.67 -42.56 20.95
N PHE A 665 -24.36 -41.52 21.45
CA PHE A 665 -23.72 -40.39 22.09
C PHE A 665 -24.44 -40.04 23.37
N LEU A 666 -23.66 -39.77 24.42
CA LEU A 666 -24.19 -39.52 25.76
C LEU A 666 -24.10 -38.04 26.09
N GLY A 667 -25.10 -37.55 26.82
CA GLY A 667 -25.13 -36.16 27.17
C GLY A 667 -25.63 -35.97 28.59
N ALA A 668 -25.28 -34.83 29.15
CA ALA A 668 -25.67 -34.49 30.51
C ALA A 668 -26.26 -33.09 30.49
N GLU A 669 -27.45 -32.95 31.07
CA GLU A 669 -28.15 -31.69 31.06
C GLU A 669 -27.87 -30.98 32.37
N ASN A 670 -28.14 -29.69 32.40
CA ASN A 670 -28.06 -28.95 33.66
C ASN A 670 -29.24 -29.18 34.57
N ALA A 671 -30.28 -29.89 34.10
CA ALA A 671 -31.45 -30.22 34.91
C ALA A 671 -31.33 -31.59 35.55
N PHE A 672 -30.11 -32.06 35.78
CA PHE A 672 -29.85 -33.37 36.38
C PHE A 672 -30.47 -34.50 35.56
N ASN A 673 -30.33 -34.41 34.24
CA ASN A 673 -30.89 -35.38 33.31
C ASN A 673 -29.80 -35.92 32.41
N LEU A 674 -29.94 -37.18 32.00
CA LEU A 674 -29.01 -37.83 31.09
C LEU A 674 -29.78 -38.34 29.87
N PHE A 675 -29.21 -38.13 28.68
CA PHE A 675 -29.88 -38.52 27.43
C PHE A 675 -28.84 -39.07 26.46
N VAL A 676 -29.29 -39.96 25.59
CA VAL A 676 -28.46 -40.64 24.60
C VAL A 676 -29.05 -40.40 23.22
N CYS A 677 -28.23 -39.85 22.33
CA CYS A 677 -28.59 -39.63 20.93
C CYS A 677 -27.89 -40.65 20.04
N GLN A 678 -28.56 -41.01 18.94
CA GLN A 678 -28.03 -41.97 17.98
C GLN A 678 -28.31 -41.45 16.56
N LYS A 679 -27.45 -41.84 15.62
CA LYS A 679 -27.76 -41.63 14.20
C LYS A 679 -29.06 -42.34 13.86
N ASP A 680 -29.91 -41.66 13.09
CA ASP A 680 -31.25 -42.19 12.87
C ASP A 680 -31.22 -43.55 12.19
N SER A 681 -30.05 -44.00 11.76
CA SER A 681 -29.80 -45.32 11.17
C SER A 681 -30.70 -45.63 9.98
N ALA A 682 -31.38 -44.65 9.41
CA ALA A 682 -32.23 -44.85 8.25
C ALA A 682 -31.73 -43.86 7.21
N ALA A 683 -31.09 -44.37 6.17
CA ALA A 683 -30.47 -43.54 5.16
C ALA A 683 -31.41 -43.24 3.98
N THR A 684 -32.70 -43.50 4.14
CA THR A 684 -33.70 -43.14 3.12
C THR A 684 -33.42 -41.75 2.54
N THR A 685 -33.49 -40.73 3.37
CA THR A 685 -33.16 -39.35 2.99
C THR A 685 -31.99 -38.86 3.83
N ASP A 686 -31.14 -38.02 3.23
CA ASP A 686 -30.03 -37.44 3.99
C ASP A 686 -30.52 -36.83 5.29
N GLU A 687 -31.71 -36.23 5.25
CA GLU A 687 -32.26 -35.50 6.39
C GLU A 687 -32.48 -36.41 7.60
N GLU A 688 -32.97 -37.63 7.37
CA GLU A 688 -33.31 -38.50 8.49
C GLU A 688 -32.10 -38.78 9.36
N ARG A 689 -30.96 -39.11 8.73
CA ARG A 689 -29.75 -39.36 9.50
C ARG A 689 -29.33 -38.11 10.25
N GLN A 690 -29.54 -36.94 9.63
CA GLN A 690 -29.15 -35.68 10.25
C GLN A 690 -29.88 -35.44 11.57
N HIS A 691 -31.00 -36.12 11.81
CA HIS A 691 -31.74 -35.94 13.05
C HIS A 691 -31.10 -36.92 14.02
N LEU A 692 -30.31 -36.41 14.97
CA LEU A 692 -29.77 -37.22 16.04
C LEU A 692 -30.95 -37.44 16.98
N GLN A 693 -31.47 -38.65 17.04
CA GLN A 693 -32.72 -38.91 17.75
C GLN A 693 -32.40 -39.39 19.15
N GLU A 694 -32.95 -38.69 20.14
CA GLU A 694 -32.77 -39.04 21.53
C GLU A 694 -33.51 -40.33 21.81
N VAL A 695 -32.76 -41.44 21.97
CA VAL A 695 -33.38 -42.72 22.25
C VAL A 695 -33.26 -43.09 23.73
N GLY A 696 -32.43 -42.38 24.48
CA GLY A 696 -32.30 -42.61 25.90
C GLY A 696 -32.61 -41.35 26.68
N LEU A 697 -33.45 -41.48 27.70
CA LEU A 697 -33.80 -40.38 28.60
C LEU A 697 -33.80 -40.95 30.01
N PHE A 698 -33.17 -40.25 30.94
CA PHE A 698 -33.00 -40.72 32.31
C PHE A 698 -32.76 -39.51 33.21
N HIS A 699 -33.38 -39.51 34.39
CA HIS A 699 -33.14 -38.46 35.37
C HIS A 699 -32.16 -38.99 36.40
N LEU A 700 -30.89 -38.60 36.26
CA LEU A 700 -29.87 -39.06 37.19
C LEU A 700 -30.10 -38.45 38.58
N GLY A 701 -30.46 -37.18 38.64
CA GLY A 701 -30.58 -36.47 39.89
C GLY A 701 -29.30 -35.83 40.39
N GLU A 702 -28.21 -35.93 39.63
CA GLU A 702 -26.92 -35.37 39.97
C GLU A 702 -26.42 -34.56 38.78
N PHE A 703 -25.49 -33.64 39.06
CA PHE A 703 -24.95 -32.73 38.05
C PHE A 703 -23.64 -33.32 37.55
N VAL A 704 -23.61 -33.73 36.29
CA VAL A 704 -22.42 -34.34 35.70
C VAL A 704 -21.54 -33.24 35.09
N ASN A 705 -20.30 -33.16 35.54
CA ASN A 705 -19.32 -32.25 34.96
C ASN A 705 -18.34 -32.93 34.01
N VAL A 706 -17.99 -34.18 34.25
CA VAL A 706 -16.97 -34.86 33.47
C VAL A 706 -17.39 -36.29 33.20
N PHE A 707 -17.26 -36.70 31.94
CA PHE A 707 -17.47 -38.07 31.47
C PHE A 707 -16.10 -38.58 31.03
N CYS A 708 -15.72 -39.77 31.48
CA CYS A 708 -14.38 -40.29 31.17
C CYS A 708 -14.40 -41.80 31.02
N HIS A 709 -13.85 -42.30 29.90
CA HIS A 709 -13.75 -43.73 29.67
C HIS A 709 -12.75 -44.39 30.61
N GLY A 710 -13.12 -45.55 31.13
CA GLY A 710 -12.23 -46.32 31.99
C GLY A 710 -13.01 -47.12 33.02
N SER A 711 -12.27 -47.97 33.74
CA SER A 711 -12.85 -48.71 34.84
C SER A 711 -11.84 -48.87 35.97
N LEU A 712 -12.37 -48.82 37.20
CA LEU A 712 -11.61 -49.00 38.43
C LEU A 712 -11.50 -50.46 38.85
N VAL A 713 -12.25 -51.37 38.20
CA VAL A 713 -12.19 -52.76 38.59
C VAL A 713 -10.84 -53.34 38.22
N MET A 714 -10.28 -54.14 39.13
CA MET A 714 -9.03 -54.83 38.82
C MET A 714 -9.28 -55.78 37.67
N GLN A 715 -8.40 -55.77 36.68
CA GLN A 715 -8.48 -56.69 35.56
C GLN A 715 -7.27 -57.61 35.67
N ASN A 716 -7.51 -58.88 35.96
CA ASN A 716 -6.46 -59.88 36.02
C ASN A 716 -6.42 -60.69 34.73
N LEU A 717 -7.34 -60.40 33.81
CA LEU A 717 -7.60 -61.08 32.55
C LEU A 717 -8.48 -62.31 32.79
N GLY A 718 -8.64 -62.76 34.04
CA GLY A 718 -9.56 -63.84 34.41
C GLY A 718 -11.01 -63.44 34.64
N GLU A 719 -11.33 -62.13 34.61
CA GLU A 719 -12.67 -61.63 34.91
C GLU A 719 -13.67 -62.09 33.84
N THR A 720 -14.67 -62.85 34.27
CA THR A 720 -15.75 -63.27 33.38
C THR A 720 -16.32 -62.11 32.59
N SER A 721 -16.53 -62.32 31.28
CA SER A 721 -17.04 -61.26 30.43
C SER A 721 -18.47 -60.97 30.86
N THR A 722 -18.70 -59.76 31.38
CA THR A 722 -20.00 -59.35 31.87
C THR A 722 -20.98 -59.12 30.71
N PRO A 723 -22.28 -59.17 31.01
CA PRO A 723 -23.26 -58.80 29.97
C PRO A 723 -23.07 -57.38 29.47
N THR A 724 -22.67 -56.48 30.36
CA THR A 724 -22.50 -55.08 30.02
C THR A 724 -21.28 -54.90 29.14
N GLN A 725 -21.35 -53.99 28.18
CA GLN A 725 -20.21 -53.70 27.33
C GLN A 725 -19.91 -52.20 27.31
N GLY A 726 -18.64 -51.87 27.51
CA GLY A 726 -18.16 -50.51 27.60
C GLY A 726 -18.09 -50.03 29.05
N SER A 727 -17.42 -48.88 29.23
CA SER A 727 -17.29 -48.35 30.59
C SER A 727 -17.00 -46.85 30.52
N VAL A 728 -17.97 -46.06 30.96
CA VAL A 728 -17.84 -44.62 31.09
C VAL A 728 -18.11 -44.27 32.55
N LEU A 729 -17.12 -43.66 33.20
CA LEU A 729 -17.27 -43.15 34.54
C LEU A 729 -17.63 -41.67 34.47
N PHE A 730 -18.43 -41.20 35.41
CA PHE A 730 -18.75 -39.78 35.46
C PHE A 730 -18.66 -39.24 36.89
N GLY A 731 -18.26 -37.97 36.98
CA GLY A 731 -18.14 -37.28 38.24
C GLY A 731 -19.17 -36.17 38.35
N THR A 732 -19.60 -35.88 39.58
CA THR A 732 -20.69 -34.95 39.81
C THR A 732 -20.32 -33.92 40.87
N VAL A 733 -21.21 -32.92 41.02
CA VAL A 733 -20.97 -31.83 41.96
C VAL A 733 -21.05 -32.32 43.40
N ASN A 734 -21.96 -33.26 43.69
CA ASN A 734 -22.15 -33.74 45.05
C ASN A 734 -21.21 -34.88 45.42
N GLY A 735 -20.20 -35.14 44.61
CA GLY A 735 -19.25 -36.20 44.87
C GLY A 735 -19.68 -37.58 44.44
N MET A 736 -20.87 -37.73 43.88
CA MET A 736 -21.32 -39.00 43.35
C MET A 736 -20.51 -39.36 42.11
N ILE A 737 -20.08 -40.63 42.03
CA ILE A 737 -19.38 -41.16 40.87
C ILE A 737 -20.22 -42.30 40.29
N GLY A 738 -20.48 -42.27 38.98
CA GLY A 738 -21.30 -43.28 38.34
C GLY A 738 -20.60 -43.89 37.14
N LEU A 739 -21.22 -44.96 36.62
CA LEU A 739 -20.67 -45.69 35.48
C LEU A 739 -21.83 -45.98 34.52
N VAL A 740 -21.64 -45.67 33.25
CA VAL A 740 -22.62 -45.94 32.20
C VAL A 740 -22.04 -47.01 31.30
N THR A 741 -22.85 -48.01 30.96
CA THR A 741 -22.43 -49.11 30.11
C THR A 741 -23.61 -49.55 29.26
N SER A 742 -23.30 -50.25 28.17
CA SER A 742 -24.30 -50.66 27.20
C SER A 742 -24.72 -52.11 27.39
N LEU A 743 -25.93 -52.39 26.90
CA LEU A 743 -26.54 -53.71 26.99
C LEU A 743 -26.97 -54.14 25.58
N SER A 744 -27.16 -55.45 25.42
CA SER A 744 -27.85 -55.97 24.25
C SER A 744 -29.36 -55.80 24.43
N GLU A 745 -30.09 -55.83 23.30
CA GLU A 745 -31.54 -55.69 23.40
C GLU A 745 -32.11 -56.71 24.37
N SER A 746 -31.62 -57.95 24.31
CA SER A 746 -32.11 -59.01 25.18
C SER A 746 -31.90 -58.69 26.65
N TRP A 747 -30.68 -58.23 27.01
CA TRP A 747 -30.38 -58.03 28.42
C TRP A 747 -31.16 -56.86 28.98
N TYR A 748 -31.34 -55.81 28.18
CA TYR A 748 -32.17 -54.68 28.57
C TYR A 748 -33.57 -55.15 28.92
N ASN A 749 -34.24 -55.86 28.00
CA ASN A 749 -35.62 -56.26 28.24
C ASN A 749 -35.74 -57.06 29.52
N LEU A 750 -34.81 -57.99 29.75
CA LEU A 750 -34.82 -58.76 30.98
C LEU A 750 -34.72 -57.85 32.21
N LEU A 751 -33.75 -56.95 32.19
CA LEU A 751 -33.55 -56.08 33.36
C LEU A 751 -34.67 -55.06 33.47
N LEU A 752 -35.19 -54.58 32.33
CA LEU A 752 -36.33 -53.66 32.39
C LEU A 752 -37.56 -54.33 32.98
N ASP A 753 -37.94 -55.52 32.45
CA ASP A 753 -39.09 -56.22 32.98
C ASP A 753 -38.93 -56.49 34.47
N MET A 754 -37.70 -56.79 34.89
CA MET A 754 -37.44 -57.02 36.30
C MET A 754 -37.62 -55.76 37.13
N GLN A 755 -37.23 -54.59 36.59
CA GLN A 755 -37.44 -53.36 37.34
C GLN A 755 -38.93 -53.18 37.65
N ASN A 756 -39.79 -53.31 36.63
CA ASN A 756 -41.22 -53.16 36.84
C ASN A 756 -41.71 -54.10 37.93
N ARG A 757 -41.12 -55.30 38.00
CA ARG A 757 -41.51 -56.25 39.04
C ARG A 757 -40.95 -55.83 40.39
N LEU A 758 -39.70 -55.35 40.41
CA LEU A 758 -39.12 -54.90 41.67
C LEU A 758 -39.86 -53.69 42.23
N ASN A 759 -40.30 -52.78 41.37
CA ASN A 759 -40.97 -51.58 41.86
C ASN A 759 -42.29 -51.93 42.54
N LYS A 760 -43.00 -52.96 42.05
CA LYS A 760 -44.22 -53.37 42.71
C LYS A 760 -43.93 -54.00 44.07
N VAL A 761 -42.73 -54.56 44.25
CA VAL A 761 -42.40 -55.28 45.47
C VAL A 761 -41.76 -54.37 46.50
N ILE A 762 -40.86 -53.49 46.07
CA ILE A 762 -40.02 -52.74 47.00
C ILE A 762 -40.79 -51.53 47.51
N LYS A 763 -40.74 -51.31 48.81
CA LYS A 763 -41.43 -50.21 49.47
C LYS A 763 -40.53 -48.98 49.44
N SER A 764 -41.03 -47.89 48.88
CA SER A 764 -40.27 -46.66 48.78
C SER A 764 -40.49 -45.79 50.01
N VAL A 765 -39.43 -45.11 50.44
CA VAL A 765 -39.58 -44.14 51.51
C VAL A 765 -40.39 -42.97 50.98
N GLY A 766 -41.41 -42.58 51.73
CA GLY A 766 -42.31 -41.54 51.26
C GLY A 766 -43.29 -42.00 50.22
N LYS A 767 -43.28 -43.27 49.86
CA LYS A 767 -44.17 -43.81 48.85
C LYS A 767 -44.02 -43.06 47.54
N ILE A 768 -42.77 -42.83 47.15
CA ILE A 768 -42.46 -42.16 45.89
C ILE A 768 -42.35 -43.21 44.80
N GLU A 769 -43.12 -43.03 43.73
CA GLU A 769 -43.04 -43.93 42.59
C GLU A 769 -41.67 -43.81 41.92
N HIS A 770 -41.01 -44.96 41.74
CA HIS A 770 -39.71 -44.97 41.09
C HIS A 770 -39.80 -44.43 39.67
N SER A 771 -40.82 -44.86 38.92
CA SER A 771 -40.97 -44.41 37.54
C SER A 771 -41.02 -42.89 37.44
N PHE A 772 -41.68 -42.23 38.40
CA PHE A 772 -41.68 -40.77 38.42
C PHE A 772 -40.29 -40.21 38.69
N TRP A 773 -39.56 -40.85 39.60
CA TRP A 773 -38.24 -40.36 40.00
C TRP A 773 -37.28 -40.29 38.82
N ARG A 774 -37.24 -41.34 38.01
CA ARG A 774 -36.32 -41.37 36.87
C ARG A 774 -36.87 -40.68 35.63
N SER A 775 -38.12 -40.19 35.67
CA SER A 775 -38.68 -39.49 34.53
C SER A 775 -37.88 -38.23 34.23
N PHE A 776 -37.48 -38.08 32.96
CA PHE A 776 -36.83 -36.86 32.49
C PHE A 776 -37.60 -35.65 32.99
N HIS A 777 -36.92 -34.67 33.57
CA HIS A 777 -37.63 -33.53 34.14
C HIS A 777 -36.83 -32.25 33.93
N THR A 778 -37.32 -31.43 33.00
CA THR A 778 -36.99 -30.02 32.90
C THR A 778 -38.18 -29.24 33.45
N GLU A 779 -37.96 -27.98 33.82
CA GLU A 779 -39.10 -27.21 34.33
C GLU A 779 -40.24 -27.20 33.31
N ARG A 780 -39.90 -27.13 32.03
CA ARG A 780 -40.90 -27.04 30.97
C ARG A 780 -41.51 -28.39 30.65
N LYS A 781 -40.71 -29.46 30.60
CA LYS A 781 -41.20 -30.74 30.11
C LYS A 781 -40.83 -31.89 31.06
N THR A 782 -41.63 -32.96 30.98
CA THR A 782 -41.43 -34.18 31.74
C THR A 782 -41.74 -35.38 30.86
N GLU A 783 -40.82 -36.34 30.82
CA GLU A 783 -40.99 -37.54 30.01
C GLU A 783 -40.66 -38.79 30.81
N PRO A 784 -41.29 -39.92 30.47
CA PRO A 784 -40.91 -41.19 31.10
C PRO A 784 -39.51 -41.59 30.66
N ALA A 785 -38.78 -42.23 31.57
CA ALA A 785 -37.43 -42.68 31.25
C ALA A 785 -37.47 -43.75 30.15
N THR A 786 -36.39 -43.78 29.36
CA THR A 786 -36.29 -44.77 28.29
C THR A 786 -34.83 -45.09 28.00
N GLY A 787 -34.60 -46.34 27.62
CA GLY A 787 -33.28 -46.80 27.21
C GLY A 787 -32.28 -46.96 28.32
N PHE A 788 -32.69 -46.83 29.57
CA PHE A 788 -31.78 -46.85 30.71
C PHE A 788 -32.30 -47.81 31.76
N ILE A 789 -31.40 -48.53 32.40
CA ILE A 789 -31.72 -49.45 33.48
C ILE A 789 -31.13 -48.88 34.75
N ASP A 790 -31.98 -48.61 35.73
CA ASP A 790 -31.47 -48.12 37.01
C ASP A 790 -30.75 -49.29 37.68
N GLY A 791 -29.43 -49.31 37.57
CA GLY A 791 -28.67 -50.42 38.12
C GLY A 791 -28.89 -50.58 39.61
N ASP A 792 -29.08 -49.47 40.32
CA ASP A 792 -29.28 -49.52 41.76
C ASP A 792 -30.57 -50.26 42.11
N LEU A 793 -31.61 -50.09 41.30
CA LEU A 793 -32.83 -50.84 41.52
C LEU A 793 -32.61 -52.33 41.26
N ILE A 794 -31.90 -52.66 40.19
CA ILE A 794 -31.59 -54.05 39.89
C ILE A 794 -30.71 -54.64 41.00
N GLU A 795 -29.70 -53.89 41.44
CA GLU A 795 -28.77 -54.37 42.46
C GLU A 795 -29.39 -54.42 43.84
N SER A 796 -30.57 -53.84 44.04
CA SER A 796 -31.28 -53.96 45.31
C SER A 796 -32.02 -55.28 45.44
N PHE A 797 -32.17 -56.01 44.34
CA PHE A 797 -32.76 -57.35 44.38
C PHE A 797 -32.04 -58.23 45.39
N LEU A 798 -30.73 -58.07 45.50
CA LEU A 798 -29.94 -58.88 46.42
C LEU A 798 -30.20 -58.56 47.90
N ASP A 799 -30.86 -57.44 48.19
CA ASP A 799 -31.09 -57.04 49.56
C ASP A 799 -32.52 -57.22 50.03
N ILE A 800 -33.44 -57.61 49.14
CA ILE A 800 -34.83 -57.81 49.53
C ILE A 800 -34.98 -59.23 50.08
N SER A 801 -35.94 -59.42 51.00
CA SER A 801 -36.09 -60.69 51.67
C SER A 801 -36.50 -61.78 50.69
N ARG A 802 -36.23 -63.03 51.08
CA ARG A 802 -36.50 -64.16 50.20
C ARG A 802 -37.92 -64.22 49.69
N PRO A 803 -38.96 -64.05 50.52
CA PRO A 803 -40.33 -64.05 49.98
C PRO A 803 -40.49 -63.07 48.84
N LYS A 804 -39.89 -61.91 48.98
CA LYS A 804 -39.99 -60.86 47.97
C LYS A 804 -39.23 -61.25 46.71
N MET A 805 -38.10 -61.94 46.87
CA MET A 805 -37.32 -62.38 45.72
C MET A 805 -38.12 -63.34 44.85
N GLN A 806 -38.76 -64.33 45.49
CA GLN A 806 -39.54 -65.30 44.74
C GLN A 806 -40.77 -64.64 44.12
N GLU A 807 -41.36 -63.68 44.83
CA GLU A 807 -42.49 -62.92 44.28
C GLU A 807 -42.09 -62.19 43.01
N VAL A 808 -40.84 -61.69 42.95
CA VAL A 808 -40.39 -60.94 41.79
C VAL A 808 -40.23 -61.85 40.58
N VAL A 809 -39.69 -63.05 40.78
CA VAL A 809 -39.37 -63.93 39.66
C VAL A 809 -40.56 -64.67 39.11
N ALA A 810 -41.72 -64.56 39.76
CA ALA A 810 -42.91 -65.27 39.29
C ALA A 810 -43.24 -64.85 37.86
N ASN A 811 -43.50 -65.85 37.01
CA ASN A 811 -43.92 -65.62 35.63
C ASN A 811 -42.93 -64.76 34.84
N LEU A 812 -41.64 -64.93 35.11
CA LEU A 812 -40.61 -64.15 34.43
C LEU A 812 -39.92 -65.03 33.39
N GLN A 813 -39.96 -64.58 32.13
CA GLN A 813 -39.41 -65.30 31.00
C GLN A 813 -38.27 -64.56 30.31
N TYR A 814 -37.25 -65.31 29.89
CA TYR A 814 -36.08 -64.79 29.18
C TYR A 814 -36.39 -64.83 27.67
N ASP A 815 -35.58 -64.12 26.86
CA ASP A 815 -35.79 -64.10 25.42
C ASP A 815 -34.47 -63.99 24.67
N ASP A 816 -34.49 -64.37 23.39
CA ASP A 816 -33.35 -64.30 22.47
C ASP A 816 -32.12 -65.07 22.96
N GLY A 817 -32.30 -66.05 23.85
CA GLY A 817 -31.21 -66.77 24.44
C GLY A 817 -31.02 -68.16 23.85
N SER A 818 -30.24 -68.97 24.56
CA SER A 818 -30.09 -70.36 24.16
C SER A 818 -31.46 -71.04 24.11
N GLY A 819 -32.33 -70.70 25.05
CA GLY A 819 -33.71 -71.15 25.05
C GLY A 819 -34.60 -69.94 24.84
N MET A 820 -35.40 -69.92 23.77
CA MET A 820 -36.19 -68.73 23.46
C MET A 820 -36.99 -68.24 24.68
N LYS A 821 -37.80 -69.11 25.28
CA LYS A 821 -38.49 -68.78 26.53
C LYS A 821 -37.96 -69.66 27.65
N ARG A 822 -37.50 -69.01 28.73
CA ARG A 822 -36.86 -69.70 29.86
C ARG A 822 -37.32 -69.04 31.15
N GLU A 823 -37.95 -69.82 32.03
CA GLU A 823 -38.43 -69.28 33.29
C GLU A 823 -37.27 -68.94 34.24
N ALA A 824 -37.48 -67.91 35.05
CA ALA A 824 -36.48 -67.49 36.04
C ALA A 824 -36.87 -67.94 37.45
N THR A 825 -35.86 -68.33 38.23
CA THR A 825 -35.99 -68.65 39.65
C THR A 825 -35.26 -67.58 40.46
N ALA A 826 -35.57 -67.51 41.76
CA ALA A 826 -34.91 -66.53 42.60
C ALA A 826 -33.39 -66.73 42.62
N ASP A 827 -32.93 -68.00 42.56
CA ASP A 827 -31.49 -68.23 42.56
C ASP A 827 -30.84 -67.84 41.23
N ASP A 828 -31.56 -67.95 40.11
CA ASP A 828 -30.98 -67.57 38.84
C ASP A 828 -30.68 -66.07 38.81
N LEU A 829 -31.64 -65.26 39.25
CA LEU A 829 -31.46 -63.81 39.23
C LEU A 829 -30.41 -63.36 40.23
N ILE A 830 -30.27 -64.05 41.37
CA ILE A 830 -29.24 -63.66 42.33
C ILE A 830 -27.87 -63.73 41.69
N LYS A 831 -27.64 -64.75 40.85
CA LYS A 831 -26.36 -64.87 40.16
C LYS A 831 -26.17 -63.79 39.10
N VAL A 832 -27.23 -63.46 38.36
CA VAL A 832 -27.10 -62.44 37.32
C VAL A 832 -26.73 -61.10 37.93
N VAL A 833 -27.47 -60.68 38.97
CA VAL A 833 -27.21 -59.38 39.60
C VAL A 833 -25.80 -59.39 40.19
N GLU A 834 -25.41 -60.49 40.84
CA GLU A 834 -24.08 -60.57 41.42
C GLU A 834 -22.98 -60.38 40.38
N GLU A 835 -23.20 -60.84 39.15
CA GLU A 835 -22.25 -60.52 38.10
C GLU A 835 -22.31 -59.03 37.76
N LEU A 836 -23.51 -58.44 37.81
CA LEU A 836 -23.65 -57.02 37.49
C LEU A 836 -23.02 -56.14 38.55
N THR A 837 -22.92 -56.61 39.80
CA THR A 837 -22.23 -55.81 40.82
C THR A 837 -20.73 -55.80 40.62
N ARG A 838 -20.20 -56.67 39.74
CA ARG A 838 -18.77 -56.73 39.47
C ARG A 838 -18.37 -55.81 38.32
N ILE A 839 -19.33 -55.13 37.69
CA ILE A 839 -18.97 -54.20 36.64
C ILE A 839 -18.44 -52.89 37.21
N HIS A 840 -18.73 -52.63 38.49
CA HIS A 840 -18.34 -51.39 39.15
C HIS A 840 -17.56 -51.81 40.39
N THR B 7 -33.07 -9.67 -12.06
CA THR B 7 -33.25 -8.56 -11.13
C THR B 7 -33.83 -9.10 -9.82
N GLU B 8 -34.09 -8.20 -8.87
CA GLU B 8 -34.71 -8.61 -7.63
C GLU B 8 -36.10 -9.17 -7.84
N SER B 9 -36.74 -8.83 -8.96
CA SER B 9 -38.09 -9.29 -9.20
C SER B 9 -38.12 -10.63 -9.91
N ASP B 10 -37.01 -11.02 -10.52
CA ASP B 10 -36.91 -12.31 -11.22
C ASP B 10 -36.72 -13.44 -10.23
N TRP B 11 -37.71 -14.32 -10.15
CA TRP B 11 -37.72 -15.46 -9.23
C TRP B 11 -37.80 -16.79 -9.97
N GLY B 12 -37.27 -17.83 -9.32
CA GLY B 12 -37.31 -19.18 -9.85
C GLY B 12 -36.20 -19.53 -10.82
N LYS B 13 -35.49 -18.53 -11.33
CA LYS B 13 -34.36 -18.72 -12.23
C LYS B 13 -33.02 -18.92 -11.53
N ARG B 14 -32.77 -18.22 -10.44
CA ARG B 14 -31.47 -18.32 -9.78
C ARG B 14 -31.28 -19.73 -9.21
N CYS B 15 -30.06 -20.25 -9.32
CA CYS B 15 -29.79 -21.61 -8.87
C CYS B 15 -29.33 -21.64 -7.43
N VAL B 16 -29.59 -22.76 -6.76
CA VAL B 16 -29.17 -22.94 -5.37
C VAL B 16 -27.65 -22.96 -5.24
N ASP B 17 -26.92 -23.07 -6.35
CA ASP B 17 -25.47 -23.09 -6.26
C ASP B 17 -24.96 -21.87 -5.50
N LYS B 18 -25.64 -20.73 -5.68
CA LYS B 18 -25.15 -19.48 -5.12
C LYS B 18 -25.11 -19.49 -3.61
N PHE B 19 -25.90 -20.33 -2.96
CA PHE B 19 -25.93 -20.42 -1.50
C PHE B 19 -25.26 -21.74 -1.12
N ASP B 20 -24.29 -21.66 -0.22
CA ASP B 20 -23.57 -22.82 0.25
C ASP B 20 -24.21 -23.30 1.56
N ILE B 21 -24.60 -24.57 1.59
CA ILE B 21 -25.36 -25.14 2.70
C ILE B 21 -24.42 -25.37 3.89
N ILE B 22 -24.75 -24.74 5.02
CA ILE B 22 -23.95 -24.89 6.24
C ILE B 22 -24.43 -26.07 7.09
N GLY B 23 -25.73 -26.12 7.38
CA GLY B 23 -26.27 -27.16 8.24
C GLY B 23 -27.78 -27.10 8.24
N ILE B 24 -28.37 -27.86 9.17
CA ILE B 24 -29.82 -28.01 9.28
C ILE B 24 -30.27 -27.38 10.60
N ILE B 25 -30.97 -26.25 10.51
CA ILE B 25 -31.25 -25.48 11.73
C ILE B 25 -32.29 -26.19 12.60
N GLY B 26 -33.33 -26.77 12.00
CA GLY B 26 -34.36 -27.39 12.81
C GLY B 26 -35.44 -28.06 11.96
N GLU B 27 -36.44 -28.58 12.67
CA GLU B 27 -37.58 -29.26 12.06
C GLU B 27 -38.73 -28.25 11.99
N GLY B 28 -39.33 -28.12 10.81
CA GLY B 28 -40.37 -27.15 10.55
C GLY B 28 -41.76 -27.72 10.63
N THR B 29 -42.71 -27.02 9.98
CA THR B 29 -44.11 -27.40 10.01
C THR B 29 -44.37 -28.52 9.01
N TYR B 30 -43.84 -28.37 7.80
CA TYR B 30 -44.00 -29.35 6.73
C TYR B 30 -42.68 -29.81 6.12
N GLY B 31 -41.56 -29.32 6.60
CA GLY B 31 -40.27 -29.68 6.05
C GLY B 31 -39.16 -29.06 6.86
N GLN B 32 -38.03 -29.75 6.86
CA GLN B 32 -36.87 -29.34 7.64
C GLN B 32 -36.23 -28.08 7.05
N VAL B 33 -35.71 -27.23 7.93
CA VAL B 33 -35.11 -25.95 7.52
C VAL B 33 -33.60 -26.00 7.64
N TYR B 34 -32.92 -25.28 6.73
CA TYR B 34 -31.46 -25.26 6.64
C TYR B 34 -30.93 -23.82 6.71
N LYS B 35 -29.60 -23.68 6.64
CA LYS B 35 -28.91 -22.40 6.72
C LYS B 35 -27.84 -22.31 5.65
N ALA B 36 -27.63 -21.10 5.11
CA ALA B 36 -26.61 -20.91 4.08
C ALA B 36 -26.12 -19.47 4.02
N LYS B 37 -25.03 -19.27 3.28
CA LYS B 37 -24.44 -17.97 2.95
C LYS B 37 -24.33 -17.85 1.43
N ASP B 38 -24.67 -16.69 0.90
CA ASP B 38 -24.55 -16.43 -0.53
C ASP B 38 -23.09 -16.23 -0.91
N LYS B 39 -22.68 -16.82 -2.04
CA LYS B 39 -21.29 -16.64 -2.46
C LYS B 39 -21.03 -15.17 -2.76
N ASP B 40 -22.04 -14.48 -3.32
CA ASP B 40 -21.85 -13.09 -3.68
C ASP B 40 -21.96 -12.20 -2.46
N THR B 41 -22.92 -12.48 -1.58
CA THR B 41 -23.12 -11.72 -0.35
C THR B 41 -22.95 -12.64 0.85
N GLY B 42 -22.24 -12.14 1.85
CA GLY B 42 -22.02 -12.89 3.06
C GLY B 42 -23.29 -13.17 3.85
N GLU B 43 -24.41 -12.63 3.41
CA GLU B 43 -25.64 -12.75 4.19
C GLU B 43 -25.98 -14.21 4.44
N LEU B 44 -26.28 -14.53 5.69
CA LEU B 44 -26.75 -15.84 6.11
C LEU B 44 -28.27 -15.85 5.92
N VAL B 45 -28.79 -16.95 5.37
CA VAL B 45 -30.21 -17.05 5.06
C VAL B 45 -30.74 -18.38 5.58
N ALA B 46 -32.04 -18.60 5.39
CA ALA B 46 -32.70 -19.83 5.81
C ALA B 46 -33.53 -20.36 4.65
N LEU B 47 -33.38 -21.66 4.36
CA LEU B 47 -33.94 -22.29 3.17
C LEU B 47 -34.81 -23.47 3.57
N LYS B 48 -35.96 -23.61 2.90
CA LYS B 48 -36.83 -24.76 3.05
C LYS B 48 -36.97 -25.48 1.72
N LYS B 49 -36.74 -26.80 1.72
CA LYS B 49 -36.76 -27.57 0.49
C LYS B 49 -38.20 -27.90 0.11
N VAL B 50 -38.60 -27.53 -1.10
CA VAL B 50 -39.88 -27.89 -1.67
C VAL B 50 -39.64 -29.04 -2.63
N ARG B 51 -40.14 -30.23 -2.31
CA ARG B 51 -39.90 -31.43 -3.09
C ARG B 51 -41.08 -31.58 -4.05
N LEU B 52 -40.84 -31.38 -5.35
CA LEU B 52 -41.82 -31.65 -6.38
C LEU B 52 -41.68 -33.03 -6.99
N ASP B 53 -40.87 -33.90 -6.38
CA ASP B 53 -40.60 -35.19 -6.97
C ASP B 53 -41.82 -36.11 -6.91
N ASN B 54 -42.68 -35.99 -5.90
CA ASN B 54 -43.84 -36.89 -5.82
C ASN B 54 -44.73 -36.80 -7.07
N GLU B 55 -44.95 -35.58 -7.57
CA GLU B 55 -45.67 -35.38 -8.84
C GLU B 55 -47.03 -36.07 -8.86
N LYS B 56 -47.59 -36.38 -7.69
CA LYS B 56 -48.96 -36.88 -7.64
C LYS B 56 -49.91 -35.85 -8.21
N GLU B 57 -49.72 -34.59 -7.83
CA GLU B 57 -50.47 -33.47 -8.37
C GLU B 57 -49.54 -32.28 -8.51
N GLY B 58 -48.39 -32.48 -9.15
CA GLY B 58 -47.50 -31.36 -9.38
C GLY B 58 -46.89 -30.76 -8.13
N PHE B 59 -46.93 -29.42 -8.09
CA PHE B 59 -46.34 -28.64 -7.01
C PHE B 59 -47.20 -28.70 -5.74
N PRO B 60 -46.57 -28.74 -4.56
CA PRO B 60 -47.36 -28.81 -3.31
C PRO B 60 -48.27 -27.61 -3.12
N ILE B 61 -49.54 -27.89 -2.81
CA ILE B 61 -50.49 -26.79 -2.65
C ILE B 61 -50.20 -26.00 -1.37
N THR B 62 -49.77 -26.69 -0.30
CA THR B 62 -49.41 -25.97 0.92
C THR B 62 -48.27 -24.98 0.67
N ALA B 63 -47.27 -25.38 -0.12
CA ALA B 63 -46.20 -24.45 -0.47
C ALA B 63 -46.74 -23.28 -1.27
N ILE B 64 -47.69 -23.53 -2.17
CA ILE B 64 -48.30 -22.44 -2.93
C ILE B 64 -48.94 -21.44 -1.99
N ARG B 65 -49.52 -21.94 -0.88
CA ARG B 65 -50.10 -21.05 0.13
C ARG B 65 -49.04 -20.14 0.73
N GLU B 66 -47.90 -20.73 1.13
CA GLU B 66 -46.84 -19.94 1.73
C GLU B 66 -46.24 -18.95 0.73
N ILE B 67 -46.18 -19.33 -0.53
CA ILE B 67 -45.60 -18.47 -1.56
C ILE B 67 -46.54 -17.35 -1.95
N LYS B 68 -47.84 -17.51 -1.73
CA LYS B 68 -48.80 -16.44 -2.01
C LYS B 68 -48.87 -15.42 -0.86
N ILE B 69 -49.12 -15.90 0.36
CA ILE B 69 -49.38 -14.99 1.48
C ILE B 69 -48.15 -14.13 1.76
N LEU B 70 -46.97 -14.75 1.82
CA LEU B 70 -45.79 -14.03 2.28
C LEU B 70 -45.41 -12.90 1.33
N ARG B 71 -45.59 -13.08 0.02
CA ARG B 71 -45.22 -12.01 -0.90
C ARG B 71 -46.06 -10.76 -0.68
N GLN B 72 -47.21 -10.89 -0.04
CA GLN B 72 -48.09 -9.78 0.24
C GLN B 72 -47.82 -9.13 1.59
N LEU B 73 -47.32 -9.89 2.57
CA LEU B 73 -47.19 -9.39 3.93
C LEU B 73 -45.82 -8.74 4.08
N ILE B 74 -45.83 -7.49 4.49
CA ILE B 74 -44.64 -6.68 4.73
C ILE B 74 -44.77 -6.16 6.15
N HIS B 75 -43.89 -6.61 7.04
CA HIS B 75 -43.93 -6.08 8.40
C HIS B 75 -42.62 -6.43 9.07
N ARG B 76 -42.17 -5.52 9.94
CA ARG B 76 -40.93 -5.77 10.67
C ARG B 76 -41.03 -7.03 11.48
N SER B 77 -42.23 -7.38 11.95
CA SER B 77 -42.46 -8.54 12.79
C SER B 77 -42.98 -9.74 12.00
N VAL B 78 -42.79 -9.75 10.68
CA VAL B 78 -43.14 -10.89 9.83
C VAL B 78 -41.93 -11.27 9.01
N VAL B 79 -41.64 -12.58 8.94
CA VAL B 79 -40.49 -13.04 8.17
C VAL B 79 -40.69 -12.72 6.69
N ASN B 80 -39.63 -12.26 6.05
CA ASN B 80 -39.64 -11.92 4.64
C ASN B 80 -39.05 -13.07 3.84
N MET B 81 -39.75 -13.44 2.77
CA MET B 81 -39.20 -14.36 1.79
C MET B 81 -38.38 -13.54 0.81
N LYS B 82 -37.08 -13.78 0.71
CA LYS B 82 -36.27 -12.93 -0.16
C LYS B 82 -36.48 -13.31 -1.63
N GLU B 83 -36.36 -14.60 -1.95
CA GLU B 83 -36.49 -15.08 -3.31
C GLU B 83 -36.70 -16.59 -3.26
N ILE B 84 -36.84 -17.19 -4.44
CA ILE B 84 -37.00 -18.63 -4.62
C ILE B 84 -35.90 -19.09 -5.57
N VAL B 85 -35.19 -20.15 -5.19
CA VAL B 85 -34.08 -20.67 -5.99
C VAL B 85 -34.40 -22.11 -6.41
N THR B 86 -33.57 -22.63 -7.31
CA THR B 86 -33.78 -23.95 -7.90
C THR B 86 -32.50 -24.77 -7.95
N ASP B 87 -32.69 -26.08 -8.11
CA ASP B 87 -31.63 -27.05 -8.37
C ASP B 87 -31.16 -26.98 -9.82
N LYS B 88 -29.99 -27.56 -10.09
CA LYS B 88 -29.43 -27.57 -11.44
C LYS B 88 -30.39 -28.24 -12.43
N GLN B 89 -30.70 -27.55 -13.52
CA GLN B 89 -31.63 -28.03 -14.53
C GLN B 89 -30.93 -28.51 -15.80
N ASP B 90 -31.38 -29.65 -16.32
CA ASP B 90 -30.80 -30.20 -17.55
C ASP B 90 -31.15 -29.31 -18.74
N ALA B 91 -30.16 -29.07 -19.60
CA ALA B 91 -30.37 -28.21 -20.77
C ALA B 91 -31.22 -28.89 -21.83
N LEU B 92 -32.20 -28.16 -22.35
CA LEU B 92 -33.09 -28.63 -23.41
C LEU B 92 -33.78 -29.94 -23.03
N ASP B 93 -33.84 -30.24 -21.73
CA ASP B 93 -34.47 -31.45 -21.20
C ASP B 93 -35.48 -31.07 -20.12
N PHE B 94 -36.56 -30.38 -20.50
CA PHE B 94 -37.52 -29.95 -19.50
C PHE B 94 -38.22 -31.13 -18.82
N LYS B 95 -38.48 -32.20 -19.57
CA LYS B 95 -39.15 -33.35 -18.98
C LYS B 95 -38.23 -34.07 -17.99
N LYS B 96 -36.97 -34.25 -18.37
CA LYS B 96 -36.03 -34.96 -17.49
C LYS B 96 -35.81 -34.23 -16.17
N ASP B 97 -35.95 -32.91 -16.16
CA ASP B 97 -35.64 -32.12 -14.98
C ASP B 97 -36.53 -32.53 -13.81
N LYS B 98 -35.90 -32.99 -12.74
CA LYS B 98 -36.53 -33.31 -11.47
C LYS B 98 -36.08 -32.40 -10.35
N GLY B 99 -35.35 -31.34 -10.68
CA GLY B 99 -34.80 -30.49 -9.63
C GLY B 99 -35.90 -29.82 -8.83
N ALA B 100 -35.62 -29.63 -7.55
CA ALA B 100 -36.56 -29.05 -6.62
C ALA B 100 -36.28 -27.57 -6.44
N PHE B 101 -37.26 -26.87 -5.87
CA PHE B 101 -37.17 -25.45 -5.57
C PHE B 101 -36.92 -25.26 -4.08
N TYR B 102 -36.38 -24.10 -3.72
CA TYR B 102 -36.12 -23.75 -2.33
C TYR B 102 -36.68 -22.36 -2.05
N LEU B 103 -37.06 -22.12 -0.79
CA LEU B 103 -37.61 -20.84 -0.36
C LEU B 103 -36.58 -20.11 0.50
N VAL B 104 -36.09 -18.98 -0.01
CA VAL B 104 -35.11 -18.17 0.72
C VAL B 104 -35.83 -17.33 1.78
N PHE B 105 -35.30 -17.33 3.00
CA PHE B 105 -35.86 -16.58 4.11
C PHE B 105 -34.75 -15.88 4.88
N GLU B 106 -35.09 -14.78 5.55
CA GLU B 106 -34.14 -14.11 6.44
C GLU B 106 -33.84 -15.03 7.62
N TYR B 107 -32.56 -15.26 7.92
CA TYR B 107 -32.15 -16.04 9.09
C TYR B 107 -32.22 -15.19 10.35
N MET B 108 -32.60 -15.82 11.47
CA MET B 108 -32.74 -15.17 12.75
C MET B 108 -31.76 -15.78 13.75
N ASP B 109 -31.20 -14.92 14.61
CA ASP B 109 -30.09 -15.34 15.46
C ASP B 109 -30.51 -16.40 16.47
N HIS B 110 -31.69 -16.25 17.07
CA HIS B 110 -32.16 -17.18 18.07
C HIS B 110 -33.60 -17.60 17.79
N ASP B 111 -34.01 -18.69 18.43
CA ASP B 111 -35.36 -19.20 18.39
C ASP B 111 -35.91 -19.31 19.81
N LEU B 112 -37.16 -18.88 19.99
CA LEU B 112 -37.73 -18.86 21.33
C LEU B 112 -37.78 -20.26 21.92
N MET B 113 -37.98 -21.28 21.09
CA MET B 113 -38.08 -22.64 21.60
C MET B 113 -36.78 -23.06 22.28
N GLY B 114 -35.64 -22.77 21.67
CA GLY B 114 -34.35 -23.08 22.25
C GLY B 114 -33.89 -22.11 23.31
N LEU B 115 -34.35 -20.86 23.26
CA LEU B 115 -34.00 -19.93 24.32
C LEU B 115 -34.67 -20.32 25.62
N LEU B 116 -35.95 -20.70 25.56
CA LEU B 116 -36.71 -21.02 26.77
C LEU B 116 -36.41 -22.44 27.25
N GLU B 117 -36.34 -23.42 26.34
CA GLU B 117 -36.11 -24.80 26.76
C GLU B 117 -34.80 -24.94 27.53
N SER B 118 -33.73 -24.33 27.04
CA SER B 118 -32.47 -24.34 27.78
C SER B 118 -32.62 -23.70 29.15
N GLY B 119 -33.48 -22.69 29.27
CA GLY B 119 -33.68 -22.00 30.52
C GLY B 119 -32.65 -20.95 30.87
N LEU B 120 -31.65 -20.76 30.01
CA LEU B 120 -30.64 -19.75 30.27
C LEU B 120 -31.22 -18.34 30.20
N VAL B 121 -32.10 -18.11 29.22
CA VAL B 121 -32.67 -16.79 29.05
C VAL B 121 -33.47 -16.43 30.32
N HIS B 122 -33.51 -15.13 30.60
CA HIS B 122 -34.30 -14.60 31.70
C HIS B 122 -35.12 -13.47 31.11
N PHE B 123 -36.41 -13.50 31.34
CA PHE B 123 -37.35 -12.53 30.77
C PHE B 123 -37.83 -11.63 31.89
N SER B 124 -37.43 -10.37 31.84
CA SER B 124 -38.00 -9.35 32.68
C SER B 124 -39.35 -8.92 32.09
N GLU B 125 -40.13 -8.20 32.90
CA GLU B 125 -41.40 -7.70 32.39
C GLU B 125 -41.19 -6.87 31.13
N ASP B 126 -40.18 -5.99 31.14
CA ASP B 126 -39.97 -5.11 30.00
C ASP B 126 -39.59 -5.88 28.75
N HIS B 127 -38.87 -7.00 28.88
CA HIS B 127 -38.61 -7.84 27.72
C HIS B 127 -39.92 -8.42 27.18
N ILE B 128 -40.75 -8.96 28.07
CA ILE B 128 -42.00 -9.57 27.66
C ILE B 128 -42.87 -8.53 26.95
N LYS B 129 -42.86 -7.30 27.46
CA LYS B 129 -43.57 -6.21 26.79
C LYS B 129 -43.08 -6.01 25.36
N SER B 130 -41.77 -5.86 25.16
CA SER B 130 -41.28 -5.62 23.81
C SER B 130 -41.58 -6.79 22.89
N PHE B 131 -41.43 -8.01 23.41
CA PHE B 131 -41.71 -9.20 22.63
C PHE B 131 -43.18 -9.27 22.25
N MET B 132 -44.07 -9.09 23.23
CA MET B 132 -45.50 -9.15 22.94
C MET B 132 -45.94 -8.05 22.00
N LYS B 133 -45.43 -6.83 22.20
CA LYS B 133 -45.89 -5.71 21.36
C LYS B 133 -45.59 -5.99 19.90
N GLN B 134 -44.37 -6.41 19.59
CA GLN B 134 -44.03 -6.74 18.21
C GLN B 134 -44.88 -7.88 17.70
N LEU B 135 -45.03 -8.94 18.50
CA LEU B 135 -45.82 -10.10 18.07
C LEU B 135 -47.24 -9.69 17.71
N MET B 136 -47.91 -8.97 18.62
CA MET B 136 -49.30 -8.59 18.37
C MET B 136 -49.41 -7.61 17.20
N GLU B 137 -48.42 -6.73 17.04
CA GLU B 137 -48.43 -5.81 15.89
C GLU B 137 -48.36 -6.59 14.58
N GLY B 138 -47.50 -7.60 14.52
CA GLY B 138 -47.48 -8.46 13.34
C GLY B 138 -48.79 -9.18 13.13
N LEU B 139 -49.38 -9.70 14.20
CA LEU B 139 -50.65 -10.41 14.08
C LEU B 139 -51.73 -9.45 13.62
N GLU B 140 -51.77 -8.26 14.21
CA GLU B 140 -52.73 -7.24 13.79
C GLU B 140 -52.57 -6.92 12.32
N TYR B 141 -51.33 -6.84 11.85
CA TYR B 141 -51.10 -6.64 10.42
C TYR B 141 -51.73 -7.76 9.61
N CYS B 142 -51.41 -9.01 9.95
CA CYS B 142 -51.91 -10.15 9.20
C CYS B 142 -53.42 -10.30 9.35
N HIS B 143 -53.95 -10.06 10.54
CA HIS B 143 -55.40 -10.16 10.71
C HIS B 143 -56.12 -9.02 9.99
N LYS B 144 -55.55 -7.82 10.01
CA LYS B 144 -56.10 -6.73 9.22
C LYS B 144 -56.13 -7.07 7.73
N LYS B 145 -55.16 -7.85 7.27
CA LYS B 145 -55.14 -8.32 5.88
C LYS B 145 -55.98 -9.58 5.71
N ASN B 146 -56.71 -10.00 6.76
CA ASN B 146 -57.65 -11.12 6.71
C ASN B 146 -56.99 -12.46 6.44
N PHE B 147 -55.86 -12.72 7.08
CA PHE B 147 -55.13 -13.98 6.99
C PHE B 147 -55.01 -14.63 8.38
N LEU B 148 -55.05 -15.97 8.42
CA LEU B 148 -54.95 -16.68 9.69
C LEU B 148 -53.73 -17.60 9.67
N HIS B 149 -52.90 -17.49 10.71
CA HIS B 149 -51.66 -18.26 10.76
C HIS B 149 -51.90 -19.74 11.05
N ARG B 150 -52.56 -20.03 12.17
CA ARG B 150 -52.98 -21.35 12.59
C ARG B 150 -51.89 -22.22 13.18
N ASP B 151 -50.65 -21.77 13.27
CA ASP B 151 -49.59 -22.58 13.85
C ASP B 151 -48.71 -21.77 14.80
N ILE B 152 -49.31 -20.95 15.66
CA ILE B 152 -48.50 -20.19 16.61
C ILE B 152 -47.82 -21.18 17.56
N LYS B 153 -46.49 -21.24 17.50
CA LYS B 153 -45.72 -22.15 18.34
C LYS B 153 -44.41 -21.48 18.72
N CYS B 154 -43.74 -22.03 19.73
CA CYS B 154 -42.47 -21.45 20.16
C CYS B 154 -41.44 -21.50 19.03
N SER B 155 -41.40 -22.61 18.30
CA SER B 155 -40.42 -22.77 17.23
C SER B 155 -40.63 -21.76 16.11
N ASN B 156 -41.88 -21.48 15.76
CA ASN B 156 -42.13 -20.48 14.72
C ASN B 156 -41.80 -19.06 15.19
N ILE B 157 -41.84 -18.82 16.49
CA ILE B 157 -41.40 -17.53 17.04
C ILE B 157 -39.87 -17.46 17.01
N LEU B 158 -39.34 -16.42 16.38
CA LEU B 158 -37.90 -16.20 16.25
C LEU B 158 -37.51 -14.80 16.69
N LEU B 159 -36.35 -14.70 17.35
CA LEU B 159 -35.86 -13.45 17.92
C LEU B 159 -34.43 -13.21 17.47
N ASN B 160 -34.16 -11.99 16.98
CA ASN B 160 -32.78 -11.63 16.71
C ASN B 160 -32.10 -11.21 18.02
N ASN B 161 -30.76 -11.16 17.99
CA ASN B 161 -30.04 -10.79 19.20
C ASN B 161 -30.43 -9.39 19.63
N SER B 162 -30.75 -8.54 18.65
CA SER B 162 -31.10 -7.16 18.90
C SER B 162 -32.40 -7.00 19.67
N GLY B 163 -33.26 -8.02 19.64
CA GLY B 163 -34.55 -7.94 20.29
C GLY B 163 -35.71 -7.80 19.33
N GLN B 164 -35.44 -7.82 18.03
CA GLN B 164 -36.51 -7.83 17.04
C GLN B 164 -37.04 -9.25 16.92
N ILE B 165 -38.35 -9.38 16.83
CA ILE B 165 -39.03 -10.66 16.74
C ILE B 165 -39.83 -10.70 15.44
N LYS B 166 -39.95 -11.89 14.87
CA LYS B 166 -40.74 -12.09 13.66
C LYS B 166 -41.34 -13.50 13.72
N LEU B 167 -42.58 -13.62 13.24
CA LEU B 167 -43.20 -14.93 13.05
C LEU B 167 -42.66 -15.55 11.76
N ALA B 168 -42.71 -16.88 11.65
CA ALA B 168 -41.93 -17.53 10.61
C ALA B 168 -42.70 -18.41 9.64
N ASP B 169 -43.02 -19.65 10.00
CA ASP B 169 -43.58 -20.59 9.03
C ASP B 169 -45.08 -20.37 8.81
N PHE B 170 -45.42 -19.69 7.72
CA PHE B 170 -46.78 -19.44 7.31
C PHE B 170 -47.36 -20.55 6.43
N GLY B 171 -46.78 -21.76 6.50
CA GLY B 171 -47.23 -22.83 5.62
C GLY B 171 -48.66 -23.28 5.88
N LEU B 172 -49.02 -23.44 7.14
CA LEU B 172 -50.38 -23.88 7.48
C LEU B 172 -51.37 -22.74 7.43
N ALA B 173 -50.92 -21.53 7.16
CA ALA B 173 -51.81 -20.38 7.15
C ALA B 173 -52.74 -20.47 5.95
N ARG B 174 -53.97 -19.99 6.14
CA ARG B 174 -54.95 -19.91 5.08
C ARG B 174 -55.77 -18.64 5.27
N LEU B 175 -56.32 -18.16 4.16
CA LEU B 175 -57.16 -16.98 4.18
C LEU B 175 -58.45 -17.23 4.94
N TYR B 176 -58.92 -16.20 5.65
CA TYR B 176 -60.17 -16.22 6.40
C TYR B 176 -61.17 -15.33 5.65
N ASN B 177 -62.38 -15.82 5.46
CA ASN B 177 -63.45 -15.07 4.83
C ASN B 177 -64.44 -14.65 5.90
N SER B 178 -64.57 -13.35 6.12
CA SER B 178 -65.45 -12.83 7.16
C SER B 178 -66.92 -12.82 6.76
N GLU B 179 -67.26 -12.15 5.65
CA GLU B 179 -68.66 -12.06 5.25
C GLU B 179 -69.30 -13.43 5.03
N GLU B 180 -68.50 -14.45 4.69
CA GLU B 180 -69.02 -15.80 4.44
C GLU B 180 -68.07 -16.84 5.00
N SER B 181 -68.57 -17.70 5.88
CA SER B 181 -67.82 -18.82 6.44
C SER B 181 -67.66 -19.98 5.47
N ARG B 182 -66.52 -20.67 5.58
CA ARG B 182 -66.17 -21.79 4.71
C ARG B 182 -65.65 -22.97 5.52
N PRO B 183 -65.76 -24.20 5.02
CA PRO B 183 -65.26 -25.34 5.79
C PRO B 183 -63.75 -25.39 5.77
N TYR B 184 -63.17 -25.77 6.92
CA TYR B 184 -61.73 -25.81 7.03
C TYR B 184 -61.19 -27.17 7.50
N TPO B 185 -59.94 -27.18 7.94
CA TPO B 185 -59.21 -28.39 8.29
CB TPO B 185 -57.80 -28.28 7.71
CG2 TPO B 185 -56.98 -29.56 7.72
OG1 TPO B 185 -57.93 -28.04 6.27
P TPO B 185 -57.11 -26.85 5.56
O1P TPO B 185 -57.47 -26.86 4.13
O2P TPO B 185 -55.52 -27.02 5.73
O3P TPO B 185 -57.58 -25.42 6.15
C TPO B 185 -59.18 -28.66 9.81
O TPO B 185 -58.19 -29.16 10.34
HA TPO B 185 -59.67 -29.17 7.90
HB TPO B 185 -57.32 -27.52 8.33
HG21 TPO B 185 -56.13 -29.45 7.05
HG22 TPO B 185 -57.60 -30.39 7.38
HG23 TPO B 185 -56.62 -29.77 8.73
N ASN B 186 -60.29 -28.35 10.47
CA ASN B 186 -60.47 -28.57 11.91
C ASN B 186 -59.26 -28.33 12.83
N LYS B 187 -58.70 -29.39 13.41
CA LYS B 187 -57.65 -29.28 14.42
C LYS B 187 -56.33 -28.94 13.71
N VAL B 188 -55.73 -27.79 14.02
CA VAL B 188 -54.54 -27.32 13.32
C VAL B 188 -53.41 -26.99 14.28
N ILE B 189 -53.67 -26.15 15.28
CA ILE B 189 -52.57 -25.63 16.09
C ILE B 189 -52.06 -26.72 17.03
N THR B 190 -50.79 -26.62 17.42
CA THR B 190 -50.27 -27.58 18.39
C THR B 190 -51.18 -27.59 19.61
N LEU B 191 -51.42 -28.78 20.15
CA LEU B 191 -52.44 -28.91 21.19
C LEU B 191 -52.15 -28.01 22.39
N TRP B 192 -50.88 -27.93 22.80
CA TRP B 192 -50.55 -27.12 23.97
C TRP B 192 -51.07 -25.69 23.81
N TYR B 193 -51.06 -25.17 22.58
CA TYR B 193 -51.49 -23.81 22.29
C TYR B 193 -52.79 -23.75 21.49
N ARG B 194 -53.55 -24.86 21.38
CA ARG B 194 -54.77 -24.89 20.59
C ARG B 194 -55.93 -24.26 21.38
N PRO B 195 -56.80 -23.49 20.73
CA PRO B 195 -57.91 -22.84 21.46
C PRO B 195 -59.03 -23.83 21.72
N PRO B 196 -59.93 -23.54 22.68
CA PRO B 196 -61.02 -24.49 22.97
C PRO B 196 -61.91 -24.75 21.78
N GLU B 197 -62.13 -23.75 20.92
CA GLU B 197 -63.02 -23.92 19.78
C GLU B 197 -62.53 -25.02 18.84
N LEU B 198 -61.21 -25.11 18.64
CA LEU B 198 -60.68 -26.20 17.82
C LEU B 198 -60.77 -27.53 18.54
N LEU B 199 -60.61 -27.55 19.86
CA LEU B 199 -60.79 -28.81 20.58
C LEU B 199 -62.20 -29.34 20.35
N LEU B 200 -63.19 -28.45 20.40
CA LEU B 200 -64.56 -28.82 20.15
C LEU B 200 -64.89 -28.86 18.67
N GLY B 201 -63.92 -28.62 17.79
CA GLY B 201 -64.15 -28.89 16.39
C GLY B 201 -64.86 -27.79 15.63
N GLU B 202 -64.70 -26.53 16.03
CA GLU B 202 -65.46 -25.47 15.36
C GLU B 202 -65.27 -25.53 13.86
N GLU B 203 -64.18 -26.11 13.40
CA GLU B 203 -63.85 -26.27 11.99
C GLU B 203 -63.85 -24.93 11.25
N ARG B 204 -64.86 -24.09 11.45
CA ARG B 204 -64.87 -22.77 10.80
C ARG B 204 -64.33 -21.83 11.88
N TYR B 205 -63.00 -21.89 12.06
CA TYR B 205 -62.37 -21.19 13.17
C TYR B 205 -62.25 -19.71 12.83
N THR B 206 -62.23 -18.90 13.87
CA THR B 206 -62.10 -17.45 13.75
C THR B 206 -60.64 -17.05 13.91
N PRO B 207 -60.29 -15.80 13.60
CA PRO B 207 -58.91 -15.36 13.86
C PRO B 207 -58.48 -15.49 15.31
N ALA B 208 -59.42 -15.55 16.24
CA ALA B 208 -59.09 -15.60 17.65
C ALA B 208 -58.35 -16.87 18.05
N ILE B 209 -58.25 -17.85 17.14
CA ILE B 209 -57.45 -19.04 17.43
C ILE B 209 -55.99 -18.66 17.65
N ASP B 210 -55.51 -17.71 16.86
CA ASP B 210 -54.14 -17.23 17.02
C ASP B 210 -53.99 -16.41 18.30
N VAL B 211 -55.03 -15.63 18.65
CA VAL B 211 -54.97 -14.82 19.86
C VAL B 211 -54.81 -15.71 21.09
N TRP B 212 -55.63 -16.75 21.19
CA TRP B 212 -55.53 -17.66 22.32
C TRP B 212 -54.12 -18.23 22.45
N SER B 213 -53.53 -18.62 21.32
CA SER B 213 -52.17 -19.18 21.35
C SER B 213 -51.19 -18.18 21.95
N CYS B 214 -51.24 -16.93 21.48
CA CYS B 214 -50.31 -15.93 21.97
C CYS B 214 -50.54 -15.61 23.44
N GLY B 215 -51.78 -15.77 23.91
CA GLY B 215 -52.02 -15.65 25.33
C GLY B 215 -51.38 -16.79 26.11
N CYS B 216 -51.48 -18.01 25.59
CA CYS B 216 -50.76 -19.12 26.17
C CYS B 216 -49.26 -18.86 26.20
N ILE B 217 -48.75 -18.22 25.14
CA ILE B 217 -47.33 -17.87 25.13
C ILE B 217 -47.04 -16.81 26.18
N LEU B 218 -47.92 -15.81 26.31
CA LEU B 218 -47.69 -14.75 27.27
C LEU B 218 -47.51 -15.31 28.67
N GLY B 219 -48.48 -16.09 29.16
CA GLY B 219 -48.32 -16.68 30.47
C GLY B 219 -47.09 -17.56 30.57
N GLU B 220 -46.79 -18.29 29.50
CA GLU B 220 -45.60 -19.15 29.48
C GLU B 220 -44.33 -18.33 29.77
N LEU B 221 -44.29 -17.09 29.29
CA LEU B 221 -43.12 -16.25 29.54
C LEU B 221 -42.96 -15.96 31.02
N PHE B 222 -44.07 -15.71 31.73
CA PHE B 222 -43.99 -15.41 33.15
C PHE B 222 -43.73 -16.67 33.96
N THR B 223 -44.39 -17.77 33.63
CA THR B 223 -44.21 -19.00 34.40
C THR B 223 -42.95 -19.76 34.01
N LYS B 224 -42.31 -19.40 32.90
CA LYS B 224 -41.16 -20.12 32.37
C LYS B 224 -41.50 -21.58 32.11
N LYS B 225 -42.78 -21.88 31.90
CA LYS B 225 -43.31 -23.22 31.71
C LYS B 225 -44.61 -23.10 30.93
N PRO B 226 -44.86 -24.00 29.98
CA PRO B 226 -46.15 -23.98 29.27
C PRO B 226 -47.33 -24.11 30.22
N ILE B 227 -48.39 -23.36 29.95
CA ILE B 227 -49.55 -23.34 30.83
C ILE B 227 -50.33 -24.65 30.72
N PHE B 228 -50.60 -25.10 29.50
CA PHE B 228 -51.40 -26.29 29.25
C PHE B 228 -50.53 -27.33 28.56
N GLN B 229 -50.26 -28.43 29.27
CA GLN B 229 -49.46 -29.52 28.75
C GLN B 229 -50.22 -30.83 28.90
N ALA B 230 -50.55 -31.44 27.76
CA ALA B 230 -51.26 -32.71 27.76
C ALA B 230 -50.94 -33.47 26.48
N ASN B 231 -51.42 -34.70 26.43
CA ASN B 231 -51.27 -35.56 25.26
C ASN B 231 -52.61 -35.88 24.62
N LEU B 232 -53.72 -35.63 25.33
CA LEU B 232 -55.05 -35.99 24.85
C LEU B 232 -55.89 -34.72 24.79
N GLU B 233 -56.72 -34.62 23.75
CA GLU B 233 -57.46 -33.37 23.55
C GLU B 233 -58.40 -33.11 24.72
N LEU B 234 -58.98 -34.18 25.27
CA LEU B 234 -59.84 -34.04 26.44
C LEU B 234 -59.04 -33.66 27.68
N ALA B 235 -57.86 -34.27 27.85
CA ALA B 235 -56.99 -33.90 28.97
C ALA B 235 -56.58 -32.43 28.89
N GLN B 236 -56.35 -31.93 27.68
CA GLN B 236 -56.07 -30.51 27.50
C GLN B 236 -57.27 -29.68 27.92
N LEU B 237 -58.47 -30.06 27.42
CA LEU B 237 -59.69 -29.36 27.79
C LEU B 237 -59.88 -29.35 29.30
N GLU B 238 -59.48 -30.44 29.97
CA GLU B 238 -59.55 -30.48 31.42
C GLU B 238 -58.66 -29.39 32.03
N LEU B 239 -57.42 -29.30 31.55
CA LEU B 239 -56.50 -28.30 32.10
C LEU B 239 -56.99 -26.90 31.80
N ILE B 240 -57.42 -26.64 30.57
CA ILE B 240 -57.99 -25.34 30.23
C ILE B 240 -59.16 -25.02 31.14
N SER B 241 -60.04 -25.99 31.37
CA SER B 241 -61.22 -25.75 32.20
C SER B 241 -60.82 -25.44 33.64
N ARG B 242 -59.80 -26.14 34.16
CA ARG B 242 -59.41 -25.93 35.55
C ARG B 242 -58.98 -24.50 35.83
N LEU B 243 -58.47 -23.81 34.82
CA LEU B 243 -57.94 -22.46 34.97
C LEU B 243 -58.90 -21.39 34.46
N CYS B 244 -59.35 -21.53 33.23
CA CYS B 244 -60.17 -20.53 32.57
C CYS B 244 -61.65 -20.75 32.82
N GLY B 245 -62.01 -21.79 33.56
CA GLY B 245 -63.39 -22.15 33.73
C GLY B 245 -63.86 -23.16 32.70
N SER B 246 -64.79 -24.01 33.11
CA SER B 246 -65.31 -25.03 32.22
C SER B 246 -66.24 -24.41 31.18
N PRO B 247 -66.22 -24.91 29.94
CA PRO B 247 -67.19 -24.40 28.95
C PRO B 247 -68.61 -24.62 29.43
N CYS B 248 -69.41 -23.56 29.42
CA CYS B 248 -70.78 -23.61 29.91
C CYS B 248 -71.59 -22.58 29.15
N PRO B 249 -72.91 -22.74 29.10
CA PRO B 249 -73.72 -21.79 28.32
C PRO B 249 -73.65 -20.35 28.80
N ALA B 250 -73.46 -20.11 30.09
CA ALA B 250 -73.41 -18.73 30.59
C ALA B 250 -72.19 -17.99 30.07
N VAL B 251 -71.03 -18.65 30.07
CA VAL B 251 -69.84 -17.95 29.62
C VAL B 251 -69.66 -18.04 28.11
N TRP B 252 -70.32 -18.98 27.46
CA TRP B 252 -70.15 -19.23 26.02
C TRP B 252 -71.53 -19.56 25.49
N PRO B 253 -72.35 -18.55 25.22
CA PRO B 253 -73.76 -18.82 24.89
C PRO B 253 -73.92 -19.83 23.76
N ASP B 254 -73.02 -19.80 22.78
CA ASP B 254 -73.11 -20.64 21.59
C ASP B 254 -72.33 -21.94 21.73
N VAL B 255 -71.84 -22.27 22.93
CA VAL B 255 -71.11 -23.53 23.12
C VAL B 255 -71.98 -24.72 22.76
N ILE B 256 -73.29 -24.62 22.95
CA ILE B 256 -74.19 -25.73 22.67
C ILE B 256 -74.20 -26.07 21.17
N ARG B 257 -73.91 -25.10 20.30
CA ARG B 257 -73.84 -25.39 18.87
C ARG B 257 -72.57 -26.13 18.46
N LEU B 258 -71.58 -26.20 19.34
CA LEU B 258 -70.32 -26.84 18.99
C LEU B 258 -70.51 -28.35 18.96
N PRO B 259 -69.90 -29.04 17.99
CA PRO B 259 -70.21 -30.47 17.83
C PRO B 259 -70.05 -31.30 19.10
N TYR B 260 -68.94 -31.12 19.82
CA TYR B 260 -68.60 -32.02 20.91
C TYR B 260 -68.96 -31.49 22.30
N PHE B 261 -69.73 -30.40 22.37
CA PHE B 261 -70.04 -29.83 23.69
C PHE B 261 -70.59 -30.90 24.63
N ASN B 262 -71.55 -31.68 24.15
CA ASN B 262 -72.07 -32.79 24.92
C ASN B 262 -71.06 -33.93 24.99
N THR B 263 -70.39 -34.22 23.87
CA THR B 263 -69.47 -35.35 23.81
C THR B 263 -68.30 -35.16 24.77
N MET B 264 -67.52 -34.08 24.57
CA MET B 264 -66.34 -33.82 25.38
C MET B 264 -66.77 -32.98 26.58
N LYS B 265 -66.62 -33.53 27.78
CA LYS B 265 -66.99 -32.80 28.96
C LYS B 265 -65.88 -32.86 30.00
N PRO B 266 -65.59 -31.75 30.69
CA PRO B 266 -64.64 -31.82 31.80
C PRO B 266 -65.23 -32.61 32.97
N LYS B 267 -64.35 -33.02 33.88
CA LYS B 267 -64.78 -33.78 35.04
C LYS B 267 -65.85 -33.04 35.83
N LYS B 268 -65.65 -31.75 36.08
CA LYS B 268 -66.52 -30.93 36.89
C LYS B 268 -66.82 -29.68 36.07
N GLN B 269 -67.71 -28.83 36.58
CA GLN B 269 -67.85 -27.49 36.02
C GLN B 269 -66.95 -26.60 36.86
N TYR B 270 -65.67 -26.54 36.48
CA TYR B 270 -64.68 -25.82 37.27
C TYR B 270 -64.97 -24.32 37.16
N ARG B 271 -64.66 -23.59 38.23
CA ARG B 271 -64.74 -22.14 38.22
C ARG B 271 -63.45 -21.52 37.70
N ARG B 272 -63.54 -20.27 37.26
CA ARG B 272 -62.37 -19.57 36.75
C ARG B 272 -61.53 -19.08 37.92
N ARG B 273 -60.25 -19.47 37.91
CA ARG B 273 -59.28 -19.07 38.92
C ARG B 273 -58.08 -18.38 38.28
N LEU B 274 -58.24 -17.90 37.05
CA LEU B 274 -57.09 -17.38 36.30
C LEU B 274 -56.38 -16.29 37.08
N ARG B 275 -57.13 -15.31 37.58
CA ARG B 275 -56.52 -14.25 38.36
C ARG B 275 -55.88 -14.78 39.63
N GLU B 276 -56.54 -15.72 40.30
CA GLU B 276 -55.98 -16.28 41.54
C GLU B 276 -54.71 -17.06 41.26
N GLU B 277 -54.75 -18.01 40.33
CA GLU B 277 -53.57 -18.83 40.09
C GLU B 277 -52.41 -18.00 39.55
N PHE B 278 -52.71 -16.95 38.77
CA PHE B 278 -51.67 -16.09 38.20
C PHE B 278 -51.53 -14.77 38.98
N SER B 279 -51.74 -14.79 40.30
CA SER B 279 -51.62 -13.55 41.06
C SER B 279 -50.24 -12.94 40.93
N PHE B 280 -49.20 -13.77 40.80
CA PHE B 280 -47.84 -13.26 40.72
C PHE B 280 -47.64 -12.40 39.47
N ILE B 281 -48.28 -12.77 38.36
CA ILE B 281 -48.13 -11.96 37.14
C ILE B 281 -48.54 -10.52 37.43
N PRO B 282 -47.80 -9.52 36.95
CA PRO B 282 -48.20 -8.12 37.19
C PRO B 282 -49.65 -7.86 36.80
N SER B 283 -50.23 -6.83 37.43
CA SER B 283 -51.65 -6.57 37.22
C SER B 283 -51.95 -6.15 35.79
N ALA B 284 -51.13 -5.29 35.20
CA ALA B 284 -51.38 -4.88 33.83
C ALA B 284 -51.38 -6.07 32.87
N ALA B 285 -50.48 -7.03 33.10
CA ALA B 285 -50.41 -8.20 32.22
C ALA B 285 -51.53 -9.18 32.51
N LEU B 286 -51.81 -9.43 33.79
CA LEU B 286 -52.85 -10.41 34.14
C LEU B 286 -54.17 -10.10 33.45
N ASP B 287 -54.52 -8.81 33.37
CA ASP B 287 -55.73 -8.41 32.64
C ASP B 287 -55.64 -8.84 31.18
N LEU B 288 -54.47 -8.67 30.55
CA LEU B 288 -54.30 -9.11 29.18
C LEU B 288 -54.52 -10.62 29.05
N LEU B 289 -53.94 -11.39 29.97
CA LEU B 289 -54.10 -12.85 29.91
C LEU B 289 -55.56 -13.25 30.04
N ASP B 290 -56.26 -12.68 31.02
CA ASP B 290 -57.68 -13.01 31.20
C ASP B 290 -58.46 -12.76 29.92
N HIS B 291 -58.14 -11.70 29.18
CA HIS B 291 -58.87 -11.40 27.96
C HIS B 291 -58.41 -12.28 26.81
N MET B 292 -57.10 -12.54 26.72
CA MET B 292 -56.61 -13.40 25.65
C MET B 292 -57.06 -14.83 25.84
N LEU B 293 -57.11 -15.30 27.08
CA LEU B 293 -57.55 -16.68 27.37
C LEU B 293 -59.01 -16.70 27.78
N THR B 294 -59.86 -16.15 26.91
CA THR B 294 -61.30 -16.16 27.10
C THR B 294 -61.94 -17.27 26.26
N LEU B 295 -62.80 -18.07 26.91
CA LEU B 295 -63.31 -19.28 26.26
C LEU B 295 -64.10 -18.94 25.00
N ASP B 296 -65.02 -17.97 25.09
CA ASP B 296 -65.87 -17.65 23.96
C ASP B 296 -65.08 -16.87 22.93
N PRO B 297 -64.91 -17.37 21.70
CA PRO B 297 -64.15 -16.61 20.70
C PRO B 297 -64.73 -15.24 20.45
N SER B 298 -66.03 -15.07 20.66
CA SER B 298 -66.67 -13.79 20.43
C SER B 298 -66.36 -12.76 21.50
N LYS B 299 -66.05 -13.22 22.72
CA LYS B 299 -65.71 -12.33 23.82
C LYS B 299 -64.21 -12.19 24.00
N ARG B 300 -63.42 -13.01 23.30
CA ARG B 300 -61.97 -12.95 23.37
C ARG B 300 -61.45 -11.71 22.65
N CYS B 301 -60.48 -11.05 23.26
CA CYS B 301 -59.97 -9.79 22.74
C CYS B 301 -59.38 -9.96 21.35
N THR B 302 -59.28 -8.84 20.64
CA THR B 302 -58.68 -8.83 19.32
C THR B 302 -57.19 -8.50 19.43
N ALA B 303 -56.46 -8.60 18.32
CA ALA B 303 -55.07 -8.17 18.34
C ALA B 303 -54.96 -6.68 18.60
N GLU B 304 -55.81 -5.87 17.96
CA GLU B 304 -55.75 -4.43 18.20
C GLU B 304 -56.02 -4.11 19.66
N GLN B 305 -56.97 -4.81 20.30
CA GLN B 305 -57.29 -4.52 21.69
C GLN B 305 -56.10 -4.83 22.59
N THR B 306 -55.33 -5.87 22.27
CA THR B 306 -54.13 -6.17 23.04
C THR B 306 -53.10 -5.05 22.90
N LEU B 307 -52.99 -4.46 21.71
CA LEU B 307 -52.08 -3.33 21.51
C LEU B 307 -52.56 -2.04 22.18
N GLN B 308 -53.85 -1.92 22.44
CA GLN B 308 -54.39 -0.80 23.19
C GLN B 308 -54.74 -1.20 24.62
N SER B 309 -53.80 -1.89 25.26
CA SER B 309 -53.89 -2.30 26.64
C SER B 309 -52.87 -1.51 27.46
N ASP B 310 -53.15 -1.38 28.76
CA ASP B 310 -52.17 -0.72 29.62
C ASP B 310 -50.82 -1.39 29.56
N PHE B 311 -50.81 -2.71 29.38
CA PHE B 311 -49.55 -3.46 29.37
C PHE B 311 -48.73 -3.11 28.14
N LEU B 312 -49.36 -3.02 26.97
CA LEU B 312 -48.63 -2.85 25.73
C LEU B 312 -48.77 -1.49 25.06
N LYS B 313 -49.79 -0.69 25.39
CA LYS B 313 -50.01 0.54 24.64
C LYS B 313 -48.80 1.48 24.73
N ASP B 314 -48.20 1.60 25.91
CA ASP B 314 -47.17 2.61 26.15
C ASP B 314 -45.76 2.06 25.96
N VAL B 315 -45.64 0.82 25.46
CA VAL B 315 -44.34 0.27 25.12
C VAL B 315 -43.84 0.98 23.86
N GLU B 316 -42.57 1.38 23.87
CA GLU B 316 -41.98 2.09 22.74
C GLU B 316 -41.11 1.11 21.97
N LEU B 317 -41.38 0.93 20.68
CA LEU B 317 -40.59 -0.03 19.91
C LEU B 317 -39.17 0.44 19.68
N SER B 318 -38.84 1.71 19.99
CA SER B 318 -37.46 2.15 19.86
C SER B 318 -36.53 1.37 20.78
N LYS B 319 -36.95 1.13 22.03
CA LYS B 319 -36.23 0.27 22.97
C LYS B 319 -36.74 -1.17 22.81
N MET B 320 -35.92 -2.06 22.25
CA MET B 320 -36.40 -3.41 22.03
C MET B 320 -36.04 -4.42 23.12
N ALA B 321 -35.42 -4.00 24.18
CA ALA B 321 -35.08 -4.89 25.27
C ALA B 321 -34.72 -6.30 24.84
N PRO B 322 -33.48 -6.55 24.46
CA PRO B 322 -33.04 -7.94 24.21
C PRO B 322 -33.00 -8.72 25.50
N PRO B 323 -33.48 -9.96 25.51
CA PRO B 323 -33.42 -10.78 26.74
C PRO B 323 -31.99 -11.11 27.11
N ASP B 324 -31.83 -11.74 28.27
CA ASP B 324 -30.50 -12.07 28.77
C ASP B 324 -30.01 -13.33 28.03
N LEU B 325 -29.69 -13.14 26.75
CA LEU B 325 -29.11 -14.26 25.98
C LEU B 325 -27.81 -14.71 26.66
N PRO B 326 -27.39 -15.94 26.43
CA PRO B 326 -26.33 -16.54 27.27
C PRO B 326 -25.00 -15.77 27.28
N HIS B 327 -24.32 -15.86 28.43
CA HIS B 327 -23.03 -15.20 28.65
C HIS B 327 -22.01 -16.21 29.19
N TRP B 328 -20.74 -15.77 29.36
CA TRP B 328 -19.68 -16.75 29.55
C TRP B 328 -19.72 -17.39 30.93
N GLN B 329 -19.90 -16.61 32.00
CA GLN B 329 -20.02 -17.25 33.31
C GLN B 329 -21.29 -18.11 33.37
N ASP B 330 -22.25 -17.84 32.50
CA ASP B 330 -23.48 -18.58 32.43
C ASP B 330 -23.23 -20.01 31.93
N THR C 24 -39.24 -5.23 -6.27
CA THR C 24 -39.89 -6.23 -5.42
C THR C 24 -40.82 -7.07 -6.30
N LYS C 25 -41.85 -6.42 -6.87
CA LYS C 25 -42.79 -7.14 -7.71
C LYS C 25 -42.52 -6.84 -9.19
N PRO C 26 -42.65 -7.83 -10.06
CA PRO C 26 -42.30 -7.62 -11.47
C PRO C 26 -43.33 -6.76 -12.19
N CYS C 27 -42.89 -6.16 -13.29
CA CYS C 27 -43.76 -5.37 -14.15
C CYS C 27 -44.40 -6.28 -15.18
N TRP C 28 -45.73 -6.27 -15.23
CA TRP C 28 -46.47 -7.17 -16.10
C TRP C 28 -47.24 -6.43 -17.20
N TYR C 29 -46.81 -5.22 -17.56
CA TYR C 29 -47.55 -4.43 -18.54
C TYR C 29 -46.62 -3.95 -19.64
N TRP C 30 -47.10 -4.07 -20.87
CA TRP C 30 -46.37 -3.73 -22.08
C TRP C 30 -47.15 -2.71 -22.89
N ASP C 31 -46.48 -2.12 -23.88
CA ASP C 31 -47.12 -1.25 -24.85
C ASP C 31 -47.57 -2.05 -26.07
N LYS C 32 -48.68 -1.62 -26.68
CA LYS C 32 -49.20 -2.29 -27.86
C LYS C 32 -48.10 -2.50 -28.90
N LYS C 33 -47.28 -1.48 -29.12
CA LYS C 33 -46.20 -1.60 -30.09
C LYS C 33 -45.28 -2.76 -29.76
N ASP C 34 -45.14 -3.10 -28.49
CA ASP C 34 -44.22 -4.15 -28.09
C ASP C 34 -44.70 -5.52 -28.53
N LEU C 35 -46.00 -5.71 -28.74
CA LEU C 35 -46.51 -7.03 -29.11
C LEU C 35 -46.11 -7.44 -30.52
N ALA C 36 -45.53 -6.53 -31.29
CA ALA C 36 -44.96 -6.90 -32.58
C ALA C 36 -43.72 -7.75 -32.41
N HIS C 37 -43.22 -7.89 -31.17
CA HIS C 37 -41.94 -8.52 -30.89
C HIS C 37 -42.05 -9.62 -29.84
N THR C 38 -43.19 -10.29 -29.76
CA THR C 38 -43.25 -11.49 -28.95
C THR C 38 -42.41 -12.58 -29.59
N PRO C 39 -41.94 -13.55 -28.81
CA PRO C 39 -41.24 -14.70 -29.44
C PRO C 39 -42.02 -15.29 -30.60
N SER C 40 -43.34 -15.39 -30.47
CA SER C 40 -44.15 -15.95 -31.54
C SER C 40 -44.03 -15.12 -32.81
N GLN C 41 -44.07 -13.79 -32.69
CA GLN C 41 -43.92 -12.94 -33.85
C GLN C 41 -42.57 -13.16 -34.55
N LEU C 42 -41.50 -13.26 -33.77
CA LEU C 42 -40.16 -13.32 -34.34
C LEU C 42 -39.81 -14.68 -34.93
N GLU C 43 -40.54 -15.73 -34.58
CA GLU C 43 -40.39 -17.03 -35.21
C GLU C 43 -41.24 -17.15 -36.48
N GLY C 44 -41.75 -16.02 -36.99
CA GLY C 44 -42.46 -15.98 -38.26
C GLY C 44 -43.97 -16.02 -38.16
N LEU C 45 -44.52 -16.13 -36.96
CA LEU C 45 -45.97 -16.09 -36.78
C LEU C 45 -46.45 -14.66 -36.99
N ASP C 46 -47.52 -14.50 -37.79
CA ASP C 46 -47.98 -13.15 -38.10
C ASP C 46 -48.92 -12.63 -37.02
N PRO C 47 -49.16 -11.32 -36.98
CA PRO C 47 -49.98 -10.77 -35.87
C PRO C 47 -51.37 -11.40 -35.79
N ALA C 48 -52.01 -11.68 -36.92
CA ALA C 48 -53.35 -12.26 -36.87
C ALA C 48 -53.33 -13.64 -36.23
N THR C 49 -52.36 -14.47 -36.59
CA THR C 49 -52.32 -15.84 -36.06
C THR C 49 -52.09 -15.85 -34.56
N GLU C 50 -51.15 -15.04 -34.05
CA GLU C 50 -50.96 -15.01 -32.61
C GLU C 50 -52.21 -14.49 -31.92
N ALA C 51 -52.88 -13.50 -32.53
CA ALA C 51 -54.14 -13.02 -31.98
C ALA C 51 -55.19 -14.13 -31.90
N ARG C 52 -55.35 -14.87 -33.00
CA ARG C 52 -56.28 -15.99 -32.98
C ARG C 52 -55.83 -17.04 -31.98
N TYR C 53 -54.53 -17.35 -31.95
CA TYR C 53 -54.04 -18.35 -31.02
C TYR C 53 -54.33 -17.96 -29.57
N ARG C 54 -54.33 -16.67 -29.26
CA ARG C 54 -54.61 -16.25 -27.89
C ARG C 54 -56.08 -16.39 -27.54
N ARG C 55 -56.96 -15.99 -28.46
CA ARG C 55 -58.39 -16.16 -28.23
C ARG C 55 -58.73 -17.61 -27.97
N GLU C 56 -58.21 -18.51 -28.80
CA GLU C 56 -58.54 -19.93 -28.67
C GLU C 56 -58.10 -20.46 -27.30
N GLY C 57 -56.86 -20.16 -26.89
CA GLY C 57 -56.38 -20.64 -25.61
C GLY C 57 -57.15 -20.06 -24.45
N ALA C 58 -57.40 -18.75 -24.48
CA ALA C 58 -58.19 -18.13 -23.42
C ALA C 58 -59.58 -18.75 -23.36
N ARG C 59 -60.22 -18.90 -24.52
CA ARG C 59 -61.55 -19.49 -24.55
C ARG C 59 -61.51 -20.96 -24.14
N PHE C 60 -60.45 -21.67 -24.53
CA PHE C 60 -60.24 -23.03 -24.03
C PHE C 60 -60.16 -23.03 -22.51
N ILE C 61 -59.34 -22.16 -21.94
CA ILE C 61 -59.27 -22.06 -20.48
C ILE C 61 -60.65 -21.71 -19.93
N PHE C 62 -61.37 -20.81 -20.59
CA PHE C 62 -62.69 -20.40 -20.13
C PHE C 62 -63.68 -21.55 -20.18
N ASP C 63 -63.70 -22.30 -21.29
CA ASP C 63 -64.70 -23.34 -21.46
C ASP C 63 -64.45 -24.54 -20.56
N VAL C 64 -63.19 -24.96 -20.43
CA VAL C 64 -62.87 -26.10 -19.58
C VAL C 64 -63.31 -25.83 -18.15
N GLY C 65 -62.86 -24.70 -17.58
CA GLY C 65 -63.14 -24.41 -16.20
C GLY C 65 -64.62 -24.18 -15.92
N THR C 66 -65.34 -23.60 -16.88
CA THR C 66 -66.77 -23.45 -16.73
C THR C 66 -67.44 -24.82 -16.65
N ARG C 67 -66.99 -25.76 -17.48
CA ARG C 67 -67.53 -27.12 -17.39
C ARG C 67 -67.24 -27.72 -16.02
N LEU C 68 -66.07 -27.41 -15.45
CA LEU C 68 -65.72 -27.90 -14.13
C LEU C 68 -66.35 -27.09 -13.01
N GLY C 69 -67.10 -26.04 -13.35
CA GLY C 69 -67.81 -25.25 -12.35
C GLY C 69 -66.97 -24.22 -11.63
N LEU C 70 -65.92 -23.71 -12.27
CA LEU C 70 -64.96 -22.87 -11.58
C LEU C 70 -65.40 -21.41 -11.50
N HIS C 71 -65.05 -20.78 -10.38
CA HIS C 71 -65.28 -19.37 -10.14
C HIS C 71 -64.66 -18.51 -11.23
N TYR C 72 -65.26 -17.34 -11.45
CA TYR C 72 -64.82 -16.50 -12.56
C TYR C 72 -63.40 -16.00 -12.35
N ASP C 73 -63.00 -15.74 -11.11
CA ASP C 73 -61.62 -15.33 -10.84
C ASP C 73 -60.64 -16.44 -11.22
N THR C 74 -61.00 -17.70 -10.95
CA THR C 74 -60.09 -18.79 -11.27
C THR C 74 -59.86 -18.88 -12.78
N LEU C 75 -60.92 -18.74 -13.56
CA LEU C 75 -60.78 -18.74 -15.02
C LEU C 75 -59.86 -17.61 -15.46
N ALA C 76 -60.13 -16.40 -14.97
CA ALA C 76 -59.34 -15.24 -15.37
C ALA C 76 -57.88 -15.39 -14.98
N THR C 77 -57.61 -15.84 -13.75
CA THR C 77 -56.22 -16.02 -13.32
C THR C 77 -55.49 -16.97 -14.25
N GLY C 78 -56.11 -18.09 -14.60
CA GLY C 78 -55.51 -18.97 -15.59
C GLY C 78 -55.26 -18.26 -16.89
N ILE C 79 -56.22 -17.45 -17.33
CA ILE C 79 -56.08 -16.72 -18.59
C ILE C 79 -54.96 -15.69 -18.49
N ILE C 80 -54.83 -15.04 -17.33
CA ILE C 80 -53.79 -14.02 -17.19
C ILE C 80 -52.41 -14.66 -17.24
N TYR C 81 -52.24 -15.77 -16.52
CA TYR C 81 -51.02 -16.57 -16.63
C TYR C 81 -50.74 -16.92 -18.09
N PHE C 82 -51.77 -17.41 -18.77
CA PHE C 82 -51.62 -17.80 -20.17
C PHE C 82 -51.11 -16.64 -21.01
N HIS C 83 -51.77 -15.49 -20.94
CA HIS C 83 -51.33 -14.33 -21.73
C HIS C 83 -49.91 -13.95 -21.39
N ARG C 84 -49.59 -13.86 -20.09
CA ARG C 84 -48.23 -13.49 -19.71
C ARG C 84 -47.24 -14.52 -20.23
N PHE C 85 -47.57 -15.80 -20.11
CA PHE C 85 -46.65 -16.85 -20.54
C PHE C 85 -46.13 -16.61 -21.95
N TYR C 86 -47.02 -16.35 -22.90
CA TYR C 86 -46.60 -16.25 -24.30
C TYR C 86 -46.04 -14.89 -24.65
N MET C 87 -45.84 -14.02 -23.67
CA MET C 87 -44.97 -12.86 -23.85
C MET C 87 -43.50 -13.22 -23.77
N PHE C 88 -43.17 -14.31 -23.09
CA PHE C 88 -41.78 -14.74 -22.95
C PHE C 88 -41.44 -15.97 -23.80
N HIS C 89 -42.43 -16.65 -24.39
CA HIS C 89 -42.22 -17.87 -25.12
C HIS C 89 -43.01 -17.84 -26.43
N SER C 90 -42.70 -18.79 -27.32
CA SER C 90 -43.32 -18.85 -28.63
C SER C 90 -44.41 -19.92 -28.69
N PHE C 91 -45.46 -19.63 -29.46
CA PHE C 91 -46.51 -20.61 -29.69
C PHE C 91 -46.04 -21.81 -30.49
N LYS C 92 -44.96 -21.68 -31.25
CA LYS C 92 -44.50 -22.82 -32.03
C LYS C 92 -43.78 -23.87 -31.21
N GLN C 93 -43.22 -23.50 -30.05
CA GLN C 93 -42.53 -24.45 -29.19
C GLN C 93 -43.36 -24.90 -28.00
N PHE C 94 -44.39 -24.15 -27.63
CA PHE C 94 -45.30 -24.56 -26.56
C PHE C 94 -46.73 -24.61 -27.05
N PRO C 95 -47.29 -25.82 -27.25
CA PRO C 95 -48.69 -25.90 -27.68
C PRO C 95 -49.60 -25.17 -26.71
N ARG C 96 -50.54 -24.41 -27.28
CA ARG C 96 -51.35 -23.54 -26.45
C ARG C 96 -52.21 -24.32 -25.47
N TYR C 97 -52.88 -25.37 -25.96
CA TYR C 97 -53.87 -26.06 -25.14
C TYR C 97 -53.25 -26.73 -23.92
N VAL C 98 -52.04 -27.27 -24.05
CA VAL C 98 -51.35 -27.80 -22.86
C VAL C 98 -51.10 -26.69 -21.86
N THR C 99 -50.55 -25.57 -22.34
CA THR C 99 -50.31 -24.41 -21.49
C THR C 99 -51.59 -23.96 -20.80
N GLY C 100 -52.65 -23.75 -21.56
CA GLY C 100 -53.90 -23.33 -20.97
C GLY C 100 -54.34 -24.25 -19.84
N ALA C 101 -54.30 -25.56 -20.09
CA ALA C 101 -54.64 -26.51 -19.04
C ALA C 101 -53.74 -26.34 -17.83
N CYS C 102 -52.44 -26.16 -18.08
CA CYS C 102 -51.50 -25.96 -16.98
C CYS C 102 -51.80 -24.67 -16.24
N CYS C 103 -52.10 -23.59 -16.98
CA CYS C 103 -52.47 -22.34 -16.34
C CYS C 103 -53.70 -22.52 -15.46
N LEU C 104 -54.73 -23.19 -16.01
CA LEU C 104 -55.93 -23.44 -15.22
C LEU C 104 -55.63 -24.30 -14.01
N PHE C 105 -54.83 -25.36 -14.19
CA PHE C 105 -54.46 -26.23 -13.09
C PHE C 105 -53.85 -25.44 -11.94
N LEU C 106 -52.86 -24.61 -12.24
CA LEU C 106 -52.22 -23.82 -11.19
C LEU C 106 -53.19 -22.80 -10.63
N ALA C 107 -53.90 -22.09 -11.51
CA ALA C 107 -54.86 -21.08 -11.08
C ALA C 107 -55.81 -21.65 -10.04
N GLY C 108 -56.24 -22.89 -10.22
CA GLY C 108 -57.11 -23.51 -9.24
C GLY C 108 -56.51 -23.51 -7.85
N LYS C 109 -55.27 -23.97 -7.74
CA LYS C 109 -54.62 -24.01 -6.42
C LYS C 109 -54.34 -22.61 -5.88
N VAL C 110 -54.03 -21.65 -6.75
CA VAL C 110 -53.73 -20.32 -6.27
C VAL C 110 -54.99 -19.66 -5.72
N GLU C 111 -56.09 -19.73 -6.47
CA GLU C 111 -57.34 -19.11 -6.07
C GLU C 111 -58.20 -20.03 -5.18
N GLU C 112 -57.59 -21.08 -4.63
CA GLU C 112 -58.24 -22.01 -3.69
C GLU C 112 -59.51 -22.62 -4.27
N THR C 113 -59.52 -22.90 -5.57
CA THR C 113 -60.58 -23.67 -6.22
C THR C 113 -59.89 -24.83 -6.91
N PRO C 114 -59.25 -25.72 -6.14
CA PRO C 114 -58.38 -26.73 -6.75
C PRO C 114 -59.14 -27.76 -7.55
N LYS C 115 -58.47 -28.30 -8.55
CA LYS C 115 -59.00 -29.38 -9.36
C LYS C 115 -57.87 -30.37 -9.62
N LYS C 116 -58.20 -31.65 -9.74
CA LYS C 116 -57.19 -32.66 -10.01
C LYS C 116 -56.81 -32.59 -11.47
N CYS C 117 -55.52 -32.77 -11.75
CA CYS C 117 -55.08 -32.67 -13.13
C CYS C 117 -55.81 -33.65 -14.04
N LYS C 118 -56.08 -34.86 -13.55
CA LYS C 118 -56.77 -35.85 -14.39
C LYS C 118 -58.15 -35.35 -14.81
N ASP C 119 -58.83 -34.59 -13.95
CA ASP C 119 -60.15 -34.10 -14.30
C ASP C 119 -60.07 -32.99 -15.35
N ILE C 120 -59.04 -32.14 -15.27
CA ILE C 120 -58.84 -31.15 -16.32
C ILE C 120 -58.59 -31.84 -17.67
N ILE C 121 -57.74 -32.88 -17.67
CA ILE C 121 -57.47 -33.60 -18.91
C ILE C 121 -58.75 -34.21 -19.45
N LYS C 122 -59.52 -34.84 -18.58
CA LYS C 122 -60.80 -35.42 -18.98
C LYS C 122 -61.66 -34.40 -19.71
N THR C 123 -61.83 -33.22 -19.08
CA THR C 123 -62.66 -32.18 -19.68
C THR C 123 -62.05 -31.64 -20.96
N ALA C 124 -60.73 -31.46 -20.98
CA ALA C 124 -60.08 -30.99 -22.20
C ALA C 124 -60.33 -31.96 -23.36
N ARG C 125 -60.28 -33.26 -23.08
CA ARG C 125 -60.52 -34.25 -24.12
C ARG C 125 -61.95 -34.18 -24.64
N SER C 126 -62.91 -33.95 -23.75
CA SER C 126 -64.30 -33.85 -24.16
C SER C 126 -64.53 -32.68 -25.11
N LEU C 127 -63.83 -31.57 -24.89
CA LEU C 127 -64.10 -30.36 -25.67
C LEU C 127 -63.25 -30.30 -26.93
N LEU C 128 -62.08 -30.91 -26.93
CA LEU C 128 -61.15 -30.85 -28.05
C LEU C 128 -61.38 -32.04 -28.99
N ASN C 129 -61.18 -31.80 -30.28
CA ASN C 129 -61.26 -32.88 -31.26
C ASN C 129 -59.98 -33.71 -31.15
N ASP C 130 -59.79 -34.63 -32.09
CA ASP C 130 -58.62 -35.52 -32.01
C ASP C 130 -57.33 -34.80 -32.39
N VAL C 131 -57.37 -33.96 -33.43
CA VAL C 131 -56.16 -33.25 -33.83
C VAL C 131 -55.67 -32.37 -32.68
N GLN C 132 -56.58 -31.61 -32.09
CA GLN C 132 -56.22 -30.68 -31.03
C GLN C 132 -55.64 -31.42 -29.83
N PHE C 133 -56.31 -32.49 -29.39
CA PHE C 133 -55.80 -33.25 -28.26
C PHE C 133 -54.48 -33.95 -28.57
N GLY C 134 -54.07 -34.01 -29.83
CA GLY C 134 -52.76 -34.55 -30.15
C GLY C 134 -51.62 -33.77 -29.55
N GLN C 135 -51.86 -32.48 -29.24
CA GLN C 135 -50.83 -31.68 -28.59
C GLN C 135 -50.41 -32.27 -27.26
N PHE C 136 -51.36 -32.83 -26.51
CA PHE C 136 -51.07 -33.42 -25.21
C PHE C 136 -50.20 -34.65 -25.33
N GLY C 137 -49.98 -35.12 -26.56
CA GLY C 137 -49.05 -36.19 -26.76
C GLY C 137 -49.62 -37.49 -26.23
N ASP C 138 -48.70 -38.43 -25.99
CA ASP C 138 -49.11 -39.75 -25.53
C ASP C 138 -49.63 -39.71 -24.11
N ASP C 139 -48.84 -39.17 -23.18
CA ASP C 139 -49.26 -39.01 -21.80
C ASP C 139 -49.67 -37.56 -21.58
N PRO C 140 -50.97 -37.22 -21.58
CA PRO C 140 -51.37 -35.81 -21.43
C PRO C 140 -50.97 -35.27 -20.07
N LYS C 141 -51.27 -36.02 -19.02
CA LYS C 141 -50.93 -35.57 -17.67
C LYS C 141 -49.46 -35.22 -17.56
N GLU C 142 -48.58 -36.07 -18.12
CA GLU C 142 -47.15 -35.82 -17.98
C GLU C 142 -46.72 -34.58 -18.74
N GLU C 143 -47.21 -34.39 -19.97
CA GLU C 143 -46.84 -33.20 -20.73
C GLU C 143 -47.29 -31.93 -20.03
N VAL C 144 -48.45 -31.99 -19.35
CA VAL C 144 -48.94 -30.84 -18.62
C VAL C 144 -48.08 -30.59 -17.38
N MET C 145 -47.78 -31.66 -16.63
CA MET C 145 -47.02 -31.49 -15.39
C MET C 145 -45.64 -30.91 -15.67
N VAL C 146 -45.03 -31.30 -16.79
CA VAL C 146 -43.70 -30.80 -17.13
C VAL C 146 -43.74 -29.29 -17.34
N LEU C 147 -44.87 -28.77 -17.79
CA LEU C 147 -45.02 -27.34 -18.03
C LEU C 147 -45.23 -26.53 -16.76
N GLU C 148 -45.72 -27.14 -15.68
CA GLU C 148 -45.90 -26.37 -14.44
C GLU C 148 -44.60 -25.75 -14.00
N ARG C 149 -43.50 -26.48 -14.14
CA ARG C 149 -42.19 -25.94 -13.77
C ARG C 149 -41.87 -24.69 -14.56
N ILE C 150 -42.02 -24.75 -15.88
CA ILE C 150 -41.73 -23.60 -16.71
C ILE C 150 -42.68 -22.46 -16.39
N LEU C 151 -43.96 -22.77 -16.21
CA LEU C 151 -44.94 -21.74 -15.91
C LEU C 151 -44.56 -20.96 -14.67
N LEU C 152 -44.30 -21.66 -13.56
CA LEU C 152 -43.93 -20.99 -12.32
C LEU C 152 -42.74 -20.06 -12.54
N GLN C 153 -41.70 -20.56 -13.22
CA GLN C 153 -40.55 -19.71 -13.49
C GLN C 153 -40.93 -18.54 -14.39
N THR C 154 -41.80 -18.79 -15.38
CA THR C 154 -42.19 -17.73 -16.30
C THR C 154 -42.97 -16.64 -15.59
N ILE C 155 -43.96 -17.00 -14.78
CA ILE C 155 -44.73 -16.00 -14.04
C ILE C 155 -43.92 -15.46 -12.85
N LYS C 156 -42.65 -15.87 -12.74
CA LYS C 156 -41.76 -15.35 -11.71
C LYS C 156 -42.37 -15.54 -10.32
N PHE C 157 -43.19 -16.59 -10.15
CA PHE C 157 -43.87 -16.93 -8.90
C PHE C 157 -44.78 -15.82 -8.41
N ASP C 158 -45.22 -14.95 -9.32
CA ASP C 158 -46.18 -13.88 -9.04
C ASP C 158 -47.60 -14.43 -9.17
N LEU C 159 -48.09 -15.04 -8.10
CA LEU C 159 -49.39 -15.72 -8.10
C LEU C 159 -50.57 -14.77 -7.93
N GLN C 160 -50.42 -13.71 -7.13
CA GLN C 160 -51.54 -12.84 -6.83
C GLN C 160 -51.95 -12.06 -8.07
N VAL C 161 -53.23 -12.12 -8.42
CA VAL C 161 -53.73 -11.35 -9.55
C VAL C 161 -55.07 -10.73 -9.19
N GLU C 162 -55.24 -9.46 -9.58
CA GLU C 162 -56.47 -8.72 -9.42
C GLU C 162 -57.17 -8.66 -10.77
N HIS C 163 -58.50 -8.66 -10.74
CA HIS C 163 -59.23 -8.74 -12.00
C HIS C 163 -60.25 -7.63 -12.09
N PRO C 164 -60.61 -7.21 -13.31
CA PRO C 164 -61.57 -6.11 -13.45
C PRO C 164 -62.86 -6.35 -12.67
N TYR C 165 -63.23 -7.61 -12.43
CA TYR C 165 -64.52 -7.90 -11.82
C TYR C 165 -64.67 -7.20 -10.48
N GLN C 166 -63.64 -7.28 -9.62
CA GLN C 166 -63.79 -6.72 -8.29
C GLN C 166 -63.97 -5.20 -8.35
N PHE C 167 -63.35 -4.55 -9.34
CA PHE C 167 -63.46 -3.10 -9.44
C PHE C 167 -64.78 -2.68 -10.06
N LEU C 168 -65.27 -3.43 -11.05
CA LEU C 168 -66.59 -3.17 -11.60
C LEU C 168 -67.62 -3.12 -10.47
N LEU C 169 -67.50 -4.03 -9.50
CA LEU C 169 -68.45 -4.06 -8.39
C LEU C 169 -68.12 -3.01 -7.32
N LYS C 170 -66.84 -2.81 -7.00
CA LYS C 170 -66.50 -1.77 -6.03
C LYS C 170 -66.98 -0.40 -6.50
N TYR C 171 -66.81 -0.11 -7.79
CA TYR C 171 -67.20 1.20 -8.31
C TYR C 171 -68.71 1.30 -8.46
N ALA C 172 -69.35 0.24 -8.96
CA ALA C 172 -70.80 0.27 -9.12
C ALA C 172 -71.52 0.48 -7.80
N LYS C 173 -70.99 -0.07 -6.70
CA LYS C 173 -71.63 0.11 -5.40
C LYS C 173 -71.78 1.57 -5.02
N GLN C 174 -70.91 2.44 -5.55
CA GLN C 174 -70.94 3.85 -5.22
C GLN C 174 -71.93 4.62 -6.09
N LEU C 175 -72.37 4.05 -7.22
CA LEU C 175 -73.40 4.67 -8.03
C LEU C 175 -74.76 4.52 -7.34
N LYS C 176 -75.53 5.60 -7.32
CA LYS C 176 -76.90 5.59 -6.80
C LYS C 176 -77.85 6.19 -7.81
N GLY C 177 -78.97 5.51 -8.04
CA GLY C 177 -79.91 5.91 -9.06
C GLY C 177 -80.85 4.77 -9.37
N ASP C 178 -81.42 4.82 -10.57
CA ASP C 178 -82.32 3.77 -11.04
C ASP C 178 -81.65 2.41 -10.93
N LYS C 179 -82.27 1.51 -10.14
CA LYS C 179 -81.66 0.23 -9.86
C LYS C 179 -81.47 -0.58 -11.13
N ASN C 180 -82.44 -0.53 -12.03
CA ASN C 180 -82.40 -1.33 -13.24
C ASN C 180 -81.39 -0.82 -14.25
N LYS C 181 -81.25 0.50 -14.38
CA LYS C 181 -80.31 1.05 -15.34
C LYS C 181 -78.86 0.74 -14.94
N ILE C 182 -78.59 0.75 -13.63
CA ILE C 182 -77.25 0.43 -13.15
C ILE C 182 -76.94 -1.06 -13.31
N GLN C 183 -77.93 -1.90 -13.03
CA GLN C 183 -77.72 -3.34 -13.22
C GLN C 183 -77.52 -3.66 -14.70
N LYS C 184 -78.27 -3.02 -15.59
CA LYS C 184 -78.00 -3.20 -17.01
C LYS C 184 -76.58 -2.75 -17.34
N LEU C 185 -76.14 -1.64 -16.75
CA LEU C 185 -74.76 -1.17 -16.96
C LEU C 185 -73.77 -2.21 -16.45
N VAL C 186 -74.03 -2.81 -15.29
CA VAL C 186 -73.07 -3.74 -14.71
C VAL C 186 -72.98 -5.00 -15.55
N GLN C 187 -74.13 -5.61 -15.88
CA GLN C 187 -74.07 -6.85 -16.65
C GLN C 187 -73.41 -6.65 -17.99
N MET C 188 -73.77 -5.57 -18.70
CA MET C 188 -73.14 -5.32 -19.99
C MET C 188 -71.63 -5.15 -19.84
N ALA C 189 -71.21 -4.37 -18.84
CA ALA C 189 -69.78 -4.23 -18.57
C ALA C 189 -69.16 -5.56 -18.18
N TRP C 190 -69.87 -6.34 -17.35
CA TRP C 190 -69.36 -7.64 -16.96
C TRP C 190 -69.09 -8.51 -18.18
N THR C 191 -70.03 -8.53 -19.13
CA THR C 191 -69.81 -9.27 -20.38
C THR C 191 -68.57 -8.74 -21.11
N PHE C 192 -68.39 -7.43 -21.16
CA PHE C 192 -67.21 -6.89 -21.82
C PHE C 192 -65.94 -7.34 -21.13
N VAL C 193 -65.96 -7.49 -19.80
CA VAL C 193 -64.81 -8.03 -19.09
C VAL C 193 -64.51 -9.46 -19.56
N ASN C 194 -65.53 -10.31 -19.56
CA ASN C 194 -65.33 -11.69 -20.00
C ASN C 194 -64.73 -11.75 -21.40
N ASP C 195 -65.15 -10.84 -22.29
CA ASP C 195 -64.66 -10.84 -23.65
C ASP C 195 -63.25 -10.33 -23.78
N SER C 196 -62.84 -9.39 -22.91
CA SER C 196 -61.50 -8.84 -22.98
C SER C 196 -60.44 -9.85 -22.54
N LEU C 197 -60.84 -10.96 -21.91
CA LEU C 197 -59.89 -11.98 -21.51
C LEU C 197 -59.32 -12.68 -22.74
N CYS C 198 -59.97 -12.54 -23.90
CA CYS C 198 -59.48 -13.09 -25.15
C CYS C 198 -58.47 -12.17 -25.84
N THR C 199 -58.16 -11.02 -25.24
CA THR C 199 -57.29 -10.03 -25.84
C THR C 199 -56.08 -9.77 -24.95
N THR C 200 -55.13 -9.02 -25.52
CA THR C 200 -53.93 -8.62 -24.81
C THR C 200 -54.13 -7.41 -23.92
N LEU C 201 -55.38 -6.96 -23.72
CA LEU C 201 -55.62 -5.85 -22.81
C LEU C 201 -55.12 -6.19 -21.40
N SER C 202 -55.28 -7.45 -20.99
CA SER C 202 -54.75 -7.90 -19.70
C SER C 202 -53.27 -7.57 -19.56
N LEU C 203 -52.56 -7.43 -20.69
CA LEU C 203 -51.14 -7.14 -20.69
C LEU C 203 -50.82 -5.67 -20.89
N GLN C 204 -51.81 -4.83 -21.22
CA GLN C 204 -51.57 -3.43 -21.50
C GLN C 204 -52.00 -2.50 -20.39
N TRP C 205 -53.05 -2.83 -19.64
CA TRP C 205 -53.64 -1.89 -18.70
C TRP C 205 -54.00 -2.63 -17.42
N GLU C 206 -53.79 -1.97 -16.29
CA GLU C 206 -54.17 -2.52 -15.00
C GLU C 206 -55.67 -2.84 -14.97
N PRO C 207 -56.09 -3.79 -14.13
CA PRO C 207 -57.52 -4.15 -14.09
C PRO C 207 -58.43 -2.99 -13.74
N GLU C 208 -57.98 -2.06 -12.89
CA GLU C 208 -58.81 -0.92 -12.52
C GLU C 208 -59.27 -0.12 -13.73
N ILE C 209 -58.35 0.12 -14.68
CA ILE C 209 -58.69 0.87 -15.88
C ILE C 209 -59.70 0.09 -16.72
N ILE C 210 -59.50 -1.22 -16.84
CA ILE C 210 -60.41 -2.05 -17.61
C ILE C 210 -61.82 -1.93 -17.06
N ALA C 211 -61.97 -1.99 -15.73
CA ALA C 211 -63.30 -1.88 -15.13
C ALA C 211 -63.96 -0.55 -15.49
N VAL C 212 -63.19 0.54 -15.48
CA VAL C 212 -63.72 1.83 -15.87
C VAL C 212 -64.07 1.83 -17.36
N ALA C 213 -63.17 1.32 -18.20
CA ALA C 213 -63.40 1.34 -19.63
C ALA C 213 -64.70 0.63 -19.99
N VAL C 214 -64.97 -0.51 -19.35
CA VAL C 214 -66.18 -1.26 -19.67
C VAL C 214 -67.43 -0.55 -19.15
N MET C 215 -67.32 0.13 -18.01
CA MET C 215 -68.41 1.00 -17.57
C MET C 215 -68.66 2.11 -18.59
N TYR C 216 -67.59 2.77 -19.00
CA TYR C 216 -67.64 3.82 -20.02
C TYR C 216 -68.26 3.30 -21.31
N LEU C 217 -67.82 2.12 -21.76
CA LEU C 217 -68.38 1.56 -22.99
C LEU C 217 -69.86 1.28 -22.84
N ALA C 218 -70.25 0.60 -21.75
CA ALA C 218 -71.66 0.31 -21.53
C ALA C 218 -72.48 1.59 -21.41
N GLY C 219 -71.93 2.62 -20.77
CA GLY C 219 -72.64 3.88 -20.68
C GLY C 219 -72.95 4.48 -22.04
N ARG C 220 -71.96 4.50 -22.93
CA ARG C 220 -72.19 4.98 -24.28
C ARG C 220 -73.25 4.15 -24.99
N LEU C 221 -73.15 2.82 -24.91
CA LEU C 221 -74.08 1.98 -25.65
C LEU C 221 -75.50 2.09 -25.10
N CYS C 222 -75.66 2.15 -23.77
CA CYS C 222 -77.01 2.31 -23.21
C CYS C 222 -77.47 3.77 -23.17
N LYS C 223 -76.64 4.72 -23.64
CA LYS C 223 -76.99 6.13 -23.60
C LYS C 223 -77.29 6.58 -22.18
N PHE C 224 -76.43 6.16 -21.24
CA PHE C 224 -76.53 6.55 -19.85
C PHE C 224 -75.42 7.55 -19.52
N GLU C 225 -75.73 8.56 -18.71
CA GLU C 225 -74.72 9.53 -18.24
C GLU C 225 -74.39 9.20 -16.78
N ILE C 226 -73.27 8.50 -16.60
CA ILE C 226 -72.88 7.95 -15.31
C ILE C 226 -72.56 9.01 -14.27
N GLN C 227 -72.18 10.22 -14.68
CA GLN C 227 -71.78 11.22 -13.70
C GLN C 227 -72.94 11.53 -12.74
N GLU C 228 -74.18 11.45 -13.24
CA GLU C 228 -75.32 11.78 -12.39
C GLU C 228 -75.47 10.82 -11.22
N TRP C 229 -75.09 9.55 -11.40
CA TRP C 229 -75.17 8.58 -10.32
C TRP C 229 -74.10 8.78 -9.25
N THR C 230 -73.01 9.49 -9.58
CA THR C 230 -71.90 9.67 -8.67
C THR C 230 -72.21 10.73 -7.61
N SER C 231 -71.34 10.80 -6.59
CA SER C 231 -71.45 11.84 -5.56
C SER C 231 -71.12 13.22 -6.11
N LYS C 232 -70.37 13.30 -7.21
CA LYS C 232 -70.06 14.57 -7.85
C LYS C 232 -70.79 14.65 -9.19
N PRO C 233 -72.08 14.97 -9.19
CA PRO C 233 -72.85 14.88 -10.45
C PRO C 233 -72.41 15.89 -11.52
N MET C 234 -71.76 16.98 -11.15
CA MET C 234 -71.32 18.00 -12.09
C MET C 234 -69.92 17.74 -12.61
N TYR C 235 -69.29 16.65 -12.18
CA TYR C 235 -67.95 16.25 -12.59
C TYR C 235 -68.11 15.34 -13.82
N ARG C 236 -68.01 15.94 -15.01
CA ARG C 236 -68.34 15.20 -16.21
C ARG C 236 -67.40 14.01 -16.44
N ARG C 237 -66.15 14.11 -15.98
CA ARG C 237 -65.23 12.97 -16.01
C ARG C 237 -65.45 12.17 -14.73
N TRP C 238 -66.49 11.34 -14.76
CA TRP C 238 -66.92 10.62 -13.56
C TRP C 238 -65.85 9.65 -13.07
N TRP C 239 -65.13 9.01 -13.99
CA TRP C 239 -64.21 7.96 -13.59
C TRP C 239 -63.05 8.49 -12.76
N GLU C 240 -62.70 9.77 -12.88
CA GLU C 240 -61.50 10.26 -12.22
C GLU C 240 -61.56 10.14 -10.71
N GLN C 241 -62.76 9.96 -10.13
CA GLN C 241 -62.90 9.72 -8.71
C GLN C 241 -62.68 8.26 -8.35
N PHE C 242 -62.63 7.37 -9.34
CA PHE C 242 -62.29 5.96 -9.12
C PHE C 242 -60.84 5.68 -9.49
N VAL C 243 -60.43 6.06 -10.68
CA VAL C 243 -59.10 5.79 -11.21
C VAL C 243 -58.46 7.13 -11.56
N GLN C 244 -57.38 7.48 -10.83
CA GLN C 244 -56.72 8.74 -11.09
C GLN C 244 -55.80 8.61 -12.31
N ASP C 245 -55.69 9.71 -13.07
CA ASP C 245 -54.72 9.85 -14.16
C ASP C 245 -55.08 9.01 -15.39
N VAL C 246 -56.35 8.88 -15.72
CA VAL C 246 -56.69 8.13 -16.92
C VAL C 246 -57.24 9.10 -17.95
N PRO C 247 -56.54 9.35 -19.05
CA PRO C 247 -57.10 10.18 -20.11
C PRO C 247 -58.16 9.39 -20.86
N VAL C 248 -59.05 10.14 -21.52
CA VAL C 248 -60.04 9.45 -22.35
C VAL C 248 -59.33 8.66 -23.43
N ASP C 249 -58.14 9.11 -23.83
CA ASP C 249 -57.35 8.40 -24.83
C ASP C 249 -57.33 6.90 -24.53
N VAL C 250 -57.05 6.56 -23.28
CA VAL C 250 -56.90 5.17 -22.88
C VAL C 250 -58.24 4.44 -22.93
N LEU C 251 -59.28 5.02 -22.33
CA LEU C 251 -60.57 4.35 -22.32
C LEU C 251 -61.07 4.09 -23.74
N GLU C 252 -60.81 5.02 -24.66
CA GLU C 252 -61.24 4.82 -26.03
C GLU C 252 -60.46 3.70 -26.71
N ASP C 253 -59.14 3.68 -26.52
CA ASP C 253 -58.32 2.61 -27.06
C ASP C 253 -58.84 1.25 -26.59
N ILE C 254 -59.23 1.16 -25.32
CA ILE C 254 -59.77 -0.09 -24.79
C ILE C 254 -61.10 -0.42 -25.46
N CYS C 255 -62.02 0.54 -25.50
CA CYS C 255 -63.32 0.30 -26.12
C CYS C 255 -63.15 -0.14 -27.57
N HIS C 256 -62.30 0.54 -28.33
CA HIS C 256 -62.06 0.17 -29.72
C HIS C 256 -61.62 -1.29 -29.81
N GLN C 257 -60.68 -1.68 -28.96
CA GLN C 257 -60.20 -3.06 -28.98
C GLN C 257 -61.30 -4.05 -28.61
N ILE C 258 -62.18 -3.67 -27.67
CA ILE C 258 -63.26 -4.59 -27.30
C ILE C 258 -64.27 -4.75 -28.44
N LEU C 259 -64.72 -3.64 -29.03
CA LEU C 259 -65.72 -3.75 -30.09
C LEU C 259 -65.15 -4.41 -31.35
N ASP C 260 -63.84 -4.36 -31.55
CA ASP C 260 -63.25 -5.03 -32.71
C ASP C 260 -63.56 -6.51 -32.69
N LEU C 261 -63.46 -7.14 -31.51
CA LEU C 261 -63.76 -8.56 -31.41
C LEU C 261 -65.18 -8.83 -31.91
N TYR C 262 -66.12 -7.96 -31.55
CA TYR C 262 -67.50 -8.15 -32.00
C TYR C 262 -67.63 -7.94 -33.50
N SER C 263 -66.96 -6.90 -34.04
CA SER C 263 -67.09 -6.63 -35.48
C SER C 263 -66.40 -7.71 -36.29
N GLN C 264 -65.25 -8.21 -35.82
CA GLN C 264 -64.57 -9.30 -36.51
C GLN C 264 -65.45 -10.54 -36.52
N GLY C 265 -66.02 -10.89 -35.37
CA GLY C 265 -66.84 -12.09 -35.30
C GLY C 265 -68.20 -11.82 -35.93
N LYS C 266 -69.12 -12.75 -35.68
CA LYS C 266 -70.50 -12.59 -36.11
C LYS C 266 -71.36 -12.02 -34.99
N GLN C 267 -70.85 -12.09 -33.75
CA GLN C 267 -71.53 -11.60 -32.56
C GLN C 267 -71.61 -10.07 -32.53
N GLN C 268 -72.68 -9.57 -31.91
CA GLN C 268 -72.93 -8.13 -31.79
C GLN C 268 -72.95 -7.69 -30.33
N MET C 269 -72.99 -6.37 -30.11
CA MET C 269 -72.98 -5.83 -28.76
C MET C 269 -74.18 -6.36 -27.98
N PRO C 270 -74.01 -6.74 -26.71
CA PRO C 270 -75.10 -7.46 -26.02
C PRO C 270 -76.41 -6.69 -25.92
N HIS C 271 -76.33 -5.43 -25.51
CA HIS C 271 -77.50 -4.57 -25.30
C HIS C 271 -78.73 -5.35 -24.86
N MET D 5 12.52 -8.26 -62.31
CA MET D 5 11.07 -7.99 -62.45
C MET D 5 10.30 -9.31 -62.32
N SER D 6 8.99 -9.22 -62.08
CA SER D 6 8.14 -10.38 -61.89
C SER D 6 7.06 -10.42 -62.96
N TYR D 7 6.64 -11.64 -63.30
CA TYR D 7 5.71 -11.90 -64.40
C TYR D 7 4.63 -12.86 -63.93
N ASN D 8 3.38 -12.55 -64.26
CA ASN D 8 2.28 -13.39 -63.79
C ASN D 8 1.16 -13.47 -64.84
N TYR D 9 0.28 -14.46 -64.64
CA TYR D 9 -0.78 -14.87 -65.56
C TYR D 9 -2.03 -15.17 -64.75
N VAL D 10 -3.16 -14.59 -65.14
CA VAL D 10 -4.42 -14.70 -64.40
C VAL D 10 -5.48 -15.32 -65.32
N VAL D 11 -6.17 -16.33 -64.82
CA VAL D 11 -7.21 -17.04 -65.56
C VAL D 11 -8.45 -17.22 -64.69
N THR D 12 -9.62 -17.15 -65.32
CA THR D 12 -10.88 -17.40 -64.64
C THR D 12 -11.18 -18.89 -64.60
N ALA D 13 -11.25 -19.46 -63.40
CA ALA D 13 -11.64 -20.86 -63.26
C ALA D 13 -13.15 -21.03 -63.27
N GLN D 14 -13.86 -20.16 -62.58
CA GLN D 14 -15.32 -20.14 -62.57
C GLN D 14 -15.76 -18.71 -62.83
N LYS D 15 -16.67 -18.53 -63.78
CA LYS D 15 -17.13 -17.19 -64.13
C LYS D 15 -18.01 -16.62 -63.03
N PRO D 16 -18.19 -15.30 -63.01
CA PRO D 16 -19.10 -14.69 -62.02
C PRO D 16 -20.48 -15.33 -62.06
N THR D 17 -21.00 -15.68 -60.88
CA THR D 17 -22.30 -16.34 -60.78
C THR D 17 -23.40 -15.42 -60.25
N ALA D 18 -23.04 -14.35 -59.57
CA ALA D 18 -24.04 -13.46 -58.97
C ALA D 18 -24.76 -12.63 -60.03
N VAL D 19 -26.05 -12.43 -59.83
CA VAL D 19 -26.87 -11.64 -60.73
C VAL D 19 -26.82 -10.17 -60.31
N ASN D 20 -26.26 -9.33 -61.18
CA ASN D 20 -26.17 -7.91 -60.91
C ASN D 20 -27.34 -7.11 -61.49
N GLY D 21 -28.03 -7.66 -62.48
CA GLY D 21 -29.25 -7.05 -62.98
C GLY D 21 -29.86 -7.95 -64.04
N CYS D 22 -31.12 -7.64 -64.38
CA CYS D 22 -31.78 -8.41 -65.43
C CYS D 22 -32.96 -7.63 -65.97
N VAL D 23 -33.18 -7.72 -67.29
CA VAL D 23 -34.26 -7.03 -67.98
C VAL D 23 -34.99 -8.01 -68.90
N THR D 24 -36.19 -7.61 -69.30
CA THR D 24 -37.01 -8.35 -70.26
C THR D 24 -37.34 -7.46 -71.44
N GLY D 25 -37.62 -8.09 -72.58
CA GLY D 25 -37.93 -7.33 -73.78
C GLY D 25 -37.84 -8.21 -75.03
N HIS D 26 -37.62 -7.53 -76.17
CA HIS D 26 -37.67 -8.14 -77.49
C HIS D 26 -36.41 -7.77 -78.27
N PHE D 27 -35.30 -8.38 -77.88
CA PHE D 27 -33.97 -8.02 -78.36
C PHE D 27 -33.50 -8.87 -79.54
N THR D 28 -33.71 -10.19 -79.47
CA THR D 28 -33.24 -11.06 -80.55
C THR D 28 -34.19 -11.04 -81.75
N SER D 29 -35.50 -10.91 -81.50
CA SER D 29 -36.50 -10.83 -82.53
C SER D 29 -37.69 -10.06 -81.96
N ALA D 30 -38.43 -9.39 -82.84
CA ALA D 30 -39.63 -8.69 -82.37
C ALA D 30 -40.68 -9.66 -81.86
N GLU D 31 -40.49 -10.96 -82.08
CA GLU D 31 -41.43 -12.00 -81.66
C GLU D 31 -40.99 -12.67 -80.37
N ASP D 32 -39.70 -12.92 -80.21
CA ASP D 32 -39.19 -13.61 -79.04
C ASP D 32 -39.37 -12.75 -77.79
N LEU D 33 -39.64 -13.40 -76.66
CA LEU D 33 -39.58 -12.74 -75.36
C LEU D 33 -38.24 -13.13 -74.73
N ASN D 34 -37.40 -12.14 -74.49
CA ASN D 34 -36.05 -12.36 -74.02
C ASN D 34 -35.93 -12.04 -72.54
N LEU D 35 -34.95 -12.69 -71.89
CA LEU D 35 -34.50 -12.32 -70.55
C LEU D 35 -32.99 -12.15 -70.62
N LEU D 36 -32.51 -10.94 -70.42
CA LEU D 36 -31.08 -10.66 -70.39
C LEU D 36 -30.65 -10.56 -68.93
N ILE D 37 -29.70 -11.41 -68.53
CA ILE D 37 -29.19 -11.46 -67.18
C ILE D 37 -27.75 -10.97 -67.21
N ALA D 38 -27.41 -10.04 -66.34
CA ALA D 38 -26.07 -9.45 -66.30
C ALA D 38 -25.30 -9.96 -65.08
N LYS D 39 -24.14 -10.55 -65.33
CA LYS D 39 -23.10 -10.80 -64.35
C LYS D 39 -21.98 -9.78 -64.54
N ASN D 40 -21.10 -9.70 -63.54
CA ASN D 40 -20.19 -8.56 -63.48
C ASN D 40 -19.58 -8.21 -64.82
N THR D 41 -19.08 -9.20 -65.54
CA THR D 41 -18.52 -9.01 -66.87
C THR D 41 -19.20 -9.84 -67.94
N ARG D 42 -20.24 -10.60 -67.62
CA ARG D 42 -20.88 -11.51 -68.55
C ARG D 42 -22.33 -11.12 -68.78
N LEU D 43 -22.74 -11.11 -70.05
CA LEU D 43 -24.12 -10.88 -70.46
C LEU D 43 -24.69 -12.16 -71.04
N GLU D 44 -25.79 -12.64 -70.45
CA GLU D 44 -26.44 -13.88 -70.86
C GLU D 44 -27.80 -13.56 -71.47
N ILE D 45 -28.05 -14.11 -72.67
CA ILE D 45 -29.29 -13.87 -73.40
C ILE D 45 -30.09 -15.17 -73.44
N TYR D 46 -31.34 -15.12 -73.01
CA TYR D 46 -32.25 -16.26 -72.97
C TYR D 46 -33.52 -15.93 -73.76
N VAL D 47 -34.28 -16.98 -74.09
CA VAL D 47 -35.62 -16.83 -74.66
C VAL D 47 -36.62 -17.58 -73.77
N VAL D 48 -37.74 -16.93 -73.48
CA VAL D 48 -38.74 -17.43 -72.54
C VAL D 48 -39.62 -18.46 -73.21
N THR D 49 -39.78 -19.61 -72.57
CA THR D 49 -40.67 -20.69 -72.98
C THR D 49 -41.68 -20.95 -71.87
N ALA D 50 -42.56 -21.93 -72.08
CA ALA D 50 -43.46 -22.41 -71.03
C ALA D 50 -42.77 -23.36 -70.07
N GLU D 51 -41.51 -23.71 -70.35
CA GLU D 51 -40.73 -24.69 -69.61
C GLU D 51 -39.69 -24.08 -68.69
N GLY D 52 -39.07 -22.99 -69.12
CA GLY D 52 -37.97 -22.37 -68.43
C GLY D 52 -37.33 -21.36 -69.36
N LEU D 53 -36.00 -21.29 -69.37
CA LEU D 53 -35.26 -20.35 -70.20
C LEU D 53 -34.47 -21.11 -71.24
N ARG D 54 -34.50 -20.66 -72.48
CA ARG D 54 -33.69 -21.25 -73.54
C ARG D 54 -32.51 -20.35 -73.85
N PRO D 55 -31.27 -20.79 -73.58
CA PRO D 55 -30.11 -19.95 -73.90
C PRO D 55 -29.94 -19.78 -75.40
N VAL D 56 -29.42 -18.62 -75.79
CA VAL D 56 -29.20 -18.36 -77.21
C VAL D 56 -27.77 -17.87 -77.44
N LYS D 57 -27.24 -17.04 -76.54
CA LYS D 57 -25.91 -16.46 -76.74
C LYS D 57 -25.41 -15.90 -75.41
N GLU D 58 -24.10 -16.00 -75.21
CA GLU D 58 -23.43 -15.38 -74.08
C GLU D 58 -22.18 -14.68 -74.57
N VAL D 59 -21.99 -13.43 -74.16
CA VAL D 59 -20.81 -12.66 -74.52
C VAL D 59 -20.14 -12.12 -73.26
N GLY D 60 -18.84 -11.92 -73.34
CA GLY D 60 -18.09 -11.18 -72.34
C GLY D 60 -17.78 -9.78 -72.82
N MET D 61 -17.69 -8.85 -71.87
CA MET D 61 -17.34 -7.47 -72.14
C MET D 61 -16.10 -7.07 -71.35
N TYR D 62 -15.35 -6.13 -71.91
CA TYR D 62 -14.15 -5.60 -71.27
C TYR D 62 -14.54 -4.44 -70.33
N GLY D 63 -15.33 -4.81 -69.31
CA GLY D 63 -15.88 -3.82 -68.41
C GLY D 63 -16.93 -4.37 -67.48
N LYS D 64 -17.12 -3.71 -66.34
CA LYS D 64 -18.18 -4.02 -65.41
C LYS D 64 -19.49 -3.38 -65.85
N ILE D 65 -20.54 -4.18 -65.97
CA ILE D 65 -21.82 -3.70 -66.47
C ILE D 65 -22.52 -2.92 -65.36
N ALA D 66 -22.66 -1.60 -65.53
CA ALA D 66 -23.33 -0.77 -64.54
C ALA D 66 -24.79 -0.52 -64.88
N VAL D 67 -25.09 -0.17 -66.14
CA VAL D 67 -26.46 0.07 -66.59
C VAL D 67 -26.75 -0.91 -67.72
N MET D 68 -27.95 -1.50 -67.68
CA MET D 68 -28.41 -2.40 -68.74
C MET D 68 -29.90 -2.20 -68.94
N GLU D 69 -30.29 -1.77 -70.14
CA GLU D 69 -31.68 -1.47 -70.42
C GLU D 69 -31.99 -1.76 -71.87
N LEU D 70 -33.22 -2.19 -72.14
CA LEU D 70 -33.70 -2.42 -73.49
C LEU D 70 -34.67 -1.30 -73.88
N PHE D 71 -34.52 -0.81 -75.10
CA PHE D 71 -35.36 0.27 -75.61
C PHE D 71 -35.54 0.04 -77.10
N ARG D 72 -36.55 0.67 -77.67
CA ARG D 72 -36.88 0.48 -79.08
C ARG D 72 -37.24 1.81 -79.72
N PRO D 73 -36.27 2.47 -80.36
CA PRO D 73 -36.53 3.80 -80.92
C PRO D 73 -37.43 3.74 -82.13
N LYS D 74 -38.13 4.85 -82.36
CA LYS D 74 -39.03 4.98 -83.50
C LYS D 74 -38.31 4.57 -84.77
N GLY D 75 -38.90 3.61 -85.49
CA GLY D 75 -38.34 3.11 -86.72
C GLY D 75 -37.66 1.77 -86.65
N GLU D 76 -37.35 1.26 -85.45
CA GLU D 76 -36.66 -0.01 -85.33
C GLU D 76 -37.60 -1.21 -85.33
N SER D 77 -37.08 -2.33 -85.85
CA SER D 77 -37.85 -3.55 -85.92
C SER D 77 -37.98 -4.25 -84.57
N LYS D 78 -36.97 -4.13 -83.72
CA LYS D 78 -36.91 -4.87 -82.47
C LYS D 78 -36.08 -4.07 -81.48
N ASP D 79 -36.08 -4.51 -80.24
CA ASP D 79 -35.42 -3.75 -79.19
C ASP D 79 -33.90 -3.75 -79.38
N LEU D 80 -33.29 -2.63 -79.01
CA LEU D 80 -31.84 -2.47 -78.90
C LEU D 80 -31.45 -2.44 -77.43
N LEU D 81 -30.17 -2.69 -77.17
CA LEU D 81 -29.66 -2.81 -75.80
C LEU D 81 -28.64 -1.70 -75.53
N PHE D 82 -28.83 -0.99 -74.41
CA PHE D 82 -27.87 0.00 -73.93
C PHE D 82 -27.10 -0.55 -72.74
N ILE D 83 -25.78 -0.36 -72.74
CA ILE D 83 -24.94 -0.76 -71.62
C ILE D 83 -23.89 0.30 -71.34
N LEU D 84 -23.67 0.57 -70.05
CA LEU D 84 -22.64 1.47 -69.54
C LEU D 84 -21.80 0.74 -68.51
N THR D 85 -20.48 0.83 -68.60
CA THR D 85 -19.61 0.15 -67.65
C THR D 85 -19.15 1.08 -66.52
N ALA D 86 -18.60 0.46 -65.47
CA ALA D 86 -18.12 1.18 -64.30
C ALA D 86 -16.93 2.08 -64.63
N LYS D 87 -16.23 1.80 -65.74
CA LYS D 87 -15.24 2.71 -66.26
C LYS D 87 -15.83 3.70 -67.26
N TYR D 88 -17.16 3.78 -67.31
CA TYR D 88 -17.88 4.77 -68.12
C TYR D 88 -17.77 4.48 -69.61
N ASN D 89 -17.70 3.20 -69.98
CA ASN D 89 -17.78 2.79 -71.38
C ASN D 89 -19.24 2.57 -71.73
N ALA D 90 -19.75 3.37 -72.66
CA ALA D 90 -21.13 3.30 -73.12
C ALA D 90 -21.18 2.69 -74.52
N CYS D 91 -22.28 2.01 -74.81
CA CYS D 91 -22.48 1.43 -76.13
C CYS D 91 -23.94 1.06 -76.30
N ILE D 92 -24.37 1.01 -77.57
CA ILE D 92 -25.68 0.49 -77.95
C ILE D 92 -25.46 -0.74 -78.81
N LEU D 93 -26.14 -1.84 -78.47
CA LEU D 93 -25.89 -3.13 -79.07
C LEU D 93 -27.13 -3.62 -79.82
N GLU D 94 -26.89 -4.39 -80.89
CA GLU D 94 -27.94 -5.00 -81.68
C GLU D 94 -27.66 -6.50 -81.87
N TYR D 95 -28.70 -7.30 -81.69
CA TYR D 95 -28.62 -8.73 -81.99
C TYR D 95 -28.86 -8.94 -83.48
N LYS D 96 -27.94 -9.65 -84.13
CA LYS D 96 -28.06 -9.95 -85.54
C LYS D 96 -27.67 -11.41 -85.77
N GLN D 97 -28.56 -12.16 -86.41
CA GLN D 97 -28.31 -13.59 -86.63
C GLN D 97 -28.68 -13.96 -88.05
N SER D 98 -27.75 -14.63 -88.74
CA SER D 98 -27.93 -15.09 -90.12
C SER D 98 -27.63 -16.59 -90.13
N GLY D 99 -28.68 -17.39 -90.03
CA GLY D 99 -28.47 -18.83 -89.88
C GLY D 99 -27.89 -19.11 -88.51
N GLU D 100 -26.75 -19.81 -88.47
CA GLU D 100 -26.11 -20.14 -87.22
C GLU D 100 -25.11 -19.09 -86.74
N SER D 101 -24.78 -18.10 -87.56
CA SER D 101 -23.75 -17.13 -87.19
C SER D 101 -24.41 -16.05 -86.34
N ILE D 102 -24.04 -15.99 -85.06
CA ILE D 102 -24.57 -15.01 -84.14
C ILE D 102 -23.48 -14.00 -83.83
N ASP D 103 -23.82 -12.72 -83.96
CA ASP D 103 -22.91 -11.63 -83.64
C ASP D 103 -23.68 -10.59 -82.86
N ILE D 104 -22.95 -9.82 -82.05
CA ILE D 104 -23.52 -8.69 -81.33
C ILE D 104 -22.88 -7.44 -81.91
N ILE D 105 -23.69 -6.58 -82.49
CA ILE D 105 -23.20 -5.44 -83.27
C ILE D 105 -23.17 -4.19 -82.40
N THR D 106 -22.06 -3.45 -82.52
CA THR D 106 -21.90 -2.17 -81.84
C THR D 106 -22.46 -1.07 -82.73
N ARG D 107 -23.65 -0.56 -82.39
CA ARG D 107 -24.28 0.49 -83.18
C ARG D 107 -23.74 1.87 -82.80
N ALA D 108 -23.39 2.07 -81.52
CA ALA D 108 -22.84 3.33 -81.03
C ALA D 108 -21.91 3.02 -79.87
N HIS D 109 -20.87 3.84 -79.70
CA HIS D 109 -19.96 3.61 -78.58
C HIS D 109 -19.10 4.83 -78.27
N GLY D 110 -18.72 4.93 -77.01
CA GLY D 110 -17.87 6.01 -76.53
C GLY D 110 -17.77 5.96 -75.02
N ASN D 111 -16.89 6.81 -74.49
CA ASN D 111 -16.69 6.94 -73.05
C ASN D 111 -17.27 8.26 -72.59
N VAL D 112 -18.15 8.20 -71.59
CA VAL D 112 -18.94 9.36 -71.17
C VAL D 112 -18.37 10.02 -69.91
N GLN D 113 -17.13 9.72 -69.56
CA GLN D 113 -16.55 10.23 -68.33
C GLN D 113 -16.26 11.73 -68.44
N ASP D 114 -16.73 12.48 -67.45
CA ASP D 114 -16.39 13.91 -67.36
C ASP D 114 -15.02 14.09 -66.72
N ARG D 115 -14.25 15.03 -67.25
CA ARG D 115 -12.93 15.26 -66.71
C ARG D 115 -13.00 15.60 -65.22
N ILE D 116 -14.01 16.36 -64.82
CA ILE D 116 -14.22 16.80 -63.45
C ILE D 116 -15.62 16.36 -63.00
N GLY D 117 -15.69 15.69 -61.87
CA GLY D 117 -16.98 15.31 -61.29
C GLY D 117 -16.79 14.56 -59.99
N ARG D 118 -17.84 14.58 -59.16
CA ARG D 118 -17.82 13.81 -57.92
C ARG D 118 -18.75 12.62 -58.09
N PRO D 119 -18.22 11.40 -58.13
CA PRO D 119 -19.09 10.21 -58.24
C PRO D 119 -20.12 10.19 -57.12
N SER D 120 -21.36 9.86 -57.49
CA SER D 120 -22.47 9.97 -56.55
C SER D 120 -22.43 8.86 -55.51
N GLU D 121 -23.10 9.11 -54.39
CA GLU D 121 -23.10 8.16 -53.29
C GLU D 121 -23.86 6.89 -53.64
N THR D 122 -25.04 7.02 -54.25
CA THR D 122 -25.87 5.87 -54.59
C THR D 122 -25.52 5.26 -55.94
N GLY D 123 -24.38 5.60 -56.52
CA GLY D 123 -23.86 4.91 -57.68
C GLY D 123 -24.48 5.37 -59.00
N ILE D 124 -23.97 4.79 -60.09
CA ILE D 124 -24.45 5.16 -61.41
C ILE D 124 -25.92 4.76 -61.56
N ILE D 125 -26.71 5.68 -62.10
CA ILE D 125 -28.08 5.42 -62.49
C ILE D 125 -28.22 5.73 -63.98
N GLY D 126 -28.90 4.84 -64.70
CA GLY D 126 -29.19 5.07 -66.11
C GLY D 126 -30.66 4.85 -66.43
N ILE D 127 -31.26 5.79 -67.17
CA ILE D 127 -32.68 5.74 -67.51
C ILE D 127 -32.86 6.20 -68.95
N ILE D 128 -33.97 5.77 -69.56
CA ILE D 128 -34.29 6.10 -70.94
C ILE D 128 -35.73 6.60 -71.05
N ASP D 129 -35.93 7.60 -71.91
CA ASP D 129 -37.24 8.22 -72.12
C ASP D 129 -38.24 7.18 -72.61
N PRO D 130 -39.52 7.26 -72.20
CA PRO D 130 -40.49 6.30 -72.71
C PRO D 130 -40.66 6.38 -74.23
N GLU D 131 -40.46 7.56 -74.79
CA GLU D 131 -40.45 7.78 -76.22
C GLU D 131 -39.07 7.62 -76.82
N CYS D 132 -38.13 7.06 -76.04
CA CYS D 132 -36.78 6.75 -76.50
C CYS D 132 -36.15 7.93 -77.22
N ARG D 133 -36.31 9.11 -76.63
CA ARG D 133 -35.70 10.32 -77.18
C ARG D 133 -34.27 10.55 -76.70
N MET D 134 -33.93 10.06 -75.50
CA MET D 134 -32.63 10.36 -74.93
C MET D 134 -32.30 9.32 -73.87
N ILE D 135 -31.03 9.27 -73.49
CA ILE D 135 -30.56 8.46 -72.38
C ILE D 135 -30.16 9.40 -71.26
N GLY D 136 -30.75 9.21 -70.08
CA GLY D 136 -30.38 9.99 -68.91
C GLY D 136 -29.35 9.25 -68.09
N LEU D 137 -28.31 9.96 -67.68
CA LEU D 137 -27.26 9.39 -66.85
C LEU D 137 -27.03 10.27 -65.63
N ARG D 138 -27.03 9.65 -64.46
CA ARG D 138 -26.65 10.31 -63.21
C ARG D 138 -25.29 9.70 -62.83
N LEU D 139 -24.22 10.37 -63.23
CA LEU D 139 -22.87 9.91 -62.95
C LEU D 139 -22.23 10.64 -61.78
N TYR D 140 -22.48 11.94 -61.66
CA TYR D 140 -21.84 12.77 -60.65
C TYR D 140 -22.88 13.60 -59.91
N ASP D 141 -22.57 13.89 -58.64
CA ASP D 141 -23.43 14.76 -57.87
C ASP D 141 -23.56 16.10 -58.56
N GLY D 142 -24.78 16.60 -58.64
CA GLY D 142 -25.04 17.92 -59.18
C GLY D 142 -25.02 18.04 -60.68
N LEU D 143 -24.80 16.95 -61.41
CA LEU D 143 -24.78 16.98 -62.86
C LEU D 143 -25.61 15.83 -63.39
N PHE D 144 -26.42 16.12 -64.42
CA PHE D 144 -27.27 15.16 -65.12
C PHE D 144 -26.80 15.13 -66.56
N LYS D 145 -26.38 13.97 -67.03
CA LYS D 145 -25.84 13.82 -68.38
C LYS D 145 -26.90 13.25 -69.30
N VAL D 146 -27.04 13.86 -70.48
CA VAL D 146 -28.05 13.47 -71.45
C VAL D 146 -27.35 13.01 -72.72
N ILE D 147 -27.62 11.78 -73.13
CA ILE D 147 -27.26 11.28 -74.45
C ILE D 147 -28.50 11.29 -75.30
N PRO D 148 -28.63 12.19 -76.29
CA PRO D 148 -29.82 12.18 -77.15
C PRO D 148 -29.84 10.96 -78.07
N LEU D 149 -31.02 10.37 -78.23
CA LEU D 149 -31.18 9.17 -79.06
C LEU D 149 -31.47 9.60 -80.50
N ASP D 150 -30.43 10.22 -81.10
CA ASP D 150 -30.42 10.59 -82.50
C ASP D 150 -29.90 9.44 -83.34
N ARG D 151 -30.35 9.40 -84.61
CA ARG D 151 -29.91 8.34 -85.51
C ARG D 151 -28.41 8.43 -85.76
N ASP D 152 -27.87 9.64 -85.81
CA ASP D 152 -26.47 9.88 -86.16
C ASP D 152 -25.53 9.91 -84.96
N ASN D 153 -26.04 9.88 -83.74
CA ASN D 153 -25.18 10.02 -82.56
C ASN D 153 -24.44 8.71 -82.31
N LYS D 154 -23.59 8.37 -83.28
CA LYS D 154 -22.81 7.14 -83.24
C LYS D 154 -21.65 7.21 -82.27
N GLU D 155 -21.29 8.39 -81.80
CA GLU D 155 -20.29 8.55 -80.76
C GLU D 155 -20.90 8.77 -79.38
N LEU D 156 -22.23 8.72 -79.26
CA LEU D 156 -22.91 8.90 -77.98
C LEU D 156 -22.46 10.19 -77.29
N LYS D 157 -22.44 11.28 -78.06
CA LYS D 157 -22.12 12.59 -77.51
C LYS D 157 -23.20 13.01 -76.53
N ALA D 158 -22.80 13.74 -75.49
CA ALA D 158 -23.73 14.08 -74.43
C ALA D 158 -23.40 15.46 -73.86
N PHE D 159 -24.38 16.04 -73.18
CA PHE D 159 -24.25 17.32 -72.50
C PHE D 159 -24.75 17.15 -71.07
N ASN D 160 -24.29 18.02 -70.18
CA ASN D 160 -24.70 17.99 -68.79
C ASN D 160 -25.66 19.15 -68.50
N ILE D 161 -26.67 18.88 -67.68
CA ILE D 161 -27.59 19.91 -67.19
C ILE D 161 -27.28 20.09 -65.72
N ARG D 162 -26.98 21.31 -65.30
CA ARG D 162 -26.66 21.55 -63.90
C ARG D 162 -27.86 21.17 -63.03
N LEU D 163 -27.60 20.48 -61.93
CA LEU D 163 -28.64 20.03 -61.01
C LEU D 163 -28.42 20.60 -59.62
N GLU D 164 -29.41 21.35 -59.12
CA GLU D 164 -29.28 21.94 -57.80
C GLU D 164 -29.25 20.86 -56.71
N GLU D 165 -30.09 19.84 -56.83
CA GLU D 165 -30.15 18.79 -55.82
C GLU D 165 -28.90 17.93 -56.00
N LEU D 166 -27.94 18.09 -55.10
CA LEU D 166 -26.65 17.44 -55.27
C LEU D 166 -26.73 15.96 -54.90
N HIS D 167 -27.49 15.63 -53.87
CA HIS D 167 -27.54 14.27 -53.33
C HIS D 167 -28.87 13.66 -53.76
N VAL D 168 -28.85 12.96 -54.89
CA VAL D 168 -30.04 12.30 -55.41
C VAL D 168 -30.01 10.84 -55.00
N ILE D 169 -31.15 10.35 -54.54
CA ILE D 169 -31.28 8.96 -54.13
C ILE D 169 -31.61 8.08 -55.34
N ASP D 170 -32.62 8.46 -56.10
CA ASP D 170 -33.02 7.71 -57.29
C ASP D 170 -33.75 8.63 -58.25
N VAL D 171 -33.75 8.26 -59.53
CA VAL D 171 -34.44 9.03 -60.57
C VAL D 171 -34.98 8.08 -61.63
N LYS D 172 -36.10 8.47 -62.25
CA LYS D 172 -36.72 7.76 -63.35
C LYS D 172 -37.35 8.77 -64.30
N PHE D 173 -37.42 8.42 -65.59
CA PHE D 173 -38.26 9.17 -66.52
C PHE D 173 -39.72 8.78 -66.34
N LEU D 174 -40.62 9.76 -66.44
CA LEU D 174 -42.02 9.51 -66.18
C LEU D 174 -42.82 9.23 -67.46
N TYR D 175 -43.92 8.50 -67.27
CA TYR D 175 -44.88 8.19 -68.32
C TYR D 175 -46.01 9.21 -68.31
N GLY D 176 -46.61 9.42 -69.47
CA GLY D 176 -47.80 10.25 -69.58
C GLY D 176 -47.53 11.73 -69.55
N CYS D 177 -46.35 12.15 -69.97
CA CYS D 177 -45.98 13.56 -69.96
C CYS D 177 -45.68 13.99 -71.40
N GLN D 178 -46.15 15.20 -71.76
CA GLN D 178 -45.93 15.66 -73.12
C GLN D 178 -44.47 15.97 -73.41
N ALA D 179 -43.75 16.41 -72.40
CA ALA D 179 -42.34 16.68 -72.50
C ALA D 179 -41.61 15.63 -71.67
N PRO D 180 -40.35 15.36 -71.98
CA PRO D 180 -39.57 14.45 -71.14
C PRO D 180 -39.51 14.94 -69.70
N THR D 181 -39.92 14.07 -68.77
CA THR D 181 -40.00 14.45 -67.37
C THR D 181 -39.21 13.44 -66.55
N ILE D 182 -38.41 13.94 -65.63
CA ILE D 182 -37.68 13.10 -64.67
C ILE D 182 -38.32 13.34 -63.31
N CYS D 183 -38.50 12.27 -62.55
CA CYS D 183 -38.98 12.33 -61.18
C CYS D 183 -37.95 11.66 -60.29
N PHE D 184 -37.57 12.33 -59.21
CA PHE D 184 -36.51 11.79 -58.37
C PHE D 184 -36.73 12.16 -56.91
N VAL D 185 -36.19 11.32 -56.04
CA VAL D 185 -36.09 11.58 -54.61
C VAL D 185 -34.68 12.05 -54.33
N TYR D 186 -34.55 13.11 -53.55
CA TYR D 186 -33.26 13.69 -53.21
C TYR D 186 -33.24 13.97 -51.73
N GLN D 187 -32.02 14.16 -51.20
CA GLN D 187 -31.84 14.40 -49.78
C GLN D 187 -31.11 15.71 -49.57
N ASP D 188 -31.64 16.52 -48.66
CA ASP D 188 -31.04 17.77 -48.23
C ASP D 188 -31.12 17.80 -46.71
N PRO D 189 -30.64 18.85 -46.05
CA PRO D 189 -30.73 18.89 -44.59
C PRO D 189 -32.16 18.90 -44.06
N GLN D 190 -33.15 19.17 -44.91
CA GLN D 190 -34.54 19.23 -44.49
C GLN D 190 -35.27 17.90 -44.62
N GLY D 191 -34.55 16.83 -44.91
CA GLY D 191 -35.14 15.53 -45.11
C GLY D 191 -35.06 15.07 -46.55
N ARG D 192 -35.89 14.10 -46.89
CA ARG D 192 -35.97 13.59 -48.24
C ARG D 192 -37.23 14.12 -48.92
N HIS D 193 -37.10 14.45 -50.20
CA HIS D 193 -38.18 15.05 -50.97
C HIS D 193 -38.21 14.44 -52.36
N VAL D 194 -39.40 14.47 -52.96
CA VAL D 194 -39.60 14.07 -54.34
C VAL D 194 -39.85 15.33 -55.16
N LYS D 195 -39.37 15.34 -56.39
CA LYS D 195 -39.39 16.54 -57.22
C LYS D 195 -39.37 16.13 -58.68
N THR D 196 -39.90 16.99 -59.53
CA THR D 196 -39.95 16.73 -60.96
C THR D 196 -39.24 17.85 -61.71
N TYR D 197 -38.65 17.48 -62.84
CA TYR D 197 -38.14 18.44 -63.80
C TYR D 197 -38.54 17.96 -65.19
N GLU D 198 -38.60 18.89 -66.13
CA GLU D 198 -38.73 18.56 -67.54
C GLU D 198 -37.40 18.78 -68.25
N VAL D 199 -37.08 17.90 -69.19
CA VAL D 199 -35.81 17.93 -69.91
C VAL D 199 -36.10 18.40 -71.33
N SER D 200 -35.46 19.50 -71.72
CA SER D 200 -35.59 20.04 -73.07
C SER D 200 -34.28 19.76 -73.81
N LEU D 201 -34.33 18.85 -74.78
CA LEU D 201 -33.15 18.58 -75.59
C LEU D 201 -32.76 19.79 -76.43
N ARG D 202 -33.74 20.59 -76.84
CA ARG D 202 -33.45 21.74 -77.69
C ARG D 202 -32.69 22.81 -76.93
N GLU D 203 -33.14 23.13 -75.73
CA GLU D 203 -32.47 24.15 -74.94
C GLU D 203 -31.26 23.59 -74.18
N LYS D 204 -31.19 22.28 -74.02
CA LYS D 204 -30.14 21.64 -73.22
C LYS D 204 -30.21 22.13 -71.77
N GLU D 205 -31.41 22.08 -71.19
CA GLU D 205 -31.56 22.44 -69.79
C GLU D 205 -32.88 21.93 -69.24
N PHE D 206 -33.04 22.08 -67.92
CA PHE D 206 -34.29 21.74 -67.26
C PHE D 206 -35.29 22.90 -67.37
N ASN D 207 -36.56 22.55 -67.43
CA ASN D 207 -37.68 23.48 -67.26
C ASN D 207 -38.54 23.02 -66.09
N LYS D 208 -39.41 23.93 -65.65
CA LYS D 208 -40.30 23.66 -64.52
C LYS D 208 -41.01 22.32 -64.71
N GLY D 209 -41.07 21.53 -63.64
CA GLY D 209 -41.62 20.21 -63.71
C GLY D 209 -43.13 20.18 -63.58
N PRO D 210 -43.76 19.06 -63.97
CA PRO D 210 -45.23 19.02 -63.96
C PRO D 210 -45.86 19.10 -62.57
N TRP D 211 -45.22 18.61 -61.50
CA TRP D 211 -45.85 18.74 -60.19
C TRP D 211 -44.85 19.11 -59.11
N LYS D 212 -45.41 19.63 -58.01
CA LYS D 212 -44.67 20.30 -56.97
C LYS D 212 -43.82 19.30 -56.18
N GLN D 213 -42.96 19.85 -55.33
CA GLN D 213 -42.15 19.01 -54.47
C GLN D 213 -43.04 18.54 -53.33
N GLU D 214 -42.82 17.32 -52.87
CA GLU D 214 -43.51 16.82 -51.70
C GLU D 214 -42.44 16.30 -50.74
N ASN D 215 -42.62 16.59 -49.45
CA ASN D 215 -41.75 15.99 -48.45
C ASN D 215 -42.15 14.52 -48.30
N VAL D 216 -41.17 13.63 -48.33
CA VAL D 216 -41.45 12.19 -48.32
C VAL D 216 -40.64 11.51 -47.22
N GLU D 217 -40.97 10.23 -47.02
CA GLU D 217 -40.36 9.42 -45.98
C GLU D 217 -38.86 9.60 -45.93
N ALA D 218 -38.34 9.64 -44.70
CA ALA D 218 -36.91 9.83 -44.49
C ALA D 218 -36.10 8.72 -45.17
N GLU D 219 -36.68 7.53 -45.31
CA GLU D 219 -35.98 6.39 -45.90
C GLU D 219 -36.50 6.05 -47.28
N ALA D 220 -37.02 7.05 -48.01
CA ALA D 220 -37.42 6.84 -49.39
C ALA D 220 -36.27 6.26 -50.19
N SER D 221 -36.48 5.07 -50.75
CA SER D 221 -35.41 4.31 -51.39
C SER D 221 -35.52 4.24 -52.90
N MET D 222 -36.71 4.00 -53.46
CA MET D 222 -36.85 3.72 -54.89
C MET D 222 -38.00 4.49 -55.51
N VAL D 223 -37.83 4.85 -56.79
CA VAL D 223 -38.84 5.55 -57.57
C VAL D 223 -39.35 4.62 -58.68
N ILE D 224 -40.67 4.51 -58.80
CA ILE D 224 -41.32 3.70 -59.83
C ILE D 224 -42.11 4.64 -60.73
N ALA D 225 -41.84 4.61 -62.04
CA ALA D 225 -42.59 5.38 -63.02
C ALA D 225 -43.74 4.53 -63.53
N VAL D 226 -44.97 4.86 -63.12
CA VAL D 226 -46.16 4.07 -63.44
C VAL D 226 -46.60 4.34 -64.87
N PRO D 227 -47.13 3.35 -65.59
CA PRO D 227 -47.47 3.57 -67.01
C PRO D 227 -48.63 4.55 -67.15
N GLU D 228 -48.90 4.89 -68.41
CA GLU D 228 -49.85 5.97 -68.71
C GLU D 228 -51.25 5.75 -68.15
N PRO D 229 -51.84 4.55 -68.17
CA PRO D 229 -53.22 4.42 -67.65
C PRO D 229 -53.37 4.96 -66.24
N PHE D 230 -52.38 4.77 -65.37
CA PHE D 230 -52.35 5.40 -64.06
C PHE D 230 -51.50 6.67 -64.05
N GLY D 231 -50.29 6.62 -64.59
CA GLY D 231 -49.41 7.77 -64.58
C GLY D 231 -48.75 8.01 -63.23
N GLY D 232 -47.94 9.07 -63.19
CA GLY D 232 -47.33 9.45 -61.94
C GLY D 232 -46.19 8.53 -61.53
N ALA D 233 -45.93 8.50 -60.22
CA ALA D 233 -44.84 7.71 -59.67
C ALA D 233 -45.24 7.16 -58.31
N ILE D 234 -44.62 6.03 -57.94
CA ILE D 234 -44.75 5.43 -56.62
C ILE D 234 -43.39 5.52 -55.94
N ILE D 235 -43.40 5.79 -54.64
CA ILE D 235 -42.17 5.94 -53.87
C ILE D 235 -42.15 4.87 -52.79
N ILE D 236 -41.14 4.01 -52.81
CA ILE D 236 -40.98 2.92 -51.85
C ILE D 236 -40.07 3.41 -50.73
N GLY D 237 -40.51 3.19 -49.48
CA GLY D 237 -39.70 3.54 -48.33
C GLY D 237 -39.37 2.39 -47.41
N GLN D 238 -39.08 2.70 -46.15
CA GLN D 238 -38.87 1.69 -45.12
C GLN D 238 -40.18 1.30 -44.45
N GLU D 239 -41.06 2.29 -44.21
CA GLU D 239 -42.35 2.06 -43.56
C GLU D 239 -43.55 2.28 -44.46
N SER D 240 -43.43 3.08 -45.51
CA SER D 240 -44.60 3.50 -46.28
C SER D 240 -44.30 3.50 -47.78
N ILE D 241 -45.38 3.31 -48.55
CA ILE D 241 -45.36 3.41 -50.01
C ILE D 241 -46.32 4.52 -50.39
N THR D 242 -45.86 5.44 -51.24
CA THR D 242 -46.67 6.60 -51.61
C THR D 242 -46.76 6.72 -53.12
N TYR D 243 -47.89 7.24 -53.60
CA TYR D 243 -48.13 7.53 -55.00
C TYR D 243 -48.27 9.03 -55.17
N HIS D 244 -47.59 9.59 -56.17
CA HIS D 244 -47.60 11.01 -56.44
C HIS D 244 -47.93 11.23 -57.92
N ASN D 245 -48.84 12.15 -58.21
CA ASN D 245 -49.12 12.57 -59.58
C ASN D 245 -49.92 13.87 -59.54
N GLY D 246 -49.24 15.01 -59.55
CA GLY D 246 -49.93 16.28 -59.50
C GLY D 246 -50.78 16.47 -58.26
N ASP D 247 -52.10 16.48 -58.45
CA ASP D 247 -53.03 16.71 -57.35
C ASP D 247 -53.31 15.46 -56.53
N LYS D 248 -53.09 14.29 -57.10
CA LYS D 248 -53.39 13.05 -56.41
C LYS D 248 -52.27 12.66 -55.47
N TYR D 249 -52.64 12.19 -54.29
CA TYR D 249 -51.68 11.71 -53.30
C TYR D 249 -52.32 10.56 -52.53
N LEU D 250 -51.62 9.42 -52.51
CA LEU D 250 -52.02 8.28 -51.69
C LEU D 250 -50.83 7.89 -50.84
N ALA D 251 -51.11 7.23 -49.72
CA ALA D 251 -50.05 6.68 -48.87
C ALA D 251 -50.61 5.47 -48.13
N ILE D 252 -49.96 4.32 -48.28
CA ILE D 252 -50.27 3.13 -47.52
C ILE D 252 -49.04 2.75 -46.71
N ALA D 253 -49.25 2.40 -45.44
CA ALA D 253 -48.17 2.08 -44.52
C ALA D 253 -48.53 0.80 -43.77
N PRO D 254 -48.51 -0.34 -44.46
CA PRO D 254 -48.88 -1.60 -43.81
C PRO D 254 -47.79 -2.06 -42.86
N PRO D 255 -48.16 -2.58 -41.69
CA PRO D 255 -47.12 -2.94 -40.70
C PRO D 255 -46.15 -4.00 -41.20
N ILE D 256 -46.49 -4.70 -42.29
CA ILE D 256 -45.74 -5.89 -42.69
C ILE D 256 -44.39 -5.51 -43.29
N ILE D 257 -44.34 -4.44 -44.07
CA ILE D 257 -43.09 -4.10 -44.76
C ILE D 257 -42.05 -3.48 -43.84
N LYS D 258 -42.46 -2.87 -42.73
CA LYS D 258 -41.51 -2.31 -41.78
C LYS D 258 -40.58 -3.37 -41.21
N GLN D 259 -40.98 -4.64 -41.25
CA GLN D 259 -40.15 -5.68 -40.67
C GLN D 259 -38.82 -5.83 -41.41
N SER D 260 -38.82 -5.67 -42.74
CA SER D 260 -37.59 -5.84 -43.52
C SER D 260 -37.58 -4.89 -44.71
N THR D 261 -36.39 -4.32 -44.98
CA THR D 261 -36.25 -3.33 -46.03
C THR D 261 -36.54 -3.91 -47.42
N ILE D 262 -37.32 -3.17 -48.19
CA ILE D 262 -37.65 -3.54 -49.57
C ILE D 262 -36.57 -2.99 -50.50
N VAL D 263 -36.02 -3.85 -51.34
CA VAL D 263 -34.85 -3.48 -52.13
C VAL D 263 -35.04 -3.58 -53.63
N CYS D 264 -36.05 -4.28 -54.14
CA CYS D 264 -36.21 -4.45 -55.58
C CYS D 264 -37.66 -4.39 -56.00
N HIS D 265 -37.89 -4.00 -57.27
CA HIS D 265 -39.24 -3.93 -57.83
C HIS D 265 -39.26 -4.28 -59.31
N ASN D 266 -40.43 -4.72 -59.77
CA ASN D 266 -40.67 -4.99 -61.19
C ASN D 266 -42.15 -4.75 -61.48
N ARG D 267 -42.46 -4.49 -62.76
CA ARG D 267 -43.82 -4.29 -63.21
C ARG D 267 -44.34 -5.60 -63.79
N VAL D 268 -45.47 -6.06 -63.28
CA VAL D 268 -46.09 -7.30 -63.77
C VAL D 268 -47.03 -7.03 -64.93
N ASP D 269 -47.95 -6.09 -64.74
CA ASP D 269 -49.00 -5.80 -65.71
C ASP D 269 -48.61 -4.55 -66.49
N PRO D 270 -48.48 -4.62 -67.82
CA PRO D 270 -48.01 -3.44 -68.57
C PRO D 270 -48.74 -2.15 -68.23
N ASN D 271 -50.01 -2.20 -67.83
CA ASN D 271 -50.71 -0.96 -67.50
C ASN D 271 -50.41 -0.46 -66.08
N GLY D 272 -49.62 -1.18 -65.29
CA GLY D 272 -49.27 -0.71 -63.97
C GLY D 272 -50.19 -1.15 -62.86
N SER D 273 -51.13 -2.06 -63.13
CA SER D 273 -52.06 -2.47 -62.08
C SER D 273 -51.35 -3.25 -60.97
N ARG D 274 -50.35 -4.07 -61.32
CA ARG D 274 -49.69 -4.94 -60.36
C ARG D 274 -48.18 -4.88 -60.49
N TYR D 275 -47.49 -4.79 -59.34
CA TYR D 275 -46.04 -4.80 -59.26
C TYR D 275 -45.56 -5.86 -58.27
N LEU D 276 -44.32 -6.30 -58.42
CA LEU D 276 -43.68 -7.22 -57.48
C LEU D 276 -42.65 -6.49 -56.64
N LEU D 277 -42.58 -6.83 -55.35
CA LEU D 277 -41.62 -6.23 -54.43
C LEU D 277 -40.89 -7.32 -53.64
N GLY D 278 -39.58 -7.14 -53.46
CA GLY D 278 -38.78 -8.04 -52.66
C GLY D 278 -38.02 -7.27 -51.59
N ASP D 279 -37.69 -7.99 -50.52
CA ASP D 279 -36.99 -7.42 -49.36
C ASP D 279 -35.85 -8.33 -48.94
N MET D 280 -35.01 -7.83 -48.03
CA MET D 280 -33.80 -8.54 -47.63
C MET D 280 -34.09 -9.85 -46.88
N GLU D 281 -35.32 -10.09 -46.44
CA GLU D 281 -35.70 -11.36 -45.85
C GLU D 281 -36.18 -12.36 -46.87
N GLY D 282 -36.14 -12.01 -48.15
CA GLY D 282 -36.57 -12.91 -49.18
C GLY D 282 -38.06 -12.90 -49.40
N ARG D 283 -38.79 -12.04 -48.69
CA ARG D 283 -40.23 -12.04 -48.80
C ARG D 283 -40.61 -11.39 -50.13
N LEU D 284 -41.59 -11.97 -50.78
CA LEU D 284 -42.07 -11.49 -52.07
C LEU D 284 -43.48 -10.95 -51.89
N PHE D 285 -43.68 -9.71 -52.32
CA PHE D 285 -44.97 -9.05 -52.19
C PHE D 285 -45.53 -8.72 -53.56
N MET D 286 -46.84 -8.53 -53.59
CA MET D 286 -47.56 -7.99 -54.73
C MET D 286 -48.11 -6.63 -54.32
N LEU D 287 -47.76 -5.60 -55.08
CA LEU D 287 -48.29 -4.25 -54.88
C LEU D 287 -49.41 -4.04 -55.88
N LEU D 288 -50.59 -3.69 -55.38
CA LEU D 288 -51.80 -3.59 -56.18
C LEU D 288 -52.25 -2.15 -56.27
N LEU D 289 -52.51 -1.69 -57.50
CA LEU D 289 -53.06 -0.36 -57.74
C LEU D 289 -54.53 -0.51 -58.10
N GLU D 290 -55.42 -0.15 -57.18
CA GLU D 290 -56.86 -0.31 -57.40
C GLU D 290 -57.37 0.89 -58.21
N LYS D 291 -57.91 0.60 -59.38
CA LYS D 291 -58.34 1.64 -60.32
C LYS D 291 -59.76 2.08 -60.02
N GLU D 292 -60.06 3.32 -60.39
CA GLU D 292 -61.41 3.86 -60.32
C GLU D 292 -61.70 4.60 -61.61
N GLU D 293 -62.73 4.18 -62.33
CA GLU D 293 -63.09 4.82 -63.58
C GLU D 293 -64.01 5.98 -63.22
N GLN D 294 -63.68 7.17 -63.73
CA GLN D 294 -64.53 8.34 -63.51
C GLN D 294 -65.65 8.37 -64.54
N MET D 295 -66.67 9.17 -64.25
CA MET D 295 -67.74 9.32 -65.22
C MET D 295 -67.22 9.92 -66.52
N ASP D 296 -66.03 10.54 -66.48
CA ASP D 296 -65.41 11.06 -67.69
C ASP D 296 -65.02 9.96 -68.68
N GLY D 297 -64.89 8.73 -68.23
CA GLY D 297 -64.24 7.71 -69.00
C GLY D 297 -62.75 7.61 -68.75
N THR D 298 -62.21 8.50 -67.91
CA THR D 298 -60.80 8.50 -67.53
C THR D 298 -60.64 7.66 -66.26
N VAL D 299 -59.41 7.25 -65.99
CA VAL D 299 -59.10 6.36 -64.88
C VAL D 299 -58.13 7.02 -63.92
N THR D 300 -58.47 6.96 -62.63
CA THR D 300 -57.64 7.46 -61.55
C THR D 300 -57.33 6.31 -60.60
N LEU D 301 -56.38 6.55 -59.71
CA LEU D 301 -55.97 5.56 -58.71
C LEU D 301 -56.76 5.77 -57.43
N LYS D 302 -57.52 4.75 -57.03
CA LYS D 302 -58.35 4.87 -55.82
C LYS D 302 -57.54 4.53 -54.57
N ASP D 303 -56.79 3.44 -54.61
CA ASP D 303 -56.11 2.97 -53.41
C ASP D 303 -54.92 2.09 -53.77
N LEU D 304 -54.12 1.77 -52.76
CA LEU D 304 -52.99 0.85 -52.87
C LEU D 304 -53.18 -0.31 -51.90
N ARG D 305 -52.72 -1.50 -52.29
CA ARG D 305 -52.79 -2.69 -51.46
C ARG D 305 -51.50 -3.49 -51.61
N VAL D 306 -51.11 -4.16 -50.53
CA VAL D 306 -49.93 -5.04 -50.54
C VAL D 306 -50.33 -6.43 -50.05
N GLU D 307 -49.91 -7.47 -50.79
CA GLU D 307 -50.20 -8.84 -50.43
C GLU D 307 -48.91 -9.65 -50.39
N LEU D 308 -48.72 -10.43 -49.33
CA LEU D 308 -47.55 -11.29 -49.20
C LEU D 308 -47.75 -12.53 -50.06
N LEU D 309 -46.81 -12.80 -50.96
CA LEU D 309 -46.91 -13.98 -51.81
C LEU D 309 -46.19 -15.17 -51.19
N GLY D 310 -45.01 -14.97 -50.62
CA GLY D 310 -44.28 -16.07 -50.02
C GLY D 310 -42.81 -15.70 -49.80
N GLU D 311 -41.98 -16.73 -49.87
CA GLU D 311 -40.54 -16.59 -49.66
C GLU D 311 -39.81 -17.01 -50.92
N THR D 312 -38.88 -16.17 -51.35
CA THR D 312 -37.96 -16.46 -52.43
C THR D 312 -36.55 -16.28 -51.88
N SER D 313 -35.56 -16.56 -52.71
CA SER D 313 -34.19 -16.19 -52.36
C SER D 313 -34.07 -14.67 -52.31
N ILE D 314 -33.14 -14.20 -51.49
CA ILE D 314 -32.90 -12.77 -51.43
C ILE D 314 -32.56 -12.26 -52.82
N ALA D 315 -33.27 -11.24 -53.27
CA ALA D 315 -33.24 -10.85 -54.67
C ALA D 315 -32.63 -9.46 -54.84
N GLU D 316 -31.60 -9.39 -55.69
CA GLU D 316 -31.10 -8.09 -56.12
C GLU D 316 -32.09 -7.42 -57.06
N CYS D 317 -32.63 -8.17 -58.01
CA CYS D 317 -33.61 -7.72 -58.98
C CYS D 317 -34.63 -8.82 -59.25
N LEU D 318 -35.86 -8.41 -59.51
CA LEU D 318 -36.93 -9.29 -59.95
C LEU D 318 -37.34 -8.95 -61.37
N THR D 319 -37.77 -9.95 -62.12
CA THR D 319 -38.39 -9.71 -63.42
C THR D 319 -39.47 -10.74 -63.68
N TYR D 320 -40.69 -10.27 -63.92
CA TYR D 320 -41.79 -11.15 -64.29
C TYR D 320 -41.59 -11.54 -65.75
N LEU D 321 -41.72 -12.82 -66.04
CA LEU D 321 -41.56 -13.28 -67.41
C LEU D 321 -42.94 -13.45 -68.02
N ASP D 322 -43.66 -14.50 -67.66
CA ASP D 322 -45.00 -14.66 -68.23
C ASP D 322 -45.66 -15.90 -67.62
N ASN D 323 -46.99 -15.90 -67.63
CA ASN D 323 -47.79 -17.04 -67.21
C ASN D 323 -47.52 -17.40 -65.75
N GLY D 324 -47.15 -16.41 -64.95
CA GLY D 324 -46.93 -16.60 -63.54
C GLY D 324 -45.50 -16.94 -63.17
N VAL D 325 -44.57 -16.92 -64.13
CA VAL D 325 -43.19 -17.30 -63.89
C VAL D 325 -42.37 -16.04 -63.68
N VAL D 326 -41.57 -16.04 -62.61
CA VAL D 326 -40.74 -14.91 -62.26
C VAL D 326 -39.29 -15.38 -62.12
N PHE D 327 -38.36 -14.59 -62.64
CA PHE D 327 -36.95 -14.84 -62.42
C PHE D 327 -36.49 -14.03 -61.21
N VAL D 328 -35.85 -14.71 -60.27
CA VAL D 328 -35.36 -14.11 -59.04
C VAL D 328 -33.84 -14.02 -59.20
N GLY D 329 -33.32 -12.82 -59.42
CA GLY D 329 -31.89 -12.64 -59.59
C GLY D 329 -31.24 -12.27 -58.28
N SER D 330 -30.37 -13.13 -57.78
CA SER D 330 -29.80 -13.00 -56.45
C SER D 330 -28.29 -12.84 -56.50
N ARG D 331 -27.79 -11.93 -55.68
CA ARG D 331 -26.36 -11.73 -55.49
C ARG D 331 -25.82 -12.43 -54.25
N LEU D 332 -26.66 -12.63 -53.24
CA LEU D 332 -26.27 -13.26 -51.98
C LEU D 332 -26.62 -14.74 -51.89
N GLY D 333 -27.46 -15.24 -52.79
CA GLY D 333 -27.83 -16.63 -52.79
C GLY D 333 -28.11 -17.16 -54.18
N ASP D 334 -28.61 -18.38 -54.29
CA ASP D 334 -28.91 -18.96 -55.58
C ASP D 334 -30.10 -18.24 -56.21
N SER D 335 -30.00 -17.95 -57.50
CA SER D 335 -31.08 -17.34 -58.24
C SER D 335 -32.15 -18.38 -58.57
N GLN D 336 -33.29 -17.91 -59.08
CA GLN D 336 -34.40 -18.83 -59.21
C GLN D 336 -35.31 -18.51 -60.39
N LEU D 337 -36.03 -19.54 -60.85
CA LEU D 337 -37.30 -19.42 -61.52
C LEU D 337 -38.37 -19.87 -60.53
N VAL D 338 -39.42 -19.08 -60.36
CA VAL D 338 -40.51 -19.45 -59.45
C VAL D 338 -41.83 -19.26 -60.15
N LYS D 339 -42.82 -20.06 -59.74
CA LYS D 339 -44.18 -20.00 -60.25
C LYS D 339 -45.09 -19.35 -59.22
N LEU D 340 -45.85 -18.35 -59.67
CA LEU D 340 -46.86 -17.69 -58.86
C LEU D 340 -48.22 -18.31 -59.16
N ASN D 341 -48.90 -18.79 -58.13
CA ASN D 341 -50.18 -19.46 -58.26
C ASN D 341 -51.31 -18.56 -57.75
N VAL D 342 -52.51 -18.77 -58.31
CA VAL D 342 -53.68 -18.00 -57.89
C VAL D 342 -54.17 -18.46 -56.52
N ASP D 343 -54.15 -19.77 -56.27
CA ASP D 343 -54.53 -20.33 -54.98
C ASP D 343 -53.25 -20.64 -54.20
N SER D 344 -53.31 -20.40 -52.88
CA SER D 344 -52.20 -20.71 -51.99
C SER D 344 -52.10 -22.21 -51.73
N ASN D 345 -50.90 -22.66 -51.36
CA ASN D 345 -50.71 -24.07 -51.02
C ASN D 345 -51.07 -24.27 -49.54
N GLU D 346 -50.80 -25.47 -49.02
CA GLU D 346 -51.22 -25.80 -47.67
C GLU D 346 -50.50 -24.96 -46.62
N GLN D 347 -49.40 -24.30 -46.99
CA GLN D 347 -48.63 -23.49 -46.06
C GLN D 347 -49.03 -22.03 -46.09
N GLY D 348 -49.92 -21.63 -46.98
CA GLY D 348 -50.26 -20.24 -47.14
C GLY D 348 -49.43 -19.52 -48.17
N SER D 349 -48.57 -20.24 -48.89
CA SER D 349 -47.67 -19.65 -49.86
C SER D 349 -48.27 -19.75 -51.26
N TYR D 350 -48.09 -18.69 -52.03
CA TYR D 350 -48.48 -18.65 -53.43
C TYR D 350 -47.29 -18.86 -54.37
N VAL D 351 -46.10 -19.15 -53.82
CA VAL D 351 -44.86 -19.23 -54.57
C VAL D 351 -44.32 -20.65 -54.52
N VAL D 352 -43.95 -21.20 -55.68
CA VAL D 352 -43.35 -22.52 -55.77
C VAL D 352 -42.12 -22.43 -56.66
N ALA D 353 -40.98 -22.90 -56.15
CA ALA D 353 -39.75 -22.87 -56.93
C ALA D 353 -39.83 -23.85 -58.08
N MET D 354 -39.42 -23.40 -59.27
CA MET D 354 -39.31 -24.25 -60.44
C MET D 354 -37.88 -24.75 -60.60
N GLU D 355 -36.93 -23.82 -60.75
CA GLU D 355 -35.54 -24.15 -60.96
C GLU D 355 -34.66 -23.34 -60.04
N THR D 356 -33.45 -23.85 -59.82
CA THR D 356 -32.46 -23.20 -59.00
C THR D 356 -31.15 -23.08 -59.77
N PHE D 357 -30.63 -21.85 -59.86
CA PHE D 357 -29.41 -21.51 -60.58
C PHE D 357 -28.27 -21.32 -59.57
N THR D 358 -27.21 -22.09 -59.72
CA THR D 358 -26.11 -22.04 -58.76
C THR D 358 -25.49 -20.64 -58.75
N ASN D 359 -25.41 -20.04 -57.57
CA ASN D 359 -24.68 -18.80 -57.35
C ASN D 359 -23.72 -19.01 -56.21
N LEU D 360 -22.41 -18.96 -56.50
CA LEU D 360 -21.44 -19.08 -55.43
C LEU D 360 -21.48 -17.89 -54.47
N GLY D 361 -22.21 -16.84 -54.83
CA GLY D 361 -22.45 -15.75 -53.92
C GLY D 361 -21.16 -15.14 -53.42
N PRO D 362 -21.27 -14.30 -52.40
CA PRO D 362 -20.05 -13.81 -51.73
C PRO D 362 -19.24 -14.97 -51.18
N ILE D 363 -17.97 -15.05 -51.58
CA ILE D 363 -17.07 -16.07 -51.08
C ILE D 363 -16.25 -15.39 -49.98
N VAL D 364 -16.73 -15.50 -48.74
CA VAL D 364 -16.08 -14.79 -47.64
C VAL D 364 -14.72 -15.42 -47.35
N ASP D 365 -14.65 -16.75 -47.36
CA ASP D 365 -13.41 -17.48 -47.10
C ASP D 365 -13.50 -18.83 -47.80
N MET D 366 -12.35 -19.48 -47.97
CA MET D 366 -12.32 -20.79 -48.60
C MET D 366 -11.02 -21.51 -48.25
N CYS D 367 -11.07 -22.84 -48.34
CA CYS D 367 -9.92 -23.71 -48.13
C CYS D 367 -9.88 -24.78 -49.21
N VAL D 368 -8.67 -25.23 -49.51
CA VAL D 368 -8.43 -26.31 -50.46
C VAL D 368 -8.05 -27.56 -49.68
N VAL D 369 -8.72 -28.67 -49.99
CA VAL D 369 -8.51 -29.93 -49.28
C VAL D 369 -8.66 -31.07 -50.27
N ASP D 370 -7.75 -32.04 -50.19
CA ASP D 370 -7.84 -33.25 -50.99
C ASP D 370 -8.68 -34.22 -50.18
N LEU D 371 -10.00 -34.14 -50.31
CA LEU D 371 -10.88 -35.01 -49.51
C LEU D 371 -10.68 -36.47 -49.90
N GLU D 372 -10.59 -36.76 -51.20
CA GLU D 372 -10.27 -38.11 -51.63
C GLU D 372 -8.79 -38.37 -51.49
N ARG D 373 -8.05 -37.38 -50.94
CA ARG D 373 -6.60 -37.47 -50.68
C ARG D 373 -5.82 -37.88 -51.94
N GLN D 374 -6.42 -37.79 -53.12
CA GLN D 374 -5.76 -38.08 -54.39
C GLN D 374 -5.07 -36.76 -54.74
N GLY D 375 -4.44 -36.65 -55.90
CA GLY D 375 -3.91 -35.33 -56.17
C GLY D 375 -4.99 -34.30 -56.42
N GLN D 376 -6.22 -34.77 -56.60
CA GLN D 376 -7.33 -33.89 -56.91
C GLN D 376 -7.62 -32.99 -55.73
N GLY D 377 -7.78 -31.70 -56.01
CA GLY D 377 -8.04 -30.71 -54.99
C GLY D 377 -9.50 -30.29 -55.06
N GLN D 378 -10.15 -30.23 -53.89
CA GLN D 378 -11.52 -29.75 -53.81
C GLN D 378 -11.54 -28.45 -53.00
N LEU D 379 -12.39 -27.52 -53.40
CA LEU D 379 -12.47 -26.20 -52.80
C LEU D 379 -13.80 -26.12 -52.03
N VAL D 380 -13.71 -25.91 -50.72
CA VAL D 380 -14.87 -25.73 -49.86
C VAL D 380 -14.91 -24.25 -49.47
N THR D 381 -15.97 -23.56 -49.87
CA THR D 381 -16.06 -22.12 -49.70
C THR D 381 -17.18 -21.76 -48.72
N CYS D 382 -16.95 -20.69 -47.96
CA CYS D 382 -18.00 -20.04 -47.21
C CYS D 382 -18.71 -19.09 -48.16
N SER D 383 -19.94 -19.40 -48.54
CA SER D 383 -20.62 -18.67 -49.59
C SER D 383 -22.00 -18.22 -49.14
N GLY D 384 -22.41 -17.05 -49.64
CA GLY D 384 -23.71 -16.52 -49.33
C GLY D 384 -23.75 -15.81 -47.99
N ALA D 385 -24.90 -15.22 -47.69
CA ALA D 385 -25.14 -14.59 -46.41
C ALA D 385 -26.59 -14.80 -46.00
N PHE D 386 -26.81 -14.78 -44.69
CA PHE D 386 -28.13 -14.88 -44.06
C PHE D 386 -28.80 -16.21 -44.45
N LYS D 387 -30.07 -16.19 -44.87
CA LYS D 387 -30.80 -17.42 -45.16
C LYS D 387 -30.16 -18.24 -46.26
N GLU D 388 -29.50 -17.58 -47.22
CA GLU D 388 -28.85 -18.25 -48.33
C GLU D 388 -27.43 -18.69 -48.01
N GLY D 389 -26.97 -18.48 -46.79
CA GLY D 389 -25.62 -18.88 -46.44
C GLY D 389 -25.40 -20.38 -46.58
N SER D 390 -24.24 -20.75 -47.12
CA SER D 390 -23.98 -22.15 -47.42
C SER D 390 -22.48 -22.40 -47.43
N LEU D 391 -22.14 -23.68 -47.35
CA LEU D 391 -20.80 -24.17 -47.65
C LEU D 391 -20.89 -24.85 -49.01
N ARG D 392 -19.98 -24.52 -49.91
CA ARG D 392 -20.02 -25.07 -51.27
C ARG D 392 -18.72 -25.81 -51.53
N ILE D 393 -18.83 -27.10 -51.85
CA ILE D 393 -17.68 -27.93 -52.16
C ILE D 393 -17.59 -28.06 -53.68
N ILE D 394 -16.47 -27.62 -54.23
CA ILE D 394 -16.26 -27.50 -55.66
C ILE D 394 -15.07 -28.39 -55.98
N ARG D 395 -15.24 -29.24 -56.99
CA ARG D 395 -14.20 -30.16 -57.42
C ARG D 395 -14.17 -30.08 -58.94
N ASN D 396 -12.99 -30.26 -59.51
CA ASN D 396 -12.89 -30.28 -60.96
C ASN D 396 -13.33 -31.66 -61.40
N GLY D 397 -14.23 -31.71 -62.37
CA GLY D 397 -14.79 -32.98 -62.80
C GLY D 397 -13.98 -33.68 -63.85
N ILE D 398 -14.40 -34.90 -64.16
CA ILE D 398 -13.77 -35.69 -65.20
C ILE D 398 -14.87 -36.40 -66.02
N GLN D 408 -17.02 -30.20 -70.07
CA GLN D 408 -16.11 -29.78 -69.01
C GLN D 408 -16.84 -28.76 -68.13
N LYS D 409 -16.99 -29.10 -66.85
CA LYS D 409 -17.67 -28.26 -65.88
C LYS D 409 -17.10 -28.58 -64.50
N LEU D 410 -17.37 -27.68 -63.55
CA LEU D 410 -17.02 -27.89 -62.14
C LEU D 410 -18.24 -28.48 -61.45
N HIS D 411 -18.04 -29.54 -60.67
CA HIS D 411 -19.13 -30.14 -59.92
C HIS D 411 -19.17 -29.51 -58.53
N ILE D 412 -20.33 -28.98 -58.17
CA ILE D 412 -20.50 -28.17 -56.99
C ILE D 412 -21.55 -28.85 -56.12
N ARG D 413 -21.19 -29.10 -54.87
CA ARG D 413 -22.11 -29.58 -53.87
C ARG D 413 -22.40 -28.42 -52.93
N THR D 414 -23.66 -28.27 -52.53
CA THR D 414 -24.07 -27.17 -51.68
C THR D 414 -24.51 -27.70 -50.33
N VAL D 415 -23.95 -27.15 -49.27
CA VAL D 415 -24.31 -27.49 -47.90
C VAL D 415 -25.00 -26.26 -47.34
N PRO D 416 -26.33 -26.27 -47.24
CA PRO D 416 -27.05 -25.07 -46.78
C PRO D 416 -26.88 -24.90 -45.28
N LEU D 417 -26.56 -23.69 -44.86
CA LEU D 417 -26.39 -23.37 -43.45
C LEU D 417 -27.48 -22.45 -42.92
N TYR D 418 -28.13 -21.68 -43.77
CA TYR D 418 -29.23 -20.78 -43.40
C TYR D 418 -28.79 -19.69 -42.41
N GLU D 419 -27.50 -19.48 -42.23
CA GLU D 419 -26.96 -18.37 -41.47
C GLU D 419 -25.66 -17.94 -42.15
N SER D 420 -25.19 -16.75 -41.81
CA SER D 420 -24.04 -16.20 -42.54
C SER D 420 -22.76 -16.93 -42.17
N PRO D 421 -22.05 -17.54 -43.12
CA PRO D 421 -20.76 -18.17 -42.83
C PRO D 421 -19.66 -17.14 -43.02
N ARG D 422 -18.66 -17.13 -42.15
CA ARG D 422 -17.63 -16.10 -42.21
C ARG D 422 -16.25 -16.66 -42.54
N LYS D 423 -15.72 -17.59 -41.76
CA LYS D 423 -14.42 -18.16 -42.04
C LYS D 423 -14.48 -19.68 -41.90
N ILE D 424 -13.58 -20.36 -42.60
CA ILE D 424 -13.54 -21.81 -42.62
C ILE D 424 -12.09 -22.25 -42.43
N CYS D 425 -11.93 -23.41 -41.78
CA CYS D 425 -10.62 -23.98 -41.52
C CYS D 425 -10.78 -25.48 -41.44
N TYR D 426 -9.82 -26.19 -42.04
CA TYR D 426 -9.86 -27.65 -42.11
C TYR D 426 -8.92 -28.22 -41.06
N GLN D 427 -9.41 -29.19 -40.31
CA GLN D 427 -8.65 -29.87 -39.26
C GLN D 427 -8.63 -31.35 -39.64
N GLU D 428 -7.54 -31.77 -40.29
CA GLU D 428 -7.50 -33.15 -40.76
C GLU D 428 -7.63 -34.14 -39.61
N VAL D 429 -6.97 -33.86 -38.50
CA VAL D 429 -6.94 -34.82 -37.40
C VAL D 429 -8.34 -35.26 -37.01
N SER D 430 -9.32 -34.37 -37.12
CA SER D 430 -10.69 -34.66 -36.72
C SER D 430 -11.63 -34.92 -37.90
N GLN D 431 -11.09 -35.02 -39.12
CA GLN D 431 -11.90 -35.24 -40.32
C GLN D 431 -13.10 -34.29 -40.35
N CYS D 432 -12.85 -33.03 -40.02
CA CYS D 432 -13.92 -32.04 -39.95
C CYS D 432 -13.39 -30.66 -40.26
N PHE D 433 -14.31 -29.75 -40.54
CA PHE D 433 -14.02 -28.34 -40.75
C PHE D 433 -14.46 -27.55 -39.51
N GLY D 434 -13.76 -26.46 -39.23
CA GLY D 434 -14.25 -25.44 -38.32
C GLY D 434 -14.73 -24.25 -39.13
N VAL D 435 -15.96 -23.80 -38.85
CA VAL D 435 -16.56 -22.70 -39.58
C VAL D 435 -17.10 -21.68 -38.59
N LEU D 436 -16.72 -20.42 -38.79
CA LEU D 436 -17.27 -19.30 -38.02
C LEU D 436 -18.49 -18.75 -38.75
N SER D 437 -19.58 -18.55 -38.01
CA SER D 437 -20.84 -18.12 -38.60
C SER D 437 -21.56 -17.17 -37.65
N SER D 438 -22.42 -16.32 -38.22
CA SER D 438 -23.24 -15.41 -37.43
C SER D 438 -24.66 -15.39 -37.97
N ARG D 439 -25.62 -15.36 -37.04
CA ARG D 439 -27.05 -15.33 -37.35
C ARG D 439 -27.68 -14.09 -36.72
N ILE D 440 -28.77 -13.61 -37.33
CA ILE D 440 -29.42 -12.41 -36.86
C ILE D 440 -30.56 -12.78 -35.91
N GLU D 441 -30.51 -12.27 -34.69
CA GLU D 441 -31.61 -12.33 -33.77
C GLU D 441 -32.09 -10.91 -33.48
N VAL D 442 -33.31 -10.82 -32.97
CA VAL D 442 -33.97 -9.53 -32.77
C VAL D 442 -34.47 -9.42 -31.34
N GLN D 443 -34.29 -8.24 -30.76
CA GLN D 443 -34.72 -7.99 -29.40
C GLN D 443 -36.22 -8.18 -29.24
N ASP D 444 -36.62 -9.04 -28.30
CA ASP D 444 -38.00 -9.44 -28.11
C ASP D 444 -38.59 -8.93 -26.80
N THR D 445 -39.87 -9.29 -26.58
CA THR D 445 -40.60 -8.80 -25.42
C THR D 445 -40.08 -9.37 -24.11
N SER D 446 -39.43 -10.54 -24.15
CA SER D 446 -38.91 -11.10 -22.91
C SER D 446 -37.67 -10.36 -22.44
N GLY D 447 -37.17 -9.43 -23.25
CA GLY D 447 -35.89 -8.82 -23.00
C GLY D 447 -34.72 -9.51 -23.68
N GLY D 448 -34.88 -10.75 -24.09
CA GLY D 448 -33.86 -11.45 -24.83
C GLY D 448 -33.96 -11.16 -26.31
N THR D 449 -33.37 -12.06 -27.10
CA THR D 449 -33.37 -11.96 -28.55
C THR D 449 -33.97 -13.24 -29.09
N THR D 450 -34.50 -13.17 -30.30
CA THR D 450 -35.15 -14.31 -30.92
C THR D 450 -34.67 -14.46 -32.35
N ALA D 451 -34.36 -15.70 -32.72
CA ALA D 451 -33.88 -15.97 -34.06
C ALA D 451 -35.05 -15.95 -35.03
N LEU D 452 -34.84 -15.34 -36.20
CA LEU D 452 -35.90 -15.19 -37.19
C LEU D 452 -36.26 -16.50 -37.85
N ARG D 453 -35.35 -17.48 -37.83
CA ARG D 453 -35.54 -18.76 -38.50
C ARG D 453 -34.55 -19.76 -37.91
N PRO D 454 -34.84 -21.05 -38.02
CA PRO D 454 -33.86 -22.05 -37.59
C PRO D 454 -32.69 -22.08 -38.56
N SER D 455 -31.50 -22.34 -38.02
CA SER D 455 -30.30 -22.37 -38.84
C SER D 455 -29.27 -23.27 -38.18
N ALA D 456 -28.10 -23.37 -38.82
CA ALA D 456 -27.10 -24.37 -38.46
C ALA D 456 -26.73 -24.31 -36.99
N SER D 457 -26.51 -23.10 -36.44
CA SER D 457 -26.03 -23.02 -35.07
C SER D 457 -27.10 -23.36 -34.06
N THR D 458 -28.38 -23.26 -34.43
CA THR D 458 -29.48 -23.53 -33.51
C THR D 458 -29.98 -24.97 -33.61
N GLN D 459 -29.68 -25.65 -34.71
CA GLN D 459 -30.15 -27.00 -34.96
C GLN D 459 -29.00 -28.00 -34.81
N ALA D 460 -27.89 -27.57 -34.21
CA ALA D 460 -26.73 -28.43 -34.07
C ALA D 460 -26.98 -29.55 -33.09
N LEU D 461 -26.30 -30.67 -33.34
CA LEU D 461 -26.44 -31.84 -32.49
C LEU D 461 -26.00 -31.56 -31.07
N SER D 462 -24.76 -31.14 -30.90
CA SER D 462 -24.22 -30.75 -29.61
C SER D 462 -24.00 -29.25 -29.65
N SER D 463 -24.23 -28.58 -28.52
CA SER D 463 -24.16 -27.13 -28.48
C SER D 463 -23.57 -26.68 -27.15
N SER D 464 -22.97 -25.50 -27.17
CA SER D 464 -22.37 -24.92 -25.96
C SER D 464 -22.33 -23.41 -26.12
N VAL D 465 -22.27 -22.72 -24.99
CA VAL D 465 -22.17 -21.26 -24.94
C VAL D 465 -21.02 -20.89 -24.03
N SER D 466 -20.19 -19.95 -24.48
CA SER D 466 -19.01 -19.60 -23.70
C SER D 466 -19.45 -19.04 -22.35
N SER D 467 -18.70 -19.43 -21.30
CA SER D 467 -18.97 -19.00 -19.94
C SER D 467 -17.91 -18.02 -19.45
N SER D 468 -17.12 -17.48 -20.38
CA SER D 468 -16.04 -16.58 -20.02
C SER D 468 -16.58 -15.36 -19.31
N LYS D 469 -15.93 -14.98 -18.22
CA LYS D 469 -16.27 -13.77 -17.50
C LYS D 469 -15.17 -12.72 -17.61
N LEU D 470 -14.26 -12.89 -18.57
CA LEU D 470 -13.11 -11.98 -18.67
C LEU D 470 -13.57 -10.53 -18.77
N PHE D 471 -14.57 -10.26 -19.60
CA PHE D 471 -15.12 -8.92 -19.69
C PHE D 471 -16.13 -8.64 -18.59
N SER D 472 -16.61 -9.69 -17.93
CA SER D 472 -17.45 -9.59 -16.73
C SER D 472 -18.41 -8.42 -16.80
N SER D 473 -18.60 -7.75 -15.66
CA SER D 473 -19.44 -6.56 -15.58
C SER D 473 -18.62 -5.28 -15.72
N SER D 474 -17.34 -5.39 -16.08
CA SER D 474 -16.50 -4.20 -16.26
C SER D 474 -17.13 -3.23 -17.27
N THR D 475 -17.62 -3.74 -18.39
CA THR D 475 -18.24 -2.91 -19.40
C THR D 475 -19.66 -2.57 -18.99
N ALA D 476 -20.03 -1.30 -19.14
CA ALA D 476 -21.40 -0.88 -18.84
C ALA D 476 -22.36 -1.40 -19.90
N PRO D 477 -23.56 -1.83 -19.52
CA PRO D 477 -24.51 -2.35 -20.50
C PRO D 477 -25.14 -1.21 -21.28
N HIS D 478 -25.34 -1.45 -22.57
CA HIS D 478 -25.88 -0.45 -23.48
C HIS D 478 -27.37 -0.65 -23.67
N GLU D 479 -28.04 0.44 -24.03
CA GLU D 479 -29.49 0.42 -24.08
C GLU D 479 -29.94 -0.46 -25.24
N THR D 480 -30.96 -1.29 -24.99
CA THR D 480 -31.49 -2.17 -26.01
C THR D 480 -32.96 -1.84 -26.23
N SER D 481 -33.32 -1.64 -27.49
CA SER D 481 -34.68 -1.32 -27.89
C SER D 481 -35.27 -2.53 -28.60
N PHE D 482 -36.56 -2.76 -28.39
CA PHE D 482 -37.21 -3.88 -29.04
C PHE D 482 -37.16 -3.70 -30.55
N GLY D 483 -36.87 -4.78 -31.26
CA GLY D 483 -36.83 -4.77 -32.70
C GLY D 483 -35.45 -4.57 -33.29
N GLU D 484 -34.47 -4.14 -32.51
CA GLU D 484 -33.13 -3.99 -33.05
C GLU D 484 -32.52 -5.36 -33.34
N GLU D 485 -31.75 -5.41 -34.42
CA GLU D 485 -31.05 -6.62 -34.82
C GLU D 485 -29.70 -6.71 -34.12
N VAL D 486 -29.28 -7.93 -33.83
CA VAL D 486 -27.96 -8.19 -33.27
C VAL D 486 -27.43 -9.47 -33.91
N GLU D 487 -26.11 -9.57 -33.96
CA GLU D 487 -25.42 -10.71 -34.56
C GLU D 487 -25.00 -11.66 -33.45
N VAL D 488 -25.25 -12.94 -33.64
CA VAL D 488 -24.82 -13.98 -32.71
C VAL D 488 -23.83 -14.87 -33.46
N HIS D 489 -22.61 -14.96 -32.95
CA HIS D 489 -21.52 -15.66 -33.62
C HIS D 489 -21.28 -17.02 -32.99
N ASN D 490 -20.95 -18.00 -33.84
CA ASN D 490 -20.79 -19.37 -33.42
C ASN D 490 -19.63 -20.02 -34.16
N LEU D 491 -18.98 -20.96 -33.48
CA LEU D 491 -18.02 -21.87 -34.10
C LEU D 491 -18.76 -23.17 -34.40
N LEU D 492 -18.79 -23.56 -35.68
CA LEU D 492 -19.42 -24.80 -36.09
C LEU D 492 -18.37 -25.86 -36.37
N ILE D 493 -18.61 -27.07 -35.89
CA ILE D 493 -17.79 -28.23 -36.21
C ILE D 493 -18.59 -29.09 -37.18
N ILE D 494 -18.03 -29.30 -38.37
CA ILE D 494 -18.73 -29.91 -39.50
C ILE D 494 -17.93 -31.09 -40.03
N ASP D 495 -18.59 -32.24 -40.16
CA ASP D 495 -17.93 -33.47 -40.62
C ASP D 495 -17.52 -33.30 -42.08
N GLN D 496 -16.34 -33.80 -42.44
CA GLN D 496 -15.79 -33.51 -43.75
C GLN D 496 -16.45 -34.30 -44.87
N HIS D 497 -17.16 -35.38 -44.57
CA HIS D 497 -17.85 -36.15 -45.59
C HIS D 497 -19.36 -35.93 -45.58
N THR D 498 -19.99 -36.02 -44.42
CA THR D 498 -21.44 -35.80 -44.33
C THR D 498 -21.79 -34.32 -44.29
N PHE D 499 -20.86 -33.47 -43.86
CA PHE D 499 -21.12 -32.04 -43.71
C PHE D 499 -22.31 -31.83 -42.77
N GLU D 500 -22.33 -32.64 -41.70
CA GLU D 500 -23.33 -32.56 -40.65
C GLU D 500 -22.74 -31.74 -39.51
N VAL D 501 -23.56 -30.86 -38.93
CA VAL D 501 -23.09 -30.02 -37.85
C VAL D 501 -23.00 -30.85 -36.58
N LEU D 502 -21.76 -31.11 -36.16
CA LEU D 502 -21.50 -31.99 -35.03
C LEU D 502 -21.62 -31.24 -33.72
N HIS D 503 -21.19 -29.98 -33.73
CA HIS D 503 -21.20 -29.15 -32.54
C HIS D 503 -21.30 -27.69 -32.96
N ALA D 504 -22.02 -26.90 -32.17
CA ALA D 504 -22.10 -25.46 -32.38
C ALA D 504 -21.78 -24.80 -31.06
N HIS D 505 -20.78 -23.92 -31.06
CA HIS D 505 -20.41 -23.14 -29.89
C HIS D 505 -20.76 -21.69 -30.14
N GLN D 506 -21.57 -21.12 -29.25
CA GLN D 506 -22.02 -19.74 -29.33
C GLN D 506 -21.15 -18.88 -28.44
N PHE D 507 -20.66 -17.77 -28.98
CA PHE D 507 -19.76 -16.89 -28.23
C PHE D 507 -20.55 -15.92 -27.36
N LEU D 508 -19.81 -15.15 -26.55
CA LEU D 508 -20.46 -14.26 -25.59
C LEU D 508 -21.31 -13.21 -26.28
N GLN D 509 -22.24 -12.66 -25.51
CA GLN D 509 -23.13 -11.62 -26.02
C GLN D 509 -22.34 -10.42 -26.48
N ASN D 510 -22.66 -9.92 -27.68
CA ASN D 510 -21.97 -8.80 -28.31
C ASN D 510 -20.52 -9.15 -28.66
N GLU D 511 -20.25 -10.43 -28.92
CA GLU D 511 -18.93 -10.90 -29.34
C GLU D 511 -19.00 -11.36 -30.79
N TYR D 512 -18.14 -10.81 -31.63
CA TYR D 512 -18.05 -11.14 -33.04
C TYR D 512 -16.75 -11.90 -33.29
N ALA D 513 -16.85 -13.04 -33.99
CA ALA D 513 -15.66 -13.83 -34.34
C ALA D 513 -15.10 -13.36 -35.67
N LEU D 514 -13.79 -13.10 -35.70
CA LEU D 514 -13.12 -12.56 -36.87
C LEU D 514 -12.02 -13.46 -37.46
N SER D 515 -11.48 -14.41 -36.69
CA SER D 515 -10.37 -15.22 -37.20
C SER D 515 -10.48 -16.65 -36.69
N LEU D 516 -9.90 -17.58 -37.46
CA LEU D 516 -9.94 -19.00 -37.13
C LEU D 516 -8.71 -19.70 -37.71
N VAL D 517 -8.05 -20.51 -36.87
CA VAL D 517 -6.96 -21.36 -37.32
C VAL D 517 -7.12 -22.75 -36.73
N SER D 518 -6.53 -23.73 -37.41
CA SER D 518 -6.39 -25.09 -36.92
C SER D 518 -4.91 -25.44 -36.96
N CYS D 519 -4.33 -25.80 -35.82
CA CYS D 519 -2.90 -26.05 -35.80
C CYS D 519 -2.48 -26.74 -34.52
N LYS D 520 -1.27 -27.31 -34.56
CA LYS D 520 -0.56 -27.74 -33.37
C LYS D 520 0.37 -26.60 -32.95
N LEU D 521 0.57 -26.45 -31.64
CA LEU D 521 1.44 -25.40 -31.15
C LEU D 521 2.45 -25.93 -30.14
N GLY D 522 3.62 -25.30 -30.14
CA GLY D 522 4.65 -25.60 -29.16
C GLY D 522 5.01 -27.06 -29.14
N LYS D 523 5.13 -27.62 -27.94
CA LYS D 523 5.37 -29.04 -27.77
C LYS D 523 4.10 -29.81 -27.45
N ASP D 524 2.94 -29.19 -27.66
CA ASP D 524 1.66 -29.84 -27.43
C ASP D 524 1.24 -30.59 -28.69
N PRO D 525 1.12 -31.92 -28.65
CA PRO D 525 0.74 -32.64 -29.88
C PRO D 525 -0.72 -32.45 -30.25
N ASN D 526 -1.55 -31.92 -29.35
CA ASN D 526 -2.96 -31.77 -29.64
C ASN D 526 -3.18 -30.71 -30.69
N THR D 527 -4.11 -30.98 -31.62
CA THR D 527 -4.47 -30.06 -32.68
C THR D 527 -5.73 -29.31 -32.28
N TYR D 528 -5.65 -27.96 -32.31
CA TYR D 528 -6.70 -27.12 -31.78
C TYR D 528 -7.36 -26.27 -32.86
N PHE D 529 -8.62 -25.92 -32.61
CA PHE D 529 -9.27 -24.80 -33.28
C PHE D 529 -9.07 -23.56 -32.41
N ILE D 530 -8.54 -22.49 -32.99
CA ILE D 530 -8.34 -21.24 -32.26
C ILE D 530 -9.11 -20.14 -32.98
N VAL D 531 -9.92 -19.41 -32.21
CA VAL D 531 -10.80 -18.38 -32.74
C VAL D 531 -10.39 -17.03 -32.16
N GLY D 532 -10.35 -16.02 -33.01
CA GLY D 532 -10.10 -14.64 -32.61
C GLY D 532 -11.39 -13.82 -32.68
N THR D 533 -11.71 -13.16 -31.58
CA THR D 533 -12.96 -12.44 -31.43
C THR D 533 -12.73 -10.98 -31.06
N ALA D 534 -13.79 -10.17 -31.20
CA ALA D 534 -13.76 -8.78 -30.76
C ALA D 534 -15.12 -8.42 -30.18
N MET D 535 -15.11 -7.73 -29.03
CA MET D 535 -16.35 -7.27 -28.40
C MET D 535 -16.84 -6.03 -29.12
N VAL D 536 -18.01 -6.13 -29.75
CA VAL D 536 -18.53 -5.07 -30.60
C VAL D 536 -19.64 -4.37 -29.86
N TYR D 537 -19.47 -3.09 -29.62
CA TYR D 537 -20.48 -2.24 -29.02
C TYR D 537 -20.70 -1.07 -29.96
N PRO D 538 -21.93 -0.80 -30.40
CA PRO D 538 -22.15 0.28 -31.38
C PRO D 538 -21.57 1.61 -30.93
N GLU D 539 -21.45 1.82 -29.61
CA GLU D 539 -20.90 3.07 -29.10
C GLU D 539 -19.42 3.21 -29.43
N GLU D 540 -18.66 2.12 -29.37
CA GLU D 540 -17.23 2.18 -29.64
C GLU D 540 -17.01 2.16 -31.15
N ALA D 541 -16.35 3.20 -31.67
CA ALA D 541 -16.01 3.23 -33.08
C ALA D 541 -15.09 2.08 -33.47
N GLU D 542 -14.13 1.74 -32.60
CA GLU D 542 -13.25 0.62 -32.84
C GLU D 542 -13.27 -0.25 -31.59
N PRO D 543 -13.35 -1.57 -31.74
CA PRO D 543 -13.41 -2.42 -30.55
C PRO D 543 -12.17 -2.23 -29.71
N LYS D 544 -12.36 -2.15 -28.39
CA LYS D 544 -11.25 -2.06 -27.46
C LYS D 544 -11.23 -3.26 -26.52
N GLN D 545 -12.05 -4.28 -26.80
CA GLN D 545 -12.05 -5.53 -26.05
C GLN D 545 -12.17 -6.72 -27.00
N GLY D 546 -11.43 -7.78 -26.69
CA GLY D 546 -11.49 -8.99 -27.49
C GLY D 546 -10.89 -10.15 -26.73
N ARG D 547 -11.13 -11.36 -27.28
CA ARG D 547 -10.66 -12.60 -26.69
C ARG D 547 -10.10 -13.48 -27.79
N ILE D 548 -9.07 -14.25 -27.44
CA ILE D 548 -8.57 -15.36 -28.26
C ILE D 548 -8.91 -16.65 -27.52
N VAL D 549 -9.64 -17.54 -28.17
CA VAL D 549 -10.09 -18.77 -27.53
C VAL D 549 -9.55 -19.99 -28.26
N VAL D 550 -9.01 -20.94 -27.50
CA VAL D 550 -8.44 -22.19 -28.01
C VAL D 550 -9.40 -23.33 -27.67
N PHE D 551 -9.80 -24.08 -28.70
CA PHE D 551 -10.70 -25.21 -28.55
C PHE D 551 -10.00 -26.50 -28.96
N GLN D 552 -10.43 -27.62 -28.38
CA GLN D 552 -10.07 -28.95 -28.86
C GLN D 552 -11.34 -29.72 -29.14
N TYR D 553 -11.48 -30.23 -30.37
CA TYR D 553 -12.58 -31.14 -30.70
C TYR D 553 -12.02 -32.56 -30.62
N SER D 554 -12.49 -33.34 -29.63
CA SER D 554 -12.03 -34.69 -29.43
C SER D 554 -13.19 -35.51 -28.86
N ASP D 555 -13.41 -36.70 -29.41
CA ASP D 555 -14.46 -37.61 -28.96
C ASP D 555 -15.83 -36.92 -28.96
N GLY D 556 -16.12 -36.23 -30.07
CA GLY D 556 -17.45 -35.69 -30.27
C GLY D 556 -17.80 -34.47 -29.44
N LYS D 557 -16.90 -34.00 -28.58
CA LYS D 557 -17.17 -32.89 -27.69
C LYS D 557 -16.12 -31.81 -27.87
N LEU D 558 -16.55 -30.56 -27.73
CA LEU D 558 -15.66 -29.41 -27.86
C LEU D 558 -15.34 -28.87 -26.48
N GLN D 559 -14.05 -28.83 -26.16
CA GLN D 559 -13.59 -28.39 -24.85
C GLN D 559 -12.86 -27.07 -25.03
N THR D 560 -13.18 -26.10 -24.18
CA THR D 560 -12.46 -24.83 -24.20
C THR D 560 -11.14 -25.05 -23.48
N VAL D 561 -10.03 -24.89 -24.18
CA VAL D 561 -8.74 -25.24 -23.59
C VAL D 561 -8.09 -24.04 -22.93
N ALA D 562 -8.22 -22.85 -23.52
CA ALA D 562 -7.57 -21.68 -22.97
C ALA D 562 -8.18 -20.41 -23.56
N GLU D 563 -8.03 -19.31 -22.83
CA GLU D 563 -8.52 -18.01 -23.29
C GLU D 563 -7.51 -16.92 -22.96
N LYS D 564 -7.39 -15.95 -23.87
CA LYS D 564 -6.51 -14.80 -23.72
C LYS D 564 -7.30 -13.53 -23.99
N GLU D 565 -7.28 -12.61 -23.04
CA GLU D 565 -7.93 -11.32 -23.25
C GLU D 565 -6.98 -10.40 -24.02
N VAL D 566 -7.53 -9.67 -24.99
CA VAL D 566 -6.79 -8.66 -25.74
C VAL D 566 -7.59 -7.36 -25.71
N LYS D 567 -6.91 -6.26 -25.97
CA LYS D 567 -7.50 -4.93 -25.89
C LYS D 567 -7.91 -4.41 -27.27
N GLY D 568 -8.56 -5.25 -28.07
CA GLY D 568 -8.94 -4.84 -29.40
C GLY D 568 -9.56 -5.99 -30.18
N ALA D 569 -9.51 -5.89 -31.49
CA ALA D 569 -10.12 -6.87 -32.39
C ALA D 569 -9.07 -7.79 -32.99
N VAL D 570 -9.28 -9.10 -32.88
CA VAL D 570 -8.35 -10.11 -33.41
C VAL D 570 -8.76 -10.33 -34.86
N TYR D 571 -8.19 -9.54 -35.77
CA TYR D 571 -8.61 -9.58 -37.16
C TYR D 571 -8.10 -10.83 -37.90
N SER D 572 -6.86 -11.24 -37.66
CA SER D 572 -6.30 -12.37 -38.40
C SER D 572 -5.29 -13.15 -37.56
N MET D 573 -5.20 -14.45 -37.81
CA MET D 573 -4.26 -15.33 -37.11
C MET D 573 -3.66 -16.32 -38.09
N VAL D 574 -2.44 -16.79 -37.79
CA VAL D 574 -1.74 -17.74 -38.66
C VAL D 574 -0.65 -18.41 -37.83
N GLU D 575 -0.53 -19.73 -38.00
CA GLU D 575 0.52 -20.45 -37.30
C GLU D 575 1.88 -20.08 -37.86
N PHE D 576 2.84 -19.85 -36.96
CA PHE D 576 4.18 -19.36 -37.29
C PHE D 576 5.21 -20.23 -36.56
N ASN D 577 5.69 -21.28 -37.23
CA ASN D 577 6.78 -22.09 -36.71
C ASN D 577 6.53 -22.49 -35.26
N GLY D 578 5.39 -23.14 -35.06
CA GLY D 578 4.98 -23.61 -33.75
C GLY D 578 4.41 -22.56 -32.85
N LYS D 579 4.34 -21.30 -33.30
CA LYS D 579 3.83 -20.18 -32.54
C LYS D 579 2.62 -19.59 -33.23
N LEU D 580 1.84 -18.83 -32.47
CA LEU D 580 0.59 -18.25 -32.96
C LEU D 580 0.80 -16.77 -33.26
N LEU D 581 0.66 -16.41 -34.54
CA LEU D 581 0.82 -15.03 -34.99
C LEU D 581 -0.57 -14.42 -35.13
N ALA D 582 -0.81 -13.33 -34.39
CA ALA D 582 -2.14 -12.72 -34.35
C ALA D 582 -2.00 -11.21 -34.47
N SER D 583 -3.03 -10.59 -35.05
CA SER D 583 -3.07 -9.15 -35.28
C SER D 583 -4.22 -8.56 -34.48
N ILE D 584 -3.91 -7.65 -33.56
CA ILE D 584 -4.92 -6.98 -32.73
C ILE D 584 -4.82 -5.48 -32.98
N ASN D 585 -5.77 -4.95 -33.77
CA ASN D 585 -5.85 -3.52 -34.09
C ASN D 585 -4.54 -3.00 -34.69
N SER D 586 -3.83 -2.14 -33.98
CA SER D 586 -2.58 -1.54 -34.47
C SER D 586 -1.35 -2.38 -34.11
N THR D 587 -1.56 -3.62 -33.66
CA THR D 587 -0.49 -4.49 -33.20
C THR D 587 -0.49 -5.82 -33.94
N VAL D 588 0.71 -6.34 -34.18
CA VAL D 588 0.94 -7.70 -34.64
C VAL D 588 1.77 -8.40 -33.57
N ARG D 589 1.29 -9.52 -33.05
CA ARG D 589 1.96 -10.19 -31.93
C ARG D 589 2.27 -11.64 -32.28
N LEU D 590 3.34 -12.15 -31.67
CA LEU D 590 3.69 -13.57 -31.72
C LEU D 590 3.54 -14.12 -30.31
N TYR D 591 2.75 -15.18 -30.17
CA TYR D 591 2.51 -15.84 -28.90
C TYR D 591 3.23 -17.19 -28.88
N GLU D 592 3.72 -17.59 -27.70
CA GLU D 592 4.24 -18.93 -27.48
C GLU D 592 3.25 -19.72 -26.62
N TRP D 593 3.19 -21.04 -26.86
CA TRP D 593 2.28 -21.95 -26.15
C TRP D 593 3.07 -22.60 -25.04
N THR D 594 2.73 -22.27 -23.79
CA THR D 594 3.53 -22.76 -22.68
C THR D 594 3.16 -24.21 -22.39
N THR D 595 3.99 -24.87 -21.59
CA THR D 595 3.68 -26.21 -21.13
C THR D 595 2.49 -26.25 -20.19
N GLU D 596 2.03 -25.10 -19.68
CA GLU D 596 0.79 -25.03 -18.91
C GLU D 596 -0.42 -24.77 -19.80
N LYS D 597 -0.27 -24.90 -21.12
CA LYS D 597 -1.37 -24.75 -22.07
C LYS D 597 -2.03 -23.36 -21.96
N GLU D 598 -1.20 -22.31 -22.01
CA GLU D 598 -1.71 -20.93 -22.07
C GLU D 598 -0.80 -20.08 -22.94
N LEU D 599 -1.39 -19.06 -23.58
CA LEU D 599 -0.63 -18.22 -24.50
C LEU D 599 0.13 -17.13 -23.75
N ARG D 600 1.37 -16.89 -24.20
CA ARG D 600 2.32 -15.95 -23.61
C ARG D 600 2.88 -15.11 -24.74
N THR D 601 2.90 -13.79 -24.54
CA THR D 601 3.43 -12.90 -25.57
C THR D 601 4.95 -13.00 -25.65
N GLU D 602 5.50 -13.18 -26.86
CA GLU D 602 6.95 -13.13 -27.04
C GLU D 602 7.43 -11.76 -27.50
N CYS D 603 6.86 -11.22 -28.58
CA CYS D 603 7.27 -9.92 -29.10
C CYS D 603 6.10 -9.27 -29.83
N ASN D 604 6.24 -7.97 -30.12
CA ASN D 604 5.17 -7.21 -30.75
C ASN D 604 5.70 -6.31 -31.87
N HIS D 605 4.81 -5.97 -32.79
CA HIS D 605 5.05 -4.97 -33.83
C HIS D 605 3.86 -4.03 -33.87
N TYR D 606 4.13 -2.72 -33.95
CA TYR D 606 3.11 -1.72 -33.72
C TYR D 606 2.83 -0.74 -34.86
N ASN D 607 3.62 -0.73 -35.94
CA ASN D 607 3.44 0.32 -36.94
C ASN D 607 2.43 -0.08 -38.02
N ASN D 608 1.19 -0.25 -37.59
CA ASN D 608 0.09 -0.53 -38.48
C ASN D 608 -1.09 0.31 -38.03
N ILE D 609 -1.88 0.78 -38.99
CA ILE D 609 -3.12 1.47 -38.62
C ILE D 609 -4.19 0.44 -38.27
N MET D 610 -4.41 -0.50 -39.19
CA MET D 610 -5.27 -1.65 -38.97
C MET D 610 -4.66 -2.85 -39.68
N ALA D 611 -4.24 -3.84 -38.88
CA ALA D 611 -3.60 -5.06 -39.39
C ALA D 611 -4.69 -6.04 -39.76
N LEU D 612 -5.14 -5.98 -41.03
CA LEU D 612 -6.29 -6.77 -41.42
C LEU D 612 -5.92 -8.17 -41.90
N TYR D 613 -4.78 -8.37 -42.56
CA TYR D 613 -4.45 -9.66 -43.13
C TYR D 613 -3.03 -10.08 -42.81
N LEU D 614 -2.85 -11.39 -42.69
CA LEU D 614 -1.54 -11.97 -42.39
C LEU D 614 -1.29 -13.20 -43.26
N LYS D 615 -0.03 -13.37 -43.65
CA LYS D 615 0.42 -14.52 -44.44
C LYS D 615 1.89 -14.71 -44.09
N THR D 616 2.34 -15.97 -44.03
CA THR D 616 3.70 -16.27 -43.61
C THR D 616 4.37 -17.25 -44.57
N LYS D 617 5.67 -17.06 -44.78
CA LYS D 617 6.52 -18.03 -45.46
C LYS D 617 7.84 -18.10 -44.71
N GLY D 618 8.09 -19.21 -44.03
CA GLY D 618 9.31 -19.31 -43.24
C GLY D 618 9.22 -18.39 -42.03
N ASP D 619 10.29 -17.64 -41.79
CA ASP D 619 10.31 -16.63 -40.74
C ASP D 619 9.90 -15.25 -41.24
N PHE D 620 9.31 -15.15 -42.42
CA PHE D 620 8.85 -13.90 -43.00
C PHE D 620 7.34 -13.76 -42.81
N ILE D 621 6.91 -12.51 -42.64
CA ILE D 621 5.49 -12.21 -42.44
C ILE D 621 5.08 -11.06 -43.33
N LEU D 622 3.99 -11.25 -44.07
CA LEU D 622 3.37 -10.19 -44.86
C LEU D 622 2.19 -9.66 -44.08
N VAL D 623 2.21 -8.36 -43.78
CA VAL D 623 1.18 -7.72 -42.99
C VAL D 623 0.46 -6.75 -43.91
N GLY D 624 -0.85 -6.89 -43.99
CA GLY D 624 -1.61 -6.04 -44.88
C GLY D 624 -2.42 -5.06 -44.07
N ASP D 625 -2.20 -3.77 -44.31
CA ASP D 625 -2.84 -2.72 -43.52
C ASP D 625 -4.01 -2.23 -44.35
N LEU D 626 -4.97 -1.61 -43.66
CA LEU D 626 -6.15 -1.15 -44.35
C LEU D 626 -5.81 -0.19 -45.47
N MET D 627 -4.88 0.74 -45.22
CA MET D 627 -4.54 1.77 -46.18
C MET D 627 -3.06 1.89 -46.44
N ARG D 628 -2.22 1.19 -45.67
CA ARG D 628 -0.76 1.29 -45.80
C ARG D 628 -0.19 0.18 -46.67
N SER D 629 -1.03 -0.43 -47.51
CA SER D 629 -0.62 -1.46 -48.47
C SER D 629 -0.04 -2.65 -47.71
N VAL D 630 1.18 -3.09 -48.00
CA VAL D 630 1.74 -4.31 -47.45
C VAL D 630 3.07 -3.98 -46.79
N LEU D 631 3.31 -4.57 -45.63
CA LEU D 631 4.55 -4.41 -44.89
C LEU D 631 5.16 -5.80 -44.70
N LEU D 632 6.41 -5.95 -45.13
CA LEU D 632 7.12 -7.22 -45.03
C LEU D 632 7.86 -7.28 -43.71
N LEU D 633 7.42 -8.16 -42.81
CA LEU D 633 8.11 -8.39 -41.56
C LEU D 633 8.93 -9.67 -41.62
N ALA D 634 9.90 -9.74 -40.72
CA ALA D 634 10.68 -10.96 -40.51
C ALA D 634 10.88 -11.14 -39.01
N TYR D 635 10.78 -12.39 -38.57
CA TYR D 635 11.07 -12.76 -37.21
C TYR D 635 12.56 -13.05 -37.11
N LYS D 636 13.22 -12.39 -36.16
CA LYS D 636 14.64 -12.63 -35.99
C LYS D 636 14.84 -13.52 -34.78
N PRO D 637 14.98 -14.84 -34.95
CA PRO D 637 14.97 -15.73 -33.78
C PRO D 637 16.12 -15.47 -32.82
N MET D 638 17.29 -15.05 -33.30
CA MET D 638 18.39 -14.83 -32.36
C MET D 638 18.04 -13.79 -31.31
N GLU D 639 17.24 -12.79 -31.67
CA GLU D 639 16.88 -11.74 -30.73
C GLU D 639 15.50 -11.95 -30.12
N GLY D 640 14.62 -12.67 -30.81
CA GLY D 640 13.27 -12.85 -30.33
C GLY D 640 12.39 -11.63 -30.53
N ASN D 641 12.38 -11.08 -31.74
CA ASN D 641 11.60 -9.88 -32.02
C ASN D 641 11.44 -9.76 -33.53
N PHE D 642 10.63 -8.78 -33.94
CA PHE D 642 10.40 -8.52 -35.34
C PHE D 642 11.34 -7.43 -35.85
N GLU D 643 11.61 -7.46 -37.16
CA GLU D 643 12.35 -6.43 -37.86
C GLU D 643 11.61 -6.11 -39.14
N GLU D 644 11.40 -4.83 -39.41
CA GLU D 644 10.82 -4.40 -40.67
C GLU D 644 11.81 -4.64 -41.80
N ILE D 645 11.39 -5.38 -42.82
CA ILE D 645 12.23 -5.60 -43.98
C ILE D 645 11.95 -4.57 -45.06
N ALA D 646 10.69 -4.38 -45.43
CA ALA D 646 10.37 -3.44 -46.50
C ALA D 646 8.89 -3.13 -46.46
N ARG D 647 8.55 -1.93 -46.92
CA ARG D 647 7.18 -1.45 -46.95
C ARG D 647 6.88 -0.92 -48.35
N ASP D 648 5.66 -1.16 -48.83
CA ASP D 648 5.22 -0.59 -50.09
C ASP D 648 4.72 0.82 -49.80
N PHE D 649 5.42 1.82 -50.33
CA PHE D 649 5.09 3.19 -50.01
C PHE D 649 3.85 3.70 -50.76
N ASN D 650 3.46 3.04 -51.85
CA ASN D 650 2.22 3.42 -52.54
C ASN D 650 1.02 3.01 -51.68
N PRO D 651 0.11 3.93 -51.34
CA PRO D 651 -0.97 3.57 -50.42
C PRO D 651 -2.10 2.85 -51.16
N ASN D 652 -2.60 1.76 -50.59
CA ASN D 652 -3.67 1.01 -51.21
C ASN D 652 -4.62 0.53 -50.12
N TRP D 653 -5.87 0.29 -50.49
CA TRP D 653 -6.87 -0.25 -49.58
C TRP D 653 -6.87 -1.75 -49.81
N MET D 654 -6.32 -2.49 -48.86
CA MET D 654 -6.10 -3.91 -49.06
C MET D 654 -7.39 -4.66 -48.74
N SER D 655 -7.73 -5.62 -49.60
CA SER D 655 -8.83 -6.54 -49.35
C SER D 655 -8.34 -7.95 -49.05
N ALA D 656 -7.19 -8.35 -49.60
CA ALA D 656 -6.58 -9.63 -49.33
C ALA D 656 -5.15 -9.61 -49.85
N VAL D 657 -4.27 -10.36 -49.19
CA VAL D 657 -2.87 -10.44 -49.57
C VAL D 657 -2.45 -11.90 -49.67
N GLU D 658 -1.32 -12.12 -50.36
CA GLU D 658 -0.73 -13.45 -50.44
C GLU D 658 0.75 -13.33 -50.76
N ILE D 659 1.51 -14.32 -50.30
CA ILE D 659 2.92 -14.46 -50.62
C ILE D 659 3.03 -15.41 -51.80
N LEU D 660 3.67 -14.96 -52.88
CA LEU D 660 3.88 -15.82 -54.04
C LEU D 660 5.15 -16.63 -53.89
N ASP D 661 6.24 -15.97 -53.51
CA ASP D 661 7.53 -16.61 -53.25
C ASP D 661 8.32 -15.68 -52.34
N ASP D 662 9.58 -16.03 -52.09
CA ASP D 662 10.36 -15.28 -51.11
C ASP D 662 10.56 -13.83 -51.49
N ASP D 663 10.35 -13.47 -52.75
CA ASP D 663 10.57 -12.10 -53.22
C ASP D 663 9.31 -11.41 -53.71
N ASN D 664 8.27 -12.15 -54.11
CA ASN D 664 7.07 -11.56 -54.68
C ASN D 664 5.91 -11.64 -53.69
N PHE D 665 5.08 -10.58 -53.67
CA PHE D 665 3.94 -10.47 -52.77
C PHE D 665 2.74 -9.97 -53.57
N LEU D 666 1.60 -10.63 -53.39
CA LEU D 666 0.38 -10.35 -54.13
C LEU D 666 -0.70 -9.73 -53.24
N GLY D 667 -1.46 -8.79 -53.80
CA GLY D 667 -2.48 -8.06 -53.07
C GLY D 667 -3.71 -7.72 -53.91
N ALA D 668 -4.79 -7.37 -53.22
CA ALA D 668 -6.06 -6.98 -53.85
C ALA D 668 -6.62 -5.69 -53.27
N GLU D 669 -7.07 -4.79 -54.14
CA GLU D 669 -7.64 -3.50 -53.75
C GLU D 669 -9.16 -3.45 -53.89
N ASN D 670 -9.76 -2.47 -53.21
CA ASN D 670 -11.20 -2.25 -53.34
C ASN D 670 -11.57 -1.62 -54.67
N ALA D 671 -10.58 -1.26 -55.47
CA ALA D 671 -10.80 -0.75 -56.81
C ALA D 671 -10.77 -1.86 -57.85
N PHE D 672 -11.02 -3.09 -57.41
CA PHE D 672 -11.03 -4.25 -58.31
C PHE D 672 -9.70 -4.34 -59.06
N ASN D 673 -8.61 -4.09 -58.34
CA ASN D 673 -7.27 -4.08 -58.91
C ASN D 673 -6.40 -5.11 -58.20
N LEU D 674 -5.42 -5.65 -58.91
CA LEU D 674 -4.46 -6.60 -58.36
C LEU D 674 -3.05 -6.06 -58.58
N PHE D 675 -2.19 -6.21 -57.57
CA PHE D 675 -0.84 -5.67 -57.68
C PHE D 675 0.17 -6.65 -57.08
N VAL D 676 1.39 -6.63 -57.62
CA VAL D 676 2.49 -7.46 -57.15
C VAL D 676 3.68 -6.56 -56.91
N CYS D 677 4.10 -6.43 -55.65
CA CYS D 677 5.30 -5.70 -55.27
C CYS D 677 6.36 -6.68 -54.78
N GLN D 678 7.62 -6.34 -55.02
CA GLN D 678 8.74 -7.20 -54.66
C GLN D 678 9.89 -6.39 -54.07
N LYS D 679 10.75 -7.08 -53.33
CA LYS D 679 12.00 -6.50 -52.89
C LYS D 679 12.80 -6.09 -54.12
N ASP D 680 13.31 -4.86 -54.10
CA ASP D 680 14.00 -4.34 -55.29
C ASP D 680 15.24 -5.15 -55.62
N SER D 681 16.07 -5.44 -54.61
CA SER D 681 17.29 -6.21 -54.81
C SER D 681 18.19 -5.53 -55.85
N ALA D 682 18.13 -4.19 -55.90
CA ALA D 682 18.97 -3.40 -56.77
C ALA D 682 19.44 -2.14 -56.04
N ALA D 683 20.49 -1.52 -56.59
CA ALA D 683 21.15 -0.32 -56.10
C ALA D 683 21.94 -0.54 -54.80
N THR D 684 22.00 -1.77 -54.29
CA THR D 684 22.79 -2.13 -53.13
C THR D 684 22.75 -1.09 -52.00
N THR D 685 21.59 -0.51 -51.76
CA THR D 685 21.38 0.46 -50.68
C THR D 685 20.39 -0.12 -49.67
N ASP D 686 20.69 0.06 -48.37
CA ASP D 686 19.72 -0.36 -47.36
C ASP D 686 18.37 0.28 -47.61
N GLU D 687 18.37 1.54 -48.06
CA GLU D 687 17.13 2.25 -48.34
C GLU D 687 16.37 1.58 -49.48
N GLU D 688 17.08 1.19 -50.55
CA GLU D 688 16.43 0.58 -51.70
C GLU D 688 15.78 -0.74 -51.32
N ARG D 689 16.46 -1.55 -50.50
CA ARG D 689 15.88 -2.80 -50.02
C ARG D 689 14.64 -2.54 -49.17
N GLN D 690 14.67 -1.51 -48.31
CA GLN D 690 13.53 -1.19 -47.47
C GLN D 690 12.28 -0.80 -48.27
N HIS D 691 12.45 -0.40 -49.54
CA HIS D 691 11.34 0.00 -50.40
C HIS D 691 10.82 -1.18 -51.22
N LEU D 692 9.58 -1.59 -50.93
CA LEU D 692 8.86 -2.54 -51.76
C LEU D 692 8.24 -1.86 -52.98
N GLN D 693 8.67 -2.25 -54.18
CA GLN D 693 8.23 -1.59 -55.40
C GLN D 693 7.09 -2.34 -56.09
N GLU D 694 6.01 -1.62 -56.37
CA GLU D 694 4.88 -2.20 -57.13
C GLU D 694 5.34 -2.43 -58.56
N VAL D 695 5.54 -3.70 -58.93
CA VAL D 695 6.00 -4.06 -60.26
C VAL D 695 4.91 -4.70 -61.11
N GLY D 696 3.80 -5.12 -60.51
CA GLY D 696 2.68 -5.68 -61.24
C GLY D 696 1.38 -4.94 -61.00
N LEU D 697 0.64 -4.64 -62.07
CA LEU D 697 -0.66 -3.97 -61.98
C LEU D 697 -1.63 -4.61 -62.96
N PHE D 698 -2.85 -4.87 -62.49
CA PHE D 698 -3.87 -5.53 -63.29
C PHE D 698 -5.24 -5.16 -62.76
N HIS D 699 -6.18 -4.92 -63.66
CA HIS D 699 -7.57 -4.65 -63.27
C HIS D 699 -8.34 -5.96 -63.44
N LEU D 700 -8.53 -6.67 -62.33
CA LEU D 700 -9.26 -7.93 -62.37
C LEU D 700 -10.73 -7.70 -62.70
N GLY D 701 -11.32 -6.66 -62.12
CA GLY D 701 -12.73 -6.44 -62.27
C GLY D 701 -13.57 -7.12 -61.21
N GLU D 702 -12.94 -7.81 -60.27
CA GLU D 702 -13.62 -8.50 -59.19
C GLU D 702 -13.01 -8.10 -57.85
N PHE D 703 -13.78 -8.29 -56.79
CA PHE D 703 -13.38 -7.96 -55.42
C PHE D 703 -12.86 -9.25 -54.80
N VAL D 704 -11.56 -9.31 -54.52
CA VAL D 704 -10.97 -10.51 -53.94
C VAL D 704 -11.14 -10.45 -52.43
N ASN D 705 -11.78 -11.46 -51.85
CA ASN D 705 -11.90 -11.57 -50.40
C ASN D 705 -10.89 -12.54 -49.79
N VAL D 706 -10.52 -13.61 -50.49
CA VAL D 706 -9.65 -14.63 -49.93
C VAL D 706 -8.68 -15.14 -50.99
N PHE D 707 -7.41 -15.30 -50.59
CA PHE D 707 -6.36 -15.90 -51.42
C PHE D 707 -5.96 -17.24 -50.80
N CYS D 708 -5.83 -18.28 -51.63
CA CYS D 708 -5.49 -19.61 -51.12
C CYS D 708 -4.61 -20.38 -52.10
N HIS D 709 -3.47 -20.86 -51.61
CA HIS D 709 -2.58 -21.68 -52.41
C HIS D 709 -3.21 -23.04 -52.68
N GLY D 710 -3.11 -23.52 -53.91
CA GLY D 710 -3.63 -24.83 -54.27
C GLY D 710 -4.09 -24.86 -55.71
N SER D 711 -4.46 -26.06 -56.17
CA SER D 711 -5.04 -26.24 -57.49
C SER D 711 -6.11 -27.31 -57.46
N LEU D 712 -7.15 -27.09 -58.29
CA LEU D 712 -8.23 -28.05 -58.40
C LEU D 712 -7.95 -29.16 -59.40
N VAL D 713 -7.05 -28.93 -60.33
CA VAL D 713 -6.68 -29.92 -61.33
C VAL D 713 -5.77 -30.94 -60.65
N MET D 714 -5.84 -32.18 -61.12
CA MET D 714 -5.01 -33.25 -60.58
C MET D 714 -3.53 -32.90 -60.67
N GLN D 715 -2.79 -33.22 -59.60
CA GLN D 715 -1.38 -32.90 -59.49
C GLN D 715 -0.56 -34.18 -59.56
N ASN D 716 0.34 -34.26 -60.54
CA ASN D 716 1.26 -35.39 -60.68
C ASN D 716 2.61 -35.03 -60.08
N LEU D 717 3.02 -35.80 -59.06
CA LEU D 717 4.29 -35.57 -58.39
C LEU D 717 5.46 -35.67 -59.34
N GLY D 718 5.26 -36.32 -60.48
CA GLY D 718 6.35 -36.43 -61.44
C GLY D 718 6.61 -35.09 -62.07
N GLU D 719 7.88 -34.83 -62.36
CA GLU D 719 8.25 -33.52 -62.86
C GLU D 719 7.57 -33.32 -64.21
N THR D 720 6.53 -32.51 -64.23
CA THR D 720 5.90 -32.06 -65.46
C THR D 720 6.41 -30.64 -65.70
N SER D 721 7.08 -30.42 -66.81
CA SER D 721 7.63 -29.09 -67.08
C SER D 721 6.52 -28.18 -67.58
N THR D 722 5.67 -27.76 -66.65
CA THR D 722 4.61 -26.84 -67.02
C THR D 722 5.23 -25.46 -67.25
N PRO D 723 4.68 -24.67 -68.17
CA PRO D 723 5.16 -23.28 -68.29
C PRO D 723 4.86 -22.45 -67.05
N THR D 724 3.69 -22.64 -66.47
CA THR D 724 3.29 -21.92 -65.28
C THR D 724 3.99 -22.49 -64.05
N GLN D 725 4.36 -21.61 -63.13
CA GLN D 725 4.97 -21.94 -61.86
C GLN D 725 4.13 -21.39 -60.73
N GLY D 726 3.74 -22.24 -59.79
CA GLY D 726 2.94 -21.83 -58.66
C GLY D 726 1.46 -21.88 -58.96
N SER D 727 0.65 -21.74 -57.91
CA SER D 727 -0.80 -21.75 -58.11
C SER D 727 -1.51 -21.12 -56.91
N VAL D 728 -2.18 -19.98 -57.13
CA VAL D 728 -3.01 -19.34 -56.12
C VAL D 728 -4.43 -19.22 -56.65
N LEU D 729 -5.39 -19.75 -55.90
CA LEU D 729 -6.81 -19.58 -56.20
C LEU D 729 -7.38 -18.43 -55.39
N PHE D 730 -8.34 -17.72 -55.96
CA PHE D 730 -9.01 -16.66 -55.21
C PHE D 730 -10.52 -16.68 -55.41
N GLY D 731 -11.22 -16.29 -54.36
CA GLY D 731 -12.68 -16.19 -54.37
C GLY D 731 -13.11 -14.75 -54.25
N THR D 732 -14.25 -14.42 -54.86
CA THR D 732 -14.68 -13.03 -54.96
C THR D 732 -16.14 -12.85 -54.54
N VAL D 733 -16.54 -11.58 -54.51
CA VAL D 733 -17.88 -11.21 -54.07
C VAL D 733 -18.94 -11.72 -55.03
N ASN D 734 -18.64 -11.74 -56.33
CA ASN D 734 -19.60 -12.17 -57.34
C ASN D 734 -19.55 -13.67 -57.62
N GLY D 735 -18.87 -14.44 -56.79
CA GLY D 735 -18.80 -15.88 -56.98
C GLY D 735 -17.77 -16.33 -57.99
N MET D 736 -17.10 -15.39 -58.65
CA MET D 736 -16.01 -15.73 -59.55
C MET D 736 -14.85 -16.34 -58.77
N ILE D 737 -14.28 -17.42 -59.30
CA ILE D 737 -13.08 -18.03 -58.75
C ILE D 737 -11.99 -17.93 -59.82
N GLY D 738 -10.84 -17.38 -59.43
CA GLY D 738 -9.76 -17.16 -60.35
C GLY D 738 -8.48 -17.82 -59.87
N LEU D 739 -7.47 -17.79 -60.75
CA LEU D 739 -6.18 -18.42 -60.49
C LEU D 739 -5.05 -17.52 -60.94
N VAL D 740 -4.06 -17.35 -60.06
CA VAL D 740 -2.86 -16.57 -60.33
C VAL D 740 -1.67 -17.52 -60.38
N THR D 741 -0.79 -17.32 -61.37
CA THR D 741 0.42 -18.11 -61.48
C THR D 741 1.50 -17.21 -62.07
N SER D 742 2.76 -17.57 -61.82
CA SER D 742 3.90 -16.78 -62.28
C SER D 742 4.50 -17.40 -63.54
N LEU D 743 5.22 -16.56 -64.29
CA LEU D 743 5.82 -16.97 -65.55
C LEU D 743 7.32 -16.73 -65.53
N SER D 744 8.02 -17.44 -66.41
CA SER D 744 9.40 -17.09 -66.69
C SER D 744 9.41 -15.88 -67.61
N GLU D 745 10.52 -15.15 -67.60
CA GLU D 745 10.61 -13.99 -68.48
C GLU D 745 10.34 -14.40 -69.91
N SER D 746 10.83 -15.58 -70.31
CA SER D 746 10.59 -16.07 -71.67
C SER D 746 9.10 -16.16 -71.96
N TRP D 747 8.33 -16.67 -71.00
CA TRP D 747 6.91 -16.92 -71.24
C TRP D 747 6.08 -15.65 -71.24
N TYR D 748 6.39 -14.71 -70.35
CA TYR D 748 5.67 -13.44 -70.32
C TYR D 748 5.69 -12.77 -71.69
N ASN D 749 6.89 -12.55 -72.23
CA ASN D 749 7.01 -11.85 -73.51
C ASN D 749 6.24 -12.52 -74.63
N LEU D 750 6.28 -13.85 -74.74
CA LEU D 750 5.49 -14.47 -75.81
C LEU D 750 4.01 -14.15 -75.63
N LEU D 751 3.50 -14.34 -74.41
CA LEU D 751 2.07 -14.19 -74.17
C LEU D 751 1.64 -12.73 -74.27
N LEU D 752 2.49 -11.82 -73.84
CA LEU D 752 2.20 -10.39 -74.00
C LEU D 752 2.10 -10.05 -75.48
N ASP D 753 3.07 -10.49 -76.28
CA ASP D 753 3.05 -10.22 -77.70
C ASP D 753 1.77 -10.75 -78.35
N MET D 754 1.28 -11.90 -77.89
CA MET D 754 0.04 -12.45 -78.44
C MET D 754 -1.16 -11.59 -78.06
N GLN D 755 -1.16 -11.08 -76.83
CA GLN D 755 -2.26 -10.21 -76.41
C GLN D 755 -2.40 -9.02 -77.34
N ASN D 756 -1.29 -8.30 -77.57
CA ASN D 756 -1.31 -7.20 -78.53
C ASN D 756 -1.76 -7.64 -79.91
N ARG D 757 -1.44 -8.86 -80.31
CA ARG D 757 -1.89 -9.38 -81.60
C ARG D 757 -3.36 -9.77 -81.58
N LEU D 758 -3.78 -10.43 -80.50
CA LEU D 758 -5.16 -10.86 -80.38
C LEU D 758 -6.10 -9.67 -80.34
N ASN D 759 -5.67 -8.58 -79.71
CA ASN D 759 -6.53 -7.41 -79.57
C ASN D 759 -6.84 -6.77 -80.92
N LYS D 760 -5.89 -6.81 -81.87
CA LYS D 760 -6.17 -6.27 -83.19
C LYS D 760 -7.17 -7.13 -83.94
N VAL D 761 -7.24 -8.42 -83.60
CA VAL D 761 -8.04 -9.39 -84.33
C VAL D 761 -9.45 -9.49 -83.80
N ILE D 762 -9.60 -9.51 -82.49
CA ILE D 762 -10.86 -9.83 -81.84
C ILE D 762 -11.70 -8.57 -81.73
N LYS D 763 -12.97 -8.68 -82.11
CA LYS D 763 -13.92 -7.58 -82.00
C LYS D 763 -14.57 -7.68 -80.63
N SER D 764 -14.47 -6.62 -79.83
CA SER D 764 -15.05 -6.63 -78.50
C SER D 764 -16.47 -6.06 -78.57
N VAL D 765 -17.32 -6.55 -77.66
CA VAL D 765 -18.67 -6.00 -77.56
C VAL D 765 -18.56 -4.54 -77.13
N GLY D 766 -19.24 -3.66 -77.84
CA GLY D 766 -19.13 -2.24 -77.58
C GLY D 766 -17.86 -1.59 -78.05
N LYS D 767 -16.95 -2.36 -78.65
CA LYS D 767 -15.68 -1.85 -79.15
C LYS D 767 -14.88 -1.15 -78.05
N ILE D 768 -14.77 -1.82 -76.91
CA ILE D 768 -13.96 -1.33 -75.80
C ILE D 768 -12.53 -1.84 -75.96
N GLU D 769 -11.58 -0.91 -75.95
CA GLU D 769 -10.17 -1.26 -76.03
C GLU D 769 -9.75 -2.11 -74.82
N HIS D 770 -9.13 -3.26 -75.11
CA HIS D 770 -8.74 -4.17 -74.04
C HIS D 770 -7.73 -3.53 -73.09
N SER D 771 -6.73 -2.85 -73.65
CA SER D 771 -5.69 -2.24 -72.81
C SER D 771 -6.31 -1.33 -71.75
N PHE D 772 -7.37 -0.61 -72.11
CA PHE D 772 -8.04 0.25 -71.14
C PHE D 772 -8.72 -0.55 -70.04
N TRP D 773 -9.39 -1.64 -70.40
CA TRP D 773 -10.12 -2.44 -69.42
C TRP D 773 -9.19 -2.98 -68.33
N ARG D 774 -8.05 -3.52 -68.74
CA ARG D 774 -7.13 -4.10 -67.75
C ARG D 774 -6.24 -3.05 -67.09
N SER D 775 -6.30 -1.80 -67.53
CA SER D 775 -5.52 -0.75 -66.91
C SER D 775 -5.95 -0.55 -65.45
N PHE D 776 -4.96 -0.53 -64.55
CA PHE D 776 -5.17 -0.19 -63.15
C PHE D 776 -6.01 1.07 -63.04
N HIS D 777 -7.06 1.02 -62.21
CA HIS D 777 -7.96 2.16 -62.12
C HIS D 777 -8.49 2.33 -60.71
N THR D 778 -8.00 3.37 -60.03
CA THR D 778 -8.65 3.96 -58.87
C THR D 778 -9.35 5.22 -59.35
N GLU D 779 -10.28 5.73 -58.54
CA GLU D 779 -10.94 6.97 -58.90
C GLU D 779 -9.91 8.05 -59.17
N ARG D 780 -8.83 8.05 -58.38
CA ARG D 780 -7.80 9.08 -58.46
C ARG D 780 -6.81 8.83 -59.59
N LYS D 781 -6.43 7.59 -59.86
CA LYS D 781 -5.36 7.32 -60.81
C LYS D 781 -5.75 6.26 -61.84
N THR D 782 -5.09 6.31 -63.00
CA THR D 782 -5.27 5.34 -64.06
C THR D 782 -3.88 5.06 -64.64
N GLU D 783 -3.47 3.80 -64.62
CA GLU D 783 -2.16 3.37 -65.09
C GLU D 783 -2.31 2.19 -66.03
N PRO D 784 -1.41 2.05 -67.01
CA PRO D 784 -1.46 0.86 -67.86
C PRO D 784 -1.06 -0.38 -67.08
N ALA D 785 -1.70 -1.50 -67.40
CA ALA D 785 -1.39 -2.76 -66.72
C ALA D 785 0.03 -3.19 -67.06
N THR D 786 0.66 -3.86 -66.10
CA THR D 786 2.04 -4.32 -66.28
C THR D 786 2.27 -5.56 -65.42
N GLY D 787 3.13 -6.44 -65.92
CA GLY D 787 3.51 -7.63 -65.20
C GLY D 787 2.47 -8.73 -65.17
N PHE D 788 1.39 -8.60 -65.93
CA PHE D 788 0.29 -9.54 -65.90
C PHE D 788 -0.14 -9.92 -67.31
N ILE D 789 -0.53 -11.18 -67.48
CA ILE D 789 -1.04 -11.68 -68.75
C ILE D 789 -2.50 -12.05 -68.53
N ASP D 790 -3.40 -11.44 -69.29
CA ASP D 790 -4.82 -11.77 -69.18
C ASP D 790 -5.01 -13.16 -69.77
N GLY D 791 -5.08 -14.16 -68.88
CA GLY D 791 -5.20 -15.54 -69.31
C GLY D 791 -6.46 -15.81 -70.09
N ASP D 792 -7.56 -15.15 -69.74
CA ASP D 792 -8.81 -15.36 -70.47
C ASP D 792 -8.67 -14.90 -71.91
N LEU D 793 -7.89 -13.84 -72.15
CA LEU D 793 -7.62 -13.40 -73.52
C LEU D 793 -6.76 -14.40 -74.27
N ILE D 794 -5.72 -14.93 -73.62
CA ILE D 794 -4.87 -15.92 -74.26
C ILE D 794 -5.69 -17.15 -74.62
N GLU D 795 -6.58 -17.57 -73.72
CA GLU D 795 -7.39 -18.76 -73.95
C GLU D 795 -8.48 -18.56 -74.99
N SER D 796 -8.71 -17.33 -75.44
CA SER D 796 -9.67 -17.14 -76.53
C SER D 796 -9.05 -17.40 -77.90
N PHE D 797 -7.72 -17.44 -77.99
CA PHE D 797 -7.05 -17.80 -79.23
C PHE D 797 -7.57 -19.12 -79.78
N LEU D 798 -7.90 -20.06 -78.89
CA LEU D 798 -8.40 -21.36 -79.32
C LEU D 798 -9.81 -21.28 -79.91
N ASP D 799 -10.52 -20.17 -79.73
CA ASP D 799 -11.90 -20.05 -80.16
C ASP D 799 -12.12 -19.19 -81.40
N ILE D 800 -11.07 -18.52 -81.93
CA ILE D 800 -11.19 -17.72 -83.15
C ILE D 800 -10.98 -18.60 -84.37
N SER D 801 -11.59 -18.21 -85.50
CA SER D 801 -11.57 -19.05 -86.70
C SER D 801 -10.14 -19.20 -87.22
N ARG D 802 -9.92 -20.28 -87.99
CA ARG D 802 -8.58 -20.55 -88.50
C ARG D 802 -8.01 -19.36 -89.25
N PRO D 803 -8.77 -18.65 -90.10
CA PRO D 803 -8.21 -17.46 -90.75
C PRO D 803 -7.61 -16.44 -89.79
N LYS D 804 -8.25 -16.19 -88.66
CA LYS D 804 -7.73 -15.20 -87.71
C LYS D 804 -6.51 -15.71 -86.97
N MET D 805 -6.47 -17.02 -86.68
CA MET D 805 -5.28 -17.57 -86.03
C MET D 805 -4.03 -17.33 -86.86
N GLN D 806 -4.16 -17.53 -88.18
CA GLN D 806 -3.05 -17.30 -89.08
C GLN D 806 -2.67 -15.83 -89.11
N GLU D 807 -3.67 -14.93 -89.01
CA GLU D 807 -3.40 -13.51 -88.92
C GLU D 807 -2.61 -13.18 -87.65
N VAL D 808 -2.89 -13.88 -86.54
CA VAL D 808 -2.24 -13.54 -85.28
C VAL D 808 -0.76 -13.86 -85.32
N VAL D 809 -0.40 -15.00 -85.93
CA VAL D 809 0.99 -15.46 -85.95
C VAL D 809 1.85 -14.81 -87.03
N ALA D 810 1.29 -13.95 -87.87
CA ALA D 810 2.06 -13.34 -88.93
C ALA D 810 3.26 -12.60 -88.34
N ASN D 811 4.44 -12.83 -88.92
CA ASN D 811 5.68 -12.21 -88.48
C ASN D 811 5.98 -12.50 -87.00
N LEU D 812 5.51 -13.63 -86.49
CA LEU D 812 5.75 -14.02 -85.11
C LEU D 812 6.80 -15.11 -85.12
N GLN D 813 7.85 -14.95 -84.32
CA GLN D 813 8.92 -15.93 -84.28
C GLN D 813 8.71 -16.74 -83.00
N TYR D 814 8.90 -18.04 -83.09
CA TYR D 814 8.60 -18.96 -82.01
C TYR D 814 9.88 -19.45 -81.35
N ASP D 815 9.75 -19.79 -80.08
CA ASP D 815 10.85 -20.28 -79.25
C ASP D 815 10.58 -21.76 -79.05
N ASP D 816 11.42 -22.61 -79.64
CA ASP D 816 11.30 -24.05 -79.50
C ASP D 816 11.75 -24.57 -78.14
N GLY D 817 12.40 -23.74 -77.33
CA GLY D 817 13.04 -24.21 -76.13
C GLY D 817 14.39 -24.87 -76.39
N SER D 818 14.66 -25.24 -77.64
CA SER D 818 15.96 -25.75 -78.06
C SER D 818 16.93 -24.65 -78.44
N GLY D 819 16.64 -23.41 -78.08
CA GLY D 819 17.45 -22.29 -78.51
C GLY D 819 17.15 -21.86 -79.93
N MET D 820 16.32 -22.60 -80.64
CA MET D 820 16.00 -22.33 -82.04
C MET D 820 14.80 -21.40 -82.11
N LYS D 821 14.90 -20.37 -82.95
CA LYS D 821 13.83 -19.40 -83.17
C LYS D 821 13.37 -19.50 -84.62
N ARG D 822 12.07 -19.73 -84.82
CA ARG D 822 11.53 -19.94 -86.16
C ARG D 822 10.19 -19.21 -86.29
N GLU D 823 9.73 -19.03 -87.54
CA GLU D 823 8.42 -18.44 -87.76
C GLU D 823 7.34 -19.32 -87.14
N ALA D 824 6.34 -18.69 -86.55
CA ALA D 824 5.34 -19.42 -85.78
C ALA D 824 4.17 -19.83 -86.66
N THR D 825 3.65 -21.02 -86.40
CA THR D 825 2.45 -21.51 -87.04
C THR D 825 1.31 -21.57 -86.04
N ALA D 826 0.08 -21.57 -86.56
CA ALA D 826 -1.09 -21.64 -85.71
C ALA D 826 -1.06 -22.90 -84.85
N ASP D 827 -0.47 -23.98 -85.37
CA ASP D 827 -0.39 -25.23 -84.63
C ASP D 827 0.57 -25.16 -83.45
N ASP D 828 1.64 -24.36 -83.56
CA ASP D 828 2.56 -24.18 -82.44
C ASP D 828 1.88 -23.46 -81.28
N LEU D 829 1.21 -22.34 -81.57
CA LEU D 829 0.53 -21.59 -80.51
C LEU D 829 -0.64 -22.37 -79.96
N ILE D 830 -1.34 -23.14 -80.80
CA ILE D 830 -2.46 -23.95 -80.32
C ILE D 830 -1.95 -24.97 -79.31
N LYS D 831 -0.76 -25.52 -79.53
CA LYS D 831 -0.21 -26.44 -78.56
C LYS D 831 0.12 -25.69 -77.27
N VAL D 832 0.62 -24.47 -77.38
CA VAL D 832 0.96 -23.69 -76.19
C VAL D 832 -0.30 -23.33 -75.39
N VAL D 833 -1.29 -22.74 -76.06
CA VAL D 833 -2.49 -22.29 -75.33
C VAL D 833 -3.20 -23.46 -74.68
N GLU D 834 -3.27 -24.59 -75.38
CA GLU D 834 -3.95 -25.76 -74.81
C GLU D 834 -3.26 -26.21 -73.52
N GLU D 835 -1.95 -26.05 -73.45
CA GLU D 835 -1.22 -26.35 -72.21
C GLU D 835 -1.65 -25.42 -71.09
N LEU D 836 -1.89 -24.14 -71.41
CA LEU D 836 -2.28 -23.20 -70.37
C LEU D 836 -3.70 -23.46 -69.87
N THR D 837 -4.55 -24.09 -70.69
CA THR D 837 -5.90 -24.43 -70.25
C THR D 837 -5.94 -25.57 -69.25
N ARG D 838 -4.83 -26.28 -69.06
CA ARG D 838 -4.78 -27.42 -68.15
C ARG D 838 -4.38 -27.04 -66.74
N ILE D 839 -4.05 -25.78 -66.48
CA ILE D 839 -3.71 -25.37 -65.12
C ILE D 839 -4.95 -25.22 -64.24
N HIS D 840 -6.13 -25.09 -64.84
CA HIS D 840 -7.36 -24.93 -64.09
C HIS D 840 -8.48 -25.84 -64.58
N THR E 7 21.28 22.01 -22.04
CA THR E 7 20.04 22.77 -22.13
C THR E 7 19.28 22.25 -23.36
N GLU E 8 18.08 22.80 -23.59
CA GLU E 8 17.22 22.43 -24.71
C GLU E 8 17.81 22.82 -26.06
N SER E 9 18.85 23.64 -26.09
CA SER E 9 19.47 24.08 -27.33
C SER E 9 20.65 23.21 -27.76
N ASP E 10 21.17 22.36 -26.88
CA ASP E 10 22.36 21.61 -27.25
C ASP E 10 22.01 20.59 -28.33
N TRP E 11 22.15 20.96 -29.59
CA TRP E 11 21.76 20.08 -30.67
C TRP E 11 23.05 19.45 -31.18
N GLY E 12 22.97 18.20 -31.59
CA GLY E 12 24.13 17.47 -32.04
C GLY E 12 24.91 16.78 -30.96
N LYS E 13 24.66 17.10 -29.69
CA LYS E 13 25.37 16.43 -28.60
C LYS E 13 24.74 15.06 -28.37
N ARG E 14 23.43 14.99 -28.53
CA ARG E 14 22.68 13.76 -28.30
C ARG E 14 23.01 12.73 -29.37
N CYS E 15 23.12 11.48 -28.94
CA CYS E 15 23.43 10.37 -29.84
C CYS E 15 22.12 9.81 -30.41
N VAL E 16 22.19 9.29 -31.63
CA VAL E 16 21.00 8.74 -32.25
C VAL E 16 20.47 7.52 -31.50
N ASP E 17 21.30 6.93 -30.62
CA ASP E 17 20.86 5.78 -29.84
C ASP E 17 19.64 6.09 -29.00
N LYS E 18 19.54 7.34 -28.52
CA LYS E 18 18.45 7.67 -27.61
C LYS E 18 17.09 7.39 -28.24
N PHE E 19 17.02 7.27 -29.55
CA PHE E 19 15.80 6.89 -30.25
C PHE E 19 15.98 5.49 -30.80
N ASP E 20 14.98 4.65 -30.58
CA ASP E 20 14.95 3.30 -31.11
C ASP E 20 14.18 3.37 -32.43
N ILE E 21 14.82 2.95 -33.51
CA ILE E 21 14.22 3.11 -34.83
C ILE E 21 13.09 2.12 -35.00
N ILE E 22 11.88 2.64 -35.22
CA ILE E 22 10.74 1.77 -35.43
C ILE E 22 10.75 1.24 -36.85
N GLY E 23 10.85 2.14 -37.81
CA GLY E 23 10.80 1.73 -39.21
C GLY E 23 11.00 2.91 -40.13
N ILE E 24 10.67 2.69 -41.41
CA ILE E 24 10.78 3.70 -42.45
C ILE E 24 9.36 4.06 -42.88
N ILE E 25 8.87 5.24 -42.46
CA ILE E 25 7.47 5.60 -42.73
C ILE E 25 7.27 5.96 -44.20
N GLY E 26 8.23 6.66 -44.81
CA GLY E 26 8.04 7.07 -46.19
C GLY E 26 9.29 7.73 -46.75
N GLU E 27 9.20 8.15 -48.01
CA GLU E 27 10.29 8.84 -48.69
C GLU E 27 10.01 10.31 -48.93
N GLY E 28 10.97 11.14 -48.52
CA GLY E 28 10.88 12.58 -48.62
C GLY E 28 11.65 13.15 -49.79
N THR E 29 11.99 14.44 -49.69
CA THR E 29 12.59 15.11 -50.84
C THR E 29 14.08 14.85 -50.98
N TYR E 30 14.83 14.93 -49.89
CA TYR E 30 16.28 14.80 -49.96
C TYR E 30 16.76 13.62 -49.12
N GLY E 31 15.84 12.74 -48.74
CA GLY E 31 16.14 11.56 -47.97
C GLY E 31 14.85 10.87 -47.58
N GLN E 32 14.93 9.59 -47.23
CA GLN E 32 13.77 8.88 -46.72
C GLN E 32 13.41 9.41 -45.32
N VAL E 33 12.17 9.21 -44.92
CA VAL E 33 11.70 9.61 -43.60
C VAL E 33 11.60 8.36 -42.73
N TYR E 34 11.95 8.51 -41.45
CA TYR E 34 11.92 7.41 -40.49
C TYR E 34 11.00 7.75 -39.31
N LYS E 35 10.84 6.78 -38.40
CA LYS E 35 10.00 6.88 -37.21
C LYS E 35 10.79 6.32 -36.03
N ALA E 36 10.60 6.89 -34.85
CA ALA E 36 11.26 6.41 -33.63
C ALA E 36 10.43 6.79 -32.43
N LYS E 37 10.80 6.25 -31.27
CA LYS E 37 10.17 6.63 -30.00
C LYS E 37 11.27 7.12 -29.05
N ASP E 38 10.99 8.22 -28.36
CA ASP E 38 11.94 8.73 -27.38
C ASP E 38 11.92 7.84 -26.16
N LYS E 39 13.12 7.43 -25.71
CA LYS E 39 13.21 6.56 -24.55
C LYS E 39 12.86 7.28 -23.26
N ASP E 40 13.18 8.57 -23.14
CA ASP E 40 12.96 9.26 -21.88
C ASP E 40 11.54 9.75 -21.68
N THR E 41 10.88 10.27 -22.73
CA THR E 41 9.55 10.84 -22.54
C THR E 41 8.44 10.00 -23.15
N GLY E 42 8.75 9.14 -24.11
CA GLY E 42 7.76 8.30 -24.78
C GLY E 42 7.19 8.86 -26.05
N GLU E 43 7.45 10.14 -26.36
CA GLU E 43 6.92 10.78 -27.56
C GLU E 43 7.44 10.10 -28.83
N LEU E 44 6.54 9.96 -29.82
CA LEU E 44 6.92 9.45 -31.14
C LEU E 44 7.48 10.56 -32.03
N VAL E 45 8.49 10.20 -32.84
CA VAL E 45 9.20 11.19 -33.67
C VAL E 45 9.33 10.67 -35.10
N ALA E 46 9.90 11.52 -35.97
CA ALA E 46 10.24 11.15 -37.34
C ALA E 46 11.62 11.73 -37.67
N LEU E 47 12.48 10.94 -38.30
CA LEU E 47 13.87 11.30 -38.52
C LEU E 47 14.18 11.29 -40.02
N LYS E 48 14.90 12.31 -40.47
CA LYS E 48 15.44 12.39 -41.82
C LYS E 48 16.95 12.42 -41.65
N LYS E 49 17.65 11.48 -42.29
CA LYS E 49 19.08 11.37 -42.12
C LYS E 49 19.76 12.38 -43.05
N VAL E 50 20.69 13.13 -42.50
CA VAL E 50 21.44 14.12 -43.26
C VAL E 50 22.69 13.43 -43.79
N ARG E 51 22.91 13.53 -45.10
CA ARG E 51 23.99 12.77 -45.71
C ARG E 51 25.28 13.56 -45.53
N LEU E 52 26.12 13.10 -44.60
CA LEU E 52 27.50 13.56 -44.54
C LEU E 52 28.49 12.52 -45.06
N ASP E 53 28.03 11.35 -45.51
CA ASP E 53 28.99 10.35 -45.98
C ASP E 53 29.45 10.64 -47.42
N ASN E 54 28.56 11.12 -48.29
CA ASN E 54 29.00 11.50 -49.64
C ASN E 54 30.03 12.63 -49.58
N GLU E 55 29.78 13.61 -48.72
CA GLU E 55 30.79 14.62 -48.36
C GLU E 55 31.44 15.30 -49.57
N LYS E 56 30.67 15.55 -50.62
CA LYS E 56 31.25 16.22 -51.78
C LYS E 56 31.86 17.58 -51.42
N GLU E 57 31.13 18.39 -50.64
CA GLU E 57 31.60 19.71 -50.19
C GLU E 57 31.12 20.06 -48.78
N GLY E 58 31.53 19.24 -47.82
CA GLY E 58 31.17 19.46 -46.42
C GLY E 58 29.69 19.16 -46.20
N PHE E 59 29.03 19.97 -45.35
CA PHE E 59 27.62 19.78 -45.01
C PHE E 59 26.75 20.23 -46.20
N PRO E 60 25.70 19.48 -46.54
CA PRO E 60 24.87 19.89 -47.68
C PRO E 60 24.20 21.23 -47.43
N ILE E 61 24.32 22.13 -48.40
CA ILE E 61 23.67 23.43 -48.27
C ILE E 61 22.15 23.27 -48.33
N THR E 62 21.66 22.32 -49.14
CA THR E 62 20.22 22.09 -49.19
C THR E 62 19.68 21.80 -47.80
N ALA E 63 20.42 21.00 -47.02
CA ALA E 63 20.05 20.75 -45.64
C ALA E 63 20.16 22.02 -44.79
N ILE E 64 21.18 22.85 -45.04
CA ILE E 64 21.33 24.07 -44.26
C ILE E 64 20.11 24.97 -44.41
N ARG E 65 19.51 25.00 -45.61
CA ARG E 65 18.30 25.81 -45.75
C ARG E 65 17.17 25.26 -44.88
N GLU E 66 16.97 23.94 -44.90
CA GLU E 66 15.91 23.34 -44.09
C GLU E 66 16.17 23.54 -42.60
N ILE E 67 17.45 23.56 -42.18
CA ILE E 67 17.77 23.70 -40.76
C ILE E 67 17.62 25.14 -40.28
N LYS E 68 17.87 26.11 -41.15
CA LYS E 68 17.69 27.50 -40.76
C LYS E 68 16.22 27.89 -40.82
N ILE E 69 15.59 27.62 -41.95
CA ILE E 69 14.20 28.02 -42.16
C ILE E 69 13.31 27.38 -41.09
N LEU E 70 13.47 26.08 -40.86
CA LEU E 70 12.60 25.42 -39.90
C LEU E 70 12.82 25.97 -38.48
N ARG E 71 14.08 26.25 -38.12
CA ARG E 71 14.32 26.88 -36.82
C ARG E 71 13.86 28.32 -36.77
N GLN E 72 13.62 28.95 -37.92
CA GLN E 72 13.07 30.29 -37.91
C GLN E 72 11.55 30.31 -37.86
N LEU E 73 10.89 29.30 -38.44
CA LEU E 73 9.44 29.29 -38.55
C LEU E 73 8.80 28.51 -37.40
N ILE E 74 7.89 29.17 -36.69
CA ILE E 74 7.10 28.56 -35.62
C ILE E 74 5.62 28.90 -35.88
N HIS E 75 4.81 27.87 -36.10
CA HIS E 75 3.38 28.05 -36.34
C HIS E 75 2.70 26.71 -36.11
N ARG E 76 1.45 26.75 -35.66
CA ARG E 76 0.72 25.50 -35.43
C ARG E 76 0.59 24.67 -36.68
N SER E 77 0.52 25.31 -37.85
CA SER E 77 0.35 24.61 -39.12
C SER E 77 1.67 24.41 -39.84
N VAL E 78 2.79 24.51 -39.12
CA VAL E 78 4.11 24.22 -39.64
C VAL E 78 4.69 23.13 -38.76
N VAL E 79 5.07 22.00 -39.36
CA VAL E 79 5.71 20.96 -38.58
C VAL E 79 7.05 21.51 -38.11
N ASN E 80 7.35 21.36 -36.84
CA ASN E 80 8.54 21.95 -36.28
C ASN E 80 9.61 20.89 -36.11
N MET E 81 10.86 21.32 -36.29
CA MET E 81 11.99 20.45 -36.03
C MET E 81 12.25 20.39 -34.53
N LYS E 82 12.20 19.18 -33.96
CA LYS E 82 12.36 19.07 -32.52
C LYS E 82 13.82 19.25 -32.12
N GLU E 83 14.73 18.53 -32.79
CA GLU E 83 16.14 18.57 -32.44
C GLU E 83 16.95 17.85 -33.51
N ILE E 84 18.27 17.88 -33.35
CA ILE E 84 19.21 17.23 -34.26
C ILE E 84 20.14 16.33 -33.44
N VAL E 85 20.33 15.09 -33.90
CA VAL E 85 21.20 14.12 -33.24
C VAL E 85 22.33 13.74 -34.20
N THR E 86 23.26 12.95 -33.67
CA THR E 86 24.43 12.50 -34.42
C THR E 86 24.60 10.99 -34.24
N ASP E 87 25.35 10.39 -35.17
CA ASP E 87 25.73 8.99 -35.05
C ASP E 87 26.81 8.83 -33.98
N LYS E 88 27.02 7.59 -33.54
CA LYS E 88 27.99 7.37 -32.47
C LYS E 88 29.33 7.94 -32.89
N GLN E 89 29.78 8.98 -32.20
CA GLN E 89 31.04 9.64 -32.50
C GLN E 89 32.03 9.41 -31.36
N ASP E 90 32.20 8.16 -30.93
CA ASP E 90 33.05 7.89 -29.78
C ASP E 90 34.53 8.20 -30.05
N ALA E 91 34.97 8.09 -31.31
CA ALA E 91 36.38 8.30 -31.59
C ALA E 91 36.80 9.67 -31.07
N LEU E 92 37.91 9.70 -30.33
CA LEU E 92 38.34 10.95 -29.71
C LEU E 92 38.80 11.99 -30.71
N ASP E 93 39.10 11.60 -31.94
CA ASP E 93 39.56 12.53 -32.95
C ASP E 93 38.33 12.92 -33.77
N PHE E 94 38.08 14.23 -33.89
CA PHE E 94 36.93 14.68 -34.65
C PHE E 94 37.03 14.25 -36.11
N LYS E 95 38.24 14.10 -36.64
CA LYS E 95 38.41 13.66 -38.03
C LYS E 95 37.88 12.25 -38.23
N LYS E 96 38.17 11.33 -37.30
CA LYS E 96 37.70 9.97 -37.48
C LYS E 96 36.18 9.91 -37.57
N ASP E 97 35.48 10.80 -36.88
CA ASP E 97 34.02 10.81 -36.94
C ASP E 97 33.59 11.21 -38.34
N LYS E 98 32.92 10.30 -39.05
CA LYS E 98 32.30 10.61 -40.32
C LYS E 98 30.79 10.45 -40.16
N GLY E 99 30.33 10.29 -38.91
CA GLY E 99 28.94 10.01 -38.67
C GLY E 99 28.04 11.15 -39.12
N ALA E 100 26.83 10.79 -39.50
CA ALA E 100 25.87 11.73 -40.06
C ALA E 100 25.00 12.29 -38.96
N PHE E 101 24.33 13.38 -39.28
CA PHE E 101 23.36 13.98 -38.38
C PHE E 101 21.97 13.61 -38.87
N TYR E 102 21.02 13.66 -37.94
CA TYR E 102 19.63 13.33 -38.23
C TYR E 102 18.75 14.47 -37.77
N LEU E 103 17.65 14.66 -38.47
CA LEU E 103 16.70 15.71 -38.17
C LEU E 103 15.49 15.07 -37.53
N VAL E 104 15.29 15.36 -36.25
CA VAL E 104 14.14 14.86 -35.51
C VAL E 104 12.96 15.77 -35.85
N PHE E 105 11.81 15.17 -36.14
CA PHE E 105 10.62 15.93 -36.46
C PHE E 105 9.45 15.37 -35.68
N GLU E 106 8.48 16.24 -35.38
CA GLU E 106 7.26 15.80 -34.72
C GLU E 106 6.53 14.79 -35.59
N TYR E 107 6.18 13.64 -35.00
CA TYR E 107 5.47 12.61 -35.73
C TYR E 107 4.00 13.01 -35.84
N MET E 108 3.43 12.73 -37.01
CA MET E 108 2.04 13.03 -37.32
C MET E 108 1.34 11.70 -37.58
N ASP E 109 0.10 11.58 -37.12
CA ASP E 109 -0.56 10.28 -37.21
C ASP E 109 -0.76 9.86 -38.65
N HIS E 110 -1.18 10.78 -39.51
CA HIS E 110 -1.52 10.48 -40.89
C HIS E 110 -0.98 11.53 -41.84
N ASP E 111 -0.94 11.16 -43.12
CA ASP E 111 -0.58 12.07 -44.20
C ASP E 111 -1.68 12.08 -45.25
N LEU E 112 -1.91 13.25 -45.85
CA LEU E 112 -3.01 13.41 -46.79
C LEU E 112 -2.90 12.45 -47.98
N MET E 113 -1.67 12.18 -48.44
CA MET E 113 -1.53 11.32 -49.61
C MET E 113 -2.07 9.92 -49.35
N GLY E 114 -1.77 9.36 -48.19
CA GLY E 114 -2.26 8.03 -47.91
C GLY E 114 -3.72 7.94 -47.63
N LEU E 115 -4.31 9.04 -47.20
CA LEU E 115 -5.75 9.09 -46.94
C LEU E 115 -6.56 9.13 -48.22
N LEU E 116 -6.16 9.96 -49.18
CA LEU E 116 -6.98 10.14 -50.37
C LEU E 116 -6.89 8.92 -51.28
N GLU E 117 -5.69 8.38 -51.45
CA GLU E 117 -5.53 7.22 -52.31
C GLU E 117 -6.38 6.05 -51.81
N SER E 118 -6.38 5.83 -50.50
CA SER E 118 -7.19 4.76 -49.92
C SER E 118 -8.65 4.94 -50.28
N GLY E 119 -9.12 6.18 -50.38
CA GLY E 119 -10.51 6.43 -50.70
C GLY E 119 -11.45 6.24 -49.55
N LEU E 120 -10.93 5.77 -48.42
CA LEU E 120 -11.73 5.61 -47.21
C LEU E 120 -12.14 6.95 -46.61
N VAL E 121 -11.22 7.91 -46.56
CA VAL E 121 -11.51 9.19 -45.93
C VAL E 121 -12.61 9.92 -46.70
N HIS E 122 -13.40 10.70 -45.98
CA HIS E 122 -14.41 11.55 -46.59
C HIS E 122 -14.34 12.95 -45.96
N PHE E 123 -14.36 13.97 -46.80
CA PHE E 123 -14.25 15.36 -46.37
C PHE E 123 -15.60 16.05 -46.64
N SER E 124 -16.28 16.44 -45.57
CA SER E 124 -17.46 17.28 -45.65
C SER E 124 -17.05 18.73 -45.89
N GLU E 125 -18.02 19.58 -46.24
CA GLU E 125 -17.70 20.98 -46.45
C GLU E 125 -16.97 21.55 -45.24
N ASP E 126 -17.45 21.23 -44.03
CA ASP E 126 -16.85 21.76 -42.81
C ASP E 126 -15.43 21.23 -42.60
N HIS E 127 -15.17 19.97 -42.95
CA HIS E 127 -13.82 19.45 -42.82
C HIS E 127 -12.85 20.24 -43.71
N ILE E 128 -13.26 20.50 -44.96
CA ILE E 128 -12.41 21.24 -45.88
C ILE E 128 -12.15 22.65 -45.37
N LYS E 129 -13.19 23.31 -44.83
CA LYS E 129 -13.00 24.64 -44.26
C LYS E 129 -11.91 24.62 -43.21
N SER E 130 -11.97 23.67 -42.28
CA SER E 130 -10.94 23.58 -41.25
C SER E 130 -9.58 23.25 -41.84
N PHE E 131 -9.53 22.32 -42.80
CA PHE E 131 -8.26 21.95 -43.42
C PHE E 131 -7.64 23.13 -44.14
N MET E 132 -8.43 23.78 -45.00
CA MET E 132 -7.90 24.88 -45.80
C MET E 132 -7.49 26.05 -44.91
N LYS E 133 -8.28 26.40 -43.90
CA LYS E 133 -7.92 27.55 -43.08
C LYS E 133 -6.57 27.33 -42.40
N GLN E 134 -6.35 26.13 -41.85
CA GLN E 134 -5.05 25.84 -41.25
C GLN E 134 -3.96 25.89 -42.31
N LEU E 135 -4.20 25.27 -43.46
CA LEU E 135 -3.20 25.31 -44.53
C LEU E 135 -2.88 26.75 -44.92
N MET E 136 -3.92 27.54 -45.25
CA MET E 136 -3.69 28.91 -45.68
C MET E 136 -3.09 29.78 -44.58
N GLU E 137 -3.49 29.54 -43.32
CA GLU E 137 -2.87 30.30 -42.24
C GLU E 137 -1.38 29.97 -42.13
N GLY E 138 -1.03 28.69 -42.21
CA GLY E 138 0.37 28.33 -42.23
C GLY E 138 1.10 28.95 -43.40
N LEU E 139 0.48 28.93 -44.58
CA LEU E 139 1.12 29.48 -45.78
C LEU E 139 1.30 31.00 -45.67
N GLU E 140 0.27 31.73 -45.23
CA GLU E 140 0.45 33.18 -45.11
C GLU E 140 1.58 33.51 -44.13
N TYR E 141 1.67 32.75 -43.03
CA TYR E 141 2.76 32.95 -42.09
C TYR E 141 4.10 32.86 -42.79
N CYS E 142 4.30 31.78 -43.55
CA CYS E 142 5.57 31.58 -44.25
C CYS E 142 5.81 32.68 -45.26
N HIS E 143 4.76 33.15 -45.94
CA HIS E 143 4.92 34.22 -46.91
C HIS E 143 5.18 35.57 -46.26
N LYS E 144 4.50 35.88 -45.15
CA LYS E 144 4.81 37.13 -44.44
C LYS E 144 6.26 37.15 -43.99
N LYS E 145 6.85 35.97 -43.72
CA LYS E 145 8.27 35.86 -43.42
C LYS E 145 9.14 35.78 -44.68
N ASN E 146 8.55 35.98 -45.86
CA ASN E 146 9.26 36.04 -47.13
C ASN E 146 9.95 34.71 -47.44
N PHE E 147 9.24 33.60 -47.16
CA PHE E 147 9.71 32.27 -47.50
C PHE E 147 8.74 31.60 -48.47
N LEU E 148 9.28 30.86 -49.43
CA LEU E 148 8.50 30.12 -50.41
C LEU E 148 8.79 28.64 -50.24
N HIS E 149 7.73 27.84 -50.11
CA HIS E 149 7.90 26.40 -49.88
C HIS E 149 8.41 25.70 -51.13
N ARG E 150 7.70 25.86 -52.25
CA ARG E 150 8.06 25.35 -53.55
C ARG E 150 7.82 23.87 -53.75
N ASP E 151 7.33 23.13 -52.76
CA ASP E 151 7.03 21.72 -52.96
C ASP E 151 5.69 21.35 -52.35
N ILE E 152 4.70 22.23 -52.48
CA ILE E 152 3.38 21.97 -51.92
C ILE E 152 2.77 20.77 -52.62
N LYS E 153 2.56 19.66 -51.89
CA LYS E 153 1.96 18.46 -52.45
C LYS E 153 1.24 17.70 -51.35
N CYS E 154 0.41 16.72 -51.75
CA CYS E 154 -0.41 16.00 -50.78
C CYS E 154 0.44 15.30 -49.72
N SER E 155 1.53 14.67 -50.13
CA SER E 155 2.36 13.93 -49.19
C SER E 155 3.01 14.87 -48.17
N ASN E 156 3.37 16.08 -48.59
CA ASN E 156 4.02 17.01 -47.66
C ASN E 156 3.04 17.54 -46.61
N ILE E 157 1.75 17.62 -46.94
CA ILE E 157 0.76 17.96 -45.93
C ILE E 157 0.55 16.76 -45.03
N LEU E 158 0.68 16.96 -43.72
CA LEU E 158 0.56 15.89 -42.74
C LEU E 158 -0.57 16.31 -41.81
N LEU E 159 -1.47 15.38 -41.51
CA LEU E 159 -2.66 15.66 -40.71
C LEU E 159 -2.81 14.56 -39.70
N ASN E 160 -2.82 14.93 -38.42
CA ASN E 160 -3.07 14.00 -37.33
C ASN E 160 -4.57 13.86 -37.05
N ASN E 161 -4.91 12.83 -36.27
CA ASN E 161 -6.32 12.45 -36.08
C ASN E 161 -7.15 13.54 -35.45
N SER E 162 -6.55 14.42 -34.65
CA SER E 162 -7.35 15.47 -34.03
C SER E 162 -7.89 16.45 -35.08
N GLY E 163 -7.30 16.50 -36.27
CA GLY E 163 -7.71 17.39 -37.32
C GLY E 163 -6.76 18.54 -37.60
N GLN E 164 -5.60 18.57 -36.94
CA GLN E 164 -4.62 19.61 -37.16
C GLN E 164 -3.85 19.36 -38.44
N ILE E 165 -3.50 20.43 -39.13
CA ILE E 165 -2.77 20.36 -40.40
C ILE E 165 -1.38 20.94 -40.16
N LYS E 166 -0.37 20.36 -40.81
CA LYS E 166 0.95 20.94 -40.80
C LYS E 166 1.69 20.63 -42.09
N LEU E 167 2.34 21.65 -42.64
CA LEU E 167 3.21 21.48 -43.79
C LEU E 167 4.58 20.97 -43.35
N ALA E 168 5.19 20.18 -44.22
CA ALA E 168 6.41 19.47 -43.86
C ALA E 168 7.36 19.44 -45.06
N ASP E 169 8.58 18.94 -44.81
CA ASP E 169 9.66 18.92 -45.79
C ASP E 169 9.77 20.28 -46.46
N PHE E 170 10.36 21.25 -45.77
CA PHE E 170 10.62 22.57 -46.33
C PHE E 170 11.93 22.62 -47.08
N GLY E 171 12.42 21.48 -47.54
CA GLY E 171 13.78 21.41 -48.05
C GLY E 171 14.03 22.34 -49.22
N LEU E 172 13.06 22.47 -50.11
CA LEU E 172 13.23 23.26 -51.32
C LEU E 172 13.01 24.75 -51.11
N ALA E 173 12.72 25.19 -49.89
CA ALA E 173 12.31 26.57 -49.63
C ALA E 173 13.44 27.57 -49.85
N ARG E 174 13.04 28.79 -50.25
CA ARG E 174 13.99 29.89 -50.46
C ARG E 174 13.35 31.20 -50.03
N LEU E 175 14.18 32.15 -49.56
CA LEU E 175 13.68 33.48 -49.22
C LEU E 175 13.35 34.22 -50.53
N TYR E 176 12.29 35.01 -50.51
CA TYR E 176 11.86 35.80 -51.65
C TYR E 176 12.10 37.28 -51.41
N ASN E 177 12.80 37.93 -52.34
CA ASN E 177 12.95 39.37 -52.36
C ASN E 177 12.31 39.91 -53.64
N SER E 178 11.32 40.79 -53.49
CA SER E 178 10.70 41.37 -54.68
C SER E 178 11.72 42.26 -55.39
N GLU E 179 12.26 43.24 -54.67
CA GLU E 179 13.33 44.05 -55.21
C GLU E 179 14.52 43.13 -55.52
N GLU E 180 15.44 43.65 -56.32
CA GLU E 180 16.63 42.89 -56.72
C GLU E 180 16.27 41.44 -56.99
N SER E 181 15.32 41.25 -57.90
CA SER E 181 14.94 39.90 -58.27
C SER E 181 16.09 39.28 -59.08
N ARG E 182 16.39 38.04 -58.77
CA ARG E 182 17.49 37.28 -59.34
C ARG E 182 16.97 35.88 -59.63
N PRO E 183 17.61 35.16 -60.55
CA PRO E 183 17.04 33.88 -61.00
C PRO E 183 17.13 32.81 -59.92
N TYR E 184 16.08 32.00 -59.85
CA TYR E 184 15.96 30.93 -58.88
C TYR E 184 15.72 29.63 -59.70
N TPO E 185 15.60 28.48 -59.03
CA TPO E 185 15.45 27.19 -59.70
CB TPO E 185 15.80 26.04 -58.68
CG2 TPO E 185 17.00 25.25 -59.17
OG1 TPO E 185 15.94 26.60 -57.35
P TPO E 185 17.41 26.76 -56.67
O1P TPO E 185 18.31 27.87 -57.44
O2P TPO E 185 17.15 27.25 -55.32
O3P TPO E 185 18.22 25.36 -56.57
C TPO E 185 14.04 26.99 -60.30
O TPO E 185 13.07 26.86 -59.56
H TPO E 185 15.60 28.43 -58.16
HA TPO E 185 16.07 27.15 -60.46
HB TPO E 185 14.99 25.30 -58.60
HG21 TPO E 185 17.22 24.44 -58.48
HG22 TPO E 185 17.87 25.91 -59.23
HG23 TPO E 185 16.79 24.84 -60.16
N ASN E 186 13.95 26.93 -61.62
CA ASN E 186 12.66 26.83 -62.31
C ASN E 186 12.11 25.40 -62.41
N LYS E 187 10.82 25.27 -62.74
CA LYS E 187 10.12 24.00 -62.74
C LYS E 187 10.59 23.15 -61.55
N VAL E 188 9.99 23.40 -60.38
CA VAL E 188 10.36 22.73 -59.15
C VAL E 188 9.18 21.99 -58.52
N ILE E 189 8.00 22.61 -58.49
CA ILE E 189 6.85 21.97 -57.85
C ILE E 189 6.43 20.78 -58.70
N THR E 190 5.88 19.76 -58.04
CA THR E 190 5.46 18.56 -58.75
C THR E 190 4.53 18.94 -59.89
N LEU E 191 4.66 18.22 -61.01
CA LEU E 191 3.98 18.64 -62.23
C LEU E 191 2.47 18.73 -62.02
N TRP E 192 1.90 17.76 -61.29
CA TRP E 192 0.45 17.77 -61.11
C TRP E 192 -0.03 19.08 -60.48
N TYR E 193 0.75 19.68 -59.58
CA TYR E 193 0.34 20.91 -58.90
C TYR E 193 1.17 22.13 -59.31
N ARG E 194 1.89 22.06 -60.42
CA ARG E 194 2.72 23.18 -60.85
C ARG E 194 1.90 24.29 -61.51
N PRO E 195 2.24 25.55 -61.26
CA PRO E 195 1.51 26.67 -61.90
C PRO E 195 1.95 26.88 -63.33
N PRO E 196 1.12 27.56 -64.13
CA PRO E 196 1.48 27.77 -65.55
C PRO E 196 2.75 28.58 -65.75
N GLU E 197 3.05 29.54 -64.88
CA GLU E 197 4.24 30.37 -65.08
C GLU E 197 5.51 29.52 -65.07
N LEU E 198 5.56 28.52 -64.20
CA LEU E 198 6.74 27.65 -64.13
C LEU E 198 6.86 26.76 -65.35
N LEU E 199 5.72 26.27 -65.87
CA LEU E 199 5.74 25.48 -67.09
C LEU E 199 6.27 26.28 -68.27
N LEU E 200 5.85 27.52 -68.38
CA LEU E 200 6.22 28.42 -69.47
C LEU E 200 7.57 29.09 -69.27
N GLY E 201 8.32 28.73 -68.23
CA GLY E 201 9.69 29.17 -68.07
C GLY E 201 9.95 30.44 -67.26
N GLU E 202 9.07 30.78 -66.31
CA GLU E 202 9.33 31.94 -65.45
C GLU E 202 10.45 31.62 -64.45
N GLU E 203 11.62 32.24 -64.64
CA GLU E 203 12.72 31.96 -63.75
C GLU E 203 12.67 32.80 -62.49
N ARG E 204 11.95 33.92 -62.50
CA ARG E 204 11.76 34.80 -61.36
C ARG E 204 10.29 34.72 -60.92
N TYR E 205 9.95 33.66 -60.23
CA TYR E 205 8.56 33.42 -59.84
C TYR E 205 8.24 34.10 -58.51
N THR E 206 6.94 34.37 -58.32
CA THR E 206 6.40 35.00 -57.12
C THR E 206 5.94 33.96 -56.12
N PRO E 207 5.57 34.38 -54.91
CA PRO E 207 5.00 33.42 -53.95
C PRO E 207 3.74 32.74 -54.45
N ALA E 208 3.08 33.30 -55.46
CA ALA E 208 1.80 32.77 -55.93
C ALA E 208 1.92 31.35 -56.45
N ILE E 209 3.15 30.83 -56.60
CA ILE E 209 3.33 29.44 -56.98
C ILE E 209 2.76 28.51 -55.91
N ASP E 210 2.94 28.87 -54.65
CA ASP E 210 2.38 28.04 -53.57
C ASP E 210 0.85 28.15 -53.53
N VAL E 211 0.30 29.32 -53.84
CA VAL E 211 -1.15 29.47 -53.85
C VAL E 211 -1.77 28.54 -54.89
N TRP E 212 -1.19 28.53 -56.10
CA TRP E 212 -1.73 27.66 -57.15
C TRP E 212 -1.76 26.21 -56.69
N SER E 213 -0.69 25.75 -56.05
CA SER E 213 -0.65 24.37 -55.58
C SER E 213 -1.82 24.11 -54.63
N CYS E 214 -2.01 24.98 -53.65
CA CYS E 214 -3.08 24.79 -52.68
C CYS E 214 -4.45 24.88 -53.33
N GLY E 215 -4.57 25.61 -54.44
CA GLY E 215 -5.81 25.60 -55.18
C GLY E 215 -6.11 24.26 -55.81
N CYS E 216 -5.09 23.63 -56.39
CA CYS E 216 -5.26 22.28 -56.91
C CYS E 216 -5.69 21.33 -55.80
N ILE E 217 -5.18 21.55 -54.58
CA ILE E 217 -5.55 20.70 -53.46
C ILE E 217 -7.01 20.90 -53.10
N LEU E 218 -7.46 22.16 -53.08
CA LEU E 218 -8.84 22.46 -52.71
C LEU E 218 -9.82 21.68 -53.58
N GLY E 219 -9.74 21.88 -54.90
CA GLY E 219 -10.64 21.17 -55.80
C GLY E 219 -10.51 19.67 -55.69
N GLU E 220 -9.28 19.18 -55.50
CA GLU E 220 -9.08 17.75 -55.33
C GLU E 220 -9.93 17.21 -54.19
N LEU E 221 -10.11 18.02 -53.14
CA LEU E 221 -10.93 17.59 -52.00
C LEU E 221 -12.40 17.43 -52.39
N PHE E 222 -12.94 18.35 -53.18
CA PHE E 222 -14.35 18.24 -53.55
C PHE E 222 -14.57 17.10 -54.54
N THR E 223 -13.68 16.94 -55.51
CA THR E 223 -13.82 15.88 -56.51
C THR E 223 -13.28 14.53 -56.05
N LYS E 224 -12.52 14.48 -54.95
CA LYS E 224 -11.87 13.25 -54.52
C LYS E 224 -10.97 12.67 -55.62
N LYS E 225 -10.45 13.54 -56.49
CA LYS E 225 -9.64 13.16 -57.64
C LYS E 225 -8.73 14.32 -58.02
N PRO E 226 -7.47 14.07 -58.35
CA PRO E 226 -6.61 15.18 -58.79
C PRO E 226 -7.20 15.89 -60.00
N ILE E 227 -7.10 17.21 -60.00
CA ILE E 227 -7.68 17.99 -61.08
C ILE E 227 -6.91 17.80 -62.38
N PHE E 228 -5.58 17.93 -62.31
CA PHE E 228 -4.70 17.84 -63.46
C PHE E 228 -3.77 16.64 -63.28
N GLN E 229 -3.88 15.66 -64.18
CA GLN E 229 -3.08 14.44 -64.13
C GLN E 229 -2.38 14.34 -65.48
N ALA E 230 -1.05 14.48 -65.50
CA ALA E 230 -0.30 14.47 -66.75
C ALA E 230 1.11 13.93 -66.50
N ASN E 231 1.88 13.81 -67.59
CA ASN E 231 3.23 13.27 -67.55
C ASN E 231 4.32 14.19 -68.04
N LEU E 232 4.03 15.11 -68.95
CA LEU E 232 5.01 16.02 -69.51
C LEU E 232 4.48 17.45 -69.46
N GLU E 233 5.39 18.42 -69.41
CA GLU E 233 4.97 19.80 -69.19
C GLU E 233 3.95 20.26 -70.22
N LEU E 234 4.06 19.81 -71.47
CA LEU E 234 3.08 20.25 -72.46
C LEU E 234 1.70 19.66 -72.18
N ALA E 235 1.62 18.38 -71.82
CA ALA E 235 0.33 17.79 -71.49
C ALA E 235 -0.30 18.49 -70.29
N GLN E 236 0.53 18.88 -69.31
CA GLN E 236 0.02 19.56 -68.13
C GLN E 236 -0.53 20.94 -68.49
N LEU E 237 0.21 21.71 -69.30
CA LEU E 237 -0.29 23.01 -69.74
C LEU E 237 -1.60 22.88 -70.51
N GLU E 238 -1.75 21.81 -71.30
CA GLU E 238 -2.98 21.58 -72.05
C GLU E 238 -4.18 21.36 -71.12
N LEU E 239 -4.01 20.55 -70.07
CA LEU E 239 -5.12 20.32 -69.14
C LEU E 239 -5.53 21.62 -68.43
N ILE E 240 -4.55 22.39 -67.96
CA ILE E 240 -4.84 23.66 -67.31
C ILE E 240 -5.66 24.54 -68.23
N SER E 241 -5.29 24.60 -69.52
CA SER E 241 -5.97 25.48 -70.45
C SER E 241 -7.42 25.07 -70.69
N ARG E 242 -7.69 23.77 -70.80
CA ARG E 242 -9.06 23.35 -71.07
C ARG E 242 -10.00 23.84 -69.98
N LEU E 243 -9.48 24.06 -68.79
CA LEU E 243 -10.28 24.45 -67.63
C LEU E 243 -10.17 25.93 -67.32
N CYS E 244 -8.96 26.44 -67.15
CA CYS E 244 -8.75 27.82 -66.73
C CYS E 244 -8.62 28.79 -67.90
N GLY E 245 -8.71 28.30 -69.14
CA GLY E 245 -8.45 29.16 -70.29
C GLY E 245 -7.00 29.14 -70.71
N SER E 246 -6.78 29.32 -72.00
CA SER E 246 -5.41 29.26 -72.50
C SER E 246 -4.66 30.51 -72.07
N PRO E 247 -3.40 30.38 -71.67
CA PRO E 247 -2.59 31.58 -71.38
C PRO E 247 -2.50 32.45 -72.61
N CYS E 248 -2.89 33.70 -72.46
CA CYS E 248 -2.88 34.66 -73.55
C CYS E 248 -2.76 36.05 -72.95
N PRO E 249 -2.27 37.02 -73.72
CA PRO E 249 -2.17 38.39 -73.18
C PRO E 249 -3.51 38.95 -72.75
N ALA E 250 -4.61 38.42 -73.27
CA ALA E 250 -5.93 38.97 -72.95
C ALA E 250 -6.19 38.92 -71.44
N VAL E 251 -5.88 37.80 -70.81
CA VAL E 251 -6.03 37.64 -69.36
C VAL E 251 -4.73 37.71 -68.60
N TRP E 252 -3.59 37.68 -69.27
CA TRP E 252 -2.27 37.58 -68.65
C TRP E 252 -1.31 38.45 -69.43
N PRO E 253 -1.32 39.76 -69.17
CA PRO E 253 -0.57 40.68 -70.05
C PRO E 253 0.89 40.32 -70.24
N ASP E 254 1.56 39.84 -69.19
CA ASP E 254 2.99 39.58 -69.24
C ASP E 254 3.32 38.14 -69.65
N VAL E 255 2.34 37.36 -70.08
CA VAL E 255 2.65 35.99 -70.50
C VAL E 255 3.63 36.02 -71.66
N ILE E 256 3.54 37.05 -72.50
CA ILE E 256 4.40 37.15 -73.67
C ILE E 256 5.87 37.24 -73.31
N ARG E 257 6.19 37.66 -72.08
CA ARG E 257 7.59 37.72 -71.68
C ARG E 257 8.18 36.36 -71.38
N LEU E 258 7.36 35.33 -71.27
CA LEU E 258 7.86 34.05 -70.79
C LEU E 258 8.57 33.28 -71.90
N PRO E 259 9.67 32.60 -71.58
CA PRO E 259 10.44 31.89 -72.64
C PRO E 259 9.62 30.93 -73.48
N TYR E 260 8.77 30.10 -72.89
CA TYR E 260 8.09 29.04 -73.63
C TYR E 260 6.67 29.42 -74.07
N PHE E 261 6.29 30.70 -73.98
CA PHE E 261 4.93 31.07 -74.34
C PHE E 261 4.61 30.64 -75.77
N ASN E 262 5.47 31.00 -76.72
CA ASN E 262 5.28 30.55 -78.10
C ASN E 262 5.56 29.06 -78.24
N THR E 263 6.60 28.57 -77.55
CA THR E 263 6.98 27.17 -77.69
C THR E 263 5.83 26.27 -77.27
N MET E 264 5.38 26.42 -76.03
CA MET E 264 4.35 25.56 -75.48
C MET E 264 2.97 26.19 -75.72
N LYS E 265 2.58 26.16 -77.00
CA LYS E 265 1.24 26.67 -77.24
C LYS E 265 0.24 25.55 -77.02
N PRO E 266 -0.88 25.82 -76.36
CA PRO E 266 -1.91 24.78 -76.21
C PRO E 266 -2.58 24.48 -77.55
N LYS E 267 -3.26 23.33 -77.57
CA LYS E 267 -3.90 22.89 -78.81
C LYS E 267 -4.87 23.93 -79.33
N LYS E 268 -5.65 24.55 -78.46
CA LYS E 268 -6.58 25.60 -78.83
C LYS E 268 -6.40 26.80 -77.91
N GLN E 269 -7.07 27.89 -78.26
CA GLN E 269 -7.23 29.02 -77.35
C GLN E 269 -8.56 28.82 -76.62
N TYR E 270 -8.50 28.01 -75.56
CA TYR E 270 -9.68 27.64 -74.81
C TYR E 270 -10.18 28.81 -73.98
N ARG E 271 -11.50 28.85 -73.77
CA ARG E 271 -12.07 29.76 -72.81
C ARG E 271 -12.05 29.10 -71.43
N ARG E 272 -12.25 29.92 -70.39
CA ARG E 272 -12.27 29.42 -69.03
C ARG E 272 -13.60 28.76 -68.73
N ARG E 273 -13.55 27.50 -68.26
CA ARG E 273 -14.76 26.79 -67.89
C ARG E 273 -14.74 26.33 -66.43
N LEU E 274 -13.88 26.94 -65.60
CA LEU E 274 -13.74 26.48 -64.23
C LEU E 274 -15.07 26.51 -63.48
N ARG E 275 -15.79 27.62 -63.54
CA ARG E 275 -17.04 27.73 -62.81
C ARG E 275 -18.06 26.72 -63.30
N GLU E 276 -18.15 26.51 -64.61
CA GLU E 276 -19.09 25.54 -65.15
C GLU E 276 -18.74 24.13 -64.69
N GLU E 277 -17.48 23.73 -64.85
CA GLU E 277 -17.08 22.36 -64.53
C GLU E 277 -17.26 22.05 -63.04
N PHE E 278 -17.05 23.04 -62.18
CA PHE E 278 -17.17 22.84 -60.74
C PHE E 278 -18.46 23.42 -60.18
N SER E 279 -19.53 23.40 -60.97
CA SER E 279 -20.79 23.97 -60.51
C SER E 279 -21.27 23.32 -59.22
N PHE E 280 -20.98 22.03 -59.03
CA PHE E 280 -21.43 21.34 -57.82
C PHE E 280 -20.79 21.93 -56.57
N ILE E 281 -19.56 22.39 -56.65
CA ILE E 281 -18.86 22.94 -55.48
C ILE E 281 -19.68 24.06 -54.87
N PRO E 282 -19.78 24.14 -53.54
CA PRO E 282 -20.47 25.29 -52.91
C PRO E 282 -19.94 26.61 -53.46
N SER E 283 -20.80 27.63 -53.43
CA SER E 283 -20.45 28.90 -54.05
C SER E 283 -19.31 29.61 -53.30
N ALA E 284 -19.37 29.64 -51.97
CA ALA E 284 -18.32 30.30 -51.22
C ALA E 284 -16.96 29.68 -51.54
N ALA E 285 -16.93 28.35 -51.72
CA ALA E 285 -15.68 27.67 -52.05
C ALA E 285 -15.33 27.85 -53.51
N LEU E 286 -16.32 27.73 -54.40
CA LEU E 286 -16.07 27.89 -55.83
C LEU E 286 -15.40 29.22 -56.12
N ASP E 287 -15.86 30.28 -55.46
CA ASP E 287 -15.24 31.59 -55.61
C ASP E 287 -13.77 31.54 -55.23
N LEU E 288 -13.46 30.83 -54.14
CA LEU E 288 -12.08 30.70 -53.70
C LEU E 288 -11.24 29.98 -54.74
N LEU E 289 -11.78 28.90 -55.31
CA LEU E 289 -11.05 28.15 -56.31
C LEU E 289 -10.74 29.02 -57.52
N ASP E 290 -11.75 29.76 -58.00
CA ASP E 290 -11.58 30.60 -59.17
C ASP E 290 -10.42 31.56 -59.00
N HIS E 291 -10.26 32.08 -57.79
CA HIS E 291 -9.20 33.05 -57.51
C HIS E 291 -7.85 32.38 -57.31
N MET E 292 -7.82 31.23 -56.65
CA MET E 292 -6.55 30.53 -56.46
C MET E 292 -6.00 30.00 -57.78
N LEU E 293 -6.87 29.51 -58.66
CA LEU E 293 -6.48 29.00 -59.97
C LEU E 293 -6.66 30.06 -61.05
N THR E 294 -6.13 31.26 -60.81
CA THR E 294 -6.13 32.34 -61.78
C THR E 294 -4.78 32.30 -62.49
N LEU E 295 -4.82 32.32 -63.83
CA LEU E 295 -3.61 32.03 -64.58
C LEU E 295 -2.48 33.00 -64.26
N ASP E 296 -2.77 34.30 -64.30
CA ASP E 296 -1.72 35.30 -64.14
C ASP E 296 -1.34 35.41 -62.66
N PRO E 297 -0.09 35.11 -62.29
CA PRO E 297 0.28 35.16 -60.87
C PRO E 297 0.06 36.52 -60.24
N SER E 298 0.10 37.60 -61.02
CA SER E 298 -0.15 38.94 -60.49
C SER E 298 -1.63 39.19 -60.24
N LYS E 299 -2.53 38.43 -60.87
CA LYS E 299 -3.95 38.52 -60.58
C LYS E 299 -4.43 37.43 -59.62
N ARG E 300 -3.61 36.41 -59.38
CA ARG E 300 -3.97 35.34 -58.46
C ARG E 300 -3.91 35.82 -57.03
N CYS E 301 -4.90 35.41 -56.24
CA CYS E 301 -5.01 35.86 -54.86
C CYS E 301 -3.80 35.41 -54.04
N THR E 302 -3.60 36.09 -52.92
CA THR E 302 -2.56 35.76 -51.97
C THR E 302 -3.11 34.83 -50.89
N ALA E 303 -2.22 34.34 -50.02
CA ALA E 303 -2.67 33.57 -48.87
C ALA E 303 -3.54 34.41 -47.96
N GLU E 304 -3.13 35.66 -47.70
CA GLU E 304 -3.92 36.52 -46.82
C GLU E 304 -5.33 36.67 -47.35
N GLN E 305 -5.47 36.87 -48.66
CA GLN E 305 -6.78 37.13 -49.24
C GLN E 305 -7.72 35.94 -49.09
N THR E 306 -7.20 34.72 -49.20
CA THR E 306 -8.05 33.54 -49.03
C THR E 306 -8.63 33.48 -47.64
N LEU E 307 -7.86 33.93 -46.63
CA LEU E 307 -8.36 33.98 -45.27
C LEU E 307 -9.45 35.03 -45.11
N GLN E 308 -9.55 35.96 -46.06
CA GLN E 308 -10.62 36.95 -46.10
C GLN E 308 -11.64 36.62 -47.18
N SER E 309 -12.01 35.34 -47.29
CA SER E 309 -13.01 34.89 -48.25
C SER E 309 -14.28 34.49 -47.51
N ASP E 310 -15.41 34.55 -48.21
CA ASP E 310 -16.63 34.08 -47.59
C ASP E 310 -16.49 32.63 -47.14
N PHE E 311 -15.66 31.85 -47.84
CA PHE E 311 -15.51 30.44 -47.52
C PHE E 311 -14.77 30.24 -46.19
N LEU E 312 -13.66 30.96 -45.97
CA LEU E 312 -12.82 30.71 -44.80
C LEU E 312 -12.90 31.79 -43.73
N LYS E 313 -13.46 32.96 -44.05
CA LYS E 313 -13.36 34.13 -43.17
C LYS E 313 -13.90 33.84 -41.78
N ASP E 314 -15.04 33.16 -41.68
CA ASP E 314 -15.69 32.95 -40.40
C ASP E 314 -15.45 31.54 -39.84
N VAL E 315 -14.54 30.78 -40.44
CA VAL E 315 -14.19 29.47 -39.91
C VAL E 315 -13.39 29.66 -38.63
N GLU E 316 -13.75 28.92 -37.59
CA GLU E 316 -13.11 29.02 -36.28
C GLU E 316 -12.23 27.81 -36.02
N LEU E 317 -10.95 28.05 -35.78
CA LEU E 317 -10.04 26.95 -35.49
C LEU E 317 -10.29 26.36 -34.12
N SER E 318 -11.11 27.01 -33.28
CA SER E 318 -11.46 26.41 -31.99
C SER E 318 -12.17 25.08 -32.21
N LYS E 319 -13.05 25.01 -33.20
CA LYS E 319 -13.67 23.77 -33.66
C LYS E 319 -12.73 23.14 -34.68
N MET E 320 -12.08 22.03 -34.31
CA MET E 320 -11.09 21.43 -35.21
C MET E 320 -11.74 20.75 -36.43
N ALA E 321 -12.92 20.16 -36.26
CA ALA E 321 -13.65 19.42 -37.30
C ALA E 321 -12.72 18.40 -37.94
N PRO E 322 -12.55 17.24 -37.30
CA PRO E 322 -11.67 16.20 -37.85
C PRO E 322 -12.27 15.55 -39.11
N PRO E 323 -11.43 15.10 -40.04
CA PRO E 323 -11.97 14.31 -41.16
C PRO E 323 -12.54 13.01 -40.58
N ASP E 324 -13.54 12.46 -41.26
CA ASP E 324 -14.27 11.28 -40.78
C ASP E 324 -13.95 10.07 -41.66
N LEU E 325 -13.37 9.04 -41.03
CA LEU E 325 -12.96 7.80 -41.66
C LEU E 325 -13.77 6.62 -41.13
N PRO E 326 -13.91 5.56 -41.92
CA PRO E 326 -14.80 4.46 -41.49
C PRO E 326 -14.33 3.77 -40.22
N HIS E 327 -13.05 3.39 -40.16
CA HIS E 327 -12.41 2.70 -39.00
C HIS E 327 -13.03 1.30 -38.97
N TRP E 328 -13.49 0.81 -37.81
CA TRP E 328 -13.85 -0.59 -37.66
C TRP E 328 -15.05 -0.95 -38.52
N GLN E 329 -15.93 0.02 -38.82
CA GLN E 329 -17.16 -0.31 -39.53
C GLN E 329 -16.90 -0.92 -40.90
N ASP E 330 -15.81 -0.55 -41.57
CA ASP E 330 -15.48 -1.14 -42.86
C ASP E 330 -14.22 -1.99 -42.80
N THR F 24 13.70 27.75 -25.41
CA THR F 24 13.56 27.47 -26.85
C THR F 24 14.89 27.64 -27.57
N LYS F 25 15.40 28.87 -27.64
CA LYS F 25 16.65 29.24 -28.30
C LYS F 25 17.74 29.49 -27.26
N PRO F 26 18.99 29.15 -27.52
CA PRO F 26 20.02 29.31 -26.48
C PRO F 26 20.39 30.78 -26.26
N CYS F 27 20.88 31.04 -25.05
CA CYS F 27 21.36 32.36 -24.66
C CYS F 27 22.83 32.46 -25.07
N TRP F 28 23.14 33.48 -25.88
CA TRP F 28 24.47 33.63 -26.43
C TRP F 28 25.19 34.87 -25.90
N TYR F 29 24.82 35.33 -24.70
CA TYR F 29 25.40 36.54 -24.14
C TYR F 29 25.92 36.27 -22.74
N TRP F 30 27.11 36.82 -22.46
CA TRP F 30 27.82 36.68 -21.20
C TRP F 30 28.09 38.07 -20.63
N ASP F 31 28.49 38.13 -19.37
CA ASP F 31 28.93 39.37 -18.75
C ASP F 31 30.44 39.50 -18.93
N LYS F 32 30.93 40.74 -19.08
CA LYS F 32 32.36 40.89 -19.25
C LYS F 32 33.13 40.15 -18.16
N LYS F 33 32.68 40.26 -16.91
CA LYS F 33 33.37 39.59 -15.82
C LYS F 33 33.53 38.11 -16.09
N ASP F 34 32.63 37.51 -16.88
CA ASP F 34 32.72 36.10 -17.19
C ASP F 34 33.89 35.78 -18.11
N LEU F 35 34.37 36.75 -18.90
CA LEU F 35 35.45 36.46 -19.85
C LEU F 35 36.78 36.17 -19.16
N ALA F 36 36.87 36.41 -17.86
CA ALA F 36 38.04 35.98 -17.09
C ALA F 36 38.07 34.47 -16.90
N HIS F 37 37.00 33.77 -17.28
CA HIS F 37 36.86 32.35 -17.01
C HIS F 37 36.56 31.56 -18.28
N THR F 38 37.04 32.04 -19.42
CA THR F 38 36.94 31.25 -20.63
C THR F 38 37.86 30.06 -20.51
N PRO F 39 37.58 28.98 -21.25
CA PRO F 39 38.56 27.87 -21.30
C PRO F 39 39.98 28.35 -21.57
N SER F 40 40.13 29.35 -22.44
CA SER F 40 41.46 29.86 -22.76
C SER F 40 42.14 30.45 -21.52
N GLN F 41 41.41 31.26 -20.76
CA GLN F 41 41.97 31.85 -19.55
C GLN F 41 42.38 30.76 -18.56
N LEU F 42 41.54 29.73 -18.42
CA LEU F 42 41.76 28.71 -17.39
C LEU F 42 42.86 27.74 -17.77
N GLU F 43 43.24 27.69 -19.04
CA GLU F 43 44.44 26.96 -19.44
C GLU F 43 45.69 27.83 -19.37
N GLY F 44 45.61 29.00 -18.73
CA GLY F 44 46.76 29.84 -18.50
C GLY F 44 46.98 30.97 -19.47
N LEU F 45 46.12 31.12 -20.48
CA LEU F 45 46.24 32.25 -21.39
C LEU F 45 45.84 33.53 -20.68
N ASP F 46 46.64 34.59 -20.84
CA ASP F 46 46.36 35.83 -20.13
C ASP F 46 45.33 36.67 -20.88
N PRO F 47 44.71 37.64 -20.20
CA PRO F 47 43.62 38.39 -20.86
C PRO F 47 44.07 39.09 -22.13
N ALA F 48 45.26 39.69 -22.13
CA ALA F 48 45.73 40.38 -23.32
C ALA F 48 45.90 39.43 -24.49
N THR F 49 46.47 38.24 -24.24
CA THR F 49 46.71 37.29 -25.32
C THR F 49 45.41 36.82 -25.94
N GLU F 50 44.41 36.48 -25.11
CA GLU F 50 43.14 36.05 -25.68
C GLU F 50 42.48 37.17 -26.47
N ALA F 51 42.59 38.41 -25.99
CA ALA F 51 42.08 39.54 -26.77
C ALA F 51 42.77 39.62 -28.12
N ARG F 52 44.10 39.52 -28.12
CA ARG F 52 44.83 39.56 -29.38
C ARG F 52 44.44 38.40 -30.29
N TYR F 53 44.33 37.19 -29.74
CA TYR F 53 43.96 36.05 -30.56
C TYR F 53 42.59 36.24 -31.21
N ARG F 54 41.67 36.91 -30.52
CA ARG F 54 40.34 37.12 -31.09
C ARG F 54 40.39 38.20 -32.17
N ARG F 55 41.11 39.29 -31.91
CA ARG F 55 41.29 40.32 -32.92
C ARG F 55 41.92 39.73 -34.18
N GLU F 56 43.00 38.96 -34.00
CA GLU F 56 43.69 38.39 -35.15
C GLU F 56 42.76 37.49 -35.95
N GLY F 57 42.03 36.61 -35.28
CA GLY F 57 41.10 35.75 -35.98
C GLY F 57 39.98 36.52 -36.66
N ALA F 58 39.42 37.51 -35.96
CA ALA F 58 38.34 38.30 -36.53
C ALA F 58 38.78 39.00 -37.81
N ARG F 59 39.93 39.66 -37.78
CA ARG F 59 40.42 40.37 -38.96
C ARG F 59 40.77 39.41 -40.10
N PHE F 60 41.30 38.23 -39.75
CA PHE F 60 41.57 37.18 -40.74
C PHE F 60 40.30 36.80 -41.51
N ILE F 61 39.21 36.48 -40.79
CA ILE F 61 37.96 36.16 -41.45
C ILE F 61 37.49 37.34 -42.28
N PHE F 62 37.65 38.54 -41.74
CA PHE F 62 37.25 39.76 -42.45
C PHE F 62 38.05 39.94 -43.72
N ASP F 63 39.37 39.79 -43.62
CA ASP F 63 40.24 40.03 -44.77
C ASP F 63 40.14 38.89 -45.77
N VAL F 64 40.11 37.63 -45.29
CA VAL F 64 39.93 36.50 -46.20
C VAL F 64 38.62 36.66 -46.95
N GLY F 65 37.53 36.87 -46.22
CA GLY F 65 36.24 37.01 -46.85
C GLY F 65 36.15 38.25 -47.71
N THR F 66 36.86 39.31 -47.32
CA THR F 66 36.92 40.49 -48.16
C THR F 66 37.61 40.18 -49.48
N ARG F 67 38.75 39.48 -49.41
CA ARG F 67 39.47 39.10 -50.62
C ARG F 67 38.62 38.20 -51.51
N LEU F 68 37.79 37.35 -50.92
CA LEU F 68 36.91 36.47 -51.69
C LEU F 68 35.65 37.18 -52.18
N GLY F 69 35.47 38.45 -51.86
CA GLY F 69 34.32 39.19 -52.37
C GLY F 69 33.04 38.96 -51.62
N LEU F 70 33.12 38.62 -50.34
CA LEU F 70 31.94 38.18 -49.60
C LEU F 70 31.16 39.36 -49.04
N HIS F 71 29.83 39.21 -49.03
CA HIS F 71 28.92 40.19 -48.44
C HIS F 71 29.27 40.43 -46.97
N TYR F 72 28.93 41.64 -46.51
CA TYR F 72 29.33 42.03 -45.16
C TYR F 72 28.68 41.17 -44.09
N ASP F 73 27.44 40.73 -44.30
CA ASP F 73 26.80 39.84 -43.33
C ASP F 73 27.57 38.53 -43.21
N THR F 74 28.07 38.01 -44.33
CA THR F 74 28.77 36.74 -44.31
C THR F 74 30.03 36.83 -43.44
N LEU F 75 30.78 37.92 -43.57
CA LEU F 75 31.97 38.09 -42.74
C LEU F 75 31.58 38.10 -41.26
N ALA F 76 30.58 38.90 -40.90
CA ALA F 76 30.18 39.01 -39.51
C ALA F 76 29.69 37.68 -38.96
N THR F 77 28.88 36.96 -39.73
CA THR F 77 28.37 35.67 -39.25
C THR F 77 29.53 34.75 -38.90
N GLY F 78 30.53 34.65 -39.78
CA GLY F 78 31.72 33.88 -39.45
C GLY F 78 32.41 34.37 -38.19
N ILE F 79 32.56 35.69 -38.06
CA ILE F 79 33.27 36.23 -36.90
C ILE F 79 32.53 35.89 -35.62
N ILE F 80 31.20 35.98 -35.65
CA ILE F 80 30.41 35.69 -34.46
C ILE F 80 30.42 34.21 -34.15
N TYR F 81 30.31 33.34 -35.17
CA TYR F 81 30.55 31.93 -34.91
C TYR F 81 31.91 31.75 -34.23
N PHE F 82 32.93 32.39 -34.78
CA PHE F 82 34.29 32.31 -34.23
C PHE F 82 34.33 32.74 -32.76
N HIS F 83 33.79 33.92 -32.46
CA HIS F 83 33.84 34.39 -31.07
C HIS F 83 33.15 33.39 -30.14
N ARG F 84 31.97 32.92 -30.52
CA ARG F 84 31.23 31.98 -29.68
C ARG F 84 32.04 30.70 -29.46
N PHE F 85 32.65 30.19 -30.52
CA PHE F 85 33.41 28.95 -30.42
C PHE F 85 34.36 28.96 -29.24
N TYR F 86 35.11 30.04 -29.07
CA TYR F 86 36.14 30.08 -28.03
C TYR F 86 35.62 30.44 -26.66
N MET F 87 34.30 30.52 -26.50
CA MET F 87 33.71 30.47 -25.18
C MET F 87 33.62 29.03 -24.68
N PHE F 88 33.65 28.06 -25.59
CA PHE F 88 33.55 26.66 -25.24
C PHE F 88 34.87 25.91 -25.38
N HIS F 89 35.86 26.49 -26.05
CA HIS F 89 37.12 25.84 -26.33
C HIS F 89 38.26 26.80 -26.06
N SER F 90 39.47 26.24 -26.03
CA SER F 90 40.67 27.00 -25.74
C SER F 90 41.41 27.28 -27.04
N PHE F 91 42.02 28.48 -27.11
CA PHE F 91 42.86 28.81 -28.25
C PHE F 91 44.08 27.90 -28.35
N LYS F 92 44.47 27.28 -27.25
CA LYS F 92 45.62 26.39 -27.25
C LYS F 92 45.30 25.03 -27.87
N GLN F 93 44.03 24.63 -27.87
CA GLN F 93 43.63 23.32 -28.36
C GLN F 93 43.09 23.34 -29.79
N PHE F 94 42.54 24.46 -30.25
CA PHE F 94 42.05 24.59 -31.61
C PHE F 94 42.70 25.83 -32.18
N PRO F 95 43.69 25.71 -33.08
CA PRO F 95 44.35 26.90 -33.63
C PRO F 95 43.37 27.85 -34.29
N ARG F 96 43.58 29.15 -34.07
CA ARG F 96 42.60 30.15 -34.46
C ARG F 96 42.41 30.20 -35.98
N TYR F 97 43.50 30.28 -36.74
CA TYR F 97 43.35 30.49 -38.17
C TYR F 97 42.62 29.34 -38.84
N VAL F 98 42.81 28.11 -38.35
CA VAL F 98 42.02 26.99 -38.85
C VAL F 98 40.55 27.21 -38.52
N THR F 99 40.25 27.52 -37.24
CA THR F 99 38.88 27.81 -36.84
C THR F 99 38.28 28.93 -37.67
N GLY F 100 39.01 30.04 -37.80
CA GLY F 100 38.50 31.14 -38.60
C GLY F 100 38.06 30.73 -39.98
N ALA F 101 38.91 29.96 -40.67
CA ALA F 101 38.54 29.49 -42.01
C ALA F 101 37.25 28.68 -41.98
N CYS F 102 37.11 27.79 -41.01
CA CYS F 102 35.92 26.96 -40.91
C CYS F 102 34.68 27.80 -40.67
N CYS F 103 34.77 28.81 -39.79
CA CYS F 103 33.63 29.68 -39.57
C CYS F 103 33.19 30.38 -40.86
N LEU F 104 34.15 30.94 -41.60
CA LEU F 104 33.80 31.60 -42.86
C LEU F 104 33.16 30.62 -43.82
N PHE F 105 33.73 29.41 -43.93
CA PHE F 105 33.19 28.39 -44.81
C PHE F 105 31.73 28.10 -44.48
N LEU F 106 31.43 27.86 -43.21
CA LEU F 106 30.04 27.60 -42.80
C LEU F 106 29.18 28.84 -43.01
N ALA F 107 29.67 29.99 -42.57
CA ALA F 107 28.94 31.24 -42.75
C ALA F 107 28.51 31.41 -44.20
N GLY F 108 29.40 31.06 -45.13
CA GLY F 108 29.06 31.17 -46.54
C GLY F 108 27.80 30.39 -46.90
N LYS F 109 27.74 29.12 -46.50
CA LYS F 109 26.57 28.32 -46.82
C LYS F 109 25.32 28.81 -46.12
N VAL F 110 25.46 29.35 -44.91
CA VAL F 110 24.30 29.81 -44.16
C VAL F 110 23.69 31.05 -44.82
N GLU F 111 24.53 32.02 -45.15
CA GLU F 111 24.06 33.30 -45.70
C GLU F 111 23.91 33.27 -47.23
N GLU F 112 23.82 32.08 -47.83
CA GLU F 112 23.63 31.96 -49.28
C GLU F 112 24.73 32.67 -50.06
N THR F 113 25.98 32.56 -49.59
CA THR F 113 27.16 33.04 -50.29
C THR F 113 28.14 31.86 -50.44
N PRO F 114 27.87 30.96 -51.38
CA PRO F 114 28.67 29.73 -51.45
C PRO F 114 30.13 30.01 -51.78
N LYS F 115 31.03 29.26 -51.15
CA LYS F 115 32.44 29.31 -51.47
C LYS F 115 33.02 27.92 -51.24
N LYS F 116 33.95 27.51 -52.10
CA LYS F 116 34.58 26.20 -51.97
C LYS F 116 35.68 26.23 -50.93
N CYS F 117 35.78 25.15 -50.16
CA CYS F 117 36.77 25.13 -49.10
C CYS F 117 38.19 25.36 -49.63
N LYS F 118 38.47 24.85 -50.83
CA LYS F 118 39.80 25.02 -51.41
C LYS F 118 40.13 26.48 -51.65
N ASP F 119 39.12 27.29 -52.01
CA ASP F 119 39.39 28.70 -52.30
C ASP F 119 39.73 29.46 -51.04
N ILE F 120 39.05 29.14 -49.93
CA ILE F 120 39.36 29.76 -48.65
C ILE F 120 40.79 29.45 -48.23
N ILE F 121 41.21 28.20 -48.39
CA ILE F 121 42.57 27.83 -48.03
C ILE F 121 43.57 28.61 -48.89
N LYS F 122 43.33 28.67 -50.19
CA LYS F 122 44.21 29.43 -51.07
C LYS F 122 44.39 30.86 -50.57
N THR F 123 43.27 31.53 -50.28
CA THR F 123 43.34 32.91 -49.81
C THR F 123 44.06 33.00 -48.48
N ALA F 124 43.80 32.04 -47.59
CA ALA F 124 44.52 32.03 -46.32
C ALA F 124 46.02 31.92 -46.53
N ARG F 125 46.44 31.09 -47.50
CA ARG F 125 47.86 30.99 -47.78
C ARG F 125 48.41 32.31 -48.27
N SER F 126 47.60 33.07 -49.02
CA SER F 126 48.02 34.39 -49.46
C SER F 126 48.27 35.32 -48.28
N LEU F 127 47.45 35.22 -47.24
CA LEU F 127 47.49 36.16 -46.12
C LEU F 127 48.39 35.75 -44.96
N LEU F 128 48.56 34.45 -44.70
CA LEU F 128 49.33 34.01 -43.54
C LEU F 128 50.79 33.75 -43.91
N ASN F 129 51.69 34.04 -42.97
CA ASN F 129 53.10 33.72 -43.16
C ASN F 129 53.26 32.21 -42.99
N ASP F 130 54.50 31.71 -42.99
CA ASP F 130 54.70 30.27 -42.91
C ASP F 130 54.41 29.74 -41.52
N VAL F 131 54.81 30.49 -40.48
CA VAL F 131 54.53 30.05 -39.11
C VAL F 131 53.02 29.89 -38.91
N GLN F 132 52.27 30.91 -39.32
CA GLN F 132 50.83 30.91 -39.11
C GLN F 132 50.14 29.80 -39.88
N PHE F 133 50.49 29.65 -41.16
CA PHE F 133 49.87 28.61 -41.96
C PHE F 133 50.25 27.20 -41.49
N GLY F 134 51.27 27.06 -40.64
CA GLY F 134 51.57 25.77 -40.09
C GLY F 134 50.43 25.20 -39.28
N GLN F 135 49.54 26.06 -38.79
CA GLN F 135 48.38 25.58 -38.05
C GLN F 135 47.56 24.60 -38.90
N PHE F 136 47.50 24.81 -40.21
CA PHE F 136 46.73 23.95 -41.11
C PHE F 136 47.36 22.59 -41.35
N GLY F 137 48.62 22.40 -40.99
CA GLY F 137 49.19 21.07 -41.11
C GLY F 137 49.40 20.67 -42.57
N ASP F 138 49.52 19.35 -42.76
CA ASP F 138 49.82 18.82 -44.08
C ASP F 138 48.66 18.99 -45.04
N ASP F 139 47.49 18.46 -44.69
CA ASP F 139 46.29 18.61 -45.51
C ASP F 139 45.39 19.68 -44.90
N PRO F 140 45.41 20.92 -45.40
CA PRO F 140 44.61 21.98 -44.78
C PRO F 140 43.10 21.78 -44.95
N LYS F 141 42.66 21.47 -46.17
CA LYS F 141 41.23 21.29 -46.43
C LYS F 141 40.63 20.31 -45.45
N GLU F 142 41.37 19.23 -45.14
CA GLU F 142 40.85 18.24 -44.21
C GLU F 142 40.73 18.83 -42.80
N GLU F 143 41.75 19.57 -42.36
CA GLU F 143 41.71 20.15 -41.02
C GLU F 143 40.53 21.10 -40.87
N VAL F 144 40.17 21.80 -41.94
CA VAL F 144 39.02 22.71 -41.88
C VAL F 144 37.72 21.93 -41.93
N MET F 145 37.57 21.01 -42.88
CA MET F 145 36.31 20.29 -43.03
C MET F 145 35.97 19.48 -41.78
N VAL F 146 36.98 18.89 -41.14
CA VAL F 146 36.69 18.08 -39.94
C VAL F 146 36.23 18.96 -38.79
N LEU F 147 36.70 20.21 -38.71
CA LEU F 147 36.31 21.07 -37.62
C LEU F 147 34.86 21.51 -37.76
N GLU F 148 34.29 21.41 -38.97
CA GLU F 148 32.91 21.79 -39.20
C GLU F 148 31.96 21.03 -38.28
N ARG F 149 32.23 19.73 -38.08
CA ARG F 149 31.40 18.97 -37.14
C ARG F 149 31.44 19.57 -35.75
N ILE F 150 32.63 19.87 -35.26
CA ILE F 150 32.77 20.44 -33.93
C ILE F 150 32.08 21.79 -33.86
N LEU F 151 32.26 22.62 -34.88
CA LEU F 151 31.63 23.93 -34.90
C LEU F 151 30.11 23.82 -34.82
N LEU F 152 29.50 23.03 -35.70
CA LEU F 152 28.05 22.90 -35.71
C LEU F 152 27.51 22.53 -34.34
N GLN F 153 28.12 21.53 -33.70
CA GLN F 153 27.68 21.14 -32.36
C GLN F 153 27.87 22.28 -31.37
N THR F 154 28.99 23.00 -31.47
CA THR F 154 29.26 24.10 -30.57
C THR F 154 28.27 25.25 -30.76
N ILE F 155 28.01 25.64 -32.02
CA ILE F 155 27.04 26.71 -32.26
C ILE F 155 25.62 26.17 -32.10
N LYS F 156 25.50 24.92 -31.67
CA LYS F 156 24.20 24.34 -31.33
C LYS F 156 23.20 24.46 -32.47
N PHE F 157 23.71 24.56 -33.69
CA PHE F 157 22.93 24.66 -34.92
C PHE F 157 22.00 25.86 -34.94
N ASP F 158 22.21 26.86 -34.08
CA ASP F 158 21.42 28.08 -34.14
C ASP F 158 22.11 28.98 -35.15
N LEU F 159 21.88 28.67 -36.43
CA LEU F 159 22.64 29.30 -37.50
C LEU F 159 22.18 30.72 -37.73
N GLN F 160 20.92 31.02 -37.43
CA GLN F 160 20.40 32.35 -37.67
C GLN F 160 21.13 33.33 -36.76
N VAL F 161 21.76 34.33 -37.39
CA VAL F 161 22.46 35.38 -36.66
C VAL F 161 22.13 36.70 -37.33
N GLU F 162 21.80 37.71 -36.53
CA GLU F 162 21.59 39.06 -37.01
C GLU F 162 22.69 39.98 -36.52
N HIS F 163 22.93 41.05 -37.29
CA HIS F 163 24.07 41.93 -37.09
C HIS F 163 23.63 43.37 -36.94
N PRO F 164 24.44 44.19 -36.27
CA PRO F 164 24.06 45.59 -36.05
C PRO F 164 23.72 46.34 -37.33
N TYR F 165 24.28 45.92 -38.46
CA TYR F 165 24.15 46.70 -39.69
C TYR F 165 22.68 46.95 -40.03
N GLN F 166 21.86 45.89 -40.00
CA GLN F 166 20.48 46.05 -40.43
C GLN F 166 19.69 46.98 -39.52
N PHE F 167 20.05 47.03 -38.24
CA PHE F 167 19.38 47.94 -37.33
C PHE F 167 19.90 49.36 -37.47
N LEU F 168 21.20 49.51 -37.69
CA LEU F 168 21.75 50.82 -38.01
C LEU F 168 20.99 51.46 -39.16
N LEU F 169 20.67 50.66 -40.18
CA LEU F 169 19.96 51.17 -41.34
C LEU F 169 18.47 51.32 -41.07
N LYS F 170 17.89 50.35 -40.35
CA LYS F 170 16.48 50.44 -39.98
C LYS F 170 16.20 51.71 -39.19
N TYR F 171 17.09 52.04 -38.27
CA TYR F 171 16.90 53.22 -37.42
C TYR F 171 17.20 54.50 -38.20
N ALA F 172 18.28 54.50 -38.98
CA ALA F 172 18.64 55.70 -39.74
C ALA F 172 17.53 56.09 -40.71
N LYS F 173 16.85 55.10 -41.28
CA LYS F 173 15.78 55.41 -42.22
C LYS F 173 14.72 56.27 -41.56
N GLN F 174 14.59 56.16 -40.24
CA GLN F 174 13.57 56.91 -39.53
C GLN F 174 13.98 58.33 -39.16
N LEU F 175 15.27 58.61 -39.14
CA LEU F 175 15.74 59.96 -38.86
C LEU F 175 15.44 60.85 -40.06
N LYS F 176 14.99 62.07 -39.78
CA LYS F 176 14.69 63.05 -40.81
C LYS F 176 15.50 64.30 -40.52
N GLY F 177 16.18 64.82 -41.53
CA GLY F 177 17.02 65.99 -41.35
C GLY F 177 17.98 66.14 -42.51
N ASP F 178 19.03 66.92 -42.28
CA ASP F 178 20.05 67.13 -43.30
C ASP F 178 20.61 65.79 -43.75
N LYS F 179 20.48 65.50 -45.04
CA LYS F 179 20.90 64.18 -45.54
C LYS F 179 22.39 63.98 -45.35
N ASN F 180 23.19 65.04 -45.50
CA ASN F 180 24.63 64.90 -45.38
C ASN F 180 25.05 64.62 -43.95
N LYS F 181 24.39 65.26 -42.99
CA LYS F 181 24.73 65.01 -41.59
C LYS F 181 24.32 63.62 -41.17
N ILE F 182 23.18 63.14 -41.68
CA ILE F 182 22.72 61.80 -41.35
C ILE F 182 23.63 60.76 -42.01
N GLN F 183 24.07 61.02 -43.24
CA GLN F 183 24.95 60.08 -43.91
C GLN F 183 26.29 59.98 -43.19
N LYS F 184 26.84 61.11 -42.74
CA LYS F 184 28.07 61.08 -41.98
C LYS F 184 27.90 60.27 -40.70
N LEU F 185 26.76 60.42 -40.03
CA LEU F 185 26.47 59.63 -38.85
C LEU F 185 26.49 58.14 -39.18
N VAL F 186 25.94 57.76 -40.33
CA VAL F 186 25.81 56.35 -40.66
C VAL F 186 27.16 55.73 -41.01
N GLN F 187 27.91 56.34 -41.94
CA GLN F 187 29.18 55.71 -42.35
C GLN F 187 30.12 55.59 -41.15
N MET F 188 30.22 56.63 -40.33
CA MET F 188 31.06 56.53 -39.14
C MET F 188 30.57 55.42 -38.23
N ALA F 189 29.25 55.35 -38.02
CA ALA F 189 28.70 54.27 -37.21
C ALA F 189 28.98 52.91 -37.83
N TRP F 190 28.80 52.79 -39.14
CA TRP F 190 29.11 51.55 -39.84
C TRP F 190 30.56 51.14 -39.63
N THR F 191 31.49 52.09 -39.74
CA THR F 191 32.88 51.79 -39.45
C THR F 191 33.04 51.25 -38.04
N PHE F 192 32.31 51.84 -37.07
CA PHE F 192 32.42 51.37 -35.69
C PHE F 192 31.92 49.93 -35.56
N VAL F 193 30.88 49.57 -36.30
CA VAL F 193 30.42 48.18 -36.26
C VAL F 193 31.52 47.25 -36.75
N ASN F 194 32.12 47.59 -37.92
CA ASN F 194 33.20 46.75 -38.44
C ASN F 194 34.31 46.58 -37.41
N ASP F 195 34.63 47.65 -36.68
CA ASP F 195 35.68 47.58 -35.67
C ASP F 195 35.21 46.82 -34.45
N SER F 196 33.90 46.87 -34.16
CA SER F 196 33.34 46.17 -33.02
C SER F 196 33.40 44.65 -33.17
N LEU F 197 33.65 44.16 -34.39
CA LEU F 197 33.70 42.73 -34.61
C LEU F 197 34.94 42.07 -34.04
N CYS F 198 35.99 42.86 -33.80
CA CYS F 198 37.22 42.37 -33.19
C CYS F 198 37.11 42.30 -31.68
N THR F 199 35.95 42.65 -31.14
CA THR F 199 35.71 42.73 -29.72
C THR F 199 34.71 41.67 -29.29
N THR F 200 34.63 41.47 -27.98
CA THR F 200 33.67 40.57 -27.38
C THR F 200 32.32 41.23 -27.18
N LEU F 201 32.14 42.43 -27.74
CA LEU F 201 30.84 43.09 -27.69
C LEU F 201 29.77 42.24 -28.35
N SER F 202 30.12 41.53 -29.44
CA SER F 202 29.18 40.62 -30.06
C SER F 202 28.62 39.62 -29.06
N LEU F 203 29.37 39.34 -27.99
CA LEU F 203 28.97 38.38 -26.98
C LEU F 203 28.33 39.02 -25.76
N GLN F 204 28.34 40.35 -25.67
CA GLN F 204 27.85 41.04 -24.48
C GLN F 204 26.48 41.67 -24.68
N TRP F 205 26.17 42.12 -25.91
CA TRP F 205 24.98 42.92 -26.16
C TRP F 205 24.30 42.50 -27.45
N GLU F 206 22.96 42.55 -27.41
CA GLU F 206 22.18 42.27 -28.61
C GLU F 206 22.61 43.23 -29.72
N PRO F 207 22.41 42.82 -30.98
CA PRO F 207 22.84 43.71 -32.08
C PRO F 207 22.15 45.06 -32.08
N GLU F 208 20.86 45.09 -31.73
CA GLU F 208 20.13 46.35 -31.73
C GLU F 208 20.82 47.36 -30.81
N ILE F 209 21.31 46.90 -29.66
CA ILE F 209 21.98 47.77 -28.71
C ILE F 209 23.28 48.29 -29.29
N ILE F 210 24.05 47.42 -29.94
CA ILE F 210 25.30 47.86 -30.56
C ILE F 210 24.99 48.95 -31.60
N ALA F 211 23.97 48.71 -32.42
CA ALA F 211 23.60 49.67 -33.46
C ALA F 211 23.30 51.04 -32.87
N VAL F 212 22.58 51.07 -31.74
CA VAL F 212 22.33 52.34 -31.08
C VAL F 212 23.64 52.93 -30.56
N ALA F 213 24.46 52.09 -29.92
CA ALA F 213 25.70 52.59 -29.33
C ALA F 213 26.60 53.23 -30.39
N VAL F 214 26.73 52.59 -31.56
CA VAL F 214 27.61 53.17 -32.58
C VAL F 214 27.01 54.45 -33.14
N MET F 215 25.67 54.51 -33.25
CA MET F 215 25.03 55.78 -33.60
C MET F 215 25.32 56.82 -32.53
N TYR F 216 25.14 56.42 -31.27
CA TYR F 216 25.42 57.30 -30.13
C TYR F 216 26.85 57.81 -30.18
N LEU F 217 27.81 56.92 -30.45
CA LEU F 217 29.19 57.33 -30.55
C LEU F 217 29.40 58.29 -31.71
N ALA F 218 28.92 57.92 -32.89
CA ALA F 218 29.09 58.77 -34.07
C ALA F 218 28.46 60.13 -33.86
N GLY F 219 27.31 60.17 -33.18
CA GLY F 219 26.69 61.45 -32.88
C GLY F 219 27.55 62.34 -32.01
N ARG F 220 28.11 61.79 -30.93
CA ARG F 220 28.96 62.57 -30.06
C ARG F 220 30.16 63.13 -30.81
N LEU F 221 30.82 62.27 -31.59
CA LEU F 221 32.04 62.70 -32.27
C LEU F 221 31.74 63.78 -33.31
N CYS F 222 30.64 63.63 -34.05
CA CYS F 222 30.26 64.61 -35.05
C CYS F 222 29.52 65.80 -34.47
N LYS F 223 29.34 65.85 -33.16
CA LYS F 223 28.63 66.95 -32.48
C LYS F 223 27.23 67.15 -33.06
N PHE F 224 26.51 66.04 -33.22
CA PHE F 224 25.12 66.05 -33.67
C PHE F 224 24.19 65.71 -32.52
N GLU F 225 23.02 66.35 -32.49
CA GLU F 225 21.99 66.06 -31.50
C GLU F 225 20.96 65.16 -32.18
N ILE F 226 21.11 63.84 -32.02
CA ILE F 226 20.26 62.94 -32.80
C ILE F 226 18.81 63.11 -32.38
N GLN F 227 18.60 63.68 -31.19
CA GLN F 227 17.25 63.87 -30.68
C GLN F 227 16.42 64.76 -31.61
N GLU F 228 17.04 65.77 -32.21
CA GLU F 228 16.29 66.69 -33.06
C GLU F 228 15.79 66.01 -34.34
N TRP F 229 16.54 65.06 -34.89
CA TRP F 229 16.12 64.38 -36.10
C TRP F 229 14.99 63.39 -35.85
N THR F 230 14.84 62.91 -34.61
CA THR F 230 13.83 61.92 -34.31
C THR F 230 12.45 62.58 -34.30
N SER F 231 11.42 61.75 -34.18
CA SER F 231 10.06 62.27 -34.11
C SER F 231 9.80 63.05 -32.83
N LYS F 232 10.59 62.80 -31.78
CA LYS F 232 10.45 63.52 -30.51
C LYS F 232 11.67 64.39 -30.22
N PRO F 233 11.72 65.63 -30.71
CA PRO F 233 12.94 66.43 -30.51
C PRO F 233 13.22 66.77 -29.07
N MET F 234 12.19 66.76 -28.21
CA MET F 234 12.40 67.11 -26.82
C MET F 234 12.83 65.94 -25.96
N TYR F 235 12.78 64.73 -26.48
CA TYR F 235 13.11 63.54 -25.72
C TYR F 235 14.60 63.31 -25.88
N ARG F 236 15.40 63.78 -24.90
CA ARG F 236 16.84 63.67 -25.08
C ARG F 236 17.27 62.21 -25.20
N ARG F 237 16.48 61.30 -24.65
CA ARG F 237 16.74 59.86 -24.74
C ARG F 237 16.13 59.33 -26.03
N TRP F 238 16.78 59.66 -27.15
CA TRP F 238 16.26 59.27 -28.45
C TRP F 238 16.32 57.76 -28.63
N TRP F 239 17.35 57.11 -28.10
CA TRP F 239 17.51 55.68 -28.32
C TRP F 239 16.31 54.88 -27.85
N GLU F 240 15.55 55.40 -26.90
CA GLU F 240 14.41 54.67 -26.38
C GLU F 240 13.31 54.55 -27.41
N GLN F 241 13.38 55.34 -28.50
CA GLN F 241 12.39 55.21 -29.55
C GLN F 241 12.65 54.04 -30.48
N PHE F 242 13.87 53.51 -30.47
CA PHE F 242 14.23 52.33 -31.23
C PHE F 242 14.37 51.11 -30.33
N VAL F 243 15.23 51.19 -29.31
CA VAL F 243 15.53 50.08 -28.43
C VAL F 243 15.16 50.47 -27.01
N GLN F 244 14.19 49.77 -26.44
CA GLN F 244 13.68 50.04 -25.10
C GLN F 244 14.58 49.46 -24.02
N ASP F 245 14.60 50.15 -22.88
CA ASP F 245 15.22 49.67 -21.66
C ASP F 245 16.75 49.65 -21.76
N VAL F 246 17.33 50.63 -22.42
CA VAL F 246 18.78 50.72 -22.52
C VAL F 246 19.24 51.97 -21.75
N PRO F 247 19.93 51.81 -20.63
CA PRO F 247 20.50 52.97 -19.93
C PRO F 247 21.75 53.50 -20.61
N VAL F 248 22.04 54.76 -20.34
CA VAL F 248 23.25 55.37 -20.88
C VAL F 248 24.49 54.62 -20.41
N ASP F 249 24.41 54.01 -19.22
CA ASP F 249 25.53 53.24 -18.70
C ASP F 249 26.06 52.28 -19.77
N VAL F 250 25.14 51.56 -20.41
CA VAL F 250 25.52 50.55 -21.40
C VAL F 250 26.13 51.20 -22.62
N LEU F 251 25.47 52.24 -23.15
CA LEU F 251 25.98 52.90 -24.34
C LEU F 251 27.39 53.44 -24.09
N GLU F 252 27.65 53.92 -22.87
CA GLU F 252 28.98 54.42 -22.55
C GLU F 252 29.99 53.28 -22.45
N ASP F 253 29.59 52.16 -21.82
CA ASP F 253 30.47 51.01 -21.77
C ASP F 253 30.85 50.54 -23.17
N ILE F 254 29.87 50.46 -24.07
CA ILE F 254 30.15 50.02 -25.42
C ILE F 254 31.04 51.03 -26.13
N CYS F 255 30.67 52.30 -26.07
CA CYS F 255 31.50 53.33 -26.69
C CYS F 255 32.92 53.26 -26.16
N HIS F 256 33.07 53.09 -24.85
CA HIS F 256 34.40 53.01 -24.28
C HIS F 256 35.20 51.88 -24.91
N GLN F 257 34.58 50.70 -25.02
CA GLN F 257 35.28 49.54 -25.58
C GLN F 257 35.65 49.77 -27.05
N ILE F 258 34.78 50.42 -27.81
CA ILE F 258 35.09 50.68 -29.21
C ILE F 258 36.27 51.64 -29.34
N LEU F 259 36.23 52.74 -28.59
CA LEU F 259 37.30 53.73 -28.69
C LEU F 259 38.64 53.19 -28.20
N ASP F 260 38.63 52.16 -27.34
CA ASP F 260 39.87 51.57 -26.87
C ASP F 260 40.71 51.05 -28.03
N LEU F 261 40.06 50.40 -29.00
CA LEU F 261 40.79 49.87 -30.15
C LEU F 261 41.57 50.96 -30.87
N TYR F 262 40.96 52.14 -31.02
CA TYR F 262 41.60 53.24 -31.74
C TYR F 262 42.83 53.75 -30.99
N SER F 263 42.74 53.85 -29.66
CA SER F 263 43.88 54.35 -28.88
C SER F 263 45.03 53.34 -28.83
N GLN F 264 44.71 52.05 -28.65
CA GLN F 264 45.76 51.04 -28.63
C GLN F 264 46.41 50.91 -30.01
N GLY F 265 45.62 50.85 -31.07
CA GLY F 265 46.17 50.63 -32.39
C GLY F 265 46.83 51.87 -32.94
N LYS F 266 47.10 51.82 -34.25
CA LYS F 266 47.67 52.98 -34.91
C LYS F 266 46.60 53.85 -35.53
N GLN F 267 45.46 53.24 -35.85
CA GLN F 267 44.33 53.97 -36.40
C GLN F 267 43.75 54.89 -35.34
N GLN F 268 43.25 56.03 -35.79
CA GLN F 268 42.64 57.05 -34.95
C GLN F 268 41.17 57.17 -35.38
N MET F 269 40.39 57.90 -34.59
CA MET F 269 38.95 57.95 -34.81
C MET F 269 38.66 58.36 -36.25
N PRO F 270 37.67 57.74 -36.91
CA PRO F 270 37.49 57.98 -38.35
C PRO F 270 37.27 59.44 -38.72
N HIS F 271 36.42 60.15 -37.98
CA HIS F 271 36.07 61.53 -38.27
C HIS F 271 36.09 61.85 -39.77
N MET G 5 54.89 0.83 31.95
CA MET G 5 54.14 -0.42 31.63
C MET G 5 54.35 -0.86 30.18
N SER G 6 54.60 0.10 29.28
CA SER G 6 54.92 -0.21 27.89
C SER G 6 56.24 0.48 27.53
N TYR G 7 56.99 -0.13 26.61
CA TYR G 7 58.32 0.35 26.26
C TYR G 7 58.48 0.39 24.75
N ASN G 8 58.96 1.52 24.23
CA ASN G 8 59.07 1.70 22.79
C ASN G 8 60.27 2.59 22.47
N TYR G 9 60.68 2.58 21.19
CA TYR G 9 61.87 3.26 20.70
C TYR G 9 61.50 3.91 19.37
N VAL G 10 61.78 5.21 19.23
CA VAL G 10 61.41 5.98 18.05
C VAL G 10 62.68 6.55 17.43
N VAL G 11 62.86 6.35 16.13
CA VAL G 11 64.06 6.77 15.42
C VAL G 11 63.68 7.44 14.12
N THR G 12 64.46 8.46 13.74
CA THR G 12 64.28 9.12 12.47
C THR G 12 65.00 8.35 11.37
N ALA G 13 64.24 7.80 10.43
CA ALA G 13 64.86 7.14 9.28
C ALA G 13 65.23 8.16 8.21
N GLN G 14 64.35 9.15 7.99
CA GLN G 14 64.56 10.23 7.05
C GLN G 14 64.24 11.55 7.73
N LYS G 15 65.15 12.52 7.62
CA LYS G 15 64.95 13.80 8.28
C LYS G 15 63.86 14.61 7.58
N PRO G 16 63.31 15.62 8.25
CA PRO G 16 62.35 16.52 7.58
C PRO G 16 62.95 17.11 6.32
N THR G 17 62.17 17.03 5.22
CA THR G 17 62.60 17.54 3.93
C THR G 17 61.91 18.84 3.55
N ALA G 18 60.77 19.15 4.14
CA ALA G 18 60.03 20.35 3.78
C ALA G 18 60.72 21.58 4.33
N VAL G 19 60.78 22.62 3.52
CA VAL G 19 61.36 23.89 3.94
C VAL G 19 60.25 24.74 4.55
N ASN G 20 60.37 25.04 5.84
CA ASN G 20 59.38 25.86 6.51
C ASN G 20 59.73 27.35 6.49
N GLY G 21 61.01 27.68 6.29
CA GLY G 21 61.42 29.06 6.14
C GLY G 21 62.89 29.13 5.76
N CYS G 22 63.31 30.32 5.36
CA CYS G 22 64.68 30.52 4.91
C CYS G 22 65.07 31.99 4.91
N VAL G 23 66.31 32.28 5.33
CA VAL G 23 66.83 33.64 5.43
C VAL G 23 68.20 33.72 4.76
N THR G 24 68.61 34.96 4.45
CA THR G 24 69.94 35.23 3.93
C THR G 24 70.62 36.27 4.82
N GLY G 25 71.94 36.29 4.77
CA GLY G 25 72.68 37.24 5.59
C GLY G 25 74.14 36.85 5.71
N HIS G 26 74.77 37.34 6.78
CA HIS G 26 76.21 37.24 6.98
C HIS G 26 76.44 36.67 8.38
N PHE G 27 76.14 35.38 8.53
CA PHE G 27 76.10 34.68 9.81
C PHE G 27 77.41 34.00 10.16
N THR G 28 78.02 33.29 9.21
CA THR G 28 79.27 32.60 9.50
C THR G 28 80.47 33.54 9.51
N SER G 29 80.48 34.55 8.64
CA SER G 29 81.53 35.54 8.58
C SER G 29 80.95 36.82 7.99
N ALA G 30 81.55 37.95 8.33
CA ALA G 30 81.07 39.22 7.79
C ALA G 30 81.24 39.33 6.28
N GLU G 31 81.99 38.42 5.65
CA GLU G 31 82.24 38.48 4.21
C GLU G 31 81.39 37.48 3.43
N ASP G 32 81.20 36.27 3.95
CA ASP G 32 80.40 35.29 3.22
C ASP G 32 78.93 35.70 3.18
N LEU G 33 78.26 35.31 2.11
CA LEU G 33 76.81 35.43 1.99
C LEU G 33 76.19 34.08 2.30
N ASN G 34 75.35 34.05 3.32
CA ASN G 34 74.80 32.79 3.82
C ASN G 34 73.36 32.59 3.36
N LEU G 35 72.97 31.31 3.34
CA LEU G 35 71.57 30.91 3.21
C LEU G 35 71.30 29.94 4.35
N LEU G 36 70.45 30.35 5.29
CA LEU G 36 70.00 29.50 6.37
C LEU G 36 68.62 28.96 6.03
N ILE G 37 68.50 27.64 5.99
CA ILE G 37 67.24 26.98 5.69
C ILE G 37 66.77 26.26 6.94
N ALA G 38 65.52 26.48 7.31
CA ALA G 38 64.90 25.79 8.43
C ALA G 38 63.97 24.75 7.84
N LYS G 39 64.24 23.48 8.13
CA LYS G 39 63.27 22.42 7.98
C LYS G 39 62.89 22.08 9.42
N ASN G 40 61.71 21.49 9.60
CA ASN G 40 61.19 21.35 10.95
C ASN G 40 62.24 20.74 11.88
N THR G 41 62.74 21.53 12.84
CA THR G 41 63.71 21.19 13.86
C THR G 41 65.13 21.14 13.33
N ARG G 42 65.37 21.35 12.04
CA ARG G 42 66.71 21.24 11.48
C ARG G 42 67.11 22.61 10.96
N LEU G 43 68.31 23.06 11.30
CA LEU G 43 68.85 24.30 10.76
C LEU G 43 70.01 23.94 9.85
N GLU G 44 69.89 24.33 8.59
CA GLU G 44 70.92 24.06 7.59
C GLU G 44 71.58 25.39 7.23
N ILE G 45 72.91 25.41 7.31
CA ILE G 45 73.71 26.61 7.02
C ILE G 45 74.50 26.35 5.76
N TYR G 46 74.37 27.25 4.79
CA TYR G 46 75.08 27.15 3.52
C TYR G 46 75.87 28.43 3.30
N VAL G 47 76.81 28.38 2.35
CA VAL G 47 77.51 29.56 1.88
C VAL G 47 77.23 29.71 0.40
N VAL G 48 76.84 30.92 0.00
CA VAL G 48 76.47 31.20 -1.38
C VAL G 48 77.74 31.38 -2.18
N THR G 49 77.85 30.63 -3.27
CA THR G 49 78.97 30.72 -4.20
C THR G 49 78.46 31.17 -5.56
N ALA G 50 79.38 31.26 -6.52
CA ALA G 50 78.97 31.56 -7.89
C ALA G 50 78.41 30.35 -8.61
N GLU G 51 78.52 29.17 -8.00
CA GLU G 51 78.07 27.92 -8.62
C GLU G 51 76.75 27.42 -8.04
N GLY G 52 76.53 27.63 -6.76
CA GLY G 52 75.39 27.09 -6.06
C GLY G 52 75.57 27.30 -4.57
N LEU G 53 75.20 26.30 -3.79
CA LEU G 53 75.26 26.38 -2.33
C LEU G 53 76.33 25.42 -1.82
N ARG G 54 77.18 25.91 -0.92
CA ARG G 54 78.18 25.09 -0.26
C ARG G 54 77.76 24.85 1.18
N PRO G 55 77.49 23.61 1.58
CA PRO G 55 77.09 23.37 2.98
C PRO G 55 78.20 23.69 3.97
N VAL G 56 77.78 24.08 5.18
CA VAL G 56 78.74 24.45 6.22
C VAL G 56 78.51 23.68 7.51
N LYS G 57 77.27 23.58 7.95
CA LYS G 57 76.95 22.94 9.22
C LYS G 57 75.46 22.69 9.27
N GLU G 58 75.09 21.58 9.90
CA GLU G 58 73.70 21.29 10.17
C GLU G 58 73.59 20.92 11.64
N VAL G 59 72.66 21.56 12.33
CA VAL G 59 72.39 21.29 13.73
C VAL G 59 70.91 20.94 13.84
N GLY G 60 70.61 20.12 14.83
CA GLY G 60 69.25 19.89 15.24
C GLY G 60 68.97 20.72 16.46
N MET G 61 67.70 21.08 16.63
CA MET G 61 67.24 21.80 17.80
C MET G 61 66.14 20.98 18.47
N TYR G 62 66.06 21.12 19.79
CA TYR G 62 65.04 20.43 20.57
C TYR G 62 63.75 21.27 20.59
N GLY G 63 63.18 21.43 19.39
CA GLY G 63 62.00 22.26 19.21
C GLY G 63 61.69 22.50 17.74
N LYS G 64 60.41 22.76 17.41
CA LYS G 64 60.05 23.11 16.04
C LYS G 64 60.40 24.58 15.83
N ILE G 65 61.13 24.87 14.75
CA ILE G 65 61.60 26.23 14.51
C ILE G 65 60.43 27.06 13.98
N ALA G 66 59.96 28.00 14.79
CA ALA G 66 58.84 28.86 14.41
C ALA G 66 59.30 30.18 13.83
N VAL G 67 60.25 30.84 14.47
CA VAL G 67 60.83 32.08 14.00
C VAL G 67 62.30 31.86 13.72
N MET G 68 62.78 32.38 12.59
CA MET G 68 64.20 32.34 12.25
C MET G 68 64.52 33.67 11.61
N GLU G 69 65.41 34.43 12.23
CA GLU G 69 65.71 35.77 11.75
C GLU G 69 67.17 36.08 12.06
N LEU G 70 67.82 36.79 11.14
CA LEU G 70 69.20 37.23 11.28
C LEU G 70 69.25 38.72 11.53
N PHE G 71 70.12 39.13 12.45
CA PHE G 71 70.27 40.53 12.82
C PHE G 71 71.71 40.80 13.22
N ARG G 72 72.08 42.08 13.21
CA ARG G 72 73.44 42.52 13.50
C ARG G 72 73.43 43.74 14.40
N PRO G 73 73.55 43.55 15.71
CA PRO G 73 73.56 44.72 16.60
C PRO G 73 74.88 45.48 16.51
N LYS G 74 74.80 46.78 16.79
CA LYS G 74 75.97 47.64 16.75
C LYS G 74 77.10 47.06 17.60
N GLY G 75 78.27 46.93 17.00
CA GLY G 75 79.42 46.39 17.68
C GLY G 75 79.76 44.96 17.31
N GLU G 76 78.84 44.24 16.66
CA GLU G 76 79.13 42.89 16.25
C GLU G 76 79.83 42.90 14.91
N SER G 77 80.77 41.96 14.73
CA SER G 77 81.49 41.84 13.48
C SER G 77 80.61 41.21 12.41
N LYS G 78 79.65 40.39 12.81
CA LYS G 78 78.85 39.62 11.88
C LYS G 78 77.46 39.39 12.46
N ASP G 79 76.58 38.84 11.63
CA ASP G 79 75.19 38.66 12.02
C ASP G 79 75.03 37.61 13.11
N LEU G 80 74.03 37.83 13.96
CA LEU G 80 73.57 36.85 14.92
C LEU G 80 72.23 36.27 14.46
N LEU G 81 71.91 35.10 14.99
CA LEU G 81 70.70 34.38 14.61
C LEU G 81 69.74 34.33 15.78
N PHE G 82 68.50 34.75 15.53
CA PHE G 82 67.43 34.61 16.51
C PHE G 82 66.52 33.47 16.09
N ILE G 83 66.17 32.60 17.04
CA ILE G 83 65.25 31.50 16.80
C ILE G 83 64.29 31.39 17.99
N LEU G 84 63.02 31.16 17.68
CA LEU G 84 61.98 30.87 18.65
C LEU G 84 61.32 29.57 18.22
N THR G 85 61.12 28.66 19.17
CA THR G 85 60.50 27.39 18.85
C THR G 85 58.99 27.45 19.08
N ALA G 86 58.29 26.42 18.59
CA ALA G 86 56.83 26.36 18.74
C ALA G 86 56.40 26.21 20.19
N LYS G 87 57.28 25.74 21.07
CA LYS G 87 57.03 25.72 22.51
C LYS G 87 57.52 26.97 23.20
N TYR G 88 57.90 28.00 22.45
CA TYR G 88 58.27 29.31 22.99
C TYR G 88 59.66 29.29 23.63
N ASN G 89 60.57 28.47 23.10
CA ASN G 89 61.97 28.50 23.50
C ASN G 89 62.70 29.52 22.63
N ALA G 90 63.22 30.57 23.24
CA ALA G 90 63.92 31.62 22.53
C ALA G 90 65.42 31.51 22.75
N CYS G 91 66.18 31.94 21.74
CA CYS G 91 67.63 31.94 21.86
C CYS G 91 68.21 32.84 20.78
N ILE G 92 69.39 33.39 21.07
CA ILE G 92 70.20 34.11 20.11
C ILE G 92 71.48 33.32 19.93
N LEU G 93 71.82 33.02 18.68
CA LEU G 93 72.89 32.10 18.36
C LEU G 93 73.99 32.85 17.65
N GLU G 94 75.22 32.38 17.86
CA GLU G 94 76.38 32.93 17.18
C GLU G 94 77.11 31.76 16.54
N TYR G 95 77.50 31.93 15.29
CA TYR G 95 78.35 30.97 14.63
C TYR G 95 79.79 31.23 15.03
N LYS G 96 80.48 30.20 15.51
CA LYS G 96 81.88 30.33 15.90
C LYS G 96 82.64 29.11 15.42
N GLN G 97 83.72 29.35 14.69
CA GLN G 97 84.55 28.29 14.14
C GLN G 97 86.02 28.60 14.35
N SER G 98 86.76 27.62 14.88
CA SER G 98 88.20 27.72 15.08
C SER G 98 88.85 26.48 14.46
N GLY G 99 89.38 26.63 13.25
CA GLY G 99 89.92 25.50 12.51
C GLY G 99 88.81 24.61 11.97
N GLU G 100 88.87 23.30 12.25
CA GLU G 100 87.85 22.38 11.75
C GLU G 100 86.66 22.23 12.69
N SER G 101 86.75 22.74 13.92
CA SER G 101 85.73 22.56 14.93
C SER G 101 84.68 23.66 14.82
N ILE G 102 83.44 23.28 14.50
CA ILE G 102 82.35 24.22 14.35
C ILE G 102 81.41 24.11 15.54
N ASP G 103 81.08 25.26 16.11
CA ASP G 103 80.15 25.35 17.22
C ASP G 103 79.14 26.44 16.90
N ILE G 104 77.95 26.30 17.46
CA ILE G 104 76.95 27.37 17.44
C ILE G 104 76.76 27.75 18.91
N ILE G 105 77.13 28.97 19.23
CA ILE G 105 77.19 29.41 20.62
C ILE G 105 75.86 30.04 20.97
N THR G 106 75.30 29.64 22.10
CA THR G 106 74.07 30.24 22.59
C THR G 106 74.44 31.42 23.48
N ARG G 107 74.25 32.62 22.95
CA ARG G 107 74.61 33.83 23.70
C ARG G 107 73.50 34.23 24.66
N ALA G 108 72.25 33.97 24.32
CA ALA G 108 71.12 34.30 25.17
C ALA G 108 70.05 33.24 24.95
N HIS G 109 69.28 32.97 26.00
CA HIS G 109 68.23 31.97 25.84
C HIS G 109 67.18 32.17 26.94
N GLY G 110 65.97 31.74 26.63
CA GLY G 110 64.88 31.82 27.59
C GLY G 110 63.58 31.41 26.94
N ASN G 111 62.57 31.23 27.79
CA ASN G 111 61.24 30.84 27.37
C ASN G 111 60.30 32.02 27.57
N VAL G 112 59.60 32.41 26.51
CA VAL G 112 58.80 33.64 26.53
C VAL G 112 57.31 33.35 26.70
N GLN G 113 56.95 32.13 27.09
CA GLN G 113 55.54 31.78 27.20
C GLN G 113 54.88 32.55 28.34
N ASP G 114 53.77 33.22 28.03
CA ASP G 114 52.97 33.88 29.03
C ASP G 114 52.03 32.86 29.66
N ARG G 115 51.91 32.92 30.99
CA ARG G 115 51.09 31.94 31.69
C ARG G 115 49.64 31.99 31.24
N ILE G 116 49.13 33.17 30.94
CA ILE G 116 47.76 33.37 30.49
C ILE G 116 47.83 34.02 29.13
N GLY G 117 47.19 33.41 28.14
CA GLY G 117 47.19 33.98 26.80
C GLY G 117 46.37 33.14 25.85
N ARG G 118 45.92 33.78 24.77
CA ARG G 118 45.18 33.11 23.72
C ARG G 118 46.04 32.99 22.48
N PRO G 119 46.38 31.78 22.05
CA PRO G 119 47.16 31.63 20.81
C PRO G 119 46.49 32.36 19.65
N SER G 120 47.28 33.13 18.90
CA SER G 120 46.72 33.95 17.84
C SER G 120 46.37 33.10 16.63
N GLU G 121 45.44 33.61 15.82
CA GLU G 121 44.95 32.85 14.67
C GLU G 121 46.02 32.72 13.59
N THR G 122 46.70 33.81 13.25
CA THR G 122 47.70 33.77 12.19
C THR G 122 49.08 33.35 12.69
N GLY G 123 49.17 32.82 13.91
CA GLY G 123 50.39 32.19 14.38
C GLY G 123 51.45 33.13 14.93
N ILE G 124 52.53 32.51 15.40
CA ILE G 124 53.65 33.25 15.96
C ILE G 124 54.24 34.14 14.87
N ILE G 125 54.46 35.41 15.19
CA ILE G 125 55.18 36.33 14.32
C ILE G 125 56.37 36.89 15.07
N GLY G 126 57.52 36.92 14.41
CA GLY G 126 58.71 37.51 14.97
C GLY G 126 59.35 38.49 14.01
N ILE G 127 59.67 39.69 14.52
CA ILE G 127 60.25 40.75 13.72
C ILE G 127 61.33 41.40 14.59
N ILE G 128 62.31 42.03 13.94
CA ILE G 128 63.40 42.68 14.65
C ILE G 128 63.57 44.09 14.11
N ASP G 129 63.81 45.02 15.02
CA ASP G 129 63.92 46.43 14.68
C ASP G 129 65.07 46.66 13.70
N PRO G 130 64.93 47.61 12.77
CA PRO G 130 66.06 47.90 11.87
C PRO G 130 67.31 48.33 12.61
N GLU G 131 67.16 48.95 13.77
CA GLU G 131 68.29 49.34 14.60
C GLU G 131 68.70 48.26 15.60
N CYS G 132 68.15 47.05 15.46
CA CYS G 132 68.46 45.96 16.39
C CYS G 132 68.35 46.44 17.84
N ARG G 133 67.31 47.23 18.10
CA ARG G 133 67.01 47.72 19.44
C ARG G 133 66.15 46.75 20.22
N MET G 134 65.35 45.94 19.55
CA MET G 134 64.43 45.04 20.23
C MET G 134 63.99 43.94 19.28
N ILE G 135 63.44 42.88 19.87
CA ILE G 135 62.75 41.82 19.14
C ILE G 135 61.26 41.92 19.47
N GLY G 136 60.44 42.06 18.45
CA GLY G 136 58.99 42.06 18.61
C GLY G 136 58.41 40.68 18.33
N LEU G 137 57.51 40.26 19.22
CA LEU G 137 56.82 38.98 19.07
C LEU G 137 55.32 39.17 19.17
N ARG G 138 54.57 38.60 18.23
CA ARG G 138 53.11 38.54 18.33
C ARG G 138 52.76 37.08 18.64
N LEU G 139 52.60 36.79 19.93
CA LEU G 139 52.28 35.44 20.36
C LEU G 139 50.80 35.23 20.67
N TYR G 140 50.15 36.22 21.26
CA TYR G 140 48.78 36.07 21.72
C TYR G 140 47.93 37.23 21.21
N ASP G 141 46.64 36.94 21.01
CA ASP G 141 45.71 37.99 20.64
C ASP G 141 45.75 39.09 21.70
N GLY G 142 45.78 40.34 21.25
CA GLY G 142 45.73 41.46 22.17
C GLY G 142 47.02 41.79 22.88
N LEU G 143 48.12 41.10 22.58
CA LEU G 143 49.38 41.37 23.24
C LEU G 143 50.55 41.41 22.27
N PHE G 144 51.44 42.37 22.52
CA PHE G 144 52.70 42.52 21.79
C PHE G 144 53.84 42.41 22.80
N LYS G 145 54.74 41.47 22.58
CA LYS G 145 55.84 41.20 23.50
C LYS G 145 57.14 41.81 22.96
N VAL G 146 57.88 42.50 23.82
CA VAL G 146 59.13 43.13 23.44
C VAL G 146 60.27 42.51 24.25
N ILE G 147 61.26 41.95 23.56
CA ILE G 147 62.52 41.56 24.17
C ILE G 147 63.54 42.68 23.82
N PRO G 148 63.94 43.50 24.77
CA PRO G 148 64.93 44.54 24.44
C PRO G 148 66.31 43.92 24.19
N LEU G 149 66.98 44.42 23.16
CA LEU G 149 68.29 43.88 22.76
C LEU G 149 69.41 44.62 23.49
N ASP G 150 69.44 44.41 24.80
CA ASP G 150 70.54 44.87 25.64
C ASP G 150 71.63 43.79 25.64
N ARG G 151 72.89 44.24 25.75
CA ARG G 151 73.98 43.26 25.75
C ARG G 151 73.89 42.32 26.94
N ASP G 152 73.32 42.79 28.06
CA ASP G 152 73.25 42.00 29.27
C ASP G 152 72.01 41.11 29.35
N ASN G 153 71.07 41.24 28.42
CA ASN G 153 69.80 40.50 28.48
C ASN G 153 70.01 39.07 27.98
N LYS G 154 70.86 38.33 28.69
CA LYS G 154 71.19 36.96 28.34
C LYS G 154 70.10 35.96 28.74
N GLU G 155 69.13 36.37 29.55
CA GLU G 155 67.96 35.55 29.84
C GLU G 155 66.75 35.91 28.99
N LEU G 156 66.90 36.85 28.05
CA LEU G 156 65.83 37.27 27.15
C LEU G 156 64.57 37.64 27.93
N LYS G 157 64.74 38.43 28.99
CA LYS G 157 63.58 38.93 29.72
C LYS G 157 62.79 39.88 28.83
N ALA G 158 61.47 39.85 28.99
CA ALA G 158 60.60 40.61 28.11
C ALA G 158 59.37 41.10 28.84
N PHE G 159 58.72 42.11 28.26
CA PHE G 159 57.52 42.71 28.82
C PHE G 159 56.45 42.75 27.74
N ASN G 160 55.19 42.83 28.17
CA ASN G 160 54.07 42.90 27.25
C ASN G 160 53.50 44.31 27.22
N ILE G 161 53.12 44.76 26.03
CA ILE G 161 52.39 46.00 25.81
C ILE G 161 50.98 45.62 25.38
N ARG G 162 49.98 46.15 26.07
CA ARG G 162 48.60 45.88 25.66
C ARG G 162 48.38 46.36 24.24
N LEU G 163 47.69 45.55 23.45
CA LEU G 163 47.42 45.82 22.05
C LEU G 163 45.90 45.92 21.92
N GLU G 164 45.44 47.10 21.51
CA GLU G 164 43.99 47.32 21.42
C GLU G 164 43.36 46.41 20.38
N GLU G 165 44.01 46.26 19.24
CA GLU G 165 43.50 45.45 18.12
C GLU G 165 43.73 43.98 18.41
N LEU G 166 42.65 43.24 18.66
CA LEU G 166 42.79 41.86 19.11
C LEU G 166 43.19 40.92 18.00
N HIS G 167 42.65 41.12 16.80
CA HIS G 167 42.86 40.19 15.69
C HIS G 167 43.84 40.84 14.70
N VAL G 168 45.12 40.55 14.86
CA VAL G 168 46.16 41.08 13.99
C VAL G 168 46.53 40.03 12.95
N ILE G 169 46.66 40.47 11.71
CA ILE G 169 46.99 39.57 10.61
C ILE G 169 48.49 39.43 10.42
N ASP G 170 49.21 40.54 10.29
CA ASP G 170 50.65 40.51 10.10
C ASP G 170 51.24 41.83 10.58
N VAL G 171 52.53 41.80 10.92
CA VAL G 171 53.22 42.98 11.43
C VAL G 171 54.68 42.96 11.00
N LYS G 172 55.23 44.17 10.83
CA LYS G 172 56.63 44.40 10.52
C LYS G 172 57.07 45.67 11.22
N PHE G 173 58.36 45.77 11.53
CA PHE G 173 58.96 47.05 11.91
C PHE G 173 59.18 47.87 10.65
N LEU G 174 59.00 49.18 10.75
CA LEU G 174 59.15 50.03 9.57
C LEU G 174 60.56 50.61 9.51
N TYR G 175 61.00 50.91 8.28
CA TYR G 175 62.28 51.55 8.03
C TYR G 175 62.07 53.06 7.94
N GLY G 176 63.12 53.81 8.27
CA GLY G 176 63.10 55.24 8.04
C GLY G 176 62.32 56.04 9.05
N CYS G 177 62.25 55.59 10.29
CA CYS G 177 61.44 56.23 11.29
C CYS G 177 62.28 56.83 12.41
N GLN G 178 61.78 57.95 12.94
CA GLN G 178 62.48 58.69 13.97
C GLN G 178 62.59 57.87 15.25
N ALA G 179 61.62 57.00 15.51
CA ALA G 179 61.60 56.05 16.60
C ALA G 179 61.27 54.66 16.08
N PRO G 180 61.57 53.60 16.85
CA PRO G 180 61.12 52.25 16.46
C PRO G 180 59.61 52.19 16.29
N THR G 181 59.17 51.78 15.10
CA THR G 181 57.76 51.79 14.72
C THR G 181 57.34 50.46 14.10
N ILE G 182 56.12 50.01 14.46
CA ILE G 182 55.51 48.82 13.86
C ILE G 182 54.33 49.23 12.99
N CYS G 183 54.17 48.52 11.86
CA CYS G 183 53.04 48.68 10.96
C CYS G 183 52.35 47.33 10.83
N PHE G 184 51.03 47.29 11.00
CA PHE G 184 50.34 46.01 10.95
C PHE G 184 48.96 46.15 10.33
N VAL G 185 48.49 45.05 9.75
CA VAL G 185 47.12 44.93 9.28
C VAL G 185 46.36 44.11 10.30
N TYR G 186 45.17 44.56 10.66
CA TYR G 186 44.33 43.91 11.65
C TYR G 186 42.92 43.83 11.11
N GLN G 187 42.13 42.96 11.72
CA GLN G 187 40.75 42.77 11.31
C GLN G 187 39.83 42.96 12.50
N ASP G 188 38.79 43.74 12.29
CA ASP G 188 37.73 43.97 13.26
C ASP G 188 36.42 43.88 12.47
N PRO G 189 35.26 44.07 13.10
CA PRO G 189 34.00 43.90 12.36
C PRO G 189 33.83 44.87 11.20
N GLN G 190 34.61 45.95 11.16
CA GLN G 190 34.45 47.00 10.16
C GLN G 190 35.29 46.77 8.90
N GLY G 191 35.89 45.59 8.75
CA GLY G 191 36.79 45.31 7.66
C GLY G 191 38.21 45.14 8.15
N ARG G 192 39.15 45.26 7.22
CA ARG G 192 40.56 45.24 7.57
C ARG G 192 41.17 46.63 7.44
N HIS G 193 42.13 46.90 8.33
CA HIS G 193 42.76 48.20 8.38
C HIS G 193 44.25 48.06 8.61
N VAL G 194 44.99 49.09 8.20
CA VAL G 194 46.40 49.21 8.51
C VAL G 194 46.55 50.34 9.52
N LYS G 195 47.52 50.19 10.41
CA LYS G 195 47.70 51.12 11.53
C LYS G 195 49.15 51.07 11.99
N THR G 196 49.60 52.15 12.60
CA THR G 196 50.97 52.23 13.10
C THR G 196 51.00 52.62 14.56
N TYR G 197 52.05 52.15 15.25
CA TYR G 197 52.36 52.57 16.60
C TYR G 197 53.86 52.81 16.69
N GLU G 198 54.27 53.60 17.69
CA GLU G 198 55.67 53.73 18.06
C GLU G 198 55.88 52.97 19.37
N VAL G 199 57.03 52.31 19.49
CA VAL G 199 57.36 51.47 20.64
C VAL G 199 58.39 52.22 21.48
N SER G 200 58.07 52.46 22.75
CA SER G 200 58.98 53.11 23.68
C SER G 200 59.50 52.07 24.66
N LEU G 201 60.78 51.72 24.52
CA LEU G 201 61.38 50.79 25.48
C LEU G 201 61.42 51.40 26.88
N ARG G 202 61.53 52.73 26.96
CA ARG G 202 61.63 53.40 28.25
C ARG G 202 60.29 53.38 28.99
N GLU G 203 59.22 53.75 28.30
CA GLU G 203 57.90 53.80 28.93
C GLU G 203 57.22 52.45 28.96
N LYS G 204 57.67 51.50 28.14
CA LYS G 204 57.05 50.18 28.02
C LYS G 204 55.57 50.30 27.61
N GLU G 205 55.33 51.05 26.54
CA GLU G 205 53.99 51.17 25.97
C GLU G 205 54.08 51.73 24.56
N PHE G 206 52.94 51.69 23.87
CA PHE G 206 52.83 52.28 22.53
C PHE G 206 52.51 53.76 22.64
N ASN G 207 53.00 54.52 21.66
CA ASN G 207 52.62 55.90 21.46
C ASN G 207 51.98 56.03 20.08
N LYS G 208 51.26 57.13 19.86
CA LYS G 208 50.62 57.32 18.57
C LYS G 208 51.63 57.13 17.45
N GLY G 209 51.21 56.42 16.41
CA GLY G 209 52.11 56.05 15.32
C GLY G 209 52.28 57.18 14.32
N PRO G 210 53.31 57.03 13.49
CA PRO G 210 53.65 58.13 12.56
C PRO G 210 52.55 58.49 11.57
N TRP G 211 51.73 57.52 11.12
CA TRP G 211 50.67 57.91 10.20
C TRP G 211 49.36 57.19 10.51
N LYS G 212 48.29 57.80 9.99
CA LYS G 212 46.92 57.44 10.29
C LYS G 212 46.58 56.08 9.71
N GLN G 213 45.37 55.64 10.03
CA GLN G 213 44.86 54.39 9.51
C GLN G 213 44.26 54.55 8.11
N GLU G 214 44.36 53.47 7.34
CA GLU G 214 43.71 53.31 6.06
C GLU G 214 42.94 52.00 6.09
N ASN G 215 41.77 52.00 5.46
CA ASN G 215 41.04 50.77 5.18
C ASN G 215 41.76 49.99 4.09
N VAL G 216 41.84 48.67 4.24
CA VAL G 216 42.56 47.84 3.29
C VAL G 216 41.65 46.72 2.78
N GLU G 217 42.14 46.05 1.73
CA GLU G 217 41.42 44.92 1.14
C GLU G 217 40.91 43.98 2.22
N ALA G 218 39.71 43.43 2.00
CA ALA G 218 39.13 42.52 2.99
C ALA G 218 40.04 41.34 3.28
N GLU G 219 40.84 40.92 2.29
CA GLU G 219 41.77 39.82 2.45
C GLU G 219 43.22 40.24 2.44
N ALA G 220 43.51 41.47 2.88
CA ALA G 220 44.90 41.89 3.04
C ALA G 220 45.65 40.88 3.92
N SER G 221 46.68 40.25 3.34
CA SER G 221 47.36 39.14 4.00
C SER G 221 48.76 39.45 4.49
N MET G 222 49.60 40.17 3.73
CA MET G 222 50.99 40.31 4.09
C MET G 222 51.42 41.77 4.12
N VAL G 223 52.33 42.08 5.04
CA VAL G 223 52.89 43.41 5.24
C VAL G 223 54.37 43.36 4.87
N ILE G 224 54.81 44.28 4.01
CA ILE G 224 56.19 44.37 3.57
C ILE G 224 56.73 45.72 3.97
N ALA G 225 57.88 45.73 4.65
CA ALA G 225 58.54 46.97 5.06
C ALA G 225 59.50 47.44 3.97
N VAL G 226 59.15 48.54 3.31
CA VAL G 226 59.99 49.06 2.22
C VAL G 226 61.22 49.72 2.81
N PRO G 227 62.41 49.58 2.18
CA PRO G 227 63.64 50.11 2.80
C PRO G 227 63.72 51.62 2.80
N GLU G 228 64.83 52.13 3.33
CA GLU G 228 64.96 53.58 3.54
C GLU G 228 64.72 54.42 2.28
N PRO G 229 65.19 54.05 1.10
CA PRO G 229 65.00 54.97 -0.05
C PRO G 229 63.55 55.33 -0.30
N PHE G 230 62.62 54.39 -0.20
CA PHE G 230 61.21 54.68 -0.33
C PHE G 230 60.53 54.86 1.02
N GLY G 231 60.79 53.95 1.96
CA GLY G 231 60.14 53.97 3.26
C GLY G 231 58.73 53.43 3.16
N GLY G 232 58.05 53.41 4.31
CA GLY G 232 56.66 52.98 4.34
C GLY G 232 56.52 51.47 4.22
N ALA G 233 55.34 51.05 3.76
CA ALA G 233 55.02 49.63 3.68
C ALA G 233 54.15 49.34 2.47
N ILE G 234 54.23 48.09 1.99
CA ILE G 234 53.36 47.56 0.94
C ILE G 234 52.49 46.47 1.56
N ILE G 235 51.21 46.44 1.17
CA ILE G 235 50.25 45.48 1.71
C ILE G 235 49.67 44.66 0.56
N ILE G 236 49.90 43.35 0.62
CA ILE G 236 49.50 42.41 -0.42
C ILE G 236 48.16 41.79 -0.03
N GLY G 237 47.23 41.75 -0.97
CA GLY G 237 45.95 41.10 -0.75
C GLY G 237 45.69 39.99 -1.74
N GLN G 238 44.42 39.70 -2.00
CA GLN G 238 44.04 38.75 -3.04
C GLN G 238 43.86 39.43 -4.39
N GLU G 239 43.33 40.65 -4.40
CA GLU G 239 43.06 41.38 -5.63
C GLU G 239 43.95 42.59 -5.84
N SER G 240 44.52 43.16 -4.78
CA SER G 240 45.22 44.43 -4.91
C SER G 240 46.50 44.43 -4.09
N ILE G 241 47.44 45.27 -4.53
CA ILE G 241 48.67 45.58 -3.81
C ILE G 241 48.70 47.09 -3.57
N THR G 242 48.94 47.50 -2.33
CA THR G 242 48.88 48.91 -1.96
C THR G 242 50.12 49.34 -1.18
N TYR G 243 50.49 50.60 -1.39
CA TYR G 243 51.60 51.24 -0.71
C TYR G 243 51.06 52.35 0.19
N HIS G 244 51.57 52.40 1.42
CA HIS G 244 51.14 53.37 2.42
C HIS G 244 52.36 54.03 3.03
N ASN G 245 52.33 55.36 3.13
CA ASN G 245 53.37 56.07 3.84
C ASN G 245 52.95 57.51 4.09
N GLY G 246 52.38 57.77 5.27
CA GLY G 246 51.88 59.09 5.61
C GLY G 246 50.79 59.54 4.65
N ASP G 247 51.08 60.55 3.84
CA ASP G 247 50.12 61.08 2.89
C ASP G 247 50.11 60.32 1.57
N LYS G 248 51.16 59.56 1.28
CA LYS G 248 51.26 58.86 0.01
C LYS G 248 50.48 57.55 0.09
N TYR G 249 49.75 57.27 -1.00
CA TYR G 249 48.98 56.03 -1.13
C TYR G 249 48.99 55.65 -2.61
N LEU G 250 49.39 54.42 -2.89
CA LEU G 250 49.31 53.86 -4.24
C LEU G 250 48.49 52.59 -4.15
N ALA G 251 47.86 52.22 -5.26
CA ALA G 251 47.12 50.96 -5.31
C ALA G 251 47.10 50.47 -6.75
N ILE G 252 47.62 49.26 -6.95
CA ILE G 252 47.52 48.56 -8.23
C ILE G 252 46.79 47.25 -7.99
N ALA G 253 45.85 46.93 -8.87
CA ALA G 253 44.98 45.75 -8.73
C ALA G 253 44.94 45.02 -10.06
N PRO G 254 46.04 44.36 -10.43
CA PRO G 254 46.11 43.66 -11.73
C PRO G 254 45.28 42.40 -11.73
N PRO G 255 44.57 42.11 -12.82
CA PRO G 255 43.65 40.95 -12.81
C PRO G 255 44.36 39.63 -12.63
N ILE G 256 45.68 39.59 -12.85
CA ILE G 256 46.40 38.32 -12.89
C ILE G 256 46.62 37.75 -11.49
N ILE G 257 46.87 38.60 -10.50
CA ILE G 257 47.14 38.08 -9.16
C ILE G 257 45.86 37.54 -8.55
N LYS G 258 44.69 38.02 -9.00
CA LYS G 258 43.42 37.51 -8.52
C LYS G 258 43.24 36.03 -8.79
N GLN G 259 43.95 35.48 -9.78
CA GLN G 259 43.75 34.09 -10.15
C GLN G 259 44.21 33.16 -9.03
N SER G 260 45.29 33.50 -8.34
CA SER G 260 45.83 32.67 -7.27
C SER G 260 46.38 33.53 -6.14
N THR G 261 46.11 33.11 -4.91
CA THR G 261 46.52 33.85 -3.73
C THR G 261 48.04 33.94 -3.64
N ILE G 262 48.55 35.13 -3.32
CA ILE G 262 49.98 35.35 -3.15
C ILE G 262 50.34 35.02 -1.70
N VAL G 263 51.35 34.17 -1.50
CA VAL G 263 51.64 33.65 -0.18
C VAL G 263 53.03 33.99 0.34
N CYS G 264 53.98 34.42 -0.51
CA CYS G 264 55.33 34.68 -0.04
C CYS G 264 55.89 35.95 -0.67
N HIS G 265 56.80 36.59 0.07
CA HIS G 265 57.45 37.80 -0.41
C HIS G 265 58.91 37.82 0.01
N ASN G 266 59.74 38.46 -0.81
CA ASN G 266 61.15 38.67 -0.56
C ASN G 266 61.57 39.94 -1.29
N ARG G 267 62.68 40.52 -0.83
CA ARG G 267 63.25 41.72 -1.40
C ARG G 267 64.42 41.37 -2.31
N VAL G 268 64.40 41.85 -3.55
CA VAL G 268 65.52 41.63 -4.46
C VAL G 268 66.56 42.74 -4.33
N ASP G 269 66.13 44.00 -4.38
CA ASP G 269 67.06 45.12 -4.36
C ASP G 269 67.11 45.76 -2.99
N PRO G 270 68.28 45.80 -2.32
CA PRO G 270 68.34 46.48 -1.02
C PRO G 270 67.76 47.88 -1.04
N ASN G 271 67.76 48.56 -2.19
CA ASN G 271 67.17 49.89 -2.24
C ASN G 271 65.65 49.84 -2.25
N GLY G 272 65.08 48.63 -2.35
CA GLY G 272 63.65 48.43 -2.29
C GLY G 272 62.91 48.54 -3.60
N SER G 273 63.63 48.67 -4.73
CA SER G 273 62.96 48.85 -6.00
C SER G 273 62.22 47.60 -6.44
N ARG G 274 62.76 46.42 -6.16
CA ARG G 274 62.23 45.17 -6.72
C ARG G 274 62.00 44.15 -5.62
N TYR G 275 60.83 43.50 -5.67
CA TYR G 275 60.44 42.45 -4.74
C TYR G 275 59.98 41.21 -5.52
N LEU G 276 60.03 40.06 -4.85
CA LEU G 276 59.54 38.80 -5.41
C LEU G 276 58.20 38.42 -4.78
N LEU G 277 57.28 37.92 -5.62
CA LEU G 277 55.97 37.47 -5.19
C LEU G 277 55.69 36.07 -5.72
N GLY G 278 55.16 35.21 -4.87
CA GLY G 278 54.80 33.84 -5.26
C GLY G 278 53.35 33.50 -4.95
N ASP G 279 52.78 32.49 -5.62
CA ASP G 279 51.37 32.17 -5.41
C ASP G 279 51.14 30.67 -5.32
N MET G 280 49.92 30.31 -4.89
CA MET G 280 49.58 28.91 -4.63
C MET G 280 49.53 28.06 -5.90
N GLU G 281 49.48 28.66 -7.08
CA GLU G 281 49.54 27.91 -8.33
C GLU G 281 50.96 27.75 -8.85
N GLY G 282 51.95 28.20 -8.07
CA GLY G 282 53.34 28.08 -8.43
C GLY G 282 53.92 29.21 -9.24
N ARG G 283 53.17 30.26 -9.50
CA ARG G 283 53.61 31.37 -10.33
C ARG G 283 54.52 32.31 -9.54
N LEU G 284 55.55 32.81 -10.21
CA LEU G 284 56.51 33.75 -9.63
C LEU G 284 56.37 35.10 -10.32
N PHE G 285 56.15 36.15 -9.52
CA PHE G 285 56.00 37.50 -10.04
C PHE G 285 57.14 38.38 -9.55
N MET G 286 57.37 39.47 -10.27
CA MET G 286 58.26 40.54 -9.84
C MET G 286 57.41 41.78 -9.57
N LEU G 287 57.53 42.33 -8.36
CA LEU G 287 56.88 43.57 -7.98
C LEU G 287 57.88 44.70 -8.11
N LEU G 288 57.54 45.70 -8.94
CA LEU G 288 58.46 46.79 -9.25
C LEU G 288 57.92 48.10 -8.68
N LEU G 289 58.80 48.85 -8.03
CA LEU G 289 58.50 50.18 -7.50
C LEU G 289 59.10 51.20 -8.45
N GLU G 290 58.25 51.97 -9.12
CA GLU G 290 58.72 52.87 -10.17
C GLU G 290 59.36 54.11 -9.57
N LYS G 291 60.64 54.31 -9.90
CA LYS G 291 61.40 55.44 -9.42
C LYS G 291 61.24 56.60 -10.40
N GLU G 292 61.28 57.81 -9.86
CA GLU G 292 61.27 59.04 -10.65
C GLU G 292 62.37 59.92 -10.06
N GLU G 293 63.33 60.31 -10.88
CA GLU G 293 64.49 61.07 -10.43
C GLU G 293 64.15 62.55 -10.36
N GLN G 294 64.33 63.13 -9.17
CA GLN G 294 64.12 64.55 -8.95
C GLN G 294 65.43 65.31 -9.15
N MET G 295 65.31 66.62 -9.34
CA MET G 295 66.49 67.48 -9.48
C MET G 295 67.29 67.58 -8.19
N ASP G 296 66.69 67.25 -7.05
CA ASP G 296 67.41 67.19 -5.79
C ASP G 296 68.51 66.15 -5.82
N GLY G 297 68.43 65.19 -6.75
CA GLY G 297 69.20 63.98 -6.70
C GLY G 297 68.50 62.86 -5.99
N THR G 298 67.30 63.10 -5.48
CA THR G 298 66.46 62.12 -4.81
C THR G 298 65.44 61.49 -5.75
N VAL G 299 64.87 60.38 -5.29
CA VAL G 299 63.93 59.56 -6.03
C VAL G 299 62.60 59.51 -5.29
N THR G 300 61.50 59.62 -6.04
CA THR G 300 60.15 59.49 -5.49
C THR G 300 59.45 58.28 -6.09
N LEU G 301 58.39 57.82 -5.44
CA LEU G 301 57.65 56.64 -5.87
C LEU G 301 56.43 57.07 -6.69
N LYS G 302 56.46 56.71 -7.97
CA LYS G 302 55.43 57.08 -8.94
C LYS G 302 54.30 56.06 -8.99
N ASP G 303 54.63 54.78 -9.14
CA ASP G 303 53.61 53.75 -9.32
C ASP G 303 54.22 52.38 -9.00
N LEU G 304 53.36 51.36 -9.01
CA LEU G 304 53.77 49.99 -8.79
C LEU G 304 53.45 49.12 -9.99
N ARG G 305 54.27 48.10 -10.20
CA ARG G 305 54.08 47.19 -11.33
C ARG G 305 54.31 45.74 -10.88
N VAL G 306 53.55 44.83 -11.48
CA VAL G 306 53.67 43.40 -11.25
C VAL G 306 53.91 42.73 -12.61
N GLU G 307 54.93 41.88 -12.68
CA GLU G 307 55.31 41.18 -13.91
C GLU G 307 55.46 39.70 -13.63
N LEU G 308 54.81 38.87 -14.46
CA LEU G 308 54.91 37.43 -14.29
C LEU G 308 56.23 36.93 -14.89
N LEU G 309 57.00 36.21 -14.09
CA LEU G 309 58.26 35.67 -14.57
C LEU G 309 58.12 34.24 -15.09
N GLY G 310 57.39 33.40 -14.36
CA GLY G 310 57.23 32.00 -14.74
C GLY G 310 56.70 31.19 -13.56
N GLU G 311 57.10 29.91 -13.53
CA GLU G 311 56.66 28.96 -12.52
C GLU G 311 57.84 28.39 -11.75
N THR G 312 57.65 28.22 -10.43
CA THR G 312 58.55 27.48 -9.56
C THR G 312 57.70 26.41 -8.86
N SER G 313 58.32 25.62 -7.99
CA SER G 313 57.50 24.77 -7.13
C SER G 313 56.65 25.66 -6.22
N ILE G 314 55.49 25.15 -5.80
CA ILE G 314 54.70 25.92 -4.84
C ILE G 314 55.60 26.23 -3.66
N ALA G 315 55.77 27.51 -3.34
CA ALA G 315 56.86 27.95 -2.48
C ALA G 315 56.32 28.49 -1.17
N GLU G 316 56.79 27.93 -0.06
CA GLU G 316 56.53 28.52 1.25
C GLU G 316 57.36 29.77 1.47
N CYS G 317 58.66 29.71 1.16
CA CYS G 317 59.56 30.82 1.37
C CYS G 317 60.29 31.08 0.05
N LEU G 318 60.53 32.36 -0.24
CA LEU G 318 61.38 32.78 -1.34
C LEU G 318 62.56 33.55 -0.76
N THR G 319 63.74 33.37 -1.36
CA THR G 319 64.88 34.18 -0.97
C THR G 319 65.80 34.35 -2.16
N TYR G 320 66.09 35.59 -2.51
CA TYR G 320 67.03 35.91 -3.58
C TYR G 320 68.48 35.86 -3.10
N LEU G 321 69.32 35.21 -3.88
CA LEU G 321 70.76 35.12 -3.68
C LEU G 321 71.43 36.03 -4.71
N ASP G 322 72.74 36.22 -4.59
CA ASP G 322 73.42 37.05 -5.58
C ASP G 322 73.45 36.38 -6.95
N ASN G 323 73.55 37.22 -7.99
CA ASN G 323 73.70 36.83 -9.39
C ASN G 323 72.47 36.09 -9.96
N GLY G 324 71.29 36.68 -9.75
CA GLY G 324 70.09 36.21 -10.39
C GLY G 324 69.56 34.87 -9.96
N VAL G 325 70.13 34.27 -8.92
CA VAL G 325 69.77 32.92 -8.47
C VAL G 325 68.77 33.07 -7.33
N VAL G 326 67.69 32.30 -7.37
CA VAL G 326 66.68 32.34 -6.33
C VAL G 326 66.53 30.95 -5.74
N PHE G 327 66.49 30.88 -4.40
CA PHE G 327 66.18 29.65 -3.72
C PHE G 327 64.68 29.62 -3.43
N VAL G 328 64.05 28.54 -3.86
CA VAL G 328 62.62 28.31 -3.68
C VAL G 328 62.43 27.20 -2.66
N GLY G 329 61.94 27.58 -1.46
CA GLY G 329 61.67 26.62 -0.42
C GLY G 329 60.23 26.22 -0.41
N SER G 330 59.96 24.93 -0.61
CA SER G 330 58.62 24.40 -0.75
C SER G 330 58.31 23.39 0.34
N ARG G 331 57.09 23.49 0.89
CA ARG G 331 56.57 22.51 1.82
C ARG G 331 55.72 21.47 1.11
N LEU G 332 55.10 21.86 -0.01
CA LEU G 332 54.23 20.97 -0.75
C LEU G 332 54.91 20.25 -1.90
N GLY G 333 56.09 20.70 -2.31
CA GLY G 333 56.80 20.08 -3.41
C GLY G 333 58.30 20.16 -3.26
N ASP G 334 59.04 19.75 -4.30
CA ASP G 334 60.49 19.78 -4.23
C ASP G 334 61.01 21.21 -4.21
N SER G 335 61.97 21.48 -3.33
CA SER G 335 62.59 22.79 -3.28
C SER G 335 63.65 22.90 -4.37
N GLN G 336 64.05 24.13 -4.66
CA GLN G 336 64.89 24.31 -5.83
C GLN G 336 65.67 25.61 -5.76
N LEU G 337 66.76 25.65 -6.55
CA LEU G 337 67.39 26.87 -7.01
C LEU G 337 66.96 27.13 -8.46
N VAL G 338 66.63 28.38 -8.77
CA VAL G 338 66.26 28.76 -10.12
C VAL G 338 67.09 29.95 -10.56
N LYS G 339 67.24 30.05 -11.89
CA LYS G 339 67.95 31.15 -12.53
C LYS G 339 66.90 32.13 -13.05
N LEU G 340 67.02 33.39 -12.65
CA LEU G 340 66.17 34.43 -13.19
C LEU G 340 66.93 35.09 -14.34
N ASN G 341 66.35 35.04 -15.52
CA ASN G 341 67.00 35.57 -16.72
C ASN G 341 66.34 36.86 -17.18
N VAL G 342 67.16 37.70 -17.80
CA VAL G 342 66.67 38.89 -18.47
C VAL G 342 65.94 38.48 -19.74
N ASP G 343 66.36 37.36 -20.32
CA ASP G 343 65.78 36.81 -21.53
C ASP G 343 64.71 35.79 -21.25
N SER G 344 63.61 35.87 -22.00
CA SER G 344 62.56 34.86 -21.94
C SER G 344 62.98 33.65 -22.78
N ASN G 345 62.48 32.47 -22.40
CA ASN G 345 62.77 31.26 -23.14
C ASN G 345 61.74 31.00 -24.23
N GLU G 346 61.80 29.81 -24.83
CA GLU G 346 60.97 29.50 -25.99
C GLU G 346 59.49 29.49 -25.65
N GLN G 347 59.14 29.37 -24.38
CA GLN G 347 57.75 29.39 -23.93
C GLN G 347 57.32 30.75 -23.39
N GLY G 348 58.23 31.71 -23.29
CA GLY G 348 57.93 33.01 -22.70
C GLY G 348 58.30 33.18 -21.25
N SER G 349 58.99 32.20 -20.64
CA SER G 349 59.33 32.23 -19.23
C SER G 349 60.74 32.76 -19.01
N TYR G 350 60.92 33.51 -17.92
CA TYR G 350 62.22 34.01 -17.51
C TYR G 350 62.87 33.16 -16.41
N VAL G 351 62.27 32.04 -16.05
CA VAL G 351 62.71 31.21 -14.93
C VAL G 351 63.23 29.87 -15.45
N VAL G 352 64.42 29.48 -15.01
CA VAL G 352 65.03 28.22 -15.40
C VAL G 352 65.56 27.50 -14.17
N ALA G 353 65.18 26.23 -14.02
CA ALA G 353 65.64 25.46 -12.87
C ALA G 353 67.12 25.15 -12.98
N MET G 354 67.83 25.34 -11.87
CA MET G 354 69.23 24.93 -11.76
C MET G 354 69.35 23.59 -11.05
N GLU G 355 68.86 23.52 -9.82
CA GLU G 355 68.96 22.33 -8.99
C GLU G 355 67.58 22.01 -8.44
N THR G 356 67.38 20.72 -8.15
CA THR G 356 66.14 20.24 -7.56
C THR G 356 66.51 19.47 -6.30
N PHE G 357 65.94 19.89 -5.18
CA PHE G 357 66.20 19.26 -3.90
C PHE G 357 64.98 18.41 -3.56
N THR G 358 65.20 17.11 -3.40
CA THR G 358 64.08 16.22 -3.15
C THR G 358 63.39 16.64 -1.85
N ASN G 359 62.08 16.86 -1.94
CA ASN G 359 61.23 17.10 -0.79
C ASN G 359 60.19 16.00 -0.81
N LEU G 360 60.24 15.12 0.19
CA LEU G 360 59.22 14.08 0.27
C LEU G 360 57.83 14.65 0.46
N GLY G 361 57.73 15.96 0.64
CA GLY G 361 56.46 16.66 0.66
C GLY G 361 55.54 16.11 1.72
N PRO G 362 54.29 16.55 1.72
CA PRO G 362 53.30 15.89 2.58
C PRO G 362 53.14 14.43 2.17
N ILE G 363 53.32 13.53 3.14
CA ILE G 363 53.17 12.10 2.89
C ILE G 363 51.74 11.74 3.29
N VAL G 364 50.83 11.77 2.31
CA VAL G 364 49.42 11.55 2.59
C VAL G 364 49.18 10.08 2.94
N ASP G 365 49.85 9.17 2.22
CA ASP G 365 49.72 7.74 2.45
C ASP G 365 50.99 7.05 1.98
N MET G 366 51.17 5.80 2.40
CA MET G 366 52.33 5.03 1.95
C MET G 366 52.10 3.54 2.20
N CYS G 367 52.74 2.71 1.38
CA CYS G 367 52.71 1.27 1.54
C CYS G 367 54.12 0.72 1.33
N VAL G 368 54.39 -0.44 1.92
CA VAL G 368 55.66 -1.13 1.78
C VAL G 368 55.45 -2.35 0.89
N VAL G 369 56.30 -2.50 -0.12
CA VAL G 369 56.24 -3.60 -1.08
C VAL G 369 57.65 -3.96 -1.47
N ASP G 370 57.95 -5.26 -1.43
CA ASP G 370 59.24 -5.78 -1.86
C ASP G 370 59.12 -6.23 -3.32
N LEU G 371 59.35 -5.29 -4.23
CA LEU G 371 59.27 -5.60 -5.66
C LEU G 371 60.32 -6.62 -6.05
N GLU G 372 61.51 -6.51 -5.47
CA GLU G 372 62.62 -7.39 -5.79
C GLU G 372 62.59 -8.71 -5.05
N ARG G 373 61.61 -8.92 -4.16
CA ARG G 373 61.52 -10.16 -3.37
C ARG G 373 62.84 -10.46 -2.67
N GLN G 374 63.60 -9.40 -2.38
CA GLN G 374 64.89 -9.50 -1.69
C GLN G 374 64.79 -9.62 -0.18
N GLY G 375 63.59 -9.70 0.39
CA GLY G 375 63.54 -9.70 1.83
C GLY G 375 63.74 -8.34 2.45
N GLN G 376 63.87 -7.31 1.61
CA GLN G 376 64.12 -5.95 2.07
C GLN G 376 62.85 -5.13 2.23
N GLY G 377 62.18 -4.84 1.12
CA GLY G 377 61.02 -3.98 1.15
C GLY G 377 61.33 -2.57 0.70
N GLN G 378 60.51 -2.05 -0.21
CA GLN G 378 60.60 -0.67 -0.66
C GLN G 378 59.36 0.08 -0.19
N LEU G 379 59.51 1.39 0.05
CA LEU G 379 58.44 2.23 0.57
C LEU G 379 57.91 3.09 -0.57
N VAL G 380 56.62 2.94 -0.88
CA VAL G 380 55.96 3.74 -1.91
C VAL G 380 55.01 4.71 -1.24
N THR G 381 55.25 6.01 -1.44
CA THR G 381 54.54 7.06 -0.74
C THR G 381 53.71 7.91 -1.71
N CYS G 382 52.54 8.36 -1.24
CA CYS G 382 51.79 9.42 -1.90
C CYS G 382 52.29 10.78 -1.40
N SER G 383 53.01 11.51 -2.25
CA SER G 383 53.69 12.71 -1.77
C SER G 383 53.38 13.94 -2.61
N GLY G 384 53.36 15.09 -1.93
CA GLY G 384 53.11 16.36 -2.58
C GLY G 384 51.62 16.65 -2.72
N ALA G 385 51.33 17.87 -3.19
CA ALA G 385 49.95 18.25 -3.47
C ALA G 385 49.91 19.10 -4.72
N PHE G 386 48.76 19.04 -5.40
CA PHE G 386 48.46 19.83 -6.59
C PHE G 386 49.55 19.53 -7.64
N LYS G 387 50.15 20.55 -8.28
CA LYS G 387 51.11 20.32 -9.33
C LYS G 387 52.32 19.54 -8.86
N GLU G 388 52.69 19.66 -7.58
CA GLU G 388 53.86 18.99 -7.04
C GLU G 388 53.57 17.56 -6.60
N GLY G 389 52.33 17.10 -6.75
CA GLY G 389 51.99 15.76 -6.32
C GLY G 389 52.83 14.72 -7.03
N SER G 390 53.27 13.72 -6.28
CA SER G 390 54.18 12.71 -6.81
C SER G 390 54.04 11.42 -6.02
N LEU G 391 54.55 10.35 -6.62
CA LEU G 391 54.77 9.05 -5.98
C LEU G 391 56.27 8.89 -5.78
N ARG G 392 56.68 8.46 -4.58
CA ARG G 392 58.10 8.35 -4.25
C ARG G 392 58.46 6.93 -3.83
N ILE G 393 59.44 6.35 -4.53
CA ILE G 393 59.91 4.99 -4.25
C ILE G 393 61.22 5.09 -3.47
N ILE G 394 61.24 4.54 -2.26
CA ILE G 394 62.36 4.73 -1.32
C ILE G 394 62.92 3.38 -0.91
N ARG G 395 64.25 3.24 -1.04
CA ARG G 395 64.97 2.03 -0.65
C ARG G 395 66.32 2.34 -0.02
N ASN G 396 66.80 1.41 0.80
CA ASN G 396 68.11 1.53 1.43
C ASN G 396 69.21 1.12 0.45
N GLY G 397 70.27 1.93 0.39
CA GLY G 397 71.39 1.63 -0.49
C GLY G 397 72.31 0.64 0.22
N ILE G 398 72.57 -0.49 -0.45
CA ILE G 398 73.31 -1.59 0.17
C ILE G 398 74.54 -1.90 -0.67
N LYS G 409 72.83 6.07 2.97
CA LYS G 409 71.77 6.95 2.48
C LYS G 409 70.69 6.19 1.74
N LEU G 410 69.59 6.90 1.48
CA LEU G 410 68.43 6.37 0.79
C LEU G 410 68.42 6.71 -0.69
N HIS G 411 68.01 5.73 -1.50
CA HIS G 411 67.78 5.95 -2.91
C HIS G 411 66.29 6.22 -3.10
N ILE G 412 65.96 7.33 -3.75
CA ILE G 412 64.58 7.79 -3.89
C ILE G 412 64.31 7.98 -5.39
N ARG G 413 63.26 7.33 -5.88
CA ARG G 413 62.79 7.53 -7.25
C ARG G 413 61.51 8.37 -7.19
N THR G 414 61.38 9.31 -8.12
CA THR G 414 60.26 10.24 -8.14
C THR G 414 59.41 10.01 -9.38
N VAL G 415 58.11 9.81 -9.16
CA VAL G 415 57.14 9.61 -10.23
C VAL G 415 56.15 10.77 -10.19
N PRO G 416 56.29 11.77 -11.08
CA PRO G 416 55.37 12.91 -11.04
C PRO G 416 53.96 12.59 -11.52
N LEU G 417 52.98 13.13 -10.78
CA LEU G 417 51.57 12.98 -11.11
C LEU G 417 50.91 14.27 -11.56
N TYR G 418 51.42 15.43 -11.13
CA TYR G 418 50.86 16.74 -11.48
C TYR G 418 49.44 16.91 -10.95
N GLU G 419 48.98 16.00 -10.09
CA GLU G 419 47.73 16.12 -9.35
C GLU G 419 47.98 15.53 -7.96
N SER G 420 47.07 15.83 -7.05
CA SER G 420 47.28 15.43 -5.66
C SER G 420 47.09 13.92 -5.48
N PRO G 421 48.07 13.21 -4.92
CA PRO G 421 47.88 11.80 -4.58
C PRO G 421 47.27 11.71 -3.20
N ARG G 422 46.37 10.73 -3.01
CA ARG G 422 45.62 10.63 -1.77
C ARG G 422 45.87 9.33 -1.03
N LYS G 423 45.57 8.20 -1.63
CA LYS G 423 45.77 6.90 -0.98
C LYS G 423 46.46 5.99 -1.98
N ILE G 424 47.19 5.00 -1.47
CA ILE G 424 47.91 4.07 -2.32
C ILE G 424 47.72 2.66 -1.78
N CYS G 425 47.69 1.70 -2.70
CA CYS G 425 47.51 0.30 -2.35
C CYS G 425 48.17 -0.54 -3.43
N TYR G 426 48.86 -1.59 -3.00
CA TYR G 426 49.58 -2.47 -3.92
C TYR G 426 48.81 -3.75 -4.12
N GLN G 427 48.66 -4.16 -5.39
CA GLN G 427 47.95 -5.37 -5.79
C GLN G 427 48.91 -6.24 -6.58
N GLU G 428 49.50 -7.24 -5.93
CA GLU G 428 50.49 -8.07 -6.62
C GLU G 428 49.87 -8.79 -7.80
N VAL G 429 48.63 -9.28 -7.63
CA VAL G 429 47.99 -10.06 -8.69
C VAL G 429 48.05 -9.34 -10.03
N SER G 430 47.94 -8.01 -10.00
CA SER G 430 47.94 -7.22 -11.22
C SER G 430 49.26 -6.53 -11.48
N GLN G 431 50.27 -6.80 -10.66
CA GLN G 431 51.59 -6.17 -10.79
C GLN G 431 51.42 -4.66 -11.01
N CYS G 432 50.55 -4.08 -10.20
CA CYS G 432 50.22 -2.66 -10.32
C CYS G 432 49.94 -2.11 -8.93
N PHE G 433 50.01 -0.79 -8.82
CA PHE G 433 49.60 -0.08 -7.63
C PHE G 433 48.27 0.62 -7.93
N GLY G 434 47.41 0.71 -6.92
CA GLY G 434 46.25 1.56 -6.98
C GLY G 434 46.47 2.83 -6.21
N VAL G 435 46.20 3.96 -6.86
CA VAL G 435 46.39 5.29 -6.27
C VAL G 435 45.13 6.11 -6.50
N LEU G 436 44.60 6.69 -5.42
CA LEU G 436 43.50 7.63 -5.48
C LEU G 436 44.03 9.05 -5.63
N SER G 437 43.41 9.83 -6.50
CA SER G 437 43.94 11.14 -6.86
C SER G 437 42.83 12.18 -6.97
N SER G 438 43.22 13.45 -6.83
CA SER G 438 42.31 14.57 -7.02
C SER G 438 43.01 15.65 -7.84
N ARG G 439 42.30 16.20 -8.82
CA ARG G 439 42.79 17.31 -9.62
C ARG G 439 41.81 18.48 -9.51
N ILE G 440 42.32 19.69 -9.59
CA ILE G 440 41.51 20.90 -9.47
C ILE G 440 41.21 21.44 -10.86
N GLU G 441 39.92 21.54 -11.17
CA GLU G 441 39.38 22.20 -12.35
C GLU G 441 38.56 23.41 -11.88
N VAL G 442 38.27 24.31 -12.82
CA VAL G 442 37.59 25.55 -12.50
C VAL G 442 36.35 25.71 -13.38
N GLN G 443 35.27 26.16 -12.76
CA GLN G 443 34.01 26.39 -13.45
C GLN G 443 34.23 27.39 -14.57
N ASP G 444 33.94 27.01 -15.80
CA ASP G 444 34.23 27.87 -16.94
C ASP G 444 32.93 28.33 -17.59
N THR G 445 33.10 29.13 -18.65
CA THR G 445 31.98 29.81 -19.31
C THR G 445 31.05 28.86 -20.05
N SER G 446 31.48 27.64 -20.33
CA SER G 446 30.61 26.66 -20.97
C SER G 446 29.56 26.07 -20.03
N GLY G 447 29.64 26.37 -18.74
CA GLY G 447 28.86 25.70 -17.73
C GLY G 447 29.55 24.47 -17.18
N GLY G 448 30.50 23.91 -17.92
CA GLY G 448 31.34 22.85 -17.42
C GLY G 448 32.57 23.40 -16.73
N THR G 449 33.58 22.54 -16.62
CA THR G 449 34.82 22.90 -15.94
C THR G 449 36.00 22.65 -16.85
N THR G 450 37.11 23.31 -16.52
CA THR G 450 38.33 23.22 -17.31
C THR G 450 39.50 22.97 -16.38
N ALA G 451 40.33 21.98 -16.73
CA ALA G 451 41.52 21.69 -15.94
C ALA G 451 42.60 22.70 -16.27
N LEU G 452 43.33 23.13 -15.25
CA LEU G 452 44.34 24.17 -15.40
C LEU G 452 45.57 23.67 -16.12
N ARG G 453 45.83 22.36 -16.09
CA ARG G 453 47.01 21.74 -16.67
C ARG G 453 46.71 20.25 -16.81
N PRO G 454 47.38 19.54 -17.73
CA PRO G 454 47.19 18.09 -17.81
C PRO G 454 47.88 17.35 -16.66
N SER G 455 47.31 16.21 -16.28
CA SER G 455 47.84 15.43 -15.16
C SER G 455 47.48 13.96 -15.35
N ALA G 456 47.84 13.15 -14.34
CA ALA G 456 47.76 11.70 -14.47
C ALA G 456 46.39 11.21 -14.91
N SER G 457 45.32 11.80 -14.37
CA SER G 457 43.99 11.29 -14.71
C SER G 457 43.60 11.60 -16.14
N THR G 458 44.19 12.61 -16.76
CA THR G 458 43.89 12.95 -18.13
C THR G 458 44.84 12.27 -19.10
N GLN G 459 45.99 11.78 -18.62
CA GLN G 459 47.03 11.21 -19.47
C GLN G 459 47.17 9.70 -19.33
N ALA G 460 46.16 9.02 -18.80
CA ALA G 460 46.20 7.58 -18.71
C ALA G 460 46.14 6.96 -20.10
N LEU G 461 46.69 5.76 -20.25
CA LEU G 461 46.62 5.08 -21.54
C LEU G 461 45.16 4.87 -21.94
N SER G 462 44.39 4.19 -21.08
CA SER G 462 42.94 4.07 -21.21
C SER G 462 42.30 4.73 -20.00
N SER G 463 41.03 5.14 -20.15
CA SER G 463 40.33 5.87 -19.10
C SER G 463 38.86 5.46 -19.07
N SER G 464 38.21 5.75 -17.93
CA SER G 464 36.79 5.46 -17.76
C SER G 464 36.19 6.50 -16.83
N VAL G 465 34.87 6.68 -16.94
CA VAL G 465 34.12 7.63 -16.11
C VAL G 465 32.95 6.89 -15.50
N SER G 466 32.73 7.08 -14.20
CA SER G 466 31.66 6.36 -13.54
C SER G 466 30.33 6.78 -14.14
N SER G 467 29.46 5.80 -14.39
CA SER G 467 28.13 6.04 -14.94
C SER G 467 27.05 5.74 -13.92
N SER G 468 27.41 5.71 -12.65
CA SER G 468 26.48 5.34 -11.59
C SER G 468 25.29 6.29 -11.53
N LYS G 469 24.11 5.71 -11.39
CA LYS G 469 22.87 6.44 -11.15
C LYS G 469 22.36 6.25 -9.73
N LEU G 470 23.24 5.80 -8.82
CA LEU G 470 22.82 5.47 -7.45
C LEU G 470 22.20 6.67 -6.76
N PHE G 471 22.81 7.85 -6.87
CA PHE G 471 22.23 9.07 -6.32
C PHE G 471 21.21 9.69 -7.25
N SER G 472 21.20 9.25 -8.51
CA SER G 472 20.15 9.52 -9.50
C SER G 472 19.72 10.98 -9.50
N SER G 473 18.43 11.28 -9.30
CA SER G 473 17.99 12.65 -9.39
C SER G 473 18.40 13.43 -8.16
N SER G 474 18.51 12.77 -7.01
CA SER G 474 18.92 13.43 -5.78
C SER G 474 17.95 14.55 -5.42
N THR G 475 17.46 15.27 -6.44
CA THR G 475 16.58 16.43 -6.24
C THR G 475 17.19 17.40 -5.24
N ALA G 476 18.45 17.72 -5.47
CA ALA G 476 19.20 18.67 -4.66
C ALA G 476 20.06 19.46 -5.64
N PRO G 477 19.49 20.45 -6.32
CA PRO G 477 20.26 21.20 -7.32
C PRO G 477 21.21 22.16 -6.60
N HIS G 478 22.46 22.20 -7.06
CA HIS G 478 23.47 23.07 -6.51
C HIS G 478 23.96 24.08 -7.53
N GLU G 479 23.98 25.34 -7.11
CA GLU G 479 24.36 26.44 -7.98
C GLU G 479 25.86 26.40 -8.27
N THR G 480 26.23 26.66 -9.52
CA THR G 480 27.63 26.68 -9.93
C THR G 480 27.94 28.06 -10.49
N SER G 481 28.97 28.69 -9.94
CA SER G 481 29.41 30.02 -10.34
C SER G 481 30.76 29.94 -11.04
N PHE G 482 30.93 30.78 -12.06
CA PHE G 482 32.17 30.82 -12.82
C PHE G 482 33.34 31.21 -11.92
N GLY G 483 34.45 30.50 -12.09
CA GLY G 483 35.66 30.79 -11.36
C GLY G 483 35.83 29.95 -10.11
N GLU G 484 34.77 29.30 -9.65
CA GLU G 484 34.86 28.43 -8.47
C GLU G 484 35.68 27.20 -8.81
N GLU G 485 36.45 26.72 -7.82
CA GLU G 485 37.23 25.50 -7.98
C GLU G 485 36.39 24.28 -7.62
N VAL G 486 36.71 23.16 -8.26
CA VAL G 486 36.13 21.87 -7.91
C VAL G 486 37.23 20.81 -7.95
N GLU G 487 37.08 19.78 -7.13
CA GLU G 487 37.99 18.64 -7.07
C GLU G 487 37.39 17.47 -7.85
N VAL G 488 38.19 16.86 -8.70
CA VAL G 488 37.77 15.69 -9.48
C VAL G 488 38.63 14.52 -9.02
N HIS G 489 37.97 13.48 -8.52
CA HIS G 489 38.67 12.35 -7.92
C HIS G 489 38.68 11.15 -8.86
N ASN G 490 39.82 10.47 -8.90
CA ASN G 490 40.05 9.39 -9.85
C ASN G 490 40.87 8.30 -9.18
N LEU G 491 40.63 7.06 -9.59
CA LEU G 491 41.47 5.92 -9.24
C LEU G 491 42.44 5.65 -10.39
N LEU G 492 43.72 5.69 -10.09
CA LEU G 492 44.77 5.49 -11.08
C LEU G 492 45.37 4.10 -10.88
N ILE G 493 45.58 3.38 -11.99
CA ILE G 493 46.32 2.11 -11.98
C ILE G 493 47.71 2.38 -12.56
N ILE G 494 48.74 2.05 -11.80
CA ILE G 494 50.11 2.42 -12.11
C ILE G 494 50.93 1.14 -12.09
N ASP G 495 51.70 0.90 -13.16
CA ASP G 495 52.52 -0.30 -13.27
C ASP G 495 53.66 -0.28 -12.26
N GLN G 496 54.01 -1.46 -11.73
CA GLN G 496 54.99 -1.52 -10.66
C GLN G 496 56.42 -1.33 -11.16
N HIS G 497 56.68 -1.50 -12.46
CA HIS G 497 58.00 -1.28 -13.01
C HIS G 497 58.08 0.02 -13.82
N THR G 498 57.12 0.22 -14.73
CA THR G 498 57.16 1.38 -15.59
C THR G 498 56.68 2.64 -14.85
N PHE G 499 55.83 2.44 -13.84
CA PHE G 499 55.20 3.55 -13.09
C PHE G 499 54.50 4.52 -14.04
N GLU G 500 53.84 3.96 -15.06
CA GLU G 500 53.01 4.66 -16.02
C GLU G 500 51.54 4.45 -15.72
N VAL G 501 50.74 5.49 -15.94
CA VAL G 501 49.30 5.40 -15.64
C VAL G 501 48.65 4.54 -16.72
N LEU G 502 48.19 3.35 -16.34
CA LEU G 502 47.60 2.43 -17.30
C LEU G 502 46.13 2.72 -17.53
N HIS G 503 45.40 3.07 -16.46
CA HIS G 503 43.98 3.33 -16.53
C HIS G 503 43.61 4.30 -15.43
N ALA G 504 42.69 5.20 -15.73
CA ALA G 504 42.17 6.16 -14.78
C ALA G 504 40.64 6.10 -14.79
N HIS G 505 40.06 5.94 -13.61
CA HIS G 505 38.61 5.95 -13.44
C HIS G 505 38.25 7.24 -12.73
N GLN G 506 37.37 8.03 -13.34
CA GLN G 506 36.90 9.28 -12.76
C GLN G 506 35.59 9.02 -12.02
N PHE G 507 35.53 9.48 -10.78
CA PHE G 507 34.36 9.26 -9.97
C PHE G 507 33.30 10.30 -10.28
N LEU G 508 32.14 10.11 -9.68
CA LEU G 508 30.97 10.92 -10.02
C LEU G 508 31.23 12.40 -9.71
N GLN G 509 30.44 13.25 -10.35
CA GLN G 509 30.54 14.69 -10.10
C GLN G 509 30.31 14.98 -8.63
N ASN G 510 31.22 15.73 -8.02
CA ASN G 510 31.17 16.07 -6.61
C ASN G 510 31.36 14.84 -5.71
N GLU G 511 32.08 13.83 -6.21
CA GLU G 511 32.37 12.63 -5.45
C GLU G 511 33.87 12.60 -5.13
N TYR G 512 34.19 12.44 -3.84
CA TYR G 512 35.56 12.38 -3.36
C TYR G 512 35.90 10.96 -2.91
N ALA G 513 37.07 10.46 -3.31
CA ALA G 513 37.54 9.15 -2.88
C ALA G 513 38.30 9.30 -1.56
N LEU G 514 37.95 8.47 -0.57
CA LEU G 514 38.51 8.61 0.76
C LEU G 514 39.30 7.40 1.22
N SER G 515 39.03 6.21 0.70
CA SER G 515 39.65 4.98 1.16
C SER G 515 39.88 4.05 -0.02
N LEU G 516 40.89 3.20 0.11
CA LEU G 516 41.26 2.29 -0.96
C LEU G 516 41.90 1.04 -0.38
N VAL G 517 41.41 -0.13 -0.82
CA VAL G 517 42.00 -1.41 -0.46
C VAL G 517 42.12 -2.30 -1.68
N SER G 518 43.05 -3.25 -1.59
CA SER G 518 43.22 -4.33 -2.55
C SER G 518 43.13 -5.63 -1.77
N CYS G 519 42.16 -6.48 -2.11
CA CYS G 519 41.99 -7.71 -1.37
C CYS G 519 41.02 -8.64 -2.09
N LYS G 520 41.04 -9.90 -1.66
CA LYS G 520 40.03 -10.90 -2.00
C LYS G 520 39.00 -10.96 -0.88
N LEU G 521 37.75 -11.25 -1.25
CA LEU G 521 36.66 -11.32 -0.28
C LEU G 521 35.89 -12.63 -0.41
N GLY G 522 35.34 -13.09 0.71
CA GLY G 522 34.51 -14.28 0.70
C GLY G 522 35.26 -15.46 0.13
N LYS G 523 34.57 -16.22 -0.73
CA LYS G 523 35.22 -17.29 -1.49
C LYS G 523 35.50 -16.88 -2.94
N ASP G 524 35.46 -15.57 -3.23
CA ASP G 524 35.69 -15.08 -4.58
C ASP G 524 37.17 -14.98 -4.85
N PRO G 525 37.70 -15.73 -5.83
CA PRO G 525 39.16 -15.74 -6.04
C PRO G 525 39.72 -14.48 -6.65
N ASN G 526 38.90 -13.62 -7.24
CA ASN G 526 39.41 -12.43 -7.90
C ASN G 526 39.91 -11.42 -6.88
N THR G 527 41.02 -10.75 -7.21
CA THR G 527 41.55 -9.70 -6.35
C THR G 527 41.05 -8.35 -6.84
N TYR G 528 40.43 -7.59 -5.94
CA TYR G 528 39.69 -6.39 -6.29
C TYR G 528 40.33 -5.13 -5.70
N PHE G 529 40.11 -4.01 -6.39
CA PHE G 529 40.26 -2.68 -5.81
C PHE G 529 38.90 -2.23 -5.27
N ILE G 530 38.85 -1.82 -4.01
CA ILE G 530 37.63 -1.33 -3.40
C ILE G 530 37.88 0.08 -2.91
N VAL G 531 37.02 1.01 -3.33
CA VAL G 531 37.19 2.43 -3.03
C VAL G 531 36.00 2.91 -2.20
N GLY G 532 36.29 3.72 -1.19
CA GLY G 532 35.26 4.37 -0.41
C GLY G 532 35.12 5.80 -0.84
N THR G 533 33.89 6.19 -1.18
CA THR G 533 33.61 7.49 -1.77
C THR G 533 32.60 8.23 -0.89
N ALA G 534 32.52 9.55 -1.07
CA ALA G 534 31.56 10.38 -0.34
C ALA G 534 31.07 11.52 -1.20
N MET G 535 29.76 11.81 -1.15
CA MET G 535 29.21 12.94 -1.89
C MET G 535 29.42 14.25 -1.13
N VAL G 536 30.20 15.17 -1.72
CA VAL G 536 30.65 16.39 -1.05
C VAL G 536 29.96 17.60 -1.67
N TYR G 537 29.22 18.35 -0.84
CA TYR G 537 28.59 19.62 -1.24
C TYR G 537 28.82 20.65 -0.14
N PRO G 538 29.30 21.87 -0.44
CA PRO G 538 29.50 22.84 0.67
C PRO G 538 28.25 23.05 1.51
N GLU G 539 27.07 22.84 0.94
CA GLU G 539 25.84 23.08 1.68
C GLU G 539 25.70 22.12 2.85
N GLU G 540 26.13 20.87 2.68
CA GLU G 540 26.07 19.89 3.74
C GLU G 540 27.30 20.09 4.63
N ALA G 541 27.09 20.32 5.92
CA ALA G 541 28.23 20.40 6.83
C ALA G 541 29.02 19.10 6.84
N GLU G 542 28.33 17.96 6.79
CA GLU G 542 28.93 16.64 6.70
C GLU G 542 28.20 15.83 5.62
N PRO G 543 28.92 15.08 4.79
CA PRO G 543 28.24 14.33 3.73
C PRO G 543 27.25 13.33 4.31
N LYS G 544 26.11 13.19 3.64
CA LYS G 544 25.09 12.23 4.04
C LYS G 544 24.88 11.14 3.01
N GLN G 545 25.73 11.07 1.98
CA GLN G 545 25.64 10.08 0.93
C GLN G 545 27.04 9.56 0.58
N GLY G 546 27.15 8.28 0.27
CA GLY G 546 28.43 7.73 -0.11
C GLY G 546 28.30 6.40 -0.80
N ARG G 547 29.43 5.95 -1.36
CA ARG G 547 29.46 4.65 -2.01
C ARG G 547 30.69 3.84 -1.61
N ILE G 548 30.52 2.53 -1.59
CA ILE G 548 31.62 1.57 -1.61
C ILE G 548 31.55 0.91 -2.99
N VAL G 549 32.63 1.01 -3.75
CA VAL G 549 32.67 0.51 -5.11
C VAL G 549 33.74 -0.57 -5.20
N VAL G 550 33.39 -1.69 -5.81
CA VAL G 550 34.28 -2.83 -5.98
C VAL G 550 34.70 -2.83 -7.44
N PHE G 551 36.01 -2.75 -7.69
CA PHE G 551 36.55 -2.76 -9.04
C PHE G 551 37.40 -4.02 -9.24
N GLN G 552 37.46 -4.49 -10.49
CA GLN G 552 38.43 -5.50 -10.91
C GLN G 552 39.25 -4.97 -12.06
N TYR G 553 40.58 -5.00 -11.92
CA TYR G 553 41.49 -4.63 -13.01
C TYR G 553 41.82 -5.89 -13.81
N SER G 554 41.39 -5.91 -15.07
CA SER G 554 41.59 -7.06 -15.93
C SER G 554 41.85 -6.61 -17.35
N ASP G 555 42.93 -7.12 -17.94
CA ASP G 555 43.26 -6.88 -19.34
C ASP G 555 43.29 -5.39 -19.69
N GLY G 556 44.03 -4.64 -18.87
CA GLY G 556 44.30 -3.23 -19.13
C GLY G 556 43.19 -2.27 -18.79
N LYS G 557 42.02 -2.76 -18.37
CA LYS G 557 40.90 -1.93 -17.98
C LYS G 557 40.31 -2.49 -16.68
N LEU G 558 39.84 -1.62 -15.81
CA LEU G 558 39.16 -2.05 -14.58
C LEU G 558 37.67 -1.75 -14.70
N GLN G 559 36.85 -2.76 -14.44
CA GLN G 559 35.40 -2.75 -14.58
C GLN G 559 34.71 -2.73 -13.21
N THR G 560 33.58 -2.03 -13.15
CA THR G 560 32.80 -2.00 -11.91
C THR G 560 32.06 -3.31 -11.69
N VAL G 561 32.36 -3.99 -10.58
CA VAL G 561 31.79 -5.30 -10.28
C VAL G 561 30.56 -5.19 -9.39
N ALA G 562 30.58 -4.27 -8.43
CA ALA G 562 29.48 -4.13 -7.49
C ALA G 562 29.56 -2.75 -6.86
N GLU G 563 28.41 -2.28 -6.39
CA GLU G 563 28.28 -0.96 -5.81
C GLU G 563 27.36 -1.04 -4.60
N LYS G 564 27.72 -0.33 -3.54
CA LYS G 564 26.93 -0.30 -2.32
C LYS G 564 26.72 1.14 -1.88
N GLU G 565 25.45 1.51 -1.70
CA GLU G 565 25.13 2.85 -1.22
C GLU G 565 25.25 2.91 0.29
N VAL G 566 25.82 4.01 0.79
CA VAL G 566 25.89 4.29 2.22
C VAL G 566 25.40 5.71 2.45
N LYS G 567 25.04 5.98 3.70
CA LYS G 567 24.46 7.27 4.09
C LYS G 567 25.50 8.20 4.75
N GLY G 568 26.68 8.31 4.14
CA GLY G 568 27.71 9.13 4.73
C GLY G 568 29.01 9.01 3.94
N ALA G 569 30.12 9.27 4.63
CA ALA G 569 31.45 9.23 4.04
C ALA G 569 32.17 7.96 4.47
N VAL G 570 32.69 7.21 3.50
CA VAL G 570 33.46 6.00 3.78
C VAL G 570 34.90 6.47 4.01
N TYR G 571 35.21 6.81 5.26
CA TYR G 571 36.52 7.41 5.57
C TYR G 571 37.63 6.37 5.51
N SER G 572 37.40 5.16 6.02
CA SER G 572 38.46 4.16 6.06
C SER G 572 37.87 2.76 5.94
N MET G 573 38.63 1.87 5.29
CA MET G 573 38.23 0.48 5.05
C MET G 573 39.44 -0.44 5.24
N VAL G 574 39.17 -1.71 5.55
CA VAL G 574 40.24 -2.68 5.80
C VAL G 574 39.69 -4.09 5.66
N GLU G 575 40.49 -4.97 5.04
CA GLU G 575 40.06 -6.36 4.88
C GLU G 575 40.01 -7.02 6.25
N PHE G 576 38.91 -7.73 6.53
CA PHE G 576 38.69 -8.37 7.83
C PHE G 576 38.22 -9.79 7.58
N ASN G 577 39.17 -10.72 7.57
CA ASN G 577 38.89 -12.14 7.50
C ASN G 577 37.87 -12.46 6.40
N GLY G 578 38.19 -12.07 5.19
CA GLY G 578 37.31 -12.31 4.07
C GLY G 578 36.11 -11.40 3.99
N LYS G 579 35.96 -10.51 4.96
CA LYS G 579 34.87 -9.55 5.03
C LYS G 579 35.44 -8.15 4.94
N LEU G 580 34.59 -7.19 4.58
CA LEU G 580 35.01 -5.81 4.36
C LEU G 580 34.57 -4.95 5.54
N LEU G 581 35.56 -4.41 6.26
CA LEU G 581 35.30 -3.54 7.40
C LEU G 581 35.45 -2.09 6.96
N ALA G 582 34.38 -1.31 7.11
CA ALA G 582 34.35 0.07 6.62
C ALA G 582 33.71 0.96 7.67
N SER G 583 34.14 2.23 7.68
CA SER G 583 33.66 3.21 8.64
C SER G 583 32.90 4.30 7.88
N ILE G 584 31.62 4.46 8.20
CA ILE G 584 30.76 5.41 7.52
C ILE G 584 30.30 6.42 8.57
N ASN G 585 30.91 7.62 8.56
CA ASN G 585 30.58 8.69 9.48
C ASN G 585 30.73 8.21 10.92
N SER G 586 29.62 8.09 11.66
CA SER G 586 29.68 7.66 13.05
C SER G 586 29.53 6.15 13.25
N THR G 587 29.60 5.37 12.17
CA THR G 587 29.37 3.93 12.25
C THR G 587 30.60 3.18 11.73
N VAL G 588 30.88 2.06 12.38
CA VAL G 588 31.87 1.09 11.94
C VAL G 588 31.09 -0.17 11.56
N ARG G 589 31.26 -0.61 10.32
CA ARG G 589 30.44 -1.66 9.75
C ARG G 589 31.30 -2.77 9.17
N LEU G 590 30.78 -3.99 9.24
CA LEU G 590 31.37 -5.17 8.61
C LEU G 590 30.42 -5.68 7.54
N TYR G 591 30.95 -5.84 6.32
CA TYR G 591 30.20 -6.34 5.18
C TYR G 591 30.67 -7.75 4.85
N GLU G 592 29.75 -8.58 4.37
CA GLU G 592 30.07 -9.89 3.81
C GLU G 592 29.96 -9.84 2.29
N TRP G 593 30.81 -10.61 1.60
CA TRP G 593 30.82 -10.67 0.14
C TRP G 593 30.05 -11.92 -0.28
N THR G 594 28.89 -11.72 -0.89
CA THR G 594 28.01 -12.83 -1.16
C THR G 594 28.45 -13.60 -2.40
N THR G 595 27.82 -14.76 -2.59
CA THR G 595 28.00 -15.54 -3.80
C THR G 595 27.46 -14.82 -5.02
N GLU G 596 26.67 -13.77 -4.81
CA GLU G 596 26.13 -12.92 -5.85
C GLU G 596 27.00 -11.70 -6.16
N LYS G 597 28.24 -11.68 -5.67
CA LYS G 597 29.18 -10.59 -5.91
C LYS G 597 28.58 -9.25 -5.50
N GLU G 598 28.02 -9.20 -4.29
CA GLU G 598 27.55 -7.94 -3.71
C GLU G 598 27.75 -7.92 -2.22
N LEU G 599 27.89 -6.70 -1.67
CA LEU G 599 28.13 -6.55 -0.24
C LEU G 599 26.82 -6.59 0.54
N ARG G 600 26.87 -7.27 1.69
CA ARG G 600 25.73 -7.47 2.58
C ARG G 600 26.20 -7.12 3.98
N THR G 601 25.44 -6.28 4.67
CA THR G 601 25.81 -5.83 6.01
C THR G 601 25.62 -6.96 7.03
N GLU G 602 26.64 -7.21 7.85
CA GLU G 602 26.51 -8.18 8.93
C GLU G 602 26.18 -7.53 10.27
N CYS G 603 26.99 -6.56 10.71
CA CYS G 603 26.79 -5.89 12.00
C CYS G 603 27.38 -4.48 11.95
N ASN G 604 26.98 -3.66 12.93
CA ASN G 604 27.31 -2.24 12.95
C ASN G 604 27.69 -1.78 14.36
N HIS G 605 28.41 -0.65 14.43
CA HIS G 605 28.70 0.04 15.70
C HIS G 605 28.47 1.54 15.58
N TYR G 606 27.86 2.16 16.60
CA TYR G 606 27.39 3.53 16.46
C TYR G 606 27.97 4.55 17.45
N ASN G 607 28.77 4.15 18.44
CA ASN G 607 29.23 5.09 19.47
C ASN G 607 30.53 5.79 19.05
N ASN G 608 30.45 6.55 17.96
CA ASN G 608 31.57 7.33 17.48
C ASN G 608 31.11 8.70 17.03
N ILE G 609 32.01 9.68 17.16
CA ILE G 609 31.75 11.01 16.61
C ILE G 609 32.05 11.06 15.11
N MET G 610 33.30 10.73 14.75
CA MET G 610 33.70 10.54 13.36
C MET G 610 34.79 9.46 13.33
N ALA G 611 34.53 8.36 12.60
CA ALA G 611 35.47 7.24 12.52
C ALA G 611 36.52 7.54 11.46
N LEU G 612 37.65 8.11 11.88
CA LEU G 612 38.61 8.56 10.89
C LEU G 612 39.60 7.47 10.45
N TYR G 613 40.02 6.59 11.36
CA TYR G 613 41.04 5.58 11.03
C TYR G 613 40.66 4.21 11.57
N LEU G 614 41.09 3.17 10.84
CA LEU G 614 40.83 1.79 11.22
C LEU G 614 42.07 0.92 10.98
N LYS G 615 42.24 -0.07 11.85
CA LYS G 615 43.32 -1.05 11.78
C LYS G 615 42.84 -2.32 12.47
N THR G 616 43.20 -3.50 11.94
CA THR G 616 42.72 -4.75 12.50
C THR G 616 43.86 -5.74 12.70
N LYS G 617 43.76 -6.54 13.77
CA LYS G 617 44.65 -7.68 14.02
C LYS G 617 43.81 -8.84 14.53
N GLY G 618 43.69 -9.89 13.72
CA GLY G 618 42.82 -11.00 14.10
C GLY G 618 41.37 -10.57 14.04
N ASP G 619 40.60 -10.93 15.07
CA ASP G 619 39.23 -10.46 15.19
C ASP G 619 39.14 -9.17 16.02
N PHE G 620 40.27 -8.51 16.26
CA PHE G 620 40.32 -7.25 16.98
C PHE G 620 40.36 -6.10 15.98
N ILE G 621 39.74 -4.97 16.36
CA ILE G 621 39.64 -3.80 15.51
C ILE G 621 40.02 -2.58 16.34
N LEU G 622 40.94 -1.77 15.84
CA LEU G 622 41.33 -0.52 16.49
C LEU G 622 40.64 0.64 15.79
N VAL G 623 39.91 1.45 16.54
CA VAL G 623 39.10 2.53 15.98
C VAL G 623 39.64 3.88 16.40
N GLY G 624 39.90 4.74 15.40
CA GLY G 624 40.44 6.06 15.60
C GLY G 624 39.42 7.14 15.33
N ASP G 625 39.11 7.98 16.31
CA ASP G 625 38.07 8.99 16.19
C ASP G 625 38.61 10.40 16.15
N LEU G 626 37.74 11.31 15.69
CA LEU G 626 38.10 12.71 15.60
C LEU G 626 38.50 13.29 16.95
N MET G 627 37.75 12.97 18.00
CA MET G 627 38.03 13.48 19.34
C MET G 627 37.92 12.45 20.45
N ARG G 628 37.46 11.23 20.18
CA ARG G 628 37.28 10.24 21.23
C ARG G 628 38.48 9.30 21.34
N SER G 629 39.63 9.72 20.84
CA SER G 629 40.88 8.97 20.95
C SER G 629 40.66 7.64 20.23
N VAL G 630 40.92 6.49 20.85
CA VAL G 630 40.85 5.20 20.18
C VAL G 630 40.05 4.21 21.04
N LEU G 631 39.21 3.43 20.37
CA LEU G 631 38.36 2.41 20.98
C LEU G 631 38.67 1.04 20.39
N LEU G 632 38.93 0.06 21.25
CA LEU G 632 39.21 -1.30 20.81
C LEU G 632 37.89 -2.08 20.71
N LEU G 633 37.48 -2.40 19.49
CA LEU G 633 36.32 -3.23 19.22
C LEU G 633 36.81 -4.64 18.89
N ALA G 634 35.94 -5.62 19.07
CA ALA G 634 36.24 -6.99 18.67
C ALA G 634 35.01 -7.64 18.06
N TYR G 635 35.26 -8.47 17.05
CA TYR G 635 34.18 -9.24 16.43
C TYR G 635 33.93 -10.50 17.26
N LYS G 636 32.68 -10.68 17.69
CA LYS G 636 32.29 -11.84 18.48
C LYS G 636 31.58 -12.81 17.54
N PRO G 637 32.26 -13.85 17.05
CA PRO G 637 31.66 -14.64 15.97
C PRO G 637 30.38 -15.37 16.37
N MET G 638 30.31 -15.85 17.61
CA MET G 638 29.14 -16.60 18.04
C MET G 638 27.89 -15.74 18.00
N GLU G 639 28.05 -14.44 18.23
CA GLU G 639 26.94 -13.50 18.35
C GLU G 639 26.66 -12.78 17.05
N GLY G 640 27.67 -12.63 16.20
CA GLY G 640 27.53 -11.94 14.95
C GLY G 640 27.39 -10.45 15.09
N ASN G 641 28.23 -9.84 15.92
CA ASN G 641 28.17 -8.40 16.14
C ASN G 641 29.51 -7.94 16.73
N PHE G 642 29.64 -6.63 16.94
CA PHE G 642 30.81 -6.06 17.59
C PHE G 642 30.51 -5.89 19.08
N GLU G 643 31.55 -5.91 19.90
CA GLU G 643 31.46 -5.63 21.32
C GLU G 643 32.60 -4.71 21.70
N GLU G 644 32.31 -3.65 22.44
CA GLU G 644 33.33 -2.74 22.89
C GLU G 644 34.21 -3.44 23.93
N ILE G 645 35.51 -3.47 23.68
CA ILE G 645 36.43 -4.04 24.66
C ILE G 645 36.99 -2.97 25.59
N ALA G 646 37.51 -1.88 25.03
CA ALA G 646 38.11 -0.85 25.88
C ALA G 646 38.31 0.44 25.10
N ARG G 647 38.19 1.56 25.82
CA ARG G 647 38.29 2.90 25.26
C ARG G 647 39.27 3.72 26.08
N ASP G 648 40.03 4.58 25.41
CA ASP G 648 40.90 5.53 26.08
C ASP G 648 40.08 6.74 26.49
N PHE G 649 39.96 6.98 27.80
CA PHE G 649 39.07 8.04 28.24
C PHE G 649 39.68 9.44 28.02
N ASN G 650 41.00 9.52 27.81
CA ASN G 650 41.64 10.80 27.50
C ASN G 650 41.24 11.23 26.10
N PRO G 651 40.69 12.45 25.90
CA PRO G 651 40.28 12.83 24.54
C PRO G 651 41.44 13.40 23.77
N ASN G 652 41.65 12.93 22.53
CA ASN G 652 42.71 13.43 21.67
C ASN G 652 42.16 13.52 20.25
N TRP G 653 42.77 14.38 19.46
CA TRP G 653 42.41 14.54 18.05
C TRP G 653 43.34 13.67 17.23
N MET G 654 42.79 12.61 16.64
CA MET G 654 43.62 11.58 16.03
C MET G 654 44.02 11.96 14.62
N SER G 655 45.28 11.67 14.29
CA SER G 655 45.79 11.79 12.93
C SER G 655 46.06 10.45 12.27
N ALA G 656 46.43 9.44 13.05
CA ALA G 656 46.68 8.10 12.54
C ALA G 656 46.79 7.13 13.71
N VAL G 657 46.40 5.88 13.47
CA VAL G 657 46.48 4.84 14.49
C VAL G 657 47.19 3.62 13.93
N GLU G 658 47.67 2.77 14.83
CA GLU G 658 48.32 1.52 14.44
C GLU G 658 48.26 0.53 15.60
N ILE G 659 48.22 -0.76 15.27
CA ILE G 659 48.27 -1.83 16.25
C ILE G 659 49.71 -2.31 16.35
N LEU G 660 50.27 -2.30 17.56
CA LEU G 660 51.62 -2.82 17.77
C LEU G 660 51.61 -4.32 18.08
N ASP G 661 50.76 -4.74 19.02
CA ASP G 661 50.57 -6.15 19.35
C ASP G 661 49.22 -6.27 20.03
N ASP G 662 48.90 -7.46 20.54
CA ASP G 662 47.56 -7.72 21.05
C ASP G 662 47.19 -6.85 22.26
N ASP G 663 48.17 -6.24 22.95
CA ASP G 663 47.88 -5.42 24.11
C ASP G 663 48.24 -3.94 23.96
N ASN G 664 49.20 -3.59 23.10
CA ASN G 664 49.67 -2.22 22.97
C ASN G 664 49.14 -1.59 21.68
N PHE G 665 48.78 -0.31 21.76
CA PHE G 665 48.22 0.43 20.64
C PHE G 665 48.88 1.79 20.53
N LEU G 666 49.27 2.18 19.31
CA LEU G 666 49.99 3.42 19.07
C LEU G 666 49.12 4.44 18.34
N GLY G 667 49.27 5.71 18.70
CA GLY G 667 48.47 6.77 18.11
C GLY G 667 49.23 8.08 17.99
N ALA G 668 48.74 8.92 17.07
CA ALA G 668 49.31 10.25 16.81
C ALA G 668 48.20 11.28 16.73
N GLU G 669 48.35 12.39 17.46
CA GLU G 669 47.38 13.48 17.47
C GLU G 669 47.89 14.70 16.70
N ASN G 670 46.97 15.64 16.46
CA ASN G 670 47.29 16.87 15.74
C ASN G 670 48.19 17.80 16.52
N ALA G 671 48.53 17.44 17.76
CA ALA G 671 49.46 18.21 18.58
C ALA G 671 50.89 17.69 18.48
N PHE G 672 51.22 16.99 17.40
CA PHE G 672 52.56 16.45 17.20
C PHE G 672 52.98 15.54 18.35
N ASN G 673 52.04 14.72 18.84
CA ASN G 673 52.28 13.83 19.97
C ASN G 673 51.98 12.37 19.61
N LEU G 674 52.69 11.46 20.29
CA LEU G 674 52.50 10.02 20.14
C LEU G 674 52.21 9.40 21.49
N PHE G 675 51.27 8.43 21.53
CA PHE G 675 50.91 7.76 22.77
C PHE G 675 50.66 6.28 22.55
N VAL G 676 50.85 5.51 23.61
CA VAL G 676 50.67 4.06 23.61
C VAL G 676 49.64 3.73 24.69
N CYS G 677 48.54 3.11 24.28
CA CYS G 677 47.51 2.65 25.20
C CYS G 677 47.66 1.14 25.38
N GLN G 678 47.30 0.65 26.57
CA GLN G 678 47.44 -0.77 26.86
C GLN G 678 46.18 -1.26 27.55
N LYS G 679 45.77 -2.48 27.19
CA LYS G 679 44.67 -3.12 27.89
C LYS G 679 45.10 -3.39 29.33
N ASP G 680 44.24 -3.06 30.29
CA ASP G 680 44.62 -3.29 31.68
C ASP G 680 44.76 -4.78 31.97
N SER G 681 45.56 -5.48 31.17
CA SER G 681 45.85 -6.91 31.34
C SER G 681 44.55 -7.69 31.29
N ALA G 682 44.30 -8.60 32.23
CA ALA G 682 43.08 -9.38 32.33
C ALA G 682 42.55 -9.27 33.76
N ALA G 683 42.20 -8.04 34.12
CA ALA G 683 41.79 -7.74 35.49
C ALA G 683 40.52 -8.50 35.86
N THR G 684 40.19 -8.46 37.15
CA THR G 684 38.97 -9.06 37.66
C THR G 684 37.80 -8.09 37.68
N THR G 685 38.02 -6.82 37.39
CA THR G 685 36.96 -5.83 37.32
C THR G 685 36.72 -5.52 35.85
N ASP G 686 35.46 -5.62 35.42
CA ASP G 686 35.14 -5.27 34.05
C ASP G 686 35.61 -3.86 33.75
N GLU G 687 35.51 -2.97 34.75
CA GLU G 687 35.89 -1.57 34.55
C GLU G 687 37.38 -1.43 34.28
N GLU G 688 38.24 -2.14 35.01
CA GLU G 688 39.67 -1.97 34.83
C GLU G 688 40.11 -2.37 33.43
N ARG G 689 39.71 -3.57 32.98
CA ARG G 689 40.10 -3.99 31.64
C ARG G 689 39.47 -3.09 30.58
N GLN G 690 38.20 -2.70 30.79
CA GLN G 690 37.50 -1.84 29.86
C GLN G 690 38.21 -0.51 29.64
N HIS G 691 39.08 -0.11 30.56
CA HIS G 691 39.82 1.14 30.45
C HIS G 691 41.16 0.94 29.76
N LEU G 692 41.32 1.56 28.60
CA LEU G 692 42.62 1.68 27.95
C LEU G 692 43.46 2.75 28.67
N GLN G 693 44.54 2.33 29.30
CA GLN G 693 45.39 3.23 30.09
C GLN G 693 46.55 3.68 29.20
N GLU G 694 46.67 5.00 29.02
CA GLU G 694 47.78 5.57 28.25
C GLU G 694 49.06 5.44 29.04
N VAL G 695 49.95 4.57 28.56
CA VAL G 695 51.22 4.31 29.24
C VAL G 695 52.42 4.88 28.52
N GLY G 696 52.28 5.29 27.26
CA GLY G 696 53.38 5.89 26.52
C GLY G 696 53.05 7.28 26.04
N LEU G 697 53.96 8.23 26.23
CA LEU G 697 53.77 9.60 25.79
C LEU G 697 55.06 10.15 25.21
N PHE G 698 54.97 10.82 24.06
CA PHE G 698 56.15 11.33 23.37
C PHE G 698 55.72 12.50 22.50
N HIS G 699 56.55 13.55 22.47
CA HIS G 699 56.31 14.70 21.60
C HIS G 699 57.21 14.54 20.39
N LEU G 700 56.64 14.05 19.29
CA LEU G 700 57.42 13.80 18.08
C LEU G 700 57.90 15.11 17.46
N GLY G 701 57.03 16.12 17.42
CA GLY G 701 57.32 17.35 16.73
C GLY G 701 56.94 17.34 15.27
N GLU G 702 56.38 16.24 14.78
CA GLU G 702 55.93 16.10 13.41
C GLU G 702 54.52 15.54 13.40
N PHE G 703 53.83 15.73 12.29
CA PHE G 703 52.44 15.30 12.09
C PHE G 703 52.44 13.97 11.36
N VAL G 704 51.99 12.92 12.05
CA VAL G 704 51.93 11.59 11.44
C VAL G 704 50.61 11.48 10.68
N ASN G 705 50.68 11.18 9.38
CA ASN G 705 49.50 10.95 8.57
C ASN G 705 49.21 9.47 8.37
N VAL G 706 50.23 8.63 8.31
CA VAL G 706 50.09 7.22 7.94
C VAL G 706 51.04 6.36 8.78
N PHE G 707 50.50 5.24 9.27
CA PHE G 707 51.27 4.21 9.96
C PHE G 707 51.31 2.94 9.13
N CYS G 708 52.49 2.33 8.98
CA CYS G 708 52.63 1.16 8.13
C CYS G 708 53.65 0.19 8.69
N HIS G 709 53.21 -1.07 8.89
CA HIS G 709 54.11 -2.13 9.32
C HIS G 709 55.08 -2.49 8.20
N GLY G 710 56.35 -2.63 8.54
CA GLY G 710 57.37 -3.01 7.57
C GLY G 710 58.69 -2.37 7.92
N SER G 711 59.74 -2.80 7.23
CA SER G 711 61.04 -2.19 7.40
C SER G 711 61.79 -2.20 6.07
N LEU G 712 62.64 -1.18 5.89
CA LEU G 712 63.46 -1.03 4.71
C LEU G 712 64.79 -1.81 4.80
N VAL G 713 65.16 -2.27 6.00
CA VAL G 713 66.38 -3.07 6.18
C VAL G 713 66.16 -4.51 5.71
N MET G 714 67.25 -5.17 5.37
CA MET G 714 67.23 -6.57 5.02
C MET G 714 66.65 -7.40 6.17
N GLN G 715 65.80 -8.37 5.83
CA GLN G 715 65.13 -9.22 6.80
C GLN G 715 65.69 -10.62 6.71
N ASN G 716 66.19 -11.15 7.83
CA ASN G 716 66.80 -12.48 7.87
C ASN G 716 65.83 -13.55 8.37
N LEU G 717 65.73 -14.65 7.63
CA LEU G 717 64.87 -15.76 8.05
C LEU G 717 65.41 -16.45 9.30
N GLY G 718 66.71 -16.33 9.58
CA GLY G 718 67.29 -16.90 10.78
C GLY G 718 67.01 -16.06 11.99
N GLU G 719 66.45 -16.69 13.01
CA GLU G 719 66.07 -16.01 14.24
C GLU G 719 67.28 -15.52 15.04
N THR G 720 67.37 -14.21 15.24
CA THR G 720 68.38 -13.57 16.07
C THR G 720 67.70 -12.74 17.15
N SER G 721 68.13 -12.92 18.41
CA SER G 721 67.49 -12.20 19.50
C SER G 721 67.94 -10.73 19.44
N THR G 722 67.24 -9.97 18.61
CA THR G 722 67.50 -8.55 18.49
C THR G 722 66.90 -7.82 19.70
N PRO G 723 67.49 -6.69 20.09
CA PRO G 723 66.84 -5.91 21.17
C PRO G 723 65.46 -5.39 20.80
N THR G 724 65.33 -4.88 19.59
CA THR G 724 64.06 -4.34 19.09
C THR G 724 63.15 -5.46 18.59
N GLN G 725 61.86 -5.34 18.89
CA GLN G 725 60.83 -6.26 18.41
C GLN G 725 59.78 -5.45 17.66
N GLY G 726 59.49 -5.84 16.42
CA GLY G 726 58.51 -5.17 15.60
C GLY G 726 59.12 -4.05 14.74
N SER G 727 58.31 -3.56 13.80
CA SER G 727 58.75 -2.46 12.93
C SER G 727 57.55 -1.76 12.32
N VAL G 728 57.30 -0.52 12.73
CA VAL G 728 56.26 0.34 12.17
C VAL G 728 56.92 1.60 11.62
N LEU G 729 56.71 1.86 10.34
CA LEU G 729 57.17 3.09 9.70
C LEU G 729 56.02 4.09 9.63
N PHE G 730 56.35 5.39 9.75
CA PHE G 730 55.34 6.43 9.62
C PHE G 730 55.84 7.59 8.78
N GLY G 731 54.92 8.25 8.08
CA GLY G 731 55.21 9.40 7.24
C GLY G 731 54.56 10.66 7.80
N THR G 732 55.18 11.82 7.56
CA THR G 732 54.73 13.07 8.15
C THR G 732 54.56 14.14 7.07
N VAL G 733 53.98 15.28 7.48
CA VAL G 733 53.66 16.34 6.53
C VAL G 733 54.94 16.98 6.00
N ASN G 734 55.95 17.11 6.86
CA ASN G 734 57.20 17.76 6.46
C ASN G 734 58.15 16.76 5.79
N GLY G 735 57.64 15.58 5.43
CA GLY G 735 58.42 14.58 4.73
C GLY G 735 59.28 13.68 5.59
N MET G 736 59.29 13.88 6.90
CA MET G 736 60.03 13.00 7.79
C MET G 736 59.44 11.59 7.78
N ILE G 737 60.30 10.59 7.71
CA ILE G 737 59.91 9.19 7.83
C ILE G 737 60.54 8.63 9.09
N GLY G 738 59.73 8.00 9.93
CA GLY G 738 60.17 7.51 11.23
C GLY G 738 59.90 6.03 11.41
N LEU G 739 60.43 5.52 12.52
CA LEU G 739 60.34 4.11 12.88
C LEU G 739 60.05 3.97 14.36
N VAL G 740 59.03 3.16 14.67
CA VAL G 740 58.65 2.85 16.05
C VAL G 740 58.90 1.36 16.27
N THR G 741 59.48 1.02 17.42
CA THR G 741 59.72 -0.39 17.75
C THR G 741 59.60 -0.58 19.25
N SER G 742 59.40 -1.83 19.66
CA SER G 742 59.21 -2.19 21.05
C SER G 742 60.51 -2.72 21.65
N LEU G 743 60.63 -2.58 22.98
CA LEU G 743 61.82 -3.02 23.71
C LEU G 743 61.41 -3.94 24.87
N SER G 744 62.38 -4.72 25.36
CA SER G 744 62.22 -5.41 26.63
C SER G 744 62.47 -4.44 27.79
N GLU G 745 61.93 -4.77 28.96
CA GLU G 745 62.10 -3.88 30.11
C GLU G 745 63.57 -3.63 30.40
N SER G 746 64.41 -4.66 30.34
CA SER G 746 65.83 -4.47 30.59
C SER G 746 66.42 -3.46 29.61
N TRP G 747 66.01 -3.53 28.35
CA TRP G 747 66.59 -2.66 27.33
C TRP G 747 66.13 -1.23 27.49
N TYR G 748 64.86 -1.02 27.83
CA TYR G 748 64.37 0.33 28.10
C TYR G 748 65.17 1.00 29.21
N ASN G 749 65.22 0.36 30.38
CA ASN G 749 65.90 0.95 31.52
C ASN G 749 67.33 1.31 31.18
N LEU G 750 68.04 0.41 30.50
CA LEU G 750 69.41 0.69 30.10
C LEU G 750 69.48 1.93 29.23
N LEU G 751 68.62 2.00 28.21
CA LEU G 751 68.68 3.12 27.28
C LEU G 751 68.15 4.40 27.90
N LEU G 752 67.13 4.30 28.76
CA LEU G 752 66.65 5.49 29.47
C LEU G 752 67.76 6.06 30.34
N ASP G 753 68.43 5.20 31.10
CA ASP G 753 69.56 5.65 31.91
C ASP G 753 70.62 6.31 31.04
N MET G 754 70.82 5.80 29.82
CA MET G 754 71.78 6.42 28.94
C MET G 754 71.32 7.81 28.53
N GLN G 755 70.04 7.97 28.25
CA GLN G 755 69.52 9.29 27.89
C GLN G 755 69.74 10.29 29.02
N ASN G 756 69.32 9.94 30.24
CA ASN G 756 69.51 10.85 31.37
C ASN G 756 70.98 11.25 31.47
N ARG G 757 71.88 10.32 31.14
CA ARG G 757 73.31 10.59 31.12
C ARG G 757 73.72 11.39 29.91
N LEU G 758 73.19 11.03 28.74
CA LEU G 758 73.55 11.73 27.51
C LEU G 758 73.12 13.20 27.58
N ASN G 759 71.97 13.47 28.19
CA ASN G 759 71.48 14.83 28.24
C ASN G 759 72.38 15.73 29.08
N LYS G 760 72.99 15.18 30.13
CA LYS G 760 73.93 15.96 30.94
C LYS G 760 75.19 16.29 30.16
N VAL G 761 75.51 15.50 29.13
CA VAL G 761 76.75 15.65 28.37
C VAL G 761 76.58 16.56 27.17
N ILE G 762 75.48 16.39 26.43
CA ILE G 762 75.32 16.97 25.11
C ILE G 762 74.80 18.40 25.21
N LYS G 763 75.42 19.31 24.47
CA LYS G 763 74.96 20.70 24.41
C LYS G 763 74.01 20.88 23.23
N SER G 764 72.80 21.34 23.52
CA SER G 764 71.78 21.59 22.51
C SER G 764 71.85 23.05 22.04
N VAL G 765 71.48 23.27 20.78
CA VAL G 765 71.37 24.62 20.28
C VAL G 765 70.24 25.33 21.02
N GLY G 766 70.52 26.53 21.52
CA GLY G 766 69.58 27.27 22.33
C GLY G 766 69.51 26.85 23.78
N LYS G 767 70.32 25.87 24.19
CA LYS G 767 70.32 25.38 25.57
C LYS G 767 68.92 24.90 25.98
N ILE G 768 68.27 24.14 25.08
CA ILE G 768 66.94 23.61 25.35
C ILE G 768 67.06 22.24 26.02
N GLU G 769 66.42 22.09 27.18
CA GLU G 769 66.39 20.80 27.85
C GLU G 769 65.68 19.76 26.99
N HIS G 770 66.33 18.61 26.79
CA HIS G 770 65.75 17.55 25.99
C HIS G 770 64.43 17.07 26.58
N SER G 771 64.37 16.89 27.91
CA SER G 771 63.15 16.43 28.55
C SER G 771 61.97 17.35 28.23
N PHE G 772 62.21 18.67 28.18
CA PHE G 772 61.13 19.59 27.84
C PHE G 772 60.65 19.39 26.41
N TRP G 773 61.60 19.18 25.48
CA TRP G 773 61.24 19.04 24.07
C TRP G 773 60.34 17.84 23.86
N ARG G 774 60.67 16.70 24.47
CA ARG G 774 59.89 15.50 24.26
C ARG G 774 58.66 15.42 25.17
N SER G 775 58.48 16.38 26.08
CA SER G 775 57.31 16.36 26.94
C SER G 775 56.04 16.50 26.10
N PHE G 776 55.09 15.59 26.35
CA PHE G 776 53.76 15.66 25.75
C PHE G 776 53.20 17.07 25.86
N HIS G 777 52.71 17.61 24.75
CA HIS G 777 52.30 19.02 24.75
C HIS G 777 51.11 19.27 23.84
N THR G 778 49.95 19.53 24.44
CA THR G 778 48.82 20.18 23.81
C THR G 778 48.76 21.63 24.29
N GLU G 779 48.01 22.49 23.61
CA GLU G 779 47.88 23.84 24.13
C GLU G 779 47.38 23.82 25.56
N ARG G 780 46.49 22.88 25.89
CA ARG G 780 45.92 22.86 27.23
C ARG G 780 46.85 22.21 28.25
N LYS G 781 47.53 21.11 27.91
CA LYS G 781 48.30 20.39 28.92
C LYS G 781 49.70 20.03 28.44
N THR G 782 50.57 19.80 29.42
CA THR G 782 51.95 19.37 29.20
C THR G 782 52.34 18.32 30.24
N GLU G 783 52.82 17.16 29.78
CA GLU G 783 53.26 16.08 30.63
C GLU G 783 54.62 15.58 30.15
N PRO G 784 55.45 15.09 31.06
CA PRO G 784 56.75 14.52 30.64
C PRO G 784 56.59 13.23 29.85
N ALA G 785 57.52 13.01 28.92
CA ALA G 785 57.49 11.80 28.11
C ALA G 785 57.68 10.57 29.00
N THR G 786 57.06 9.47 28.60
CA THR G 786 57.15 8.21 29.33
C THR G 786 56.96 7.07 28.34
N GLY G 787 57.66 5.96 28.61
CA GLY G 787 57.53 4.79 27.77
C GLY G 787 58.18 4.89 26.42
N PHE G 788 58.95 5.95 26.16
CA PHE G 788 59.54 6.19 24.86
C PHE G 788 61.01 6.56 25.01
N ILE G 789 61.84 6.04 24.11
CA ILE G 789 63.26 6.33 24.05
C ILE G 789 63.54 7.07 22.74
N ASP G 790 64.11 8.26 22.83
CA ASP G 790 64.44 9.05 21.65
C ASP G 790 65.59 8.39 20.90
N GLY G 791 65.27 7.71 19.79
CA GLY G 791 66.30 6.98 19.08
C GLY G 791 67.41 7.89 18.56
N ASP G 792 67.06 9.11 18.16
CA ASP G 792 68.08 10.03 17.65
C ASP G 792 69.07 10.43 18.74
N LEU G 793 68.60 10.57 19.98
CA LEU G 793 69.50 10.88 21.08
C LEU G 793 70.43 9.72 21.39
N ILE G 794 69.90 8.49 21.38
CA ILE G 794 70.72 7.31 21.64
C ILE G 794 71.77 7.13 20.54
N GLU G 795 71.37 7.29 19.28
CA GLU G 795 72.32 7.06 18.20
C GLU G 795 73.38 8.15 18.11
N SER G 796 73.24 9.23 18.89
CA SER G 796 74.27 10.27 18.95
C SER G 796 75.43 9.91 19.88
N PHE G 797 75.27 8.88 20.71
CA PHE G 797 76.36 8.39 21.55
C PHE G 797 77.58 8.05 20.70
N LEU G 798 77.37 7.54 19.48
CA LEU G 798 78.48 7.16 18.62
C LEU G 798 79.28 8.37 18.12
N ASP G 799 78.75 9.58 18.25
CA ASP G 799 79.41 10.76 17.73
C ASP G 799 80.04 11.63 18.81
N ILE G 800 79.82 11.32 20.09
CA ILE G 800 80.35 12.16 21.15
C ILE G 800 81.80 11.77 21.41
N SER G 801 82.59 12.72 21.90
CA SER G 801 84.01 12.48 22.09
C SER G 801 84.23 11.42 23.17
N ARG G 802 85.40 10.79 23.11
CA ARG G 802 85.71 9.74 24.08
C ARG G 802 85.64 10.21 25.52
N PRO G 803 86.17 11.38 25.91
CA PRO G 803 85.99 11.83 27.30
C PRO G 803 84.53 11.79 27.72
N LYS G 804 83.65 12.20 26.82
CA LYS G 804 82.23 12.21 27.12
C LYS G 804 81.67 10.80 27.19
N MET G 805 82.19 9.87 26.37
CA MET G 805 81.75 8.48 26.45
C MET G 805 82.00 7.91 27.84
N GLN G 806 83.16 8.23 28.42
CA GLN G 806 83.46 7.76 29.78
C GLN G 806 82.49 8.36 30.79
N GLU G 807 82.14 9.63 30.62
CA GLU G 807 81.18 10.24 31.53
C GLU G 807 79.86 9.47 31.53
N VAL G 808 79.44 8.98 30.37
CA VAL G 808 78.16 8.28 30.27
C VAL G 808 78.27 6.87 30.86
N VAL G 809 79.36 6.16 30.55
CA VAL G 809 79.48 4.77 31.01
C VAL G 809 79.96 4.67 32.45
N ALA G 810 80.38 5.77 33.03
CA ALA G 810 80.84 5.80 34.41
C ALA G 810 79.72 5.42 35.37
N ASN G 811 80.05 4.56 36.34
CA ASN G 811 79.10 4.17 37.38
C ASN G 811 77.83 3.58 36.78
N LEU G 812 77.94 2.98 35.59
CA LEU G 812 76.83 2.39 34.88
C LEU G 812 76.90 0.87 34.83
N GLN G 813 75.84 0.21 35.30
CA GLN G 813 75.70 -1.23 35.26
C GLN G 813 74.57 -1.60 34.31
N TYR G 814 74.80 -2.61 33.46
CA TYR G 814 73.80 -3.09 32.51
C TYR G 814 73.77 -4.62 32.57
N ASP G 815 72.70 -5.21 32.03
CA ASP G 815 72.50 -6.65 32.22
C ASP G 815 73.66 -7.49 31.69
N ASP G 816 74.32 -7.07 30.60
CA ASP G 816 75.54 -7.74 30.12
C ASP G 816 75.39 -9.25 30.05
N GLY G 817 74.27 -9.69 29.49
CA GLY G 817 73.89 -11.09 29.48
C GLY G 817 72.72 -11.32 30.43
N SER G 818 72.40 -12.59 30.64
CA SER G 818 71.38 -12.98 31.60
C SER G 818 72.03 -13.64 32.82
N GLY G 819 71.78 -13.08 34.00
CA GLY G 819 72.26 -13.64 35.24
C GLY G 819 73.57 -13.08 35.74
N MET G 820 74.35 -12.41 34.89
CA MET G 820 75.66 -11.86 35.24
C MET G 820 75.58 -10.37 34.93
N LYS G 821 75.62 -9.53 35.96
CA LYS G 821 75.47 -8.09 35.79
C LYS G 821 76.82 -7.44 36.04
N ARG G 822 77.30 -6.65 35.07
CA ARG G 822 78.64 -6.07 35.07
C ARG G 822 78.61 -4.64 34.58
N GLU G 823 79.54 -3.85 35.12
CA GLU G 823 79.63 -2.44 34.76
C GLU G 823 79.86 -2.27 33.26
N ALA G 824 79.30 -1.19 32.75
CA ALA G 824 79.31 -0.94 31.32
C ALA G 824 80.64 -0.35 30.90
N THR G 825 81.10 -0.74 29.72
CA THR G 825 82.29 -0.18 29.12
C THR G 825 81.87 0.67 27.93
N ALA G 826 82.73 1.61 27.54
CA ALA G 826 82.39 2.46 26.41
C ALA G 826 82.20 1.64 25.15
N ASP G 827 83.00 0.60 24.97
CA ASP G 827 82.86 -0.25 23.80
C ASP G 827 81.62 -1.14 23.90
N ASP G 828 81.23 -1.54 25.12
CA ASP G 828 79.99 -2.30 25.25
C ASP G 828 78.81 -1.44 24.79
N LEU G 829 78.76 -0.18 25.24
CA LEU G 829 77.69 0.70 24.81
C LEU G 829 77.80 1.06 23.33
N ILE G 830 79.03 1.19 22.80
CA ILE G 830 79.19 1.44 21.36
C ILE G 830 78.60 0.30 20.55
N LYS G 831 78.82 -0.95 21.00
CA LYS G 831 78.24 -2.09 20.30
C LYS G 831 76.71 -2.10 20.45
N VAL G 832 76.22 -1.74 21.63
CA VAL G 832 74.77 -1.69 21.84
C VAL G 832 74.12 -0.70 20.88
N VAL G 833 74.65 0.53 20.83
CA VAL G 833 74.07 1.54 19.96
C VAL G 833 74.18 1.13 18.50
N GLU G 834 75.34 0.58 18.10
CA GLU G 834 75.54 0.22 16.70
C GLU G 834 74.54 -0.84 16.24
N GLU G 835 74.17 -1.76 17.13
CA GLU G 835 73.14 -2.74 16.78
C GLU G 835 71.79 -2.06 16.56
N LEU G 836 71.50 -1.02 17.35
CA LEU G 836 70.24 -0.30 17.21
C LEU G 836 70.18 0.51 15.93
N THR G 837 71.33 0.92 15.39
CA THR G 837 71.34 1.67 14.13
C THR G 837 71.00 0.78 12.94
N ARG G 838 70.91 -0.53 13.13
CA ARG G 838 70.62 -1.46 12.04
C ARG G 838 69.13 -1.69 11.83
N ILE G 839 68.28 -1.10 12.67
CA ILE G 839 66.84 -1.26 12.44
C ILE G 839 66.38 -0.44 11.25
N HIS G 840 67.16 0.54 10.82
CA HIS G 840 66.83 1.34 9.65
C HIS G 840 68.06 1.51 8.75
N THR H 7 4.06 1.91 38.37
CA THR H 7 3.78 3.31 38.11
C THR H 7 5.08 4.04 37.75
N GLU H 8 4.97 5.34 37.49
CA GLU H 8 6.13 6.12 37.12
C GLU H 8 7.15 6.26 38.26
N SER H 9 6.73 6.03 39.49
CA SER H 9 7.59 6.19 40.66
C SER H 9 8.22 4.88 41.15
N ASP H 10 7.72 3.71 40.73
CA ASP H 10 8.20 2.44 41.29
C ASP H 10 9.60 2.17 40.73
N TRP H 11 10.60 2.74 41.39
CA TRP H 11 11.98 2.67 40.91
C TRP H 11 12.64 1.45 41.53
N GLY H 12 13.60 0.86 40.82
CA GLY H 12 14.31 -0.30 41.30
C GLY H 12 13.64 -1.63 40.98
N LYS H 13 12.39 -1.62 40.56
CA LYS H 13 11.73 -2.87 40.17
C LYS H 13 12.13 -3.27 38.75
N ARG H 14 12.29 -2.29 37.86
CA ARG H 14 12.66 -2.57 36.48
C ARG H 14 14.08 -3.10 36.38
N CYS H 15 14.25 -4.08 35.50
CA CYS H 15 15.51 -4.76 35.29
C CYS H 15 16.34 -4.06 34.21
N VAL H 16 17.67 -4.18 34.33
CA VAL H 16 18.56 -3.61 33.34
C VAL H 16 18.37 -4.26 31.99
N ASP H 17 17.68 -5.40 31.95
CA ASP H 17 17.40 -6.05 30.67
C ASP H 17 16.73 -5.11 29.68
N LYS H 18 15.89 -4.20 30.18
CA LYS H 18 15.18 -3.28 29.31
C LYS H 18 16.13 -2.36 28.53
N PHE H 19 17.37 -2.20 28.96
CA PHE H 19 18.37 -1.38 28.27
C PHE H 19 19.56 -2.20 27.78
N ASP H 20 20.06 -1.87 26.59
CA ASP H 20 21.27 -2.48 26.03
C ASP H 20 22.50 -1.61 26.26
N ILE H 21 23.54 -2.20 26.88
CA ILE H 21 24.73 -1.45 27.24
C ILE H 21 25.60 -1.31 26.00
N ILE H 22 25.81 -0.08 25.54
CA ILE H 22 26.61 0.14 24.33
C ILE H 22 28.10 0.25 24.63
N GLY H 23 28.51 1.05 25.61
CA GLY H 23 29.92 1.20 25.86
C GLY H 23 30.23 1.93 27.15
N ILE H 24 31.52 2.29 27.29
CA ILE H 24 32.05 2.93 28.49
C ILE H 24 32.39 4.36 28.09
N ILE H 25 31.54 5.32 28.46
CA ILE H 25 31.75 6.68 27.99
C ILE H 25 32.90 7.36 28.75
N GLY H 26 33.02 7.09 30.05
CA GLY H 26 34.07 7.72 30.82
C GLY H 26 34.11 7.17 32.22
N GLU H 27 35.03 7.73 33.02
CA GLU H 27 35.23 7.30 34.39
C GLU H 27 34.43 8.22 35.31
N GLY H 28 33.71 7.63 36.24
CA GLY H 28 32.87 8.38 37.13
C GLY H 28 33.61 8.73 38.41
N THR H 29 32.82 9.12 39.42
CA THR H 29 33.37 9.50 40.71
C THR H 29 33.50 8.30 41.64
N TYR H 30 32.49 7.44 41.69
CA TYR H 30 32.48 6.23 42.50
C TYR H 30 32.22 4.96 41.72
N GLY H 31 32.03 5.07 40.42
CA GLY H 31 31.81 3.94 39.54
C GLY H 31 31.79 4.54 38.15
N GLN H 32 32.32 3.82 37.16
CA GLN H 32 32.42 4.38 35.83
C GLN H 32 31.05 4.54 35.19
N VAL H 33 30.96 5.50 34.27
CA VAL H 33 29.71 5.83 33.61
C VAL H 33 29.67 5.10 32.27
N TYR H 34 28.49 4.59 31.91
CA TYR H 34 28.30 3.75 30.72
C TYR H 34 27.20 4.38 29.87
N LYS H 35 26.87 3.73 28.75
CA LYS H 35 25.85 4.17 27.80
C LYS H 35 24.93 3.02 27.40
N ALA H 36 23.65 3.35 27.17
CA ALA H 36 22.68 2.32 26.77
C ALA H 36 21.53 2.93 25.98
N LYS H 37 20.70 2.05 25.38
CA LYS H 37 19.51 2.44 24.64
C LYS H 37 18.29 1.71 25.19
N ASP H 38 17.18 2.44 25.30
CA ASP H 38 15.92 1.85 25.77
C ASP H 38 15.29 1.00 24.68
N LYS H 39 14.92 -0.23 25.04
CA LYS H 39 14.34 -1.15 24.06
C LYS H 39 12.92 -0.72 23.67
N ASP H 40 12.15 -0.18 24.62
CA ASP H 40 10.77 0.19 24.33
C ASP H 40 10.67 1.54 23.61
N THR H 41 11.50 2.51 23.99
CA THR H 41 11.37 3.85 23.47
C THR H 41 12.48 4.25 22.49
N GLY H 42 13.63 3.59 22.54
CA GLY H 42 14.74 3.92 21.70
C GLY H 42 15.65 5.02 22.24
N GLU H 43 15.24 5.70 23.30
CA GLU H 43 16.05 6.78 23.84
C GLU H 43 17.40 6.26 24.33
N LEU H 44 18.46 7.01 24.01
CA LEU H 44 19.77 6.71 24.54
C LEU H 44 19.93 7.33 25.92
N VAL H 45 20.58 6.60 26.82
CA VAL H 45 20.69 6.98 28.23
C VAL H 45 22.15 6.84 28.67
N ALA H 46 22.40 7.19 29.94
CA ALA H 46 23.70 7.05 30.56
C ALA H 46 23.51 6.42 31.94
N LEU H 47 24.32 5.41 32.25
CA LEU H 47 24.13 4.60 33.45
C LEU H 47 25.38 4.63 34.33
N LYS H 48 25.17 4.74 35.64
CA LYS H 48 26.22 4.65 36.65
C LYS H 48 25.90 3.48 37.58
N LYS H 49 26.87 2.56 37.73
CA LYS H 49 26.69 1.37 38.54
C LYS H 49 27.06 1.58 40.01
N VAL H 50 26.15 1.23 40.91
CA VAL H 50 26.43 1.23 42.34
C VAL H 50 26.63 -0.21 42.82
N ARG H 51 27.82 -0.51 43.32
CA ARG H 51 28.20 -1.85 43.76
C ARG H 51 27.97 -2.04 45.25
N LEU H 52 27.03 -2.90 45.60
CA LEU H 52 26.84 -3.38 46.96
C LEU H 52 27.58 -4.69 47.19
N ASP H 53 28.34 -5.14 46.19
CA ASP H 53 29.02 -6.43 46.30
C ASP H 53 30.20 -6.36 47.25
N ASN H 54 30.94 -5.25 47.27
CA ASN H 54 31.99 -5.11 48.28
C ASN H 54 31.37 -5.10 49.69
N GLU H 55 30.22 -4.43 49.83
CA GLU H 55 29.35 -4.53 51.01
C GLU H 55 30.09 -4.27 52.31
N LYS H 56 31.04 -3.33 52.29
CA LYS H 56 31.72 -2.96 53.52
C LYS H 56 30.71 -2.53 54.59
N GLU H 57 29.75 -1.70 54.22
CA GLU H 57 28.66 -1.31 55.13
C GLU H 57 27.36 -1.09 54.35
N GLY H 58 26.90 -2.12 53.64
CA GLY H 58 25.64 -2.02 52.91
C GLY H 58 25.71 -1.11 51.69
N PHE H 59 24.66 -0.33 51.50
CA PHE H 59 24.57 0.56 50.34
C PHE H 59 25.55 1.72 50.49
N PRO H 60 26.28 2.08 49.43
CA PRO H 60 27.24 3.20 49.56
C PRO H 60 26.49 4.48 49.88
N ILE H 61 26.93 5.14 50.96
CA ILE H 61 26.27 6.36 51.38
C ILE H 61 26.52 7.49 50.40
N THR H 62 27.70 7.51 49.77
CA THR H 62 27.98 8.54 48.77
C THR H 62 26.93 8.53 47.67
N ALA H 63 26.53 7.33 47.24
CA ALA H 63 25.44 7.22 46.27
C ALA H 63 24.13 7.71 46.86
N ILE H 64 23.88 7.42 48.13
CA ILE H 64 22.62 7.81 48.75
C ILE H 64 22.46 9.32 48.67
N ARG H 65 23.56 10.07 48.79
CA ARG H 65 23.46 11.53 48.67
C ARG H 65 23.05 11.94 47.26
N GLU H 66 23.66 11.34 46.23
CA GLU H 66 23.29 11.70 44.86
C GLU H 66 21.84 11.31 44.56
N ILE H 67 21.38 10.20 45.12
CA ILE H 67 20.01 9.73 44.87
C ILE H 67 19.01 10.59 45.62
N LYS H 68 19.44 11.23 46.71
CA LYS H 68 18.61 12.17 47.45
C LYS H 68 18.55 13.51 46.74
N ILE H 69 19.72 14.08 46.45
CA ILE H 69 19.79 15.42 45.88
C ILE H 69 19.13 15.49 44.51
N LEU H 70 19.47 14.56 43.62
CA LEU H 70 18.99 14.70 42.24
C LEU H 70 17.48 14.56 42.13
N ARG H 71 16.87 13.68 42.93
CA ARG H 71 15.42 13.55 42.88
C ARG H 71 14.70 14.81 43.36
N GLN H 72 15.42 15.72 44.01
CA GLN H 72 14.85 17.00 44.41
C GLN H 72 15.02 18.08 43.36
N LEU H 73 16.08 18.02 42.54
CA LEU H 73 16.38 19.09 41.60
C LEU H 73 15.79 18.84 40.23
N ILE H 74 14.99 19.80 39.75
CA ILE H 74 14.42 19.78 38.41
C ILE H 74 14.74 21.13 37.78
N HIS H 75 15.55 21.13 36.73
CA HIS H 75 15.94 22.36 36.05
C HIS H 75 16.46 21.98 34.67
N ARG H 76 16.27 22.89 33.70
CA ARG H 76 16.71 22.57 32.35
C ARG H 76 18.20 22.28 32.31
N SER H 77 18.98 22.95 33.16
CA SER H 77 20.43 22.88 33.17
C SER H 77 20.98 21.97 34.26
N VAL H 78 20.19 21.03 34.76
CA VAL H 78 20.65 20.07 35.77
C VAL H 78 20.35 18.67 35.26
N VAL H 79 21.32 17.75 35.43
CA VAL H 79 21.11 16.39 34.93
C VAL H 79 19.88 15.80 35.60
N ASN H 80 19.05 15.17 34.78
CA ASN H 80 17.82 14.55 35.24
C ASN H 80 18.07 13.05 35.40
N MET H 81 17.86 12.55 36.61
CA MET H 81 17.90 11.11 36.85
C MET H 81 16.53 10.55 36.49
N LYS H 82 16.50 9.67 35.49
CA LYS H 82 15.24 9.16 34.95
C LYS H 82 14.65 8.05 35.82
N GLU H 83 15.44 7.04 36.15
CA GLU H 83 14.97 5.96 37.00
C GLU H 83 16.18 5.19 37.50
N ILE H 84 15.91 4.18 38.33
CA ILE H 84 16.93 3.28 38.86
C ILE H 84 16.49 1.86 38.54
N VAL H 85 17.40 1.07 37.96
CA VAL H 85 17.14 -0.31 37.62
C VAL H 85 18.12 -1.17 38.41
N THR H 86 17.90 -2.48 38.36
CA THR H 86 18.72 -3.40 39.13
C THR H 86 19.18 -4.56 38.26
N ASP H 87 20.22 -5.26 38.73
CA ASP H 87 20.61 -6.47 38.04
C ASP H 87 19.56 -7.56 38.28
N LYS H 88 19.57 -8.54 37.39
CA LYS H 88 18.60 -9.62 37.48
C LYS H 88 18.72 -10.31 38.82
N GLN H 89 17.59 -10.43 39.52
CA GLN H 89 17.55 -11.07 40.84
C GLN H 89 17.11 -12.48 40.49
N ASP H 90 18.08 -13.36 40.18
CA ASP H 90 17.71 -14.70 39.73
C ASP H 90 17.02 -15.47 40.85
N ALA H 91 17.56 -15.41 42.05
CA ALA H 91 16.98 -16.09 43.20
C ALA H 91 15.71 -15.42 43.69
N LEU H 92 14.67 -16.21 43.96
CA LEU H 92 13.45 -15.65 44.52
C LEU H 92 13.63 -15.19 45.96
N ASP H 93 14.69 -15.66 46.63
CA ASP H 93 14.97 -15.33 48.01
C ASP H 93 15.89 -14.11 47.95
N PHE H 94 15.48 -13.03 48.61
CA PHE H 94 16.21 -11.77 48.48
C PHE H 94 17.64 -11.89 48.99
N LYS H 95 17.88 -12.77 49.98
CA LYS H 95 19.19 -12.84 50.61
C LYS H 95 20.28 -13.21 49.61
N LYS H 96 20.00 -14.16 48.72
CA LYS H 96 21.00 -14.63 47.76
C LYS H 96 21.47 -13.54 46.80
N ASP H 97 20.62 -12.56 46.52
CA ASP H 97 20.90 -11.56 45.49
C ASP H 97 22.13 -10.71 45.81
N LYS H 98 23.10 -10.72 44.88
CA LYS H 98 24.27 -9.86 44.99
C LYS H 98 24.40 -8.90 43.81
N GLY H 99 23.39 -8.83 42.95
CA GLY H 99 23.42 -7.93 41.81
C GLY H 99 23.41 -6.47 42.23
N ALA H 100 23.97 -5.62 41.36
CA ALA H 100 24.10 -4.20 41.64
C ALA H 100 22.92 -3.41 41.07
N PHE H 101 22.83 -2.14 41.50
CA PHE H 101 21.84 -1.19 41.00
C PHE H 101 22.46 -0.23 40.00
N TYR H 102 21.59 0.37 39.16
CA TYR H 102 22.01 1.33 38.15
C TYR H 102 21.16 2.58 38.19
N LEU H 103 21.80 3.71 37.84
CA LEU H 103 21.15 5.01 37.81
C LEU H 103 21.01 5.46 36.36
N VAL H 104 19.78 5.57 35.89
CA VAL H 104 19.54 6.04 34.52
C VAL H 104 19.61 7.56 34.51
N PHE H 105 20.32 8.10 33.53
CA PHE H 105 20.46 9.53 33.35
C PHE H 105 20.26 9.86 31.89
N GLU H 106 19.81 11.08 31.61
CA GLU H 106 19.71 11.53 30.23
C GLU H 106 21.09 11.55 29.60
N TYR H 107 21.20 10.93 28.42
CA TYR H 107 22.47 10.94 27.72
C TYR H 107 22.65 12.31 27.10
N MET H 108 23.88 12.79 27.13
CA MET H 108 24.22 14.10 26.58
C MET H 108 25.22 13.87 25.46
N ASP H 109 25.07 14.64 24.39
CA ASP H 109 25.80 14.35 23.16
C ASP H 109 27.30 14.50 23.34
N HIS H 110 27.74 15.53 24.07
CA HIS H 110 29.15 15.84 24.20
C HIS H 110 29.50 16.13 25.65
N ASP H 111 30.81 16.11 25.95
CA ASP H 111 31.34 16.51 27.25
C ASP H 111 32.37 17.62 27.01
N LEU H 112 32.40 18.61 27.90
CA LEU H 112 33.29 19.75 27.66
C LEU H 112 34.75 19.31 27.57
N MET H 113 35.13 18.32 28.37
CA MET H 113 36.52 17.88 28.39
C MET H 113 36.95 17.36 27.02
N GLY H 114 36.10 16.58 26.36
CA GLY H 114 36.44 16.05 25.05
C GLY H 114 36.30 17.07 23.95
N LEU H 115 35.41 18.06 24.13
CA LEU H 115 35.31 19.16 23.17
C LEU H 115 36.55 20.04 23.23
N LEU H 116 36.99 20.38 24.44
CA LEU H 116 38.10 21.32 24.58
C LEU H 116 39.47 20.68 24.37
N GLU H 117 39.72 19.52 24.99
CA GLU H 117 41.06 18.94 24.87
C GLU H 117 41.42 18.69 23.40
N SER H 118 40.45 18.21 22.62
CA SER H 118 40.71 18.00 21.20
C SER H 118 41.16 19.27 20.50
N GLY H 119 40.69 20.43 20.97
CA GLY H 119 41.03 21.69 20.36
C GLY H 119 40.28 21.99 19.10
N LEU H 120 39.47 21.03 18.64
CA LEU H 120 38.59 21.25 17.50
C LEU H 120 37.51 22.25 17.86
N VAL H 121 37.00 22.17 19.09
CA VAL H 121 35.92 23.05 19.54
C VAL H 121 36.40 24.49 19.49
N HIS H 122 35.47 25.39 19.20
CA HIS H 122 35.75 26.82 19.22
C HIS H 122 34.59 27.60 19.84
N PHE H 123 34.90 28.51 20.77
CA PHE H 123 33.88 29.28 21.47
C PHE H 123 34.02 30.75 21.08
N SER H 124 33.02 31.28 20.40
CA SER H 124 32.89 32.72 20.21
C SER H 124 32.31 33.34 21.48
N GLU H 125 32.34 34.67 21.56
CA GLU H 125 31.74 35.35 22.70
C GLU H 125 30.29 34.93 22.89
N ASP H 126 29.51 34.91 21.80
CA ASP H 126 28.10 34.57 21.92
C ASP H 126 27.91 33.13 22.41
N HIS H 127 28.78 32.21 22.00
CA HIS H 127 28.70 30.85 22.51
C HIS H 127 28.95 30.83 24.01
N ILE H 128 29.96 31.56 24.48
CA ILE H 128 30.25 31.61 25.91
C ILE H 128 29.07 32.19 26.67
N LYS H 129 28.44 33.25 26.13
CA LYS H 129 27.28 33.82 26.78
C LYS H 129 26.19 32.77 26.96
N SER H 130 25.88 32.05 25.88
CA SER H 130 24.85 31.01 25.96
C SER H 130 25.27 29.94 26.97
N PHE H 131 26.56 29.60 27.00
CA PHE H 131 27.06 28.59 27.93
C PHE H 131 26.99 29.09 29.38
N MET H 132 27.54 30.27 29.65
CA MET H 132 27.61 30.75 31.03
C MET H 132 26.23 31.01 31.60
N LYS H 133 25.33 31.59 30.79
CA LYS H 133 24.00 31.87 31.32
C LYS H 133 23.32 30.59 31.79
N GLN H 134 23.34 29.55 30.95
CA GLN H 134 22.74 28.29 31.34
C GLN H 134 23.42 27.70 32.57
N LEU H 135 24.76 27.66 32.55
CA LEU H 135 25.48 27.12 33.69
C LEU H 135 25.12 27.87 34.97
N MET H 136 25.22 29.20 34.94
CA MET H 136 24.94 29.99 36.12
C MET H 136 23.49 29.88 36.55
N GLU H 137 22.56 29.73 35.59
CA GLU H 137 21.18 29.50 35.98
C GLU H 137 21.03 28.16 36.69
N GLY H 138 21.69 27.12 36.21
CA GLY H 138 21.67 25.85 36.91
C GLY H 138 22.26 25.96 38.31
N LEU H 139 23.38 26.67 38.44
CA LEU H 139 24.03 26.78 39.73
C LEU H 139 23.18 27.55 40.74
N GLU H 140 22.63 28.70 40.33
CA GLU H 140 21.77 29.45 41.24
C GLU H 140 20.59 28.60 41.69
N TYR H 141 20.04 27.80 40.76
CA TYR H 141 18.96 26.89 41.11
C TYR H 141 19.40 25.97 42.25
N CYS H 142 20.56 25.33 42.08
CA CYS H 142 21.06 24.43 43.11
C CYS H 142 21.39 25.18 44.41
N HIS H 143 21.97 26.38 44.30
CA HIS H 143 22.29 27.15 45.50
C HIS H 143 21.02 27.64 46.17
N LYS H 144 20.01 28.06 45.39
CA LYS H 144 18.75 28.48 45.98
C LYS H 144 18.11 27.33 46.75
N LYS H 145 18.35 26.09 46.33
CA LYS H 145 17.92 24.91 47.08
C LYS H 145 18.94 24.47 48.14
N ASN H 146 19.99 25.28 48.37
CA ASN H 146 20.95 25.05 49.45
C ASN H 146 21.78 23.78 49.26
N PHE H 147 22.18 23.50 48.01
CA PHE H 147 23.02 22.36 47.67
C PHE H 147 24.31 22.80 46.99
N LEU H 148 25.38 22.07 47.25
CA LEU H 148 26.73 22.39 46.75
C LEU H 148 27.26 21.25 45.90
N HIS H 149 27.79 21.57 44.71
CA HIS H 149 28.25 20.53 43.79
C HIS H 149 29.54 19.88 44.30
N ARG H 150 30.58 20.68 44.52
CA ARG H 150 31.87 20.33 45.11
C ARG H 150 32.77 19.60 44.12
N ASP H 151 32.33 19.32 42.90
CA ASP H 151 33.17 18.68 41.89
C ASP H 151 33.01 19.33 40.53
N ILE H 152 32.96 20.66 40.49
CA ILE H 152 32.86 21.35 39.20
C ILE H 152 34.13 21.11 38.39
N LYS H 153 33.99 20.41 37.26
CA LYS H 153 35.09 20.14 36.35
C LYS H 153 34.51 20.00 34.95
N CYS H 154 35.40 20.02 33.95
CA CYS H 154 34.95 19.99 32.56
C CYS H 154 34.16 18.72 32.24
N SER H 155 34.60 17.56 32.77
CA SER H 155 33.94 16.31 32.40
C SER H 155 32.48 16.29 32.87
N ASN H 156 32.20 16.87 34.04
CA ASN H 156 30.83 16.86 34.55
C ASN H 156 29.90 17.81 33.78
N ILE H 157 30.42 18.86 33.14
CA ILE H 157 29.60 19.69 32.26
C ILE H 157 29.36 18.99 30.93
N LEU H 158 28.09 18.91 30.51
CA LEU H 158 27.70 18.21 29.28
C LEU H 158 26.89 19.07 28.33
N LEU H 159 27.13 18.88 27.02
CA LEU H 159 26.52 19.67 25.96
C LEU H 159 25.94 18.75 24.89
N ASN H 160 24.64 18.91 24.60
CA ASN H 160 24.06 18.30 23.41
C ASN H 160 24.20 19.27 22.23
N ASN H 161 23.97 18.78 21.01
CA ASN H 161 24.28 19.61 19.85
C ASN H 161 23.47 20.90 19.78
N SER H 162 22.24 20.92 20.29
CA SER H 162 21.43 22.12 20.14
C SER H 162 21.99 23.32 20.90
N GLY H 163 22.86 23.09 21.88
CA GLY H 163 23.39 24.15 22.71
C GLY H 163 22.94 24.17 24.15
N GLN H 164 22.17 23.18 24.59
CA GLN H 164 21.79 23.04 25.99
C GLN H 164 22.91 22.42 26.82
N ILE H 165 23.08 22.93 28.05
CA ILE H 165 24.11 22.50 28.99
C ILE H 165 23.49 22.04 30.30
N LYS H 166 24.15 21.10 30.99
CA LYS H 166 23.70 20.62 32.30
C LYS H 166 24.87 20.12 33.15
N LEU H 167 24.78 20.31 34.49
CA LEU H 167 25.72 19.67 35.42
C LEU H 167 25.35 18.21 35.65
N ALA H 168 26.34 17.40 36.06
CA ALA H 168 26.13 15.96 36.02
C ALA H 168 26.43 15.18 37.30
N ASP H 169 27.67 15.14 37.77
CA ASP H 169 28.02 14.24 38.87
C ASP H 169 27.78 14.89 40.22
N PHE H 170 26.58 14.68 40.77
CA PHE H 170 26.26 15.20 42.08
C PHE H 170 26.62 14.23 43.20
N GLY H 171 27.52 13.28 42.92
CA GLY H 171 27.90 12.32 43.94
C GLY H 171 28.62 12.96 45.10
N LEU H 172 29.51 13.91 44.81
CA LEU H 172 30.29 14.56 45.84
C LEU H 172 29.54 15.68 46.53
N ALA H 173 28.33 16.00 46.07
CA ALA H 173 27.56 17.11 46.59
C ALA H 173 26.96 16.82 47.97
N ARG H 174 26.82 17.90 48.75
CA ARG H 174 26.17 17.86 50.05
C ARG H 174 25.40 19.15 50.31
N LEU H 175 24.42 19.05 51.21
CA LEU H 175 23.65 20.21 51.64
C LEU H 175 24.54 21.20 52.37
N TYR H 176 24.23 22.48 52.21
CA TYR H 176 24.93 23.55 52.90
C TYR H 176 24.00 24.09 53.98
N ASN H 177 24.48 24.15 55.22
CA ASN H 177 23.72 24.76 56.31
C ASN H 177 24.51 25.97 56.80
N SER H 178 23.96 27.17 56.54
CA SER H 178 24.58 28.41 56.97
C SER H 178 24.34 28.67 58.46
N GLU H 179 23.08 28.60 58.89
CA GLU H 179 22.76 28.76 60.30
C GLU H 179 23.58 27.84 61.17
N GLU H 180 23.90 26.67 60.65
CA GLU H 180 24.58 25.59 61.37
C GLU H 180 25.98 25.35 60.85
N SER H 181 26.98 25.62 61.68
CA SER H 181 28.34 25.28 61.30
C SER H 181 28.54 23.77 61.40
N ARG H 182 29.09 23.16 60.35
CA ARG H 182 29.35 21.72 60.30
C ARG H 182 30.63 21.45 59.52
N PRO H 183 31.37 20.39 59.89
CA PRO H 183 32.66 20.13 59.24
C PRO H 183 32.56 19.38 57.92
N TYR H 184 33.43 19.73 56.97
CA TYR H 184 33.50 19.09 55.67
C TYR H 184 34.94 18.69 55.32
N TPO H 185 35.11 17.87 54.28
CA TPO H 185 36.43 17.40 53.79
CB TPO H 185 36.24 16.16 52.84
CG2 TPO H 185 37.50 15.35 52.87
OG1 TPO H 185 35.12 15.63 53.58
P TPO H 185 34.06 14.67 52.83
O1P TPO H 185 33.50 15.37 51.49
O2P TPO H 185 34.66 13.22 52.47
O3P TPO H 185 32.98 14.44 53.81
C TPO H 185 37.12 18.55 53.11
O TPO H 185 36.54 19.16 52.21
H TPO H 185 34.46 17.55 53.82
HA TPO H 185 37.00 17.08 54.52
HB TPO H 185 36.05 16.27 51.78
HG21 TPO H 185 37.38 14.47 52.25
HG22 TPO H 185 37.71 15.05 53.90
HG23 TPO H 185 38.33 15.96 52.50
N ASN H 186 38.35 18.83 53.50
CA ASN H 186 39.06 19.98 52.95
C ASN H 186 39.24 19.94 51.44
N LYS H 187 39.63 18.79 50.91
CA LYS H 187 39.89 18.65 49.47
C LYS H 187 38.66 18.05 48.78
N VAL H 188 37.98 18.85 47.94
CA VAL H 188 36.85 18.29 47.22
C VAL H 188 36.98 18.56 45.72
N ILE H 189 37.12 19.82 45.32
CA ILE H 189 37.16 20.12 43.88
C ILE H 189 38.57 19.85 43.36
N THR H 190 38.67 19.46 42.09
CA THR H 190 39.99 19.23 41.50
C THR H 190 40.85 20.47 41.70
N LEU H 191 42.16 20.27 41.91
CA LEU H 191 43.01 21.36 42.34
C LEU H 191 42.93 22.56 41.39
N TRP H 192 42.87 22.30 40.09
CA TRP H 192 42.82 23.39 39.11
C TRP H 192 41.65 24.33 39.35
N TYR H 193 40.51 23.79 39.77
CA TYR H 193 39.33 24.59 40.00
C TYR H 193 39.06 24.75 41.49
N ARG H 194 40.02 24.40 42.34
CA ARG H 194 39.82 24.52 43.77
C ARG H 194 40.03 25.97 44.16
N PRO H 195 39.17 26.52 45.01
CA PRO H 195 39.31 27.93 45.42
C PRO H 195 40.40 28.09 46.48
N PRO H 196 40.91 29.31 46.65
CA PRO H 196 41.98 29.50 47.64
C PRO H 196 41.55 29.13 49.05
N GLU H 197 40.29 29.33 49.41
CA GLU H 197 39.86 29.03 50.77
C GLU H 197 40.09 27.56 51.11
N LEU H 198 39.87 26.68 50.15
CA LEU H 198 40.06 25.25 50.42
C LEU H 198 41.56 24.94 50.57
N LEU H 199 42.39 25.61 49.78
CA LEU H 199 43.84 25.43 49.90
C LEU H 199 44.35 25.89 51.26
N LEU H 200 43.82 27.00 51.77
CA LEU H 200 44.21 27.57 53.05
C LEU H 200 43.55 26.84 54.22
N GLY H 201 42.91 25.70 53.95
CA GLY H 201 42.41 24.79 54.96
C GLY H 201 40.99 25.02 55.43
N GLU H 202 40.14 25.64 54.60
CA GLU H 202 38.75 25.82 54.99
C GLU H 202 38.03 24.48 54.95
N GLU H 203 37.51 24.05 56.10
CA GLU H 203 36.69 22.85 56.18
C GLU H 203 35.20 23.14 56.30
N ARG H 204 34.80 24.40 56.42
CA ARG H 204 33.40 24.83 56.37
C ARG H 204 33.21 25.78 55.20
N TYR H 205 33.15 25.22 53.99
CA TYR H 205 33.15 26.07 52.80
C TYR H 205 31.75 26.61 52.48
N THR H 206 31.74 27.74 51.79
CA THR H 206 30.52 28.41 51.35
C THR H 206 30.16 27.92 49.95
N PRO H 207 28.97 28.25 49.46
CA PRO H 207 28.66 27.90 48.06
C PRO H 207 29.63 28.51 47.08
N ALA H 208 30.39 29.54 47.49
CA ALA H 208 31.32 30.22 46.60
C ALA H 208 32.44 29.31 46.11
N ILE H 209 32.59 28.10 46.68
CA ILE H 209 33.58 27.18 46.12
C ILE H 209 33.20 26.81 44.69
N ASP H 210 31.90 26.60 44.44
CA ASP H 210 31.45 26.30 43.10
C ASP H 210 31.56 27.52 42.21
N VAL H 211 31.31 28.72 42.75
CA VAL H 211 31.43 29.93 41.96
C VAL H 211 32.86 30.09 41.48
N TRP H 212 33.84 29.88 42.37
CA TRP H 212 35.24 30.01 41.96
C TRP H 212 35.57 29.06 40.81
N SER H 213 35.12 27.81 40.92
CA SER H 213 35.39 26.84 39.85
C SER H 213 34.84 27.35 38.53
N CYS H 214 33.57 27.79 38.53
CA CYS H 214 32.95 28.26 37.30
C CYS H 214 33.65 29.50 36.76
N GLY H 215 34.26 30.30 37.64
CA GLY H 215 35.09 31.39 37.17
C GLY H 215 36.34 30.88 36.46
N CYS H 216 36.96 29.83 37.00
CA CYS H 216 38.07 29.19 36.30
C CYS H 216 37.64 28.71 34.92
N ILE H 217 36.41 28.19 34.81
CA ILE H 217 35.89 27.76 33.52
C ILE H 217 35.63 28.95 32.62
N LEU H 218 35.08 30.05 33.16
CA LEU H 218 34.78 31.20 32.32
C LEU H 218 36.00 31.63 31.53
N GLY H 219 37.08 31.96 32.23
CA GLY H 219 38.31 32.35 31.54
C GLY H 219 38.86 31.26 30.63
N GLU H 220 38.76 30.00 31.06
CA GLU H 220 39.29 28.90 30.24
C GLU H 220 38.70 28.91 28.84
N LEU H 221 37.44 29.31 28.70
CA LEU H 221 36.83 29.36 27.37
C LEU H 221 37.49 30.42 26.49
N PHE H 222 37.84 31.58 27.08
CA PHE H 222 38.45 32.64 26.30
C PHE H 222 39.90 32.34 25.94
N THR H 223 40.68 31.80 26.89
CA THR H 223 42.09 31.53 26.62
C THR H 223 42.32 30.19 25.93
N LYS H 224 41.30 29.33 25.87
CA LYS H 224 41.42 27.98 25.32
C LYS H 224 42.39 27.11 26.13
N LYS H 225 42.61 27.45 27.40
CA LYS H 225 43.57 26.77 28.27
C LYS H 225 43.17 26.97 29.73
N PRO H 226 43.31 25.94 30.58
CA PRO H 226 43.08 26.17 32.02
C PRO H 226 44.01 27.24 32.56
N ILE H 227 43.46 28.10 33.41
CA ILE H 227 44.22 29.24 33.91
C ILE H 227 45.28 28.80 34.90
N PHE H 228 44.88 28.00 35.89
CA PHE H 228 45.76 27.59 36.98
C PHE H 228 45.99 26.10 36.87
N GLN H 229 47.22 25.72 36.54
CA GLN H 229 47.58 24.31 36.43
C GLN H 229 48.83 24.07 37.26
N ALA H 230 48.67 23.27 38.30
CA ALA H 230 49.74 22.90 39.20
C ALA H 230 49.38 21.51 39.70
N ASN H 231 50.27 20.93 40.48
CA ASN H 231 50.09 19.59 40.99
C ASN H 231 49.98 19.53 42.50
N LEU H 232 50.46 20.56 43.19
CA LEU H 232 50.45 20.61 44.65
C LEU H 232 49.79 21.90 45.11
N GLU H 233 49.12 21.80 46.26
CA GLU H 233 48.23 22.86 46.73
C GLU H 233 48.97 24.17 46.92
N LEU H 234 50.22 24.14 47.41
CA LEU H 234 50.98 25.39 47.54
C LEU H 234 51.35 25.95 46.18
N ALA H 235 51.75 25.09 45.25
CA ALA H 235 52.04 25.56 43.89
C ALA H 235 50.79 26.18 43.28
N GLN H 236 49.62 25.60 43.59
CA GLN H 236 48.37 26.15 43.09
C GLN H 236 48.09 27.53 43.67
N LEU H 237 48.21 27.67 45.00
CA LEU H 237 47.99 28.96 45.63
C LEU H 237 48.94 30.01 45.05
N GLU H 238 50.17 29.62 44.74
CA GLU H 238 51.12 30.54 44.12
C GLU H 238 50.61 31.00 42.76
N LEU H 239 50.10 30.09 41.95
CA LEU H 239 49.58 30.49 40.64
C LEU H 239 48.39 31.43 40.81
N ILE H 240 47.47 31.09 41.71
CA ILE H 240 46.33 31.94 41.98
C ILE H 240 46.81 33.32 42.40
N SER H 241 47.81 33.37 43.27
CA SER H 241 48.30 34.64 43.78
C SER H 241 48.92 35.50 42.68
N ARG H 242 49.68 34.87 41.76
CA ARG H 242 50.36 35.65 40.74
C ARG H 242 49.38 36.48 39.91
N LEU H 243 48.14 36.04 39.81
CA LEU H 243 47.13 36.70 38.99
C LEU H 243 46.16 37.52 39.82
N CYS H 244 45.58 36.91 40.86
CA CYS H 244 44.54 37.56 41.65
C CYS H 244 45.06 38.36 42.83
N GLY H 245 46.36 38.35 43.07
CA GLY H 245 46.91 38.97 44.27
C GLY H 245 47.05 37.96 45.40
N SER H 246 48.04 38.19 46.26
CA SER H 246 48.28 37.27 47.35
C SER H 246 47.21 37.42 48.43
N PRO H 247 46.76 36.33 49.04
CA PRO H 247 45.85 36.46 50.19
C PRO H 247 46.50 37.24 51.33
N CYS H 248 45.81 38.29 51.77
CA CYS H 248 46.28 39.13 52.86
C CYS H 248 45.07 39.82 53.49
N PRO H 249 45.18 40.25 54.76
CA PRO H 249 44.03 40.90 55.42
C PRO H 249 43.54 42.15 54.70
N ALA H 250 44.38 42.83 53.92
CA ALA H 250 43.95 44.07 53.29
C ALA H 250 42.76 43.84 52.36
N VAL H 251 42.80 42.78 51.54
CA VAL H 251 41.72 42.48 50.62
C VAL H 251 40.77 41.41 51.12
N TRP H 252 41.17 40.65 52.14
CA TRP H 252 40.42 39.49 52.64
C TRP H 252 40.52 39.54 54.16
N PRO H 253 39.73 40.39 54.82
CA PRO H 253 39.97 40.64 56.25
C PRO H 253 40.00 39.40 57.13
N ASP H 254 39.17 38.40 56.85
CA ASP H 254 39.07 37.23 57.73
C ASP H 254 40.03 36.11 57.36
N VAL H 255 40.97 36.35 56.44
CA VAL H 255 41.91 35.30 56.07
C VAL H 255 42.74 34.88 57.27
N ILE H 256 43.00 35.81 58.19
CA ILE H 256 43.86 35.52 59.34
C ILE H 256 43.28 34.40 60.19
N ARG H 257 41.98 34.15 60.08
CA ARG H 257 41.36 33.06 60.80
C ARG H 257 41.66 31.70 60.20
N LEU H 258 42.18 31.66 59.01
CA LEU H 258 42.30 30.37 58.34
C LEU H 258 43.49 29.58 58.86
N PRO H 259 43.35 28.26 58.90
CA PRO H 259 44.42 27.42 59.48
C PRO H 259 45.80 27.65 58.90
N TYR H 260 45.92 27.69 57.57
CA TYR H 260 47.21 27.67 56.90
C TYR H 260 47.66 29.05 56.45
N PHE H 261 46.98 30.11 56.89
CA PHE H 261 47.31 31.44 56.39
C PHE H 261 48.79 31.75 56.61
N ASN H 262 49.30 31.50 57.83
CA ASN H 262 50.73 31.68 58.04
C ASN H 262 51.51 30.62 57.27
N THR H 263 51.01 29.38 57.32
CA THR H 263 51.73 28.23 56.80
C THR H 263 51.99 28.36 55.31
N MET H 264 50.94 28.45 54.51
CA MET H 264 51.06 28.46 53.06
C MET H 264 51.20 29.91 52.61
N LYS H 265 52.43 30.38 52.61
CA LYS H 265 52.59 31.75 52.15
C LYS H 265 53.12 31.73 50.72
N PRO H 266 52.60 32.59 49.85
CA PRO H 266 53.14 32.67 48.48
C PRO H 266 54.56 33.21 48.49
N LYS H 267 55.22 33.03 47.35
CA LYS H 267 56.61 33.48 47.20
C LYS H 267 56.73 34.95 47.56
N LYS H 268 55.76 35.75 47.12
CA LYS H 268 55.71 37.18 47.40
C LYS H 268 54.30 37.60 47.84
N GLN H 269 54.17 38.88 48.18
CA GLN H 269 52.89 39.56 48.33
C GLN H 269 52.54 40.19 46.99
N TYR H 270 51.98 39.39 46.08
CA TYR H 270 51.70 39.83 44.73
C TYR H 270 50.54 40.82 44.67
N ARG H 271 50.59 41.70 43.67
CA ARG H 271 49.48 42.57 43.32
C ARG H 271 48.53 41.82 42.37
N ARG H 272 47.30 42.32 42.28
CA ARG H 272 46.33 41.72 41.37
C ARG H 272 46.62 42.18 39.95
N ARG H 273 46.74 41.22 39.04
CA ARG H 273 47.00 41.49 37.63
C ARG H 273 45.91 40.91 36.75
N LEU H 274 44.75 40.59 37.35
CA LEU H 274 43.70 39.91 36.58
C LEU H 274 43.30 40.73 35.37
N ARG H 275 42.98 42.01 35.57
CA ARG H 275 42.59 42.85 34.45
C ARG H 275 43.73 43.02 33.45
N GLU H 276 44.96 43.17 33.94
CA GLU H 276 46.10 43.34 33.06
C GLU H 276 46.32 42.08 32.22
N GLU H 277 46.45 40.93 32.88
CA GLU H 277 46.73 39.68 32.18
C GLU H 277 45.58 39.29 31.24
N PHE H 278 44.35 39.64 31.60
CA PHE H 278 43.17 39.35 30.79
C PHE H 278 42.67 40.59 30.03
N SER H 279 43.58 41.46 29.61
CA SER H 279 43.16 42.65 28.88
C SER H 279 42.41 42.28 27.60
N PHE H 280 42.76 41.18 26.96
CA PHE H 280 42.14 40.81 25.69
C PHE H 280 40.65 40.52 25.85
N ILE H 281 40.26 39.93 26.98
CA ILE H 281 38.87 39.55 27.24
C ILE H 281 37.93 40.76 27.11
N PRO H 282 36.74 40.57 26.50
CA PRO H 282 35.75 41.66 26.42
C PRO H 282 35.45 42.33 27.75
N SER H 283 34.97 43.59 27.70
CA SER H 283 34.81 44.37 28.93
C SER H 283 33.74 43.80 29.86
N ALA H 284 32.57 43.47 29.32
CA ALA H 284 31.50 42.95 30.17
C ALA H 284 31.96 41.68 30.88
N ALA H 285 32.75 40.85 30.19
CA ALA H 285 33.24 39.60 30.76
C ALA H 285 34.35 39.86 31.77
N LEU H 286 35.26 40.78 31.46
CA LEU H 286 36.37 41.06 32.37
C LEU H 286 35.85 41.41 33.76
N ASP H 287 34.79 42.22 33.81
CA ASP H 287 34.16 42.54 35.08
C ASP H 287 33.67 41.29 35.78
N LEU H 288 33.04 40.38 35.01
CA LEU H 288 32.53 39.15 35.59
C LEU H 288 33.66 38.32 36.20
N LEU H 289 34.76 38.19 35.46
CA LEU H 289 35.88 37.38 35.94
C LEU H 289 36.50 37.97 37.19
N ASP H 290 36.72 39.28 37.20
CA ASP H 290 37.33 39.91 38.37
C ASP H 290 36.57 39.54 39.64
N HIS H 291 35.24 39.46 39.54
CA HIS H 291 34.41 39.19 40.70
C HIS H 291 34.35 37.70 41.05
N MET H 292 34.24 36.83 40.03
CA MET H 292 34.15 35.41 40.32
C MET H 292 35.45 34.90 40.92
N LEU H 293 36.58 35.37 40.39
CA LEU H 293 37.90 35.00 40.88
C LEU H 293 38.39 36.05 41.86
N THR H 294 37.51 36.34 42.83
CA THR H 294 37.79 37.21 43.96
C THR H 294 38.14 36.35 45.17
N LEU H 295 39.26 36.67 45.81
CA LEU H 295 39.82 35.78 46.82
C LEU H 295 38.87 35.61 48.01
N ASP H 296 38.33 36.69 48.54
CA ASP H 296 37.50 36.59 49.73
C ASP H 296 36.14 36.02 49.36
N PRO H 297 35.77 34.83 49.84
CA PRO H 297 34.46 34.27 49.46
C PRO H 297 33.30 35.14 49.88
N SER H 298 33.44 35.94 50.94
CA SER H 298 32.35 36.83 51.33
C SER H 298 32.24 38.02 50.38
N LYS H 299 33.31 38.35 49.64
CA LYS H 299 33.25 39.38 48.62
C LYS H 299 33.07 38.80 47.22
N ARG H 300 33.20 37.48 47.07
CA ARG H 300 33.00 36.82 45.78
C ARG H 300 31.53 36.83 45.41
N CYS H 301 31.26 37.13 44.14
CA CYS H 301 29.89 37.24 43.68
C CYS H 301 29.16 35.91 43.82
N THR H 302 27.84 35.99 43.84
CA THR H 302 26.98 34.82 43.89
C THR H 302 26.57 34.40 42.48
N ALA H 303 25.88 33.27 42.38
CA ALA H 303 25.32 32.87 41.09
C ALA H 303 24.29 33.87 40.61
N GLU H 304 23.40 34.32 41.51
CA GLU H 304 22.38 35.26 41.09
C GLU H 304 22.98 36.52 40.50
N GLN H 305 24.03 37.05 41.13
CA GLN H 305 24.63 38.30 40.68
C GLN H 305 25.22 38.16 39.28
N THR H 306 25.80 37.01 38.97
CA THR H 306 26.33 36.79 37.64
C THR H 306 25.22 36.86 36.60
N LEU H 307 24.04 36.32 36.94
CA LEU H 307 22.91 36.38 36.03
C LEU H 307 22.37 37.81 35.90
N GLN H 308 22.70 38.68 36.86
CA GLN H 308 22.39 40.10 36.77
C GLN H 308 23.62 40.89 36.37
N SER H 309 24.39 40.38 35.40
CA SER H 309 25.58 41.04 34.92
C SER H 309 25.35 41.57 33.52
N ASP H 310 26.09 42.62 33.16
CA ASP H 310 26.00 43.12 31.79
C ASP H 310 26.32 42.02 30.78
N PHE H 311 27.19 41.06 31.16
CA PHE H 311 27.54 39.99 30.23
C PHE H 311 26.38 39.05 29.99
N LEU H 312 25.68 38.64 31.07
CA LEU H 312 24.66 37.63 30.99
C LEU H 312 23.24 38.14 31.19
N LYS H 313 23.09 39.37 31.70
CA LYS H 313 21.78 39.88 32.08
C LYS H 313 20.82 39.80 30.91
N ASP H 314 21.27 40.16 29.71
CA ASP H 314 20.43 40.32 28.54
C ASP H 314 20.50 39.16 27.56
N VAL H 315 21.18 38.06 27.92
CA VAL H 315 21.25 36.91 27.04
C VAL H 315 19.92 36.17 27.01
N GLU H 316 19.48 35.77 25.82
CA GLU H 316 18.23 35.05 25.63
C GLU H 316 18.53 33.59 25.32
N LEU H 317 17.98 32.68 26.12
CA LEU H 317 18.22 31.26 25.93
C LEU H 317 17.55 30.69 24.69
N SER H 318 16.62 31.41 24.07
CA SER H 318 16.04 30.98 22.81
C SER H 318 17.08 30.92 21.69
N LYS H 319 18.10 31.77 21.73
CA LYS H 319 19.12 31.72 20.69
C LYS H 319 19.96 30.45 20.82
N MET H 320 20.42 30.13 22.02
CA MET H 320 21.22 28.94 22.26
C MET H 320 22.19 28.65 21.14
N ALA H 321 23.17 29.53 20.94
CA ALA H 321 24.20 29.36 19.93
C ALA H 321 25.04 28.13 20.26
N PRO H 322 24.95 27.04 19.49
CA PRO H 322 25.81 25.89 19.77
C PRO H 322 27.26 26.32 19.62
N PRO H 323 28.17 25.83 20.46
CA PRO H 323 29.57 26.18 20.25
C PRO H 323 29.98 25.67 18.88
N ASP H 324 30.91 26.39 18.26
CA ASP H 324 31.21 26.16 16.84
C ASP H 324 31.97 24.84 16.72
N LEU H 325 31.29 23.80 16.28
CA LEU H 325 31.94 22.51 16.05
C LEU H 325 32.53 22.47 14.64
N PRO H 326 33.70 21.87 14.46
CA PRO H 326 34.36 21.94 13.16
C PRO H 326 33.63 21.16 12.08
N HIS H 327 33.91 21.53 10.83
CA HIS H 327 33.35 20.86 9.67
C HIS H 327 34.25 19.68 9.27
N TRP H 328 33.70 18.78 8.46
CA TRP H 328 34.42 17.54 8.16
C TRP H 328 35.63 17.79 7.27
N GLN H 329 35.47 18.64 6.24
CA GLN H 329 36.59 18.88 5.33
C GLN H 329 37.72 19.61 6.04
N ASP H 330 37.39 20.37 7.08
CA ASP H 330 38.39 21.10 7.83
C ASP H 330 39.14 20.17 8.75
N CYS H 331 38.41 19.27 9.40
CA CYS H 331 38.99 18.27 10.29
C CYS H 331 39.90 17.34 9.49
N THR I 24 5.68 12.16 38.63
CA THR I 24 7.01 12.61 39.04
C THR I 24 7.47 11.87 40.31
N LYS I 25 6.95 12.28 41.48
CA LYS I 25 7.21 11.69 42.80
C LYS I 25 5.95 11.00 43.36
N PRO I 26 6.12 9.91 44.09
CA PRO I 26 4.95 9.10 44.50
C PRO I 26 4.11 9.68 45.63
N CYS I 27 2.86 9.18 45.68
CA CYS I 27 1.90 9.48 46.74
C CYS I 27 2.06 8.52 47.91
N TRP I 28 2.25 9.07 49.11
CA TRP I 28 2.50 8.26 50.30
C TRP I 28 1.39 8.34 51.35
N TYR I 29 0.17 8.66 50.96
CA TYR I 29 -0.90 8.82 51.95
C TYR I 29 -2.13 8.03 51.54
N TRP I 30 -2.74 7.37 52.53
CA TRP I 30 -3.88 6.49 52.38
C TRP I 30 -5.01 7.01 53.26
N ASP I 31 -6.22 6.50 53.03
CA ASP I 31 -7.31 6.78 53.93
C ASP I 31 -7.39 5.70 55.01
N LYS I 32 -7.86 6.10 56.19
CA LYS I 32 -8.00 5.17 57.31
C LYS I 32 -8.67 3.88 56.86
N LYS I 33 -9.70 4.00 56.03
CA LYS I 33 -10.41 2.82 55.57
C LYS I 33 -9.47 1.83 54.87
N ASP I 34 -8.40 2.34 54.24
CA ASP I 34 -7.52 1.48 53.47
C ASP I 34 -6.70 0.53 54.34
N LEU I 35 -6.50 0.85 55.62
CA LEU I 35 -5.68 0.02 56.48
C LEU I 35 -6.32 -1.32 56.78
N ALA I 36 -7.60 -1.50 56.43
CA ALA I 36 -8.23 -2.81 56.53
C ALA I 36 -7.72 -3.79 55.50
N HIS I 37 -6.91 -3.32 54.54
CA HIS I 37 -6.53 -4.13 53.39
C HIS I 37 -5.02 -4.14 53.18
N THR I 38 -4.25 -3.93 54.25
CA THR I 38 -2.81 -4.08 54.14
C THR I 38 -2.49 -5.54 53.88
N PRO I 39 -1.32 -5.82 53.29
CA PRO I 39 -0.90 -7.23 53.16
C PRO I 39 -1.06 -8.01 54.45
N SER I 40 -0.76 -7.40 55.60
CA SER I 40 -0.88 -8.11 56.88
C SER I 40 -2.33 -8.49 57.17
N GLN I 41 -3.26 -7.55 56.96
CA GLN I 41 -4.66 -7.86 57.20
C GLN I 41 -5.13 -9.03 56.33
N LEU I 42 -4.71 -9.03 55.07
CA LEU I 42 -5.18 -10.01 54.10
C LEU I 42 -4.52 -11.36 54.30
N GLU I 43 -3.39 -11.41 54.99
CA GLU I 43 -2.79 -12.68 55.39
C GLU I 43 -3.31 -13.17 56.74
N GLY I 44 -4.42 -12.60 57.22
CA GLY I 44 -5.07 -13.12 58.41
C GLY I 44 -4.70 -12.45 59.70
N LEU I 45 -3.81 -11.47 59.68
CA LEU I 45 -3.50 -10.70 60.88
C LEU I 45 -4.65 -9.78 61.21
N ASP I 46 -5.06 -9.75 62.46
CA ASP I 46 -6.21 -8.93 62.80
C ASP I 46 -5.77 -7.49 63.07
N PRO I 47 -6.70 -6.54 63.03
CA PRO I 47 -6.31 -5.13 63.15
C PRO I 47 -5.56 -4.80 64.42
N ALA I 48 -5.97 -5.37 65.56
CA ALA I 48 -5.26 -5.07 66.80
C ALA I 48 -3.81 -5.53 66.72
N THR I 49 -3.58 -6.72 66.19
CA THR I 49 -2.22 -7.25 66.12
C THR I 49 -1.34 -6.39 65.22
N GLU I 50 -1.85 -6.01 64.05
CA GLU I 50 -1.03 -5.17 63.17
C GLU I 50 -0.74 -3.84 63.83
N ALA I 51 -1.74 -3.26 64.53
CA ALA I 51 -1.49 -2.04 65.28
C ALA I 51 -0.42 -2.28 66.33
N ARG I 52 -0.52 -3.40 67.06
CA ARG I 52 0.48 -3.72 68.07
C ARG I 52 1.86 -3.88 67.45
N TYR I 53 1.94 -4.63 66.35
CA TYR I 53 3.21 -4.83 65.67
C TYR I 53 3.81 -3.51 65.22
N ARG I 54 2.98 -2.52 64.89
CA ARG I 54 3.50 -1.23 64.46
C ARG I 54 4.03 -0.42 65.63
N ARG I 55 3.30 -0.40 66.75
CA ARG I 55 3.82 0.24 67.96
C ARG I 55 5.14 -0.38 68.37
N GLU I 56 5.20 -1.71 68.43
CA GLU I 56 6.41 -2.39 68.88
C GLU I 56 7.58 -2.03 67.98
N GLY I 57 7.37 -2.08 66.66
CA GLY I 57 8.43 -1.72 65.74
C GLY I 57 8.82 -0.25 65.84
N ALA I 58 7.82 0.64 65.89
CA ALA I 58 8.11 2.06 66.01
C ALA I 58 8.89 2.36 67.28
N ARG I 59 8.44 1.84 68.42
CA ARG I 59 9.14 2.09 69.67
C ARG I 59 10.52 1.42 69.69
N PHE I 60 10.63 0.23 69.08
CA PHE I 60 11.94 -0.39 68.93
C PHE I 60 12.90 0.53 68.19
N ILE I 61 12.45 1.09 67.05
CA ILE I 61 13.30 2.02 66.31
C ILE I 61 13.64 3.24 67.19
N PHE I 62 12.66 3.73 67.94
CA PHE I 62 12.89 4.89 68.79
C PHE I 62 13.93 4.59 69.87
N ASP I 63 13.81 3.42 70.51
CA ASP I 63 14.67 3.11 71.65
C ASP I 63 16.11 2.81 71.21
N VAL I 64 16.26 2.01 70.14
CA VAL I 64 17.60 1.70 69.64
C VAL I 64 18.32 2.98 69.28
N GLY I 65 17.67 3.83 68.48
CA GLY I 65 18.30 5.05 68.04
C GLY I 65 18.57 6.05 69.16
N THR I 66 17.71 6.08 70.17
CA THR I 66 17.97 6.95 71.31
C THR I 66 19.25 6.53 72.05
N ARG I 67 19.44 5.23 72.24
CA ARG I 67 20.67 4.76 72.87
C ARG I 67 21.91 5.15 72.06
N LEU I 68 21.80 5.15 70.73
CA LEU I 68 22.94 5.48 69.89
C LEU I 68 23.20 6.98 69.80
N GLY I 69 22.35 7.81 70.41
CA GLY I 69 22.56 9.24 70.38
C GLY I 69 22.10 9.94 69.13
N LEU I 70 21.12 9.37 68.43
CA LEU I 70 20.75 9.84 67.10
C LEU I 70 19.78 11.03 67.16
N HIS I 71 19.92 11.92 66.19
CA HIS I 71 19.02 13.07 66.04
C HIS I 71 17.58 12.61 65.89
N TYR I 72 16.65 13.46 66.31
CA TYR I 72 15.23 13.08 66.30
C TYR I 72 14.71 12.88 64.89
N ASP I 73 15.21 13.66 63.92
CA ASP I 73 14.77 13.45 62.54
C ASP I 73 15.13 12.05 62.05
N THR I 74 16.32 11.57 62.43
CA THR I 74 16.77 10.27 61.98
C THR I 74 15.84 9.15 62.47
N LEU I 75 15.42 9.23 63.74
CA LEU I 75 14.49 8.23 64.25
C LEU I 75 13.18 8.25 63.47
N ALA I 76 12.59 9.44 63.32
CA ALA I 76 11.32 9.54 62.62
C ALA I 76 11.45 9.05 61.20
N THR I 77 12.55 9.42 60.52
CA THR I 77 12.75 8.95 59.16
C THR I 77 12.73 7.43 59.11
N GLY I 78 13.47 6.78 60.02
CA GLY I 78 13.40 5.34 60.10
C GLY I 78 12.00 4.82 60.33
N ILE I 79 11.26 5.46 61.24
CA ILE I 79 9.92 4.97 61.57
C ILE I 79 8.98 5.10 60.38
N ILE I 80 9.08 6.20 59.62
CA ILE I 80 8.19 6.33 58.47
C ILE I 80 8.55 5.30 57.39
N TYR I 81 9.85 5.11 57.13
CA TYR I 81 10.24 4.01 56.25
C TYR I 81 9.57 2.72 56.72
N PHE I 82 9.64 2.45 58.03
CA PHE I 82 9.04 1.26 58.62
C PHE I 82 7.54 1.18 58.33
N HIS I 83 6.79 2.23 58.70
CA HIS I 83 5.34 2.18 58.50
C HIS I 83 4.99 1.95 57.04
N ARG I 84 5.64 2.69 56.15
CA ARG I 84 5.37 2.53 54.73
C ARG I 84 5.68 1.11 54.27
N PHE I 85 6.79 0.55 54.75
CA PHE I 85 7.18 -0.79 54.37
C PHE I 85 6.01 -1.77 54.49
N TYR I 86 5.30 -1.73 55.62
CA TYR I 86 4.22 -2.69 55.88
C TYR I 86 2.89 -2.29 55.26
N MET I 87 2.88 -1.22 54.45
CA MET I 87 1.78 -1.01 53.51
C MET I 87 1.95 -1.87 52.27
N PHE I 88 3.19 -2.29 51.99
CA PHE I 88 3.54 -3.09 50.83
C PHE I 88 3.86 -4.54 51.18
N HIS I 89 4.09 -4.85 52.46
CA HIS I 89 4.48 -6.20 52.85
C HIS I 89 3.70 -6.61 54.09
N SER I 90 3.80 -7.90 54.41
CA SER I 90 3.10 -8.47 55.55
C SER I 90 4.07 -8.67 56.71
N PHE I 91 3.57 -8.46 57.93
CA PHE I 91 4.36 -8.73 59.11
C PHE I 91 4.69 -10.21 59.27
N LYS I 92 3.91 -11.07 58.63
CA LYS I 92 4.16 -12.50 58.73
C LYS I 92 5.34 -12.95 57.89
N GLN I 93 5.68 -12.20 56.85
CA GLN I 93 6.78 -12.57 55.97
C GLN I 93 8.06 -11.82 56.31
N PHE I 94 7.94 -10.67 56.95
CA PHE I 94 9.08 -9.86 57.37
C PHE I 94 9.01 -9.59 58.86
N PRO I 95 9.86 -10.23 59.65
CA PRO I 95 9.89 -9.94 61.09
C PRO I 95 10.06 -8.44 61.32
N ARG I 96 9.26 -7.91 62.24
CA ARG I 96 9.19 -6.46 62.41
C ARG I 96 10.53 -5.89 62.88
N TYR I 97 11.13 -6.51 63.90
CA TYR I 97 12.32 -5.92 64.49
C TYR I 97 13.50 -5.93 63.52
N VAL I 98 13.62 -6.96 62.69
CA VAL I 98 14.63 -6.95 61.65
C VAL I 98 14.39 -5.77 60.71
N THR I 99 13.13 -5.62 60.27
CA THR I 99 12.77 -4.48 59.43
C THR I 99 13.12 -3.16 60.12
N GLY I 100 12.72 -3.00 61.38
CA GLY I 100 13.04 -1.78 62.09
C GLY I 100 14.52 -1.45 62.07
N ALA I 101 15.36 -2.42 62.38
CA ALA I 101 16.80 -2.20 62.37
C ALA I 101 17.28 -1.73 61.01
N CYS I 102 16.78 -2.36 59.93
CA CYS I 102 17.19 -1.97 58.58
C CYS I 102 16.77 -0.54 58.28
N CYS I 103 15.55 -0.17 58.65
CA CYS I 103 15.08 1.20 58.44
C CYS I 103 15.99 2.20 59.13
N LEU I 104 16.34 1.93 60.39
CA LEU I 104 17.22 2.84 61.10
C LEU I 104 18.58 2.96 60.44
N PHE I 105 19.14 1.82 60.01
CA PHE I 105 20.43 1.84 59.34
C PHE I 105 20.40 2.78 58.15
N LEU I 106 19.37 2.65 57.31
CA LEU I 106 19.28 3.51 56.13
C LEU I 106 19.00 4.97 56.51
N ALA I 107 18.00 5.21 57.36
CA ALA I 107 17.68 6.57 57.76
C ALA I 107 18.93 7.27 58.26
N GLY I 108 19.78 6.56 58.99
CA GLY I 108 21.05 7.13 59.41
C GLY I 108 21.88 7.60 58.23
N LYS I 109 22.04 6.75 57.22
CA LYS I 109 22.82 7.14 56.06
C LYS I 109 22.14 8.27 55.29
N VAL I 110 20.81 8.31 55.29
CA VAL I 110 20.09 9.35 54.58
C VAL I 110 20.23 10.70 55.27
N GLU I 111 20.02 10.74 56.59
CA GLU I 111 20.00 11.99 57.34
C GLU I 111 21.39 12.46 57.75
N GLU I 112 22.44 11.93 57.12
CA GLU I 112 23.83 12.32 57.40
C GLU I 112 24.18 12.12 58.87
N THR I 113 23.65 11.05 59.47
CA THR I 113 23.99 10.61 60.83
C THR I 113 24.43 9.16 60.82
N PRO I 114 25.66 8.89 60.37
CA PRO I 114 26.08 7.50 60.13
C PRO I 114 26.15 6.63 61.39
N LYS I 115 25.80 5.36 61.23
CA LYS I 115 25.97 4.32 62.26
C LYS I 115 26.26 2.99 61.58
N LYS I 116 27.07 2.16 62.25
CA LYS I 116 27.40 0.85 61.73
C LYS I 116 26.32 -0.18 61.99
N CYS I 117 26.08 -1.06 61.02
CA CYS I 117 25.11 -2.13 61.22
C CYS I 117 25.50 -2.97 62.43
N LYS I 118 26.81 -3.13 62.66
CA LYS I 118 27.27 -3.90 63.80
C LYS I 118 26.79 -3.30 65.11
N ASP I 119 26.78 -1.98 65.21
CA ASP I 119 26.35 -1.33 66.45
C ASP I 119 24.83 -1.32 66.60
N ILE I 120 24.09 -1.16 65.50
CA ILE I 120 22.64 -1.26 65.61
C ILE I 120 22.25 -2.64 66.11
N ILE I 121 22.88 -3.70 65.58
CA ILE I 121 22.60 -5.05 66.05
C ILE I 121 22.96 -5.18 67.54
N LYS I 122 24.15 -4.72 67.91
CA LYS I 122 24.58 -4.78 69.31
C LYS I 122 23.56 -4.09 70.21
N THR I 123 23.14 -2.88 69.83
CA THR I 123 22.16 -2.16 70.64
C THR I 123 20.82 -2.88 70.67
N ALA I 124 20.40 -3.43 69.54
CA ALA I 124 19.16 -4.19 69.50
C ALA I 124 19.20 -5.35 70.48
N ARG I 125 20.35 -6.01 70.58
CA ARG I 125 20.47 -7.16 71.47
C ARG I 125 20.25 -6.74 72.92
N SER I 126 20.72 -5.54 73.28
CA SER I 126 20.52 -5.05 74.64
C SER I 126 19.04 -4.88 74.97
N LEU I 127 18.26 -4.42 74.01
CA LEU I 127 16.87 -4.07 74.25
C LEU I 127 15.92 -5.25 74.05
N LEU I 128 16.27 -6.19 73.18
CA LEU I 128 15.39 -7.31 72.89
C LEU I 128 15.77 -8.49 73.77
N ASN I 129 14.77 -9.24 74.19
CA ASN I 129 14.98 -10.48 74.93
C ASN I 129 15.42 -11.57 73.94
N ASP I 130 15.50 -12.81 74.42
CA ASP I 130 16.01 -13.87 73.56
C ASP I 130 14.99 -14.26 72.51
N VAL I 131 13.71 -14.35 72.88
CA VAL I 131 12.67 -14.71 71.93
C VAL I 131 12.62 -13.69 70.79
N GLN I 132 12.58 -12.42 71.16
CA GLN I 132 12.50 -11.35 70.16
C GLN I 132 13.72 -11.37 69.23
N PHE I 133 14.91 -11.48 69.82
CA PHE I 133 16.12 -11.50 69.00
C PHE I 133 16.20 -12.73 68.11
N GLY I 134 15.33 -13.72 68.31
CA GLY I 134 15.29 -14.86 67.42
C GLY I 134 14.92 -14.51 65.99
N GLN I 135 14.24 -13.38 65.80
CA GLN I 135 13.94 -12.93 64.44
C GLN I 135 15.23 -12.68 63.66
N PHE I 136 16.26 -12.16 64.35
CA PHE I 136 17.52 -11.89 63.66
C PHE I 136 18.28 -13.16 63.32
N GLY I 137 17.90 -14.29 63.92
CA GLY I 137 18.48 -15.56 63.51
C GLY I 137 19.94 -15.72 63.87
N ASP I 138 20.58 -16.64 63.14
CA ASP I 138 21.97 -16.98 63.42
C ASP I 138 22.90 -15.81 63.11
N ASP I 139 22.84 -15.29 61.88
CA ASP I 139 23.62 -14.11 61.53
C ASP I 139 22.71 -12.88 61.48
N PRO I 140 22.66 -12.04 62.54
CA PRO I 140 21.78 -10.87 62.50
C PRO I 140 22.23 -9.83 61.49
N LYS I 141 23.53 -9.53 61.53
CA LYS I 141 24.08 -8.44 60.72
C LYS I 141 23.69 -8.58 59.25
N GLU I 142 23.79 -9.79 58.70
CA GLU I 142 23.48 -9.98 57.28
C GLU I 142 21.98 -9.88 57.02
N GLU I 143 21.13 -10.41 57.93
CA GLU I 143 19.69 -10.33 57.70
C GLU I 143 19.25 -8.89 57.49
N VAL I 144 19.91 -7.96 58.18
CA VAL I 144 19.60 -6.54 58.01
C VAL I 144 20.12 -6.04 56.67
N MET I 145 21.37 -6.37 56.34
CA MET I 145 21.98 -5.87 55.12
C MET I 145 21.22 -6.33 53.88
N VAL I 146 20.78 -7.59 53.85
CA VAL I 146 20.05 -8.09 52.69
C VAL I 146 18.67 -7.45 52.60
N LEU I 147 18.08 -7.08 53.75
CA LEU I 147 16.77 -6.44 53.74
C LEU I 147 16.86 -5.03 53.19
N GLU I 148 18.05 -4.43 53.23
CA GLU I 148 18.24 -3.09 52.68
C GLU I 148 17.83 -3.01 51.22
N ARG I 149 18.15 -4.05 50.44
CA ARG I 149 17.78 -4.03 49.03
C ARG I 149 16.27 -3.94 48.87
N ILE I 150 15.53 -4.76 49.61
CA ILE I 150 14.08 -4.73 49.51
C ILE I 150 13.54 -3.39 49.99
N LEU I 151 14.05 -2.89 51.12
CA LEU I 151 13.55 -1.63 51.63
C LEU I 151 13.65 -0.54 50.59
N LEU I 152 14.84 -0.38 50.00
CA LEU I 152 15.04 0.65 48.99
C LEU I 152 14.03 0.53 47.85
N GLN I 153 13.83 -0.69 47.34
CA GLN I 153 12.85 -0.88 46.27
C GLN I 153 11.44 -0.58 46.77
N THR I 154 11.14 -0.97 48.00
CA THR I 154 9.80 -0.77 48.54
C THR I 154 9.47 0.72 48.67
N ILE I 155 10.37 1.49 49.27
CA ILE I 155 10.14 2.92 49.45
C ILE I 155 10.34 3.66 48.13
N LYS I 156 10.54 2.90 47.04
CA LYS I 156 10.61 3.48 45.70
C LYS I 156 11.72 4.54 45.60
N PHE I 157 12.74 4.41 46.44
CA PHE I 157 13.90 5.32 46.48
C PHE I 157 13.50 6.76 46.76
N ASP I 158 12.32 6.99 47.33
CA ASP I 158 11.90 8.33 47.76
C ASP I 158 12.41 8.55 49.18
N LEU I 159 13.69 8.94 49.26
CA LEU I 159 14.39 9.01 50.54
C LEU I 159 14.07 10.28 51.33
N GLN I 160 13.86 11.41 50.67
CA GLN I 160 13.61 12.67 51.38
C GLN I 160 12.26 12.61 52.09
N VAL I 161 12.27 12.89 53.39
CA VAL I 161 11.06 12.89 54.21
C VAL I 161 11.05 14.11 55.13
N GLU I 162 9.87 14.73 55.25
CA GLU I 162 9.66 15.85 56.16
C GLU I 162 8.86 15.35 57.37
N HIS I 163 9.09 15.95 58.53
CA HIS I 163 8.46 15.48 59.76
C HIS I 163 7.74 16.61 60.47
N PRO I 164 6.72 16.30 61.28
CA PRO I 164 5.98 17.37 61.97
C PRO I 164 6.85 18.29 62.80
N TYR I 165 8.00 17.82 63.30
CA TYR I 165 8.77 18.62 64.25
C TYR I 165 9.13 19.98 63.66
N GLN I 166 9.66 19.99 62.43
CA GLN I 166 10.15 21.23 61.86
C GLN I 166 9.02 22.24 61.63
N PHE I 167 7.81 21.76 61.38
CA PHE I 167 6.69 22.66 61.20
C PHE I 167 6.18 23.15 62.55
N LEU I 168 6.18 22.27 63.56
CA LEU I 168 5.87 22.70 64.91
C LEU I 168 6.73 23.88 65.32
N LEU I 169 8.03 23.85 64.96
CA LEU I 169 8.93 24.94 65.32
C LEU I 169 8.74 26.15 64.40
N LYS I 170 8.57 25.90 63.10
CA LYS I 170 8.33 26.99 62.16
C LYS I 170 7.09 27.79 62.52
N TYR I 171 6.00 27.11 62.89
CA TYR I 171 4.77 27.80 63.20
C TYR I 171 4.82 28.47 64.56
N ALA I 172 5.33 27.78 65.57
CA ALA I 172 5.42 28.38 66.90
C ALA I 172 6.29 29.63 66.89
N LYS I 173 7.32 29.66 66.05
CA LYS I 173 8.20 30.83 65.96
C LYS I 173 7.42 32.09 65.62
N GLN I 174 6.28 31.95 64.93
CA GLN I 174 5.44 33.07 64.53
C GLN I 174 4.48 33.50 65.63
N LEU I 175 4.30 32.69 66.66
CA LEU I 175 3.47 33.08 67.80
C LEU I 175 4.23 34.10 68.67
N LYS I 176 3.51 35.12 69.15
CA LYS I 176 4.08 36.11 70.05
C LYS I 176 3.17 36.22 71.26
N GLY I 177 3.74 36.16 72.45
CA GLY I 177 2.95 36.18 73.67
C GLY I 177 3.78 35.71 74.85
N ASP I 178 3.08 35.29 75.89
CA ASP I 178 3.76 34.74 77.07
C ASP I 178 4.63 33.58 76.62
N LYS I 179 5.95 33.74 76.76
CA LYS I 179 6.88 32.74 76.23
C LYS I 179 6.79 31.42 76.98
N ASN I 180 6.55 31.48 78.30
CA ASN I 180 6.46 30.22 79.05
C ASN I 180 5.19 29.45 78.69
N LYS I 181 4.09 30.16 78.39
CA LYS I 181 2.89 29.46 77.92
C LYS I 181 3.08 28.88 76.53
N ILE I 182 3.80 29.60 75.66
CA ILE I 182 4.04 29.09 74.30
C ILE I 182 5.01 27.91 74.34
N GLN I 183 6.00 27.96 75.23
CA GLN I 183 6.94 26.85 75.36
C GLN I 183 6.23 25.59 75.86
N LYS I 184 5.33 25.73 76.85
CA LYS I 184 4.57 24.57 77.31
C LYS I 184 3.79 23.95 76.16
N LEU I 185 3.21 24.80 75.31
CA LEU I 185 2.50 24.31 74.14
C LEU I 185 3.41 23.50 73.23
N VAL I 186 4.63 23.99 73.02
CA VAL I 186 5.56 23.32 72.10
C VAL I 186 5.98 21.97 72.67
N GLN I 187 6.36 21.95 73.94
CA GLN I 187 6.82 20.71 74.56
C GLN I 187 5.74 19.65 74.53
N MET I 188 4.51 20.02 74.89
CA MET I 188 3.41 19.06 74.87
C MET I 188 3.13 18.58 73.45
N ALA I 189 3.14 19.49 72.48
CA ALA I 189 2.95 19.10 71.09
C ALA I 189 4.07 18.16 70.64
N TRP I 190 5.31 18.49 70.99
CA TRP I 190 6.44 17.63 70.65
C TRP I 190 6.22 16.24 71.22
N THR I 191 5.79 16.15 72.48
CA THR I 191 5.48 14.86 73.07
C THR I 191 4.42 14.13 72.26
N PHE I 192 3.38 14.86 71.83
CA PHE I 192 2.33 14.25 71.01
C PHE I 192 2.88 13.77 69.67
N VAL I 193 3.82 14.52 69.08
CA VAL I 193 4.44 14.06 67.84
C VAL I 193 5.17 12.74 68.07
N ASN I 194 6.00 12.67 69.10
CA ASN I 194 6.70 11.44 69.41
C ASN I 194 5.72 10.28 69.57
N ASP I 195 4.56 10.56 70.18
CA ASP I 195 3.57 9.51 70.39
C ASP I 195 2.87 9.14 69.09
N SER I 196 2.69 10.11 68.19
CA SER I 196 2.03 9.86 66.92
C SER I 196 2.85 8.96 66.00
N LEU I 197 4.15 8.80 66.29
CA LEU I 197 5.00 7.94 65.48
C LEU I 197 4.69 6.47 65.68
N CYS I 198 3.99 6.12 66.76
CA CYS I 198 3.55 4.74 66.96
C CYS I 198 2.27 4.43 66.21
N THR I 199 1.73 5.41 65.49
CA THR I 199 0.46 5.27 64.79
C THR I 199 0.67 5.41 63.29
N THR I 200 -0.37 5.09 62.54
CA THR I 200 -0.38 5.23 61.09
C THR I 200 -0.73 6.64 60.62
N LEU I 201 -0.79 7.60 61.54
CA LEU I 201 -1.01 8.99 61.13
C LEU I 201 0.06 9.46 60.14
N SER I 202 1.30 8.99 60.31
CA SER I 202 2.36 9.29 59.36
C SER I 202 1.94 8.93 57.93
N LEU I 203 1.01 7.98 57.80
CA LEU I 203 0.55 7.50 56.51
C LEU I 203 -0.75 8.14 56.06
N GLN I 204 -1.41 8.91 56.93
CA GLN I 204 -2.71 9.48 56.60
C GLN I 204 -2.65 10.96 56.26
N TRP I 205 -1.75 11.71 56.87
CA TRP I 205 -1.77 13.17 56.77
C TRP I 205 -0.36 13.71 56.61
N GLU I 206 -0.24 14.76 55.79
CA GLU I 206 1.05 15.42 55.63
C GLU I 206 1.60 15.87 56.98
N PRO I 207 2.92 16.01 57.10
CA PRO I 207 3.48 16.43 58.39
C PRO I 207 3.00 17.80 58.83
N GLU I 208 2.80 18.72 57.88
CA GLU I 208 2.31 20.05 58.25
C GLU I 208 0.99 19.96 59.00
N ILE I 209 0.10 19.06 58.56
CA ILE I 209 -1.19 18.89 59.22
C ILE I 209 -1.01 18.31 60.62
N ILE I 210 -0.14 17.30 60.75
CA ILE I 210 0.12 16.74 62.07
C ILE I 210 0.60 17.83 63.03
N ALA I 211 1.53 18.68 62.56
CA ALA I 211 2.06 19.73 63.42
C ALA I 211 0.95 20.64 63.93
N VAL I 212 0.01 20.99 63.06
CA VAL I 212 -1.11 21.82 63.51
C VAL I 212 -1.97 21.06 64.51
N ALA I 213 -2.25 19.79 64.24
CA ALA I 213 -3.12 19.03 65.14
C ALA I 213 -2.56 18.98 66.55
N VAL I 214 -1.25 18.74 66.69
CA VAL I 214 -0.69 18.63 68.03
C VAL I 214 -0.66 19.98 68.72
N MET I 215 -0.48 21.07 67.97
CA MET I 215 -0.65 22.39 68.53
C MET I 215 -2.09 22.59 68.99
N TYR I 216 -3.02 22.22 68.12
CA TYR I 216 -4.46 22.31 68.41
C TYR I 216 -4.81 21.52 69.68
N LEU I 217 -4.30 20.29 69.78
CA LEU I 217 -4.56 19.49 70.98
C LEU I 217 -3.94 20.14 72.22
N ALA I 218 -2.66 20.49 72.14
CA ALA I 218 -2.00 21.10 73.29
C ALA I 218 -2.70 22.38 73.70
N GLY I 219 -3.20 23.14 72.72
CA GLY I 219 -3.98 24.32 73.04
C GLY I 219 -5.21 23.97 73.85
N ARG I 220 -5.94 22.95 73.42
CA ARG I 220 -7.14 22.54 74.15
C ARG I 220 -6.79 22.11 75.57
N LEU I 221 -5.79 21.24 75.71
CA LEU I 221 -5.46 20.69 77.03
C LEU I 221 -4.95 21.76 77.98
N CYS I 222 -4.06 22.64 77.50
CA CYS I 222 -3.55 23.73 78.34
C CYS I 222 -4.49 24.92 78.36
N LYS I 223 -5.66 24.84 77.71
CA LYS I 223 -6.65 25.91 77.74
C LYS I 223 -6.04 27.22 77.23
N PHE I 224 -5.30 27.14 76.13
CA PHE I 224 -4.70 28.29 75.47
C PHE I 224 -5.47 28.64 74.20
N GLU I 225 -5.61 29.94 73.92
CA GLU I 225 -6.23 30.44 72.70
C GLU I 225 -5.14 30.88 71.73
N ILE I 226 -4.76 29.99 70.81
CA ILE I 226 -3.59 30.26 70.00
C ILE I 226 -3.82 31.39 69.00
N GLN I 227 -5.07 31.67 68.64
CA GLN I 227 -5.31 32.71 67.64
C GLN I 227 -4.84 34.08 68.12
N GLU I 228 -4.95 34.36 69.42
CA GLU I 228 -4.58 35.67 69.91
C GLU I 228 -3.10 35.93 69.69
N TRP I 229 -2.28 34.87 69.69
CA TRP I 229 -0.85 35.00 69.44
C TRP I 229 -0.54 35.26 67.97
N THR I 230 -1.44 34.89 67.06
CA THR I 230 -1.19 35.03 65.63
C THR I 230 -1.29 36.49 65.18
N SER I 231 -0.85 36.74 63.93
CA SER I 231 -0.91 38.08 63.36
C SER I 231 -2.32 38.56 63.08
N LYS I 232 -3.28 37.65 62.92
CA LYS I 232 -4.69 37.97 62.71
C LYS I 232 -5.43 37.54 63.97
N PRO I 233 -5.47 38.37 65.01
CA PRO I 233 -5.93 37.86 66.32
C PRO I 233 -7.40 37.48 66.38
N MET I 234 -8.26 38.09 65.57
CA MET I 234 -9.69 37.82 65.61
C MET I 234 -10.11 36.66 64.72
N TYR I 235 -9.15 36.02 64.06
CA TYR I 235 -9.34 34.89 63.15
C TYR I 235 -9.27 33.60 63.95
N ARG I 236 -10.45 33.12 64.38
CA ARG I 236 -10.50 32.04 65.35
C ARG I 236 -9.96 30.72 64.81
N ARG I 237 -10.03 30.50 63.49
CA ARG I 237 -9.35 29.36 62.87
C ARG I 237 -7.92 29.79 62.56
N TRP I 238 -7.10 29.77 63.61
CA TRP I 238 -5.76 30.33 63.54
C TRP I 238 -4.88 29.58 62.54
N TRP I 239 -5.01 28.25 62.47
CA TRP I 239 -4.06 27.47 61.69
C TRP I 239 -4.15 27.74 60.19
N GLU I 240 -5.29 28.25 59.70
CA GLU I 240 -5.46 28.40 58.25
C GLU I 240 -4.48 29.39 57.63
N GLN I 241 -3.78 30.21 58.42
CA GLN I 241 -2.73 31.06 57.88
C GLN I 241 -1.40 30.33 57.72
N PHE I 242 -1.25 29.15 58.30
CA PHE I 242 -0.07 28.30 58.10
C PHE I 242 -0.32 27.18 57.11
N VAL I 243 -1.35 26.38 57.37
CA VAL I 243 -1.71 25.21 56.58
C VAL I 243 -3.08 25.53 56.01
N GLN I 244 -3.14 25.70 54.69
CA GLN I 244 -4.39 26.06 54.05
C GLN I 244 -5.29 24.86 53.87
N ASP I 245 -6.60 25.07 54.00
CA ASP I 245 -7.61 24.09 53.64
C ASP I 245 -7.66 22.88 54.56
N VAL I 246 -7.53 23.09 55.87
CA VAL I 246 -7.66 21.98 56.80
C VAL I 246 -8.96 22.16 57.58
N PRO I 247 -9.96 21.31 57.39
CA PRO I 247 -11.19 21.39 58.20
C PRO I 247 -10.97 20.87 59.61
N VAL I 248 -11.81 21.35 60.52
CA VAL I 248 -11.68 20.97 61.92
C VAL I 248 -11.89 19.47 62.11
N ASP I 249 -12.74 18.85 61.28
CA ASP I 249 -12.92 17.40 61.36
C ASP I 249 -11.58 16.68 61.38
N VAL I 250 -10.66 17.08 60.50
CA VAL I 250 -9.39 16.38 60.40
C VAL I 250 -8.59 16.54 61.69
N LEU I 251 -8.44 17.77 62.18
CA LEU I 251 -7.70 17.98 63.41
C LEU I 251 -8.33 17.19 64.56
N GLU I 252 -9.66 17.08 64.58
CA GLU I 252 -10.32 16.28 65.61
C GLU I 252 -10.04 14.79 65.40
N ASP I 253 -10.07 14.34 64.14
CA ASP I 253 -9.73 12.95 63.86
C ASP I 253 -8.32 12.61 64.33
N ILE I 254 -7.36 13.49 64.06
CA ILE I 254 -5.99 13.25 64.45
C ILE I 254 -5.85 13.28 65.97
N CYS I 255 -6.37 14.34 66.60
CA CYS I 255 -6.26 14.45 68.05
C CYS I 255 -6.82 13.21 68.72
N HIS I 256 -7.98 12.75 68.24
CA HIS I 256 -8.62 11.58 68.80
C HIS I 256 -7.69 10.38 68.85
N GLN I 257 -6.93 10.15 67.78
CA GLN I 257 -6.07 8.98 67.75
C GLN I 257 -5.01 9.04 68.83
N ILE I 258 -4.45 10.22 69.08
CA ILE I 258 -3.43 10.34 70.12
C ILE I 258 -4.07 10.10 71.48
N LEU I 259 -5.26 10.67 71.71
CA LEU I 259 -5.93 10.51 72.99
C LEU I 259 -6.33 9.06 73.22
N ASP I 260 -6.64 8.32 72.15
CA ASP I 260 -6.96 6.90 72.30
C ASP I 260 -5.77 6.11 72.82
N LEU I 261 -4.57 6.37 72.28
CA LEU I 261 -3.39 5.65 72.74
C LEU I 261 -3.17 5.83 74.23
N TYR I 262 -3.32 7.06 74.72
CA TYR I 262 -3.08 7.35 76.13
C TYR I 262 -4.10 6.66 77.03
N SER I 263 -5.38 6.71 76.65
CA SER I 263 -6.42 6.09 77.48
C SER I 263 -6.34 4.58 77.43
N GLN I 264 -6.00 4.03 76.25
CA GLN I 264 -5.90 2.58 76.08
C GLN I 264 -4.85 1.96 77.00
N GLY I 265 -3.66 2.54 77.00
CA GLY I 265 -2.56 1.98 77.76
C GLY I 265 -2.73 2.26 79.25
N LYS I 266 -1.60 2.42 79.94
CA LYS I 266 -1.59 2.93 81.30
C LYS I 266 -1.09 4.37 81.41
N GLN I 267 -0.41 4.86 80.37
CA GLN I 267 0.16 6.21 80.33
C GLN I 267 -0.94 7.27 80.27
N GLN I 268 -0.65 8.46 80.82
CA GLN I 268 -1.63 9.54 80.90
C GLN I 268 -1.20 10.80 80.14
N MET I 269 -2.18 11.68 79.91
CA MET I 269 -1.92 12.91 79.14
C MET I 269 -0.83 13.74 79.81
N PRO I 270 0.12 14.29 79.04
CA PRO I 270 1.23 14.99 79.71
C PRO I 270 0.75 16.13 80.59
N HIS I 271 -0.15 16.96 80.07
CA HIS I 271 -0.68 18.11 80.76
C HIS I 271 0.33 18.68 81.77
S SO4 J . -3.47 -18.41 11.94
O1 SO4 J . -4.38 -18.19 10.80
O2 SO4 J . -2.34 -17.48 11.80
O3 SO4 J . -4.16 -18.18 13.19
O4 SO4 J . -2.98 -19.79 11.93
C3 RQE K . -37.01 -19.67 9.54
C2 RQE K . -37.82 -20.79 9.42
C5 RQE K . -34.53 -19.78 12.06
C6 RQE K . -34.04 -20.39 13.24
C9 RQE K . -29.38 -21.81 15.59
C8 RQE K . -31.41 -21.18 15.33
C7 RQE K . -32.66 -20.35 15.25
C12 RQE K . -28.16 -24.28 15.32
C14 RQE K . -28.01 -21.91 15.83
C16 RQE K . -36.76 -24.17 13.04
C17 RQE K . -37.39 -25.11 14.02
C18 RQE K . -36.22 -24.13 15.79
C19 RQE K . -36.82 -22.93 15.13
C20 RQE K . -35.67 -20.30 11.53
C11 RQE K . -29.52 -24.19 15.06
C1 RQE K . -39.52 -18.71 7.15
C10 RQE K . -30.10 -22.94 15.21
C13 RQE K . -27.42 -23.15 15.69
C15 RQE K . -35.84 -21.89 13.13
C21 RQE K . -37.55 -18.72 8.72
C4 RQE K . -34.96 -18.59 10.34
N1 RQE K . -38.63 -19.29 8.13
N10 RQE K . -36.36 -21.34 12.02
N2 RQE K . -38.79 -20.57 8.54
N3 RQE K . -35.92 -19.55 10.41
N4 RQE K . -34.09 -18.71 11.31
N5 RQE K . -32.94 -19.99 13.88
N6 RQE K . -30.22 -20.71 15.65
N7 RQE K . -31.40 -22.50 15.05
N8 RQE K . -34.73 -21.44 13.75
N9 RQE K . -36.44 -22.94 13.73
O1 RQE K . -36.52 -25.35 15.12
H4 RQE K . -37.72 -21.61 9.88
H7 RQE K . -33.41 -20.85 15.61
H8 RQE K . -32.55 -19.55 15.79
H10 RQE K . -27.73 -25.10 15.23
H12 RQE K . -27.51 -21.16 16.07
H15 RQE K . -35.94 -24.57 12.67
H14 RQE K . -37.38 -24.00 12.30
H16 RQE K . -37.60 -25.95 13.58
H17 RQE K . -38.23 -24.72 14.35
H19 RQE K . -36.53 -24.19 16.72
H18 RQE K . -35.24 -24.03 15.81
H20 RQE K . -37.80 -22.97 15.21
H21 RQE K . -36.51 -22.12 15.57
H9 RQE K . -30.01 -24.94 14.81
H3 RQE K . -39.11 -17.90 6.80
H1 RQE K . -40.37 -18.48 7.57
H2 RQE K . -39.67 -19.34 6.44
H11 RQE K . -26.50 -23.24 15.85
H22 RQE K . -37.25 -17.84 8.60
H5 RQE K . -34.92 -17.92 9.68
H6 RQE K . -32.37 -19.48 13.46
H13 RQE K . -32.08 -22.99 14.81
S SO4 L . -53.83 -23.70 -36.86
O1 SO4 L . -54.98 -23.69 -37.77
O2 SO4 L . -52.91 -22.65 -37.29
O3 SO4 L . -54.25 -23.44 -35.49
O4 SO4 L . -53.19 -25.01 -36.91
C3 RQE M . 7.60 14.60 -41.37
C2 RQE M . 8.29 14.62 -42.58
C5 RQE M . 5.22 11.97 -40.98
C6 RQE M . 4.45 10.94 -41.56
C9 RQE M . 2.06 5.97 -40.95
C8 RQE M . 2.41 8.03 -41.42
C7 RQE M . 2.43 9.52 -41.41
C12 RQE M . 2.77 3.64 -42.25
C14 RQE M . 1.69 4.75 -40.40
C16 RQE M . 6.72 10.80 -45.62
C17 RQE M . 6.43 10.73 -47.08
C18 RQE M . 4.17 10.30 -46.70
C19 RQE M . 4.40 11.50 -45.84
C20 RQE M . 6.04 12.68 -41.80
C11 RQE M . 3.14 4.83 -42.83
C1 RQE M . 9.50 17.65 -41.28
C10 RQE M . 2.77 5.99 -42.15
C13 RQE M . 2.05 3.59 -41.05
C15 RQE M . 5.44 11.46 -43.61
C21 RQE M . 7.95 15.75 -40.74
C4 RQE M . 6.19 13.42 -39.73
N1 RQE M . 8.83 16.39 -41.52
N10 RQE M . 6.19 12.46 -43.11
N2 RQE M . 9.07 15.71 -42.67
N3 RQE M . 6.67 13.60 -41.00
N4 RQE M . 5.33 12.45 -39.68
N5 RQE M . 3.60 10.16 -40.84
N6 RQE M . 1.83 7.27 -40.52
N7 RQE M . 2.97 7.32 -42.42
N8 RQE M . 4.56 10.73 -42.88
N9 RQE M . 5.51 11.23 -44.93
O1 RQE M . 5.34 9.86 -47.37
H4 RQE M . 8.25 13.97 -43.27
H7 RQE M . 2.35 9.83 -42.33
H8 RQE M . 1.65 9.83 -40.92
H10 RQE M . 3.01 2.83 -42.68
H12 RQE M . 1.20 4.71 -39.60
H15 RQE M . 7.00 9.92 -45.29
H14 RQE M . 7.45 11.44 -45.45
H16 RQE M . 7.23 10.40 -47.55
H17 RQE M . 6.23 11.63 -47.42
H19 RQE M . 3.48 10.51 -47.37
H18 RQE M . 3.83 9.57 -46.14
H20 RQE M . 4.61 12.27 -46.41
H21 RQE M . 3.60 11.71 -45.34
H9 RQE M . 3.63 4.86 -43.63
H3 RQE M . 10.44 17.58 -41.53
H1 RQE M . 9.44 17.87 -40.33
H2 RQE M . 9.08 18.35 -41.80
H11 RQE M . 1.81 2.76 -40.70
H22 RQE M . 7.63 16.04 -39.90
H5 RQE M . 6.44 13.94 -38.99
H6 RQE M . 3.76 10.03 -39.99
H13 RQE M . 3.39 7.65 -43.13
S SO4 N . 19.34 69.88 -39.80
O1 SO4 N . 18.22 69.32 -40.55
O2 SO4 N . 19.76 71.11 -40.45
O3 SO4 N . 18.94 70.16 -38.41
O4 SO4 N . 20.43 68.90 -39.74
S SO4 O . 51.88 33.69 -31.29
O1 SO4 O . 51.29 34.61 -30.32
O2 SO4 O . 52.07 34.39 -32.56
O3 SO4 O . 50.98 32.56 -31.49
O4 SO4 O . 53.17 33.21 -30.79
S SO4 P . 22.20 -3.65 14.27
O1 SO4 P . 21.69 -4.41 13.13
O2 SO4 P . 21.81 -2.26 14.06
O3 SO4 P . 21.64 -4.17 15.52
O4 SO4 P . 23.66 -3.76 14.36
C3 RQE Q . 26.37 11.75 32.58
C2 RQE Q . 27.36 11.72 33.56
C5 RQE Q . 27.67 11.81 29.25
C6 RQE Q . 28.80 11.86 28.41
C9 RQE Q . 30.91 10.18 23.67
C8 RQE Q . 30.35 11.42 25.33
C7 RQE Q . 29.71 12.44 26.20
C12 RQE Q . 32.86 8.24 23.40
C14 RQE Q . 31.03 9.51 22.45
C16 RQE Q . 31.67 11.16 32.09
C17 RQE Q . 33.04 11.53 32.59
C18 RQE Q . 33.74 11.92 30.37
C19 RQE Q . 32.47 12.73 30.40
C20 RQE Q . 27.89 11.81 30.60
C11 RQE Q . 32.75 8.88 24.62
C1 RQE Q . 24.54 11.80 35.69
C10 RQE Q . 31.77 9.85 24.73
C13 RQE Q . 32.01 8.55 22.34
C15 RQE Q . 30.14 11.89 30.32
C21 RQE Q . 25.17 11.79 33.26
C4 RQE Q . 25.72 11.72 30.19
N1 RQE Q . 25.47 11.77 34.58
N10 RQE Q . 29.09 11.86 31.16
N2 RQE Q . 26.81 11.74 34.77
N3 RQE Q . 26.65 11.76 31.19
N4 RQE Q . 26.30 11.75 29.02
N5 RQE Q . 28.69 11.86 27.07
N6 RQE Q . 30.03 11.17 24.08
N7 RQE Q . 31.40 10.67 25.76
N8 RQE Q . 30.03 11.89 28.97
N9 RQE Q . 31.36 11.92 30.89
O1 RQE Q . 34.07 11.35 31.63
H4 RQE Q . 28.29 11.70 33.41
H7 RQE Q . 30.38 12.87 26.76
H8 RQE Q . 29.29 13.12 25.65
H10 RQE Q . 33.51 7.57 23.29
H12 RQE Q . 30.46 9.72 21.73
H15 RQE Q . 31.64 10.20 31.89
H14 RQE Q . 31.00 11.34 32.78
H16 RQE Q . 33.24 10.98 33.39
H17 RQE Q . 33.02 12.47 32.88
H19 RQE Q . 34.48 12.50 30.07
H18 RQE Q . 33.64 11.20 29.70
H20 RQE Q . 32.60 13.50 30.99
H21 RQE Q . 32.27 13.06 29.51
H9 RQE Q . 33.32 8.67 25.33
H3 RQE Q . 24.42 10.89 36.03
H1 RQE Q . 23.70 12.15 35.39
H2 RQE Q . 24.91 12.36 36.39
H11 RQE Q . 32.11 8.08 21.53
H22 RQE Q . 24.31 11.83 32.87
H5 RQE Q . 24.80 11.67 30.32
H6 RQE Q . 28.00 11.49 26.70
H13 RQE Q . 31.75 10.71 26.56
S SO4 R . -0.59 36.42 76.50
O1 SO4 R . -2.03 36.31 76.29
O2 SO4 R . -0.01 37.12 75.35
O3 SO4 R . -0.32 37.15 77.73
O4 SO4 R . 0.01 35.08 76.59
#